data_8X0O
#
_entry.id   8X0O
#
_cell.length_a   218.550
_cell.length_b   118.500
_cell.length_c   181.880
_cell.angle_alpha   90.000
_cell.angle_beta   90.000
_cell.angle_gamma   90.000
#
_symmetry.space_group_name_H-M   'P 21 21 2'
#
loop_
_entity.id
_entity.type
_entity.pdbx_description
1 polymer 'Tyrosine/DOPA decarboxylase 2'
2 non-polymer TYROSINE
#
_entity_poly.entity_id   1
_entity_poly.type   'polypeptide(L)'
_entity_poly.pdbx_seq_one_letter_code
;MGSLNTEDVLENSSAFGVTNPLDPEEFRRQGHMIIDFLADYYRDVEKYPVRSQVEPGYLRKRLPETAPYNPESIETILQD
VTTEIIPGLTHWQSPNYYAYFPSSGSVAGFLGEMLSTGFNVVGFNWMSSPAATELESVVMDWFGKMLNLPESFLFSGSGG
GVLQGTSCEAILCTLTAARDRKLNKIGREHIGRLVVYGSDQTFCALQKAAQVAGINPKNFRAIKTFKENSFGLSAATLRE
VILEDIEAGLIPLFVCPTVGTTSSTAVDPISPICEVAKEYEMWVHVDAAYAGSACICPEFRHFIDGVEEADSFSLNAH
(LLP)WFFTTLDCCCLWVKDPSALVKALSTNPEYLRNKATESRQVVDYKDWQIALSRRFRSLKLWMVLRSYGVTNLRNFL
RSHVKMAKTFEGLICMDGRFEITVPRTFAMVCFRLLPPKTIKVYDNGVHQNGNGVVPLRDENENLVLANKLNQVYLETVN
ATGSVYMTHAVVGGVYMIRFAVGSTLTEERHVIYAWKILQEHADLILGKFSEADFSS
;
_entity_poly.pdbx_strand_id   A,B,C,D,E,F
#
# COMPACT_ATOMS: atom_id res chain seq x y z
N GLY A 17 -18.84 68.02 11.00
CA GLY A 17 -18.80 66.61 10.64
C GLY A 17 -20.05 66.14 9.92
N VAL A 18 -19.90 65.12 9.09
CA VAL A 18 -21.01 64.54 8.33
C VAL A 18 -21.20 63.10 8.75
N THR A 19 -22.47 62.70 8.92
CA THR A 19 -22.79 61.35 9.33
C THR A 19 -22.86 60.43 8.11
N ASN A 20 -22.50 59.16 8.32
CA ASN A 20 -22.52 58.20 7.24
C ASN A 20 -23.95 58.01 6.74
N PRO A 21 -24.15 57.98 5.42
CA PRO A 21 -25.53 57.83 4.89
C PRO A 21 -26.18 56.50 5.23
N LEU A 22 -25.42 55.53 5.74
CA LEU A 22 -25.97 54.24 6.16
C LEU A 22 -25.73 54.00 7.64
N ASP A 23 -25.66 55.08 8.42
CA ASP A 23 -25.44 54.97 9.85
C ASP A 23 -26.54 54.11 10.49
N PRO A 24 -26.20 53.09 11.27
CA PRO A 24 -27.25 52.21 11.81
C PRO A 24 -28.28 52.93 12.65
N GLU A 25 -27.85 53.80 13.57
CA GLU A 25 -28.80 54.45 14.47
C GLU A 25 -29.71 55.42 13.74
N GLU A 26 -29.16 56.16 12.77
CA GLU A 26 -30.01 57.04 11.97
C GLU A 26 -30.96 56.24 11.08
N PHE A 27 -30.50 55.09 10.57
CA PHE A 27 -31.39 54.19 9.87
C PHE A 27 -32.54 53.74 10.78
N ARG A 28 -32.21 53.39 12.02
CA ARG A 28 -33.25 52.97 12.97
C ARG A 28 -34.24 54.09 13.22
N ARG A 29 -33.75 55.30 13.50
CA ARG A 29 -34.63 56.40 13.85
C ARG A 29 -35.57 56.74 12.70
N GLN A 30 -35.01 56.94 11.50
CA GLN A 30 -35.84 57.31 10.36
C GLN A 30 -36.66 56.13 9.86
N GLY A 31 -36.16 54.91 10.04
CA GLY A 31 -36.93 53.74 9.63
C GLY A 31 -38.21 53.59 10.41
N HIS A 32 -38.14 53.73 11.74
CA HIS A 32 -39.35 53.68 12.55
C HIS A 32 -40.33 54.78 12.16
N MET A 33 -39.83 55.94 11.76
CA MET A 33 -40.70 57.03 11.34
C MET A 33 -41.54 56.63 10.13
N ILE A 34 -40.89 56.07 9.11
CA ILE A 34 -41.60 55.70 7.88
C ILE A 34 -42.64 54.63 8.17
N ILE A 35 -42.29 53.66 9.02
CA ILE A 35 -43.24 52.60 9.36
C ILE A 35 -44.50 53.22 9.99
N ASP A 36 -44.31 54.15 10.93
CA ASP A 36 -45.44 54.85 11.51
C ASP A 36 -46.17 55.69 10.47
N PHE A 37 -45.42 56.25 9.52
CA PHE A 37 -46.04 57.05 8.46
C PHE A 37 -46.90 56.18 7.55
N LEU A 38 -46.43 54.97 7.24
CA LEU A 38 -47.19 54.09 6.36
C LEU A 38 -48.35 53.42 7.09
N ALA A 39 -48.12 52.98 8.34
CA ALA A 39 -49.22 52.45 9.14
C ALA A 39 -50.35 53.46 9.26
N ASP A 40 -50.00 54.73 9.48
CA ASP A 40 -51.02 55.78 9.48
C ASP A 40 -51.69 55.89 8.11
N TYR A 41 -50.94 55.64 7.03
CA TYR A 41 -51.53 55.70 5.70
C TYR A 41 -52.59 54.62 5.52
N TYR A 42 -52.25 53.38 5.87
CA TYR A 42 -53.22 52.29 5.74
C TYR A 42 -54.43 52.52 6.63
N ARG A 43 -54.25 53.20 7.76
CA ARG A 43 -55.36 53.45 8.66
C ARG A 43 -56.32 54.50 8.10
N ASP A 44 -55.80 55.50 7.40
CA ASP A 44 -56.58 56.66 6.97
C ASP A 44 -56.77 56.72 5.47
N VAL A 45 -56.47 55.65 4.75
CA VAL A 45 -56.48 55.72 3.28
C VAL A 45 -57.87 55.99 2.74
N GLU A 46 -58.92 55.62 3.49
CA GLU A 46 -60.28 55.80 2.99
C GLU A 46 -60.64 57.27 2.81
N LYS A 47 -60.00 58.17 3.56
CA LYS A 47 -60.36 59.58 3.49
C LYS A 47 -59.90 60.25 2.19
N TYR A 48 -59.01 59.60 1.42
CA TYR A 48 -58.58 60.24 0.18
C TYR A 48 -59.50 59.85 -0.97
N PRO A 49 -59.69 60.75 -1.94
CA PRO A 49 -60.36 60.35 -3.17
C PRO A 49 -59.53 59.31 -3.91
N VAL A 50 -60.17 58.20 -4.28
CA VAL A 50 -59.44 57.05 -4.81
C VAL A 50 -58.61 57.45 -6.02
N ARG A 51 -59.25 58.01 -7.04
CA ARG A 51 -58.54 58.51 -8.21
C ARG A 51 -58.07 59.93 -7.95
N SER A 52 -56.77 60.16 -8.13
CA SER A 52 -56.19 61.47 -7.87
C SER A 52 -56.94 62.54 -8.66
N GLN A 53 -57.13 63.69 -8.03
CA GLN A 53 -57.89 64.80 -8.62
C GLN A 53 -57.01 66.00 -8.95
N VAL A 54 -55.69 65.81 -8.99
CA VAL A 54 -54.80 66.90 -9.38
C VAL A 54 -54.85 67.08 -10.90
N GLU A 55 -54.38 68.25 -11.34
CA GLU A 55 -54.28 68.54 -12.76
C GLU A 55 -52.88 68.23 -13.28
N PRO A 56 -52.76 67.88 -14.56
CA PRO A 56 -51.45 67.54 -15.10
C PRO A 56 -50.47 68.71 -14.95
N GLY A 57 -49.27 68.41 -14.48
CA GLY A 57 -48.24 69.41 -14.27
C GLY A 57 -48.28 70.10 -12.93
N TYR A 58 -49.12 69.65 -12.00
CA TYR A 58 -49.22 70.30 -10.70
C TYR A 58 -47.91 70.21 -9.92
N LEU A 59 -47.17 69.12 -10.09
CA LEU A 59 -46.03 68.86 -9.21
C LEU A 59 -44.79 69.63 -9.63
N ARG A 60 -44.59 69.85 -10.93
CA ARG A 60 -43.43 70.64 -11.37
C ARG A 60 -43.50 72.06 -10.85
N LYS A 61 -44.70 72.57 -10.59
CA LYS A 61 -44.86 73.93 -10.12
C LYS A 61 -44.66 74.04 -8.60
N ARG A 62 -44.99 72.99 -7.86
CA ARG A 62 -44.87 73.00 -6.41
C ARG A 62 -43.48 72.62 -5.92
N LEU A 63 -42.64 72.05 -6.78
CA LEU A 63 -41.30 71.65 -6.38
C LEU A 63 -40.26 72.56 -7.01
N PRO A 64 -39.10 72.75 -6.36
CA PRO A 64 -38.03 73.55 -6.96
C PRO A 64 -37.58 72.94 -8.28
N GLU A 65 -36.91 73.77 -9.08
CA GLU A 65 -36.44 73.35 -10.40
C GLU A 65 -35.03 72.76 -10.37
N THR A 66 -34.35 72.81 -9.23
CA THR A 66 -33.02 72.24 -9.08
C THR A 66 -32.94 71.46 -7.79
N ALA A 67 -31.89 70.67 -7.65
CA ALA A 67 -31.68 69.93 -6.41
C ALA A 67 -31.08 70.85 -5.35
N PRO A 68 -31.43 70.63 -4.08
CA PRO A 68 -30.89 71.47 -3.02
C PRO A 68 -29.40 71.18 -2.79
N TYR A 69 -28.64 72.25 -2.56
CA TYR A 69 -27.21 72.07 -2.28
C TYR A 69 -26.98 71.55 -0.87
N ASN A 70 -27.78 71.98 0.10
CA ASN A 70 -27.66 71.55 1.47
C ASN A 70 -28.72 70.51 1.80
N PRO A 71 -28.48 69.67 2.80
CA PRO A 71 -29.43 68.61 3.13
C PRO A 71 -30.73 69.17 3.70
N GLU A 72 -31.79 68.39 3.54
CA GLU A 72 -33.08 68.68 4.14
C GLU A 72 -33.48 67.55 5.08
N SER A 73 -34.23 67.88 6.12
CA SER A 73 -34.57 66.92 7.16
C SER A 73 -35.60 65.91 6.67
N ILE A 74 -35.61 64.74 7.31
CA ILE A 74 -36.62 63.74 7.01
C ILE A 74 -38.00 64.23 7.43
N GLU A 75 -38.06 65.08 8.46
CA GLU A 75 -39.34 65.66 8.86
C GLU A 75 -39.86 66.63 7.80
N THR A 76 -38.97 67.36 7.13
CA THR A 76 -39.40 68.25 6.06
C THR A 76 -39.86 67.46 4.84
N ILE A 77 -39.12 66.40 4.48
CA ILE A 77 -39.49 65.59 3.31
C ILE A 77 -40.83 64.90 3.56
N LEU A 78 -40.99 64.29 4.73
CA LEU A 78 -42.22 63.57 5.02
C LEU A 78 -43.44 64.47 4.91
N GLN A 79 -43.33 65.71 5.40
CA GLN A 79 -44.45 66.65 5.27
C GLN A 79 -44.73 66.94 3.80
N ASP A 80 -43.68 67.09 2.99
CA ASP A 80 -43.88 67.28 1.56
C ASP A 80 -44.49 66.05 0.92
N VAL A 81 -44.17 64.86 1.43
CA VAL A 81 -44.85 63.65 0.96
C VAL A 81 -46.34 63.75 1.20
N THR A 82 -46.73 64.34 2.33
CA THR A 82 -48.15 64.44 2.66
C THR A 82 -48.87 65.47 1.80
N THR A 83 -48.24 66.63 1.59
CA THR A 83 -48.92 67.74 0.93
C THR A 83 -48.69 67.79 -0.57
N GLU A 84 -47.62 67.16 -1.07
CA GLU A 84 -47.28 67.22 -2.49
C GLU A 84 -47.42 65.88 -3.20
N ILE A 85 -47.05 64.77 -2.55
CA ILE A 85 -47.04 63.48 -3.19
C ILE A 85 -48.41 62.81 -3.09
N ILE A 86 -48.90 62.64 -1.87
CA ILE A 86 -50.12 61.86 -1.61
C ILE A 86 -51.29 62.44 -2.41
N PRO A 87 -51.43 63.76 -2.50
CA PRO A 87 -52.48 64.31 -3.37
C PRO A 87 -52.36 63.85 -4.82
N GLY A 88 -51.15 63.56 -5.29
CA GLY A 88 -50.95 63.12 -6.65
C GLY A 88 -50.91 61.61 -6.80
N LEU A 89 -51.50 60.90 -5.85
CA LEU A 89 -51.56 59.45 -5.86
C LEU A 89 -52.98 59.00 -6.18
N THR A 90 -53.08 57.93 -6.97
CA THR A 90 -54.32 57.18 -7.13
C THR A 90 -54.19 55.93 -6.27
N HIS A 91 -54.96 55.86 -5.19
CA HIS A 91 -54.71 54.91 -4.11
C HIS A 91 -55.13 53.51 -4.54
N TRP A 92 -54.19 52.79 -5.15
CA TRP A 92 -54.42 51.38 -5.46
C TRP A 92 -54.72 50.57 -4.19
N GLN A 93 -54.16 50.98 -3.06
CA GLN A 93 -54.35 50.26 -1.81
C GLN A 93 -55.57 50.72 -1.02
N SER A 94 -56.29 51.72 -1.51
CA SER A 94 -57.54 52.11 -0.88
C SER A 94 -58.52 50.94 -0.93
N PRO A 95 -59.25 50.66 0.16
CA PRO A 95 -60.23 49.58 0.13
C PRO A 95 -61.37 49.80 -0.84
N ASN A 96 -61.50 50.99 -1.41
CA ASN A 96 -62.56 51.31 -2.37
C ASN A 96 -62.01 51.41 -3.79
N TYR A 97 -60.95 50.68 -4.08
CA TYR A 97 -60.34 50.63 -5.41
C TYR A 97 -60.77 49.33 -6.10
N TYR A 98 -61.54 49.45 -7.18
CA TYR A 98 -61.99 48.30 -7.95
C TYR A 98 -61.72 48.52 -9.44
N ALA A 99 -60.67 49.26 -9.77
CA ALA A 99 -60.39 49.67 -11.14
C ALA A 99 -59.69 48.56 -11.93
N TYR A 100 -58.51 48.85 -12.48
CA TYR A 100 -57.71 47.82 -13.13
C TYR A 100 -57.45 46.67 -12.15
N PHE A 101 -56.78 45.62 -12.62
CA PHE A 101 -56.54 44.44 -11.80
C PHE A 101 -55.82 44.82 -10.51
N PRO A 102 -55.89 43.98 -9.49
CA PRO A 102 -55.48 44.43 -8.15
C PRO A 102 -53.97 44.61 -8.03
N SER A 103 -53.59 45.57 -7.20
CA SER A 103 -52.22 45.71 -6.71
C SER A 103 -52.20 45.07 -5.33
N SER A 104 -52.03 43.75 -5.31
CA SER A 104 -52.18 42.97 -4.08
C SER A 104 -50.94 43.10 -3.21
N GLY A 105 -51.13 43.59 -1.98
CA GLY A 105 -50.04 43.71 -1.02
C GLY A 105 -50.41 43.07 0.30
N SER A 106 -49.44 43.10 1.21
CA SER A 106 -49.63 42.53 2.54
C SER A 106 -48.43 42.93 3.39
N VAL A 107 -48.59 42.77 4.71
CA VAL A 107 -47.48 43.05 5.62
C VAL A 107 -46.30 42.12 5.33
N ALA A 108 -46.57 40.82 5.23
CA ALA A 108 -45.50 39.86 4.95
C ALA A 108 -44.76 40.22 3.67
N GLY A 109 -45.50 40.60 2.63
CA GLY A 109 -44.86 40.99 1.39
C GLY A 109 -44.05 42.27 1.53
N PHE A 110 -44.59 43.26 2.25
CA PHE A 110 -43.85 44.49 2.48
C PHE A 110 -42.55 44.23 3.22
N LEU A 111 -42.59 43.38 4.25
CA LEU A 111 -41.38 43.07 5.00
C LEU A 111 -40.37 42.33 4.13
N GLY A 112 -40.84 41.55 3.17
CA GLY A 112 -39.92 40.88 2.26
C GLY A 112 -39.08 41.88 1.46
N GLU A 113 -39.73 42.86 0.85
CA GLU A 113 -39.00 43.88 0.11
C GLU A 113 -38.12 44.71 1.03
N MET A 114 -38.60 44.97 2.25
CA MET A 114 -37.79 45.73 3.20
C MET A 114 -36.49 45.00 3.52
N LEU A 115 -36.58 43.70 3.79
CA LEU A 115 -35.37 42.91 4.00
C LEU A 115 -34.53 42.84 2.72
N SER A 116 -35.19 42.68 1.57
CA SER A 116 -34.47 42.69 0.31
C SER A 116 -33.76 44.03 0.09
N THR A 117 -34.47 45.13 0.34
CA THR A 117 -33.85 46.45 0.21
C THR A 117 -32.79 46.68 1.29
N GLY A 118 -33.01 46.15 2.50
CA GLY A 118 -32.05 46.28 3.56
C GLY A 118 -30.73 45.61 3.25
N PHE A 119 -30.77 44.29 3.01
CA PHE A 119 -29.56 43.59 2.61
C PHE A 119 -28.93 44.22 1.37
N ASN A 120 -29.77 44.58 0.40
CA ASN A 120 -29.33 45.27 -0.82
C ASN A 120 -28.19 44.52 -1.50
N VAL A 121 -28.40 43.23 -1.74
CA VAL A 121 -27.45 42.43 -2.48
C VAL A 121 -27.86 42.39 -3.95
N VAL A 122 -26.94 41.99 -4.80
CA VAL A 122 -27.16 41.89 -6.24
C VAL A 122 -27.03 40.42 -6.63
N GLY A 123 -28.11 39.84 -7.15
CA GLY A 123 -28.10 38.45 -7.54
C GLY A 123 -27.49 38.20 -8.90
N PHE A 124 -26.39 38.88 -9.19
CA PHE A 124 -25.73 38.72 -10.49
C PHE A 124 -25.45 37.25 -10.79
N ASN A 125 -25.02 36.50 -9.78
CA ASN A 125 -24.80 35.07 -9.92
C ASN A 125 -25.02 34.41 -8.57
N TRP A 126 -24.76 33.10 -8.51
CA TRP A 126 -24.94 32.37 -7.25
C TRP A 126 -24.03 32.91 -6.16
N MET A 127 -22.77 33.18 -6.50
CA MET A 127 -21.80 33.60 -5.49
C MET A 127 -22.15 34.95 -4.89
N SER A 128 -22.64 35.88 -5.71
CA SER A 128 -22.97 37.21 -5.22
C SER A 128 -23.95 37.18 -4.05
N SER A 129 -24.63 36.05 -3.86
CA SER A 129 -25.53 35.82 -2.73
C SER A 129 -26.23 34.48 -2.92
N PRO A 130 -25.64 33.39 -2.43
CA PRO A 130 -26.26 32.07 -2.64
C PRO A 130 -27.72 32.01 -2.20
N ALA A 131 -28.07 32.65 -1.10
CA ALA A 131 -29.46 32.62 -0.63
C ALA A 131 -30.39 33.34 -1.61
N ALA A 132 -29.91 34.38 -2.27
CA ALA A 132 -30.74 35.11 -3.23
C ALA A 132 -31.10 34.25 -4.44
N THR A 133 -30.31 33.22 -4.73
CA THR A 133 -30.59 32.30 -5.83
C THR A 133 -31.33 31.05 -5.37
N GLU A 134 -30.88 30.43 -4.28
CA GLU A 134 -31.44 29.15 -3.86
C GLU A 134 -32.85 29.32 -3.31
N LEU A 135 -33.10 30.38 -2.54
CA LEU A 135 -34.44 30.60 -2.02
C LEU A 135 -35.45 30.79 -3.15
N GLU A 136 -35.03 31.39 -4.26
CA GLU A 136 -35.93 31.56 -5.39
C GLU A 136 -36.33 30.21 -5.98
N SER A 137 -35.37 29.30 -6.14
CA SER A 137 -35.69 27.98 -6.67
C SER A 137 -36.59 27.19 -5.74
N VAL A 138 -36.45 27.40 -4.42
CA VAL A 138 -37.25 26.65 -3.45
C VAL A 138 -38.69 27.15 -3.47
N VAL A 139 -38.88 28.47 -3.37
CA VAL A 139 -40.22 29.03 -3.27
C VAL A 139 -40.99 28.84 -4.57
N MET A 140 -40.31 28.88 -5.71
CA MET A 140 -41.00 28.62 -6.97
C MET A 140 -41.49 27.18 -7.04
N ASP A 141 -40.74 26.24 -6.47
CA ASP A 141 -41.25 24.88 -6.33
C ASP A 141 -42.38 24.81 -5.32
N TRP A 142 -42.33 25.66 -4.28
CA TRP A 142 -43.46 25.76 -3.36
C TRP A 142 -44.71 26.22 -4.09
N PHE A 143 -44.62 27.35 -4.78
CA PHE A 143 -45.80 27.91 -5.45
C PHE A 143 -46.29 27.00 -6.57
N GLY A 144 -45.38 26.40 -7.33
CA GLY A 144 -45.78 25.51 -8.39
C GLY A 144 -46.62 24.35 -7.89
N LYS A 145 -46.14 23.68 -6.83
CA LYS A 145 -46.89 22.56 -6.28
C LYS A 145 -48.23 23.01 -5.71
N MET A 146 -48.29 24.20 -5.12
CA MET A 146 -49.57 24.75 -4.71
C MET A 146 -50.51 24.89 -5.89
N LEU A 147 -49.98 25.27 -7.05
CA LEU A 147 -50.76 25.37 -8.27
C LEU A 147 -50.97 24.04 -8.96
N ASN A 148 -50.46 22.95 -8.38
CA ASN A 148 -50.57 21.61 -8.97
C ASN A 148 -50.02 21.59 -10.40
N LEU A 149 -48.93 22.32 -10.62
CA LEU A 149 -48.24 22.24 -11.89
C LEU A 149 -47.54 20.89 -12.02
N PRO A 150 -47.50 20.30 -13.20
CA PRO A 150 -46.78 19.04 -13.38
C PRO A 150 -45.30 19.22 -13.06
N GLU A 151 -44.65 18.12 -12.66
CA GLU A 151 -43.25 18.19 -12.27
C GLU A 151 -42.34 18.66 -13.41
N SER A 152 -42.82 18.65 -14.65
CA SER A 152 -42.03 19.17 -15.77
C SER A 152 -41.75 20.66 -15.65
N PHE A 153 -42.44 21.37 -14.76
CA PHE A 153 -42.19 22.79 -14.53
C PHE A 153 -41.40 23.03 -13.26
N LEU A 154 -41.09 22.00 -12.49
CA LEU A 154 -40.44 22.14 -11.19
C LEU A 154 -38.99 21.68 -11.27
N PHE A 155 -38.19 22.16 -10.31
CA PHE A 155 -36.82 21.67 -10.17
C PHE A 155 -36.79 20.23 -9.68
N SER A 156 -37.82 19.80 -8.96
CA SER A 156 -37.94 18.38 -8.64
C SER A 156 -37.99 17.53 -9.90
N GLY A 157 -38.68 18.03 -10.93
CA GLY A 157 -38.78 17.32 -12.19
C GLY A 157 -37.83 17.85 -13.24
N SER A 158 -38.35 18.13 -14.43
CA SER A 158 -37.52 18.47 -15.57
C SER A 158 -37.29 19.97 -15.72
N GLY A 159 -38.25 20.79 -15.33
CA GLY A 159 -38.22 22.22 -15.59
C GLY A 159 -37.71 23.04 -14.42
N GLY A 160 -38.14 24.29 -14.38
CA GLY A 160 -37.73 25.21 -13.32
C GLY A 160 -38.54 26.49 -13.39
N GLY A 161 -38.34 27.33 -12.38
CA GLY A 161 -39.06 28.58 -12.28
C GLY A 161 -38.11 29.73 -11.94
N VAL A 162 -38.51 30.92 -12.38
CA VAL A 162 -37.72 32.13 -12.17
C VAL A 162 -38.64 33.26 -11.76
N LEU A 163 -38.11 34.18 -10.95
CA LEU A 163 -38.83 35.35 -10.51
C LEU A 163 -38.38 36.56 -11.32
N GLN A 164 -39.35 37.25 -11.94
CA GLN A 164 -39.08 38.43 -12.75
C GLN A 164 -39.97 39.57 -12.26
N GLY A 165 -39.81 40.73 -12.90
CA GLY A 165 -40.55 41.91 -12.51
C GLY A 165 -41.97 41.95 -13.03
N THR A 166 -42.14 41.87 -14.34
CA THR A 166 -43.45 41.97 -14.96
C THR A 166 -43.66 40.83 -15.94
N SER A 167 -44.94 40.59 -16.29
CA SER A 167 -45.26 39.52 -17.21
C SER A 167 -44.74 39.81 -18.62
N CYS A 168 -44.84 41.07 -19.05
CA CYS A 168 -44.33 41.42 -20.38
C CYS A 168 -42.84 41.11 -20.49
N GLU A 169 -42.09 41.34 -19.41
CA GLU A 169 -40.69 40.91 -19.39
C GLU A 169 -40.59 39.39 -19.46
N ALA A 170 -41.43 38.69 -18.71
CA ALA A 170 -41.43 37.23 -18.75
C ALA A 170 -41.87 36.72 -20.12
N ILE A 171 -42.89 37.35 -20.71
CA ILE A 171 -43.34 36.93 -22.04
C ILE A 171 -42.27 37.22 -23.08
N LEU A 172 -41.53 38.32 -22.93
CA LEU A 172 -40.46 38.64 -23.86
C LEU A 172 -39.38 37.56 -23.85
N CYS A 173 -38.91 37.19 -22.66
CA CYS A 173 -37.92 36.12 -22.55
C CYS A 173 -38.44 34.83 -23.15
N THR A 174 -39.67 34.43 -22.76
CA THR A 174 -40.25 33.20 -23.30
C THR A 174 -40.37 33.28 -24.82
N LEU A 175 -40.66 34.47 -25.36
CA LEU A 175 -40.81 34.61 -26.80
C LEU A 175 -39.46 34.54 -27.51
N THR A 176 -38.44 35.20 -26.97
CA THR A 176 -37.11 35.11 -27.56
C THR A 176 -36.57 33.69 -27.50
N ALA A 177 -36.85 32.99 -26.39
CA ALA A 177 -36.44 31.58 -26.30
C ALA A 177 -37.13 30.75 -27.38
N ALA A 178 -38.41 31.01 -27.63
CA ALA A 178 -39.09 30.34 -28.73
C ALA A 178 -38.52 30.78 -30.07
N ARG A 179 -38.16 32.06 -30.20
CA ARG A 179 -37.61 32.56 -31.45
C ARG A 179 -36.27 31.89 -31.77
N ASP A 180 -35.32 31.96 -30.83
CA ASP A 180 -34.00 31.40 -31.07
C ASP A 180 -34.08 29.90 -31.32
N ARG A 181 -34.96 29.21 -30.59
CA ARG A 181 -35.11 27.77 -30.80
C ARG A 181 -35.44 27.46 -32.26
N LYS A 182 -36.35 28.23 -32.86
CA LYS A 182 -36.73 28.00 -34.25
C LYS A 182 -35.65 28.48 -35.21
N LEU A 183 -35.17 29.71 -35.03
CA LEU A 183 -34.18 30.26 -35.96
C LEU A 183 -32.86 29.50 -35.91
N ASN A 184 -32.51 28.94 -34.74
CA ASN A 184 -31.31 28.11 -34.66
C ASN A 184 -31.41 26.86 -35.52
N LYS A 185 -32.64 26.42 -35.82
CA LYS A 185 -32.83 25.25 -36.68
C LYS A 185 -32.88 25.65 -38.16
N ILE A 186 -33.73 26.61 -38.51
CA ILE A 186 -33.94 26.94 -39.91
C ILE A 186 -33.04 28.07 -40.41
N GLY A 187 -32.54 28.93 -39.51
CA GLY A 187 -31.67 30.01 -39.93
C GLY A 187 -32.11 31.37 -39.45
N ARG A 188 -31.15 32.23 -39.08
CA ARG A 188 -31.47 33.54 -38.52
C ARG A 188 -32.18 34.43 -39.53
N GLU A 189 -32.02 34.20 -40.83
CA GLU A 189 -32.58 35.10 -41.82
C GLU A 189 -34.08 34.99 -41.95
N HIS A 190 -34.72 34.02 -41.28
CA HIS A 190 -36.15 33.82 -41.37
C HIS A 190 -36.93 34.50 -40.25
N ILE A 191 -36.29 35.42 -39.51
CA ILE A 191 -36.98 36.12 -38.44
C ILE A 191 -38.13 36.96 -38.97
N GLY A 192 -38.07 37.36 -40.24
CA GLY A 192 -39.13 38.11 -40.86
C GLY A 192 -40.36 37.30 -41.26
N ARG A 193 -40.34 36.00 -41.03
CA ARG A 193 -41.47 35.13 -41.34
C ARG A 193 -42.10 34.52 -40.10
N LEU A 194 -41.58 34.80 -38.91
CA LEU A 194 -42.11 34.24 -37.68
C LEU A 194 -43.38 34.99 -37.27
N VAL A 195 -44.39 34.24 -36.88
CA VAL A 195 -45.70 34.79 -36.54
C VAL A 195 -45.97 34.55 -35.06
N VAL A 196 -46.50 35.57 -34.39
CA VAL A 196 -46.90 35.50 -32.98
C VAL A 196 -48.42 35.57 -32.92
N TYR A 197 -49.03 34.63 -32.20
CA TYR A 197 -50.47 34.48 -32.20
C TYR A 197 -51.05 34.80 -30.82
N GLY A 198 -52.18 35.51 -30.84
CA GLY A 198 -52.94 35.81 -29.65
C GLY A 198 -54.37 36.14 -30.04
N SER A 199 -55.17 36.44 -29.03
CA SER A 199 -56.57 36.81 -29.25
C SER A 199 -56.72 38.32 -29.21
N ASP A 200 -57.86 38.79 -29.75
CA ASP A 200 -58.16 40.21 -29.67
C ASP A 200 -58.33 40.69 -28.24
N GLN A 201 -58.36 39.77 -27.27
CA GLN A 201 -58.41 40.12 -25.86
C GLN A 201 -57.06 40.04 -25.16
N THR A 202 -56.08 39.37 -25.77
CA THR A 202 -54.74 39.32 -25.19
C THR A 202 -54.22 40.73 -24.97
N PHE A 203 -53.35 40.87 -23.98
CA PHE A 203 -52.83 42.19 -23.65
C PHE A 203 -51.60 42.53 -24.48
N CYS A 204 -51.20 43.80 -24.43
CA CYS A 204 -50.09 44.30 -25.23
C CYS A 204 -48.76 43.72 -24.81
N ALA A 205 -48.70 42.95 -23.73
CA ALA A 205 -47.46 42.26 -23.38
C ALA A 205 -47.01 41.38 -24.55
N LEU A 206 -47.94 40.66 -25.16
CA LEU A 206 -47.61 39.86 -26.34
C LEU A 206 -47.19 40.73 -27.50
N GLN A 207 -47.91 41.81 -27.76
CA GLN A 207 -47.56 42.69 -28.87
C GLN A 207 -46.27 43.45 -28.59
N LYS A 208 -46.11 43.97 -27.36
CA LYS A 208 -44.89 44.69 -27.02
C LYS A 208 -43.69 43.77 -27.04
N ALA A 209 -43.84 42.55 -26.54
CA ALA A 209 -42.73 41.60 -26.56
C ALA A 209 -42.35 41.23 -27.99
N ALA A 210 -43.35 41.09 -28.88
CA ALA A 210 -43.06 40.80 -30.27
C ALA A 210 -42.26 41.91 -30.92
N GLN A 211 -42.63 43.16 -30.65
CA GLN A 211 -41.91 44.29 -31.25
C GLN A 211 -40.45 44.30 -30.84
N VAL A 212 -40.19 44.16 -29.54
CA VAL A 212 -38.81 44.21 -29.05
C VAL A 212 -38.00 43.05 -29.60
N ALA A 213 -38.59 41.85 -29.60
CA ALA A 213 -37.86 40.65 -29.98
C ALA A 213 -37.48 40.61 -31.45
N GLY A 214 -37.94 41.57 -32.25
CA GLY A 214 -37.64 41.59 -33.66
C GLY A 214 -38.69 40.99 -34.57
N ILE A 215 -39.86 40.62 -34.03
CA ILE A 215 -40.93 40.09 -34.86
C ILE A 215 -41.49 41.22 -35.72
N ASN A 216 -41.77 40.90 -36.98
CA ASN A 216 -42.30 41.93 -37.88
C ASN A 216 -43.69 42.37 -37.42
N PRO A 217 -43.97 43.67 -37.40
CA PRO A 217 -45.29 44.12 -36.95
C PRO A 217 -46.44 43.53 -37.75
N LYS A 218 -46.25 43.30 -39.05
CA LYS A 218 -47.29 42.70 -39.87
C LYS A 218 -47.45 41.20 -39.62
N ASN A 219 -46.69 40.63 -38.68
CA ASN A 219 -46.78 39.22 -38.35
C ASN A 219 -47.31 38.98 -36.94
N PHE A 220 -47.96 39.98 -36.34
CA PHE A 220 -48.65 39.81 -35.08
C PHE A 220 -50.12 39.53 -35.34
N ARG A 221 -50.66 38.51 -34.70
CA ARG A 221 -52.03 38.06 -34.93
C ARG A 221 -52.86 38.28 -33.68
N ALA A 222 -53.93 39.05 -33.80
CA ALA A 222 -54.90 39.27 -32.74
C ALA A 222 -56.20 38.60 -33.18
N ILE A 223 -56.28 37.28 -32.94
CA ILE A 223 -57.37 36.48 -33.48
C ILE A 223 -58.68 36.89 -32.82
N LYS A 224 -59.71 37.10 -33.65
CA LYS A 224 -60.99 37.56 -33.16
C LYS A 224 -61.68 36.50 -32.32
N THR A 225 -62.29 36.93 -31.22
CA THR A 225 -63.10 36.09 -30.35
C THR A 225 -64.56 36.52 -30.43
N PHE A 226 -65.45 35.68 -29.90
CA PHE A 226 -66.87 35.89 -30.06
C PHE A 226 -67.59 35.77 -28.73
N LYS A 227 -68.68 36.54 -28.60
CA LYS A 227 -69.52 36.47 -27.42
C LYS A 227 -70.06 35.06 -27.20
N GLU A 228 -70.23 34.29 -28.28
CA GLU A 228 -70.69 32.91 -28.14
C GLU A 228 -69.74 32.09 -27.29
N ASN A 229 -68.45 32.45 -27.29
CA ASN A 229 -67.45 31.79 -26.47
C ASN A 229 -66.99 32.67 -25.31
N SER A 230 -67.81 33.63 -24.91
CA SER A 230 -67.44 34.58 -23.85
C SER A 230 -66.13 35.29 -24.16
N PHE A 231 -65.79 35.39 -25.46
CA PHE A 231 -64.59 36.05 -25.93
C PHE A 231 -63.31 35.29 -25.59
N GLY A 232 -63.43 33.99 -25.36
CA GLY A 232 -62.25 33.15 -25.24
C GLY A 232 -61.81 32.68 -26.62
N LEU A 233 -60.50 32.59 -26.81
CA LEU A 233 -59.97 32.23 -28.12
C LEU A 233 -60.38 30.81 -28.48
N SER A 234 -60.85 30.63 -29.72
CA SER A 234 -61.25 29.33 -30.22
C SER A 234 -60.09 28.67 -30.94
N ALA A 235 -59.73 27.46 -30.51
CA ALA A 235 -58.66 26.73 -31.17
C ALA A 235 -58.98 26.48 -32.64
N ALA A 236 -60.27 26.37 -32.98
CA ALA A 236 -60.65 26.19 -34.37
C ALA A 236 -60.33 27.44 -35.19
N THR A 237 -60.62 28.62 -34.64
CA THR A 237 -60.28 29.86 -35.32
C THR A 237 -58.77 30.03 -35.42
N LEU A 238 -58.04 29.62 -34.37
CA LEU A 238 -56.58 29.72 -34.40
C LEU A 238 -55.99 28.88 -35.53
N ARG A 239 -56.50 27.66 -35.71
CA ARG A 239 -55.98 26.80 -36.77
C ARG A 239 -56.25 27.41 -38.15
N GLU A 240 -57.42 28.04 -38.33
CA GLU A 240 -57.71 28.70 -39.60
C GLU A 240 -56.67 29.76 -39.90
N VAL A 241 -56.37 30.62 -38.93
CA VAL A 241 -55.39 31.68 -39.15
C VAL A 241 -54.02 31.10 -39.45
N ILE A 242 -53.67 30.00 -38.78
CA ILE A 242 -52.37 29.37 -39.01
C ILE A 242 -52.26 28.89 -40.45
N LEU A 243 -53.30 28.24 -40.97
CA LEU A 243 -53.25 27.71 -42.32
C LEU A 243 -53.09 28.82 -43.34
N GLU A 244 -53.74 29.96 -43.12
CA GLU A 244 -53.55 31.11 -44.01
C GLU A 244 -52.11 31.60 -43.94
N ASP A 245 -51.52 31.63 -42.74
CA ASP A 245 -50.14 32.07 -42.60
C ASP A 245 -49.18 31.08 -43.24
N ILE A 246 -49.43 29.78 -43.06
CA ILE A 246 -48.59 28.76 -43.68
C ILE A 246 -48.73 28.82 -45.19
N GLU A 247 -49.97 28.91 -45.68
CA GLU A 247 -50.19 29.01 -47.11
C GLU A 247 -49.55 30.25 -47.70
N ALA A 248 -49.38 31.30 -46.89
CA ALA A 248 -48.74 32.54 -47.32
C ALA A 248 -47.23 32.52 -47.09
N GLY A 249 -46.65 31.36 -46.78
CA GLY A 249 -45.22 31.27 -46.63
C GLY A 249 -44.65 31.83 -45.35
N LEU A 250 -45.44 31.84 -44.27
CA LEU A 250 -45.00 32.31 -42.97
C LEU A 250 -44.81 31.15 -42.02
N ILE A 251 -44.08 31.41 -40.93
CA ILE A 251 -43.73 30.39 -39.95
C ILE A 251 -44.51 30.68 -38.67
N PRO A 252 -45.44 29.82 -38.27
CA PRO A 252 -46.06 29.97 -36.95
C PRO A 252 -45.07 29.62 -35.85
N LEU A 253 -45.01 30.47 -34.82
CA LEU A 253 -43.95 30.35 -33.83
C LEU A 253 -44.47 30.26 -32.40
N PHE A 254 -45.40 31.13 -32.03
CA PHE A 254 -45.66 31.41 -30.62
C PHE A 254 -47.11 31.79 -30.43
N VAL A 255 -47.84 31.00 -29.64
CA VAL A 255 -49.22 31.30 -29.26
C VAL A 255 -49.26 31.47 -27.76
N CYS A 256 -50.03 32.47 -27.30
CA CYS A 256 -50.07 32.86 -25.89
C CYS A 256 -51.51 32.88 -25.39
N PRO A 257 -52.04 31.72 -25.02
CA PRO A 257 -53.38 31.69 -24.42
C PRO A 257 -53.39 32.35 -23.05
N THR A 258 -54.49 33.03 -22.74
CA THR A 258 -54.60 33.82 -21.53
C THR A 258 -55.77 33.33 -20.69
N VAL A 259 -55.50 33.07 -19.41
CA VAL A 259 -56.54 32.77 -18.43
C VAL A 259 -56.75 34.03 -17.59
N GLY A 260 -57.91 34.67 -17.76
CA GLY A 260 -58.19 35.91 -17.07
C GLY A 260 -57.72 37.12 -17.84
N THR A 261 -58.35 37.39 -18.98
CA THR A 261 -57.97 38.53 -19.80
C THR A 261 -58.20 39.84 -19.05
N THR A 262 -57.57 40.90 -19.55
CA THR A 262 -57.57 42.17 -18.83
C THR A 262 -58.92 42.87 -18.91
N SER A 263 -59.67 42.67 -19.99
CA SER A 263 -60.90 43.43 -20.21
C SER A 263 -62.12 42.76 -19.60
N SER A 264 -62.41 41.51 -20.00
CA SER A 264 -63.58 40.80 -19.53
C SER A 264 -63.21 39.54 -18.75
N THR A 265 -61.99 39.48 -18.23
CA THR A 265 -61.48 38.31 -17.52
C THR A 265 -61.90 37.02 -18.21
N ALA A 266 -61.73 36.99 -19.53
CA ALA A 266 -62.05 35.82 -20.32
C ALA A 266 -60.93 34.79 -20.20
N VAL A 267 -61.27 33.54 -20.53
CA VAL A 267 -60.36 32.41 -20.39
C VAL A 267 -60.26 31.69 -21.73
N ASP A 268 -59.03 31.38 -22.14
CA ASP A 268 -58.87 30.61 -23.37
C ASP A 268 -58.65 29.14 -23.05
N PRO A 269 -59.27 28.23 -23.81
CA PRO A 269 -59.07 26.80 -23.56
C PRO A 269 -57.65 26.36 -23.91
N ILE A 270 -56.89 25.93 -22.90
CA ILE A 270 -55.47 25.64 -23.12
C ILE A 270 -55.30 24.33 -23.87
N SER A 271 -56.03 23.29 -23.46
CA SER A 271 -55.82 21.96 -24.04
C SER A 271 -55.98 21.96 -25.55
N PRO A 272 -57.10 22.42 -26.13
CA PRO A 272 -57.22 22.39 -27.59
C PRO A 272 -56.23 23.32 -28.28
N ILE A 273 -55.78 24.37 -27.61
CA ILE A 273 -54.84 25.30 -28.24
C ILE A 273 -53.47 24.65 -28.40
N CYS A 274 -52.97 24.02 -27.33
CA CYS A 274 -51.72 23.29 -27.42
C CYS A 274 -51.82 22.14 -28.42
N GLU A 275 -53.01 21.55 -28.55
CA GLU A 275 -53.22 20.53 -29.57
C GLU A 275 -52.94 21.09 -30.95
N VAL A 276 -53.48 22.28 -31.25
CA VAL A 276 -53.18 22.94 -32.51
C VAL A 276 -51.70 23.32 -32.58
N ALA A 277 -51.15 23.82 -31.47
CA ALA A 277 -49.77 24.27 -31.47
C ALA A 277 -48.80 23.10 -31.62
N LYS A 278 -49.14 21.93 -31.07
CA LYS A 278 -48.27 20.77 -31.26
C LYS A 278 -48.22 20.35 -32.71
N GLU A 279 -49.31 20.51 -33.44
CA GLU A 279 -49.35 20.11 -34.85
C GLU A 279 -48.35 20.90 -35.68
N TYR A 280 -48.19 22.20 -35.37
CA TYR A 280 -47.35 23.09 -36.15
C TYR A 280 -46.10 23.52 -35.39
N GLU A 281 -45.67 22.75 -34.39
CA GLU A 281 -44.44 22.99 -33.65
C GLU A 281 -44.35 24.45 -33.21
N MET A 282 -45.29 24.82 -32.35
CA MET A 282 -45.38 26.18 -31.82
C MET A 282 -45.14 26.19 -30.32
N TRP A 283 -44.52 27.27 -29.85
CA TRP A 283 -44.37 27.49 -28.41
C TRP A 283 -45.68 28.01 -27.85
N VAL A 284 -46.05 27.51 -26.68
CA VAL A 284 -47.28 27.90 -25.99
C VAL A 284 -46.91 28.47 -24.63
N HIS A 285 -47.15 29.76 -24.44
CA HIS A 285 -47.01 30.42 -23.15
C HIS A 285 -48.40 30.71 -22.61
N VAL A 286 -48.67 30.21 -21.40
CA VAL A 286 -49.96 30.43 -20.76
C VAL A 286 -49.86 31.70 -19.93
N ASP A 287 -50.57 32.75 -20.37
CA ASP A 287 -50.58 34.03 -19.68
C ASP A 287 -51.71 34.04 -18.67
N ALA A 288 -51.37 33.96 -17.38
CA ALA A 288 -52.32 34.05 -16.28
C ALA A 288 -51.83 35.09 -15.27
N ALA A 289 -51.56 36.29 -15.76
CA ALA A 289 -51.01 37.34 -14.91
C ALA A 289 -51.86 37.56 -13.67
N TYR A 290 -53.17 37.77 -13.86
CA TYR A 290 -54.07 38.06 -12.75
C TYR A 290 -54.65 36.79 -12.14
N ALA A 291 -55.38 36.01 -12.94
CA ALA A 291 -56.16 34.88 -12.41
C ALA A 291 -55.32 33.69 -12.01
N GLY A 292 -54.01 33.70 -12.29
CA GLY A 292 -53.19 32.52 -12.02
C GLY A 292 -53.21 32.10 -10.56
N SER A 293 -53.09 33.08 -9.65
CA SER A 293 -52.95 32.74 -8.23
C SER A 293 -54.18 32.00 -7.70
N ALA A 294 -55.35 32.21 -8.31
CA ALA A 294 -56.56 31.57 -7.81
C ALA A 294 -56.53 30.06 -7.96
N CYS A 295 -55.62 29.53 -8.77
CA CYS A 295 -55.59 28.09 -9.05
C CYS A 295 -54.90 27.29 -7.95
N ILE A 296 -54.41 27.93 -6.89
CA ILE A 296 -54.00 27.16 -5.73
C ILE A 296 -55.22 26.62 -4.99
N CYS A 297 -56.40 27.15 -5.29
CA CYS A 297 -57.63 26.60 -4.76
C CYS A 297 -58.12 25.50 -5.69
N PRO A 298 -58.38 24.29 -5.18
CA PRO A 298 -58.74 23.19 -6.09
C PRO A 298 -59.93 23.49 -6.98
N GLU A 299 -60.93 24.24 -6.49
CA GLU A 299 -62.10 24.52 -7.29
C GLU A 299 -61.81 25.47 -8.45
N PHE A 300 -60.66 26.14 -8.47
CA PHE A 300 -60.27 27.00 -9.57
C PHE A 300 -59.15 26.41 -10.42
N ARG A 301 -58.53 25.32 -9.98
CA ARG A 301 -57.40 24.74 -10.72
C ARG A 301 -57.79 24.33 -12.13
N HIS A 302 -59.07 24.05 -12.39
CA HIS A 302 -59.50 23.63 -13.71
C HIS A 302 -59.23 24.67 -14.77
N PHE A 303 -59.04 25.93 -14.40
CA PHE A 303 -58.87 26.99 -15.39
C PHE A 303 -57.55 26.86 -16.14
N ILE A 304 -56.52 26.32 -15.49
CA ILE A 304 -55.22 26.13 -16.14
C ILE A 304 -55.02 24.67 -16.57
N ASP A 305 -56.10 23.90 -16.69
CA ASP A 305 -56.00 22.57 -17.24
C ASP A 305 -55.48 22.64 -18.67
N GLY A 306 -54.57 21.73 -19.01
CA GLY A 306 -53.88 21.75 -20.28
C GLY A 306 -52.52 22.42 -20.23
N VAL A 307 -52.17 23.04 -19.11
CA VAL A 307 -50.83 23.63 -18.97
C VAL A 307 -49.75 22.56 -19.02
N GLU A 308 -50.11 21.29 -18.82
CA GLU A 308 -49.14 20.22 -18.97
C GLU A 308 -48.59 20.14 -20.39
N GLU A 309 -49.31 20.70 -21.37
CA GLU A 309 -48.93 20.62 -22.76
C GLU A 309 -48.34 21.92 -23.29
N ALA A 310 -48.19 22.93 -22.45
CA ALA A 310 -47.58 24.19 -22.86
C ALA A 310 -46.09 24.19 -22.54
N ASP A 311 -45.41 25.23 -23.01
CA ASP A 311 -43.97 25.36 -22.79
C ASP A 311 -43.65 26.20 -21.55
N SER A 312 -44.43 27.25 -21.30
CA SER A 312 -44.15 28.15 -20.20
C SER A 312 -45.47 28.64 -19.61
N PHE A 313 -45.39 29.15 -18.38
CA PHE A 313 -46.57 29.61 -17.65
C PHE A 313 -46.16 30.73 -16.73
N SER A 314 -46.94 31.81 -16.71
CA SER A 314 -46.60 33.00 -15.96
C SER A 314 -47.82 33.58 -15.26
N LEU A 315 -47.62 34.05 -14.03
CA LEU A 315 -48.63 34.84 -13.33
C LEU A 315 -47.92 35.97 -12.60
N ASN A 316 -48.69 37.00 -12.25
CA ASN A 316 -48.18 38.14 -11.51
C ASN A 316 -48.58 37.98 -10.05
N ALA A 317 -47.60 37.58 -9.22
CA ALA A 317 -47.83 37.46 -7.79
C ALA A 317 -48.12 38.80 -7.13
N HIS A 318 -47.89 39.90 -7.82
CA HIS A 318 -48.15 41.23 -7.28
C HIS A 318 -49.55 41.69 -7.68
N TRP A 320 -52.34 39.44 -7.49
CA TRP A 320 -53.33 38.72 -6.69
C TRP A 320 -52.69 37.69 -5.78
N PHE A 321 -51.55 38.02 -5.15
CA PHE A 321 -50.92 37.08 -4.23
C PHE A 321 -50.08 37.79 -3.17
N PHE A 322 -50.37 39.05 -2.88
CA PHE A 322 -49.97 39.75 -1.66
C PHE A 322 -48.46 39.93 -1.53
N THR A 323 -47.69 39.76 -2.61
CA THR A 323 -46.27 40.05 -2.55
C THR A 323 -46.03 41.55 -2.46
N THR A 324 -46.51 42.30 -3.46
CA THR A 324 -46.32 43.73 -3.66
C THR A 324 -45.60 43.95 -4.98
N LEU A 325 -45.77 45.13 -5.57
CA LEU A 325 -45.13 45.42 -6.84
C LEU A 325 -43.62 45.54 -6.64
N ASP A 326 -42.85 44.72 -7.35
CA ASP A 326 -43.39 43.77 -8.32
C ASP A 326 -42.84 42.37 -8.09
N CYS A 327 -43.52 41.36 -8.66
CA CYS A 327 -43.08 39.98 -8.52
C CYS A 327 -43.83 39.07 -9.50
N CYS A 328 -43.16 38.72 -10.60
CA CYS A 328 -43.72 37.85 -11.63
C CYS A 328 -43.12 36.47 -11.51
N CYS A 329 -43.98 35.44 -11.58
CA CYS A 329 -43.56 34.05 -11.48
C CYS A 329 -43.68 33.39 -12.84
N LEU A 330 -42.56 32.90 -13.36
CA LEU A 330 -42.51 32.24 -14.66
C LEU A 330 -41.94 30.84 -14.50
N TRP A 331 -42.75 29.83 -14.84
CA TRP A 331 -42.29 28.45 -14.90
C TRP A 331 -42.13 28.03 -16.35
N VAL A 332 -41.05 27.29 -16.62
CA VAL A 332 -40.76 26.81 -17.96
C VAL A 332 -40.40 25.33 -17.89
N LYS A 333 -40.76 24.59 -18.94
CA LYS A 333 -40.39 23.18 -19.01
C LYS A 333 -38.91 23.01 -19.32
N ASP A 334 -38.36 23.88 -20.17
CA ASP A 334 -36.99 23.76 -20.65
C ASP A 334 -36.24 25.06 -20.38
N PRO A 335 -35.67 25.21 -19.17
CA PRO A 335 -34.91 26.44 -18.89
C PRO A 335 -33.73 26.67 -19.82
N SER A 336 -33.18 25.60 -20.41
CA SER A 336 -32.05 25.77 -21.32
C SER A 336 -32.43 26.60 -22.54
N ALA A 337 -33.69 26.54 -22.96
CA ALA A 337 -34.13 27.39 -24.06
C ALA A 337 -34.03 28.86 -23.70
N LEU A 338 -34.32 29.21 -22.44
CA LEU A 338 -34.12 30.57 -21.98
C LEU A 338 -32.63 30.92 -21.97
N VAL A 339 -31.80 30.03 -21.45
CA VAL A 339 -30.36 30.29 -21.37
C VAL A 339 -29.77 30.47 -22.76
N LYS A 340 -30.21 29.64 -23.71
CA LYS A 340 -29.63 29.71 -25.05
C LYS A 340 -29.92 31.06 -25.71
N ALA A 341 -31.01 31.72 -25.35
CA ALA A 341 -31.37 32.98 -25.97
C ALA A 341 -30.91 34.19 -25.18
N LEU A 342 -30.79 34.08 -23.87
CA LEU A 342 -30.52 35.23 -23.01
C LEU A 342 -29.11 35.27 -22.44
N SER A 343 -28.41 34.14 -22.40
CA SER A 343 -27.03 34.15 -21.93
C SER A 343 -26.13 34.87 -22.93
N THR A 344 -25.06 35.47 -22.40
CA THR A 344 -24.05 36.12 -23.23
C THR A 344 -22.79 35.26 -23.40
N ASN A 345 -22.73 34.11 -22.73
CA ASN A 345 -21.66 33.17 -23.01
C ASN A 345 -21.73 32.75 -24.48
N PRO A 346 -20.60 32.38 -25.07
CA PRO A 346 -20.62 31.94 -26.47
C PRO A 346 -21.57 30.76 -26.65
N GLU A 347 -22.12 30.66 -27.87
CA GLU A 347 -23.22 29.74 -28.13
C GLU A 347 -22.84 28.28 -27.90
N TYR A 348 -21.54 27.95 -27.90
CA TYR A 348 -21.15 26.57 -27.65
C TYR A 348 -21.08 26.23 -26.17
N LEU A 349 -21.09 27.23 -25.30
CA LEU A 349 -21.16 26.98 -23.86
C LEU A 349 -22.58 27.05 -23.34
N ARG A 350 -23.45 27.82 -23.99
CA ARG A 350 -24.88 27.75 -23.67
C ARG A 350 -25.48 26.40 -24.07
N ASN A 351 -24.84 25.70 -24.99
CA ASN A 351 -25.33 24.42 -25.49
C ASN A 351 -24.89 23.26 -24.60
N LYS A 352 -25.07 23.42 -23.30
CA LYS A 352 -24.74 22.38 -22.34
C LYS A 352 -25.37 22.65 -20.98
N VAL A 359 -25.58 24.50 -10.02
CA VAL A 359 -25.75 25.88 -9.60
C VAL A 359 -26.50 26.67 -10.65
N VAL A 360 -27.60 27.29 -10.26
CA VAL A 360 -28.43 28.06 -11.18
C VAL A 360 -27.79 29.43 -11.43
N ASP A 361 -27.95 29.91 -12.66
CA ASP A 361 -27.51 31.24 -13.07
C ASP A 361 -28.74 31.97 -13.58
N TYR A 362 -29.43 32.65 -12.68
CA TYR A 362 -30.77 33.18 -12.99
C TYR A 362 -30.73 34.36 -13.96
N LYS A 363 -29.60 35.04 -14.09
CA LYS A 363 -29.52 36.14 -15.06
C LYS A 363 -29.73 35.63 -16.47
N ASP A 364 -29.34 34.39 -16.74
CA ASP A 364 -29.54 33.77 -18.04
C ASP A 364 -30.97 33.30 -18.25
N TRP A 365 -31.87 33.55 -17.30
CA TRP A 365 -33.28 33.22 -17.44
C TRP A 365 -34.15 34.45 -17.71
N GLN A 366 -33.58 35.64 -17.70
CA GLN A 366 -34.37 36.86 -17.77
C GLN A 366 -33.56 37.95 -18.47
N ILE A 367 -34.08 39.18 -18.44
CA ILE A 367 -33.38 40.31 -19.01
C ILE A 367 -32.38 40.90 -18.02
N ALA A 368 -32.80 41.06 -16.77
CA ALA A 368 -32.00 41.78 -15.79
C ALA A 368 -30.78 40.96 -15.39
N LEU A 369 -29.60 41.59 -15.47
CA LEU A 369 -28.40 41.00 -14.90
C LEU A 369 -28.34 41.24 -13.39
N SER A 370 -28.46 42.50 -12.98
CA SER A 370 -28.47 42.86 -11.56
C SER A 370 -29.82 42.47 -10.97
N ARG A 371 -29.94 41.20 -10.62
CA ARG A 371 -31.19 40.68 -10.10
C ARG A 371 -31.41 41.14 -8.66
N ARG A 372 -32.69 41.31 -8.30
CA ARG A 372 -33.07 41.70 -6.96
C ARG A 372 -33.50 40.47 -6.15
N PHE A 373 -33.26 40.54 -4.84
CA PHE A 373 -33.63 39.46 -3.93
C PHE A 373 -35.15 39.34 -3.83
N ARG A 374 -35.80 38.98 -4.94
CA ARG A 374 -37.26 38.95 -4.97
C ARG A 374 -37.85 37.77 -4.22
N SER A 375 -37.06 36.72 -3.98
CA SER A 375 -37.61 35.53 -3.34
C SER A 375 -38.05 35.78 -1.90
N LEU A 376 -37.54 36.83 -1.24
CA LEU A 376 -37.94 37.12 0.12
C LEU A 376 -39.43 37.46 0.19
N LYS A 377 -39.89 38.35 -0.70
CA LYS A 377 -41.31 38.69 -0.76
C LYS A 377 -42.17 37.44 -0.77
N LEU A 378 -41.98 36.59 -1.79
CA LEU A 378 -42.82 35.41 -1.95
C LEU A 378 -42.65 34.44 -0.79
N TRP A 379 -41.42 34.34 -0.25
CA TRP A 379 -41.19 33.45 0.88
C TRP A 379 -41.90 33.95 2.13
N MET A 380 -41.88 35.26 2.37
CA MET A 380 -42.53 35.81 3.55
C MET A 380 -44.04 35.65 3.48
N VAL A 381 -44.62 35.85 2.29
CA VAL A 381 -46.07 35.72 2.14
C VAL A 381 -46.51 34.27 2.36
N LEU A 382 -45.77 33.32 1.80
CA LEU A 382 -46.15 31.92 1.92
C LEU A 382 -46.05 31.43 3.36
N ARG A 383 -45.03 31.88 4.09
CA ARG A 383 -44.86 31.43 5.48
C ARG A 383 -45.80 32.17 6.43
N SER A 384 -45.92 33.49 6.26
CA SER A 384 -46.68 34.29 7.23
C SER A 384 -48.16 33.91 7.25
N TYR A 385 -48.69 33.44 6.13
CA TYR A 385 -50.12 33.17 6.02
C TYR A 385 -50.47 31.70 5.82
N GLY A 386 -49.65 30.95 5.09
CA GLY A 386 -49.91 29.54 4.88
C GLY A 386 -50.88 29.30 3.73
N VAL A 387 -50.83 28.08 3.21
CA VAL A 387 -51.66 27.73 2.05
C VAL A 387 -53.14 27.88 2.38
N THR A 388 -53.54 27.51 3.59
CA THR A 388 -54.95 27.56 3.95
C THR A 388 -55.48 28.99 3.95
N ASN A 389 -54.81 29.88 4.69
CA ASN A 389 -55.24 31.27 4.73
C ASN A 389 -55.11 31.94 3.37
N LEU A 390 -54.09 31.57 2.60
CA LEU A 390 -53.92 32.16 1.28
C LEU A 390 -55.06 31.76 0.35
N ARG A 391 -55.50 30.51 0.41
CA ARG A 391 -56.66 30.10 -0.38
C ARG A 391 -57.89 30.91 -0.03
N ASN A 392 -58.14 31.09 1.27
CA ASN A 392 -59.33 31.81 1.70
C ASN A 392 -59.27 33.28 1.33
N PHE A 393 -58.09 33.89 1.37
CA PHE A 393 -57.95 35.28 0.94
C PHE A 393 -58.52 35.48 -0.46
N LEU A 394 -58.09 34.63 -1.41
CA LEU A 394 -58.60 34.73 -2.76
C LEU A 394 -60.08 34.39 -2.83
N ARG A 395 -60.53 33.44 -2.00
CA ARG A 395 -61.94 33.08 -1.99
C ARG A 395 -62.80 34.24 -1.52
N SER A 396 -62.31 35.03 -0.56
CA SER A 396 -63.08 36.16 -0.08
C SER A 396 -63.26 37.21 -1.15
N HIS A 397 -62.24 37.42 -2.00
CA HIS A 397 -62.37 38.37 -3.09
C HIS A 397 -63.38 37.88 -4.12
N VAL A 398 -63.41 36.57 -4.38
CA VAL A 398 -64.37 36.03 -5.33
C VAL A 398 -65.78 36.07 -4.74
N LYS A 399 -65.92 35.70 -3.47
CA LYS A 399 -67.22 35.77 -2.82
C LYS A 399 -67.77 37.20 -2.87
N MET A 400 -66.95 38.17 -2.49
CA MET A 400 -67.39 39.57 -2.51
C MET A 400 -67.81 39.99 -3.91
N ALA A 401 -67.08 39.55 -4.94
CA ALA A 401 -67.47 39.86 -6.30
C ALA A 401 -68.78 39.19 -6.69
N LYS A 402 -68.93 37.91 -6.32
CA LYS A 402 -70.18 37.21 -6.63
C LYS A 402 -71.36 37.87 -5.92
N THR A 403 -71.15 38.34 -4.69
CA THR A 403 -72.17 39.13 -4.01
C THR A 403 -72.50 40.38 -4.81
N PHE A 404 -71.45 41.12 -5.23
CA PHE A 404 -71.67 42.28 -6.08
C PHE A 404 -72.43 41.92 -7.34
N GLU A 405 -72.19 40.72 -7.87
CA GLU A 405 -72.94 40.26 -9.04
C GLU A 405 -74.41 40.02 -8.68
N GLY A 406 -74.66 39.41 -7.52
CA GLY A 406 -76.04 39.16 -7.12
C GLY A 406 -76.84 40.43 -6.91
N LEU A 407 -76.23 41.44 -6.29
CA LEU A 407 -76.92 42.72 -6.11
C LEU A 407 -77.27 43.35 -7.46
N ILE A 408 -76.44 43.12 -8.48
CA ILE A 408 -76.70 43.71 -9.79
C ILE A 408 -77.88 43.01 -10.46
N CYS A 409 -77.91 41.68 -10.40
CA CYS A 409 -79.03 40.95 -11.00
C CYS A 409 -80.35 41.32 -10.34
N MET A 410 -80.33 41.60 -9.03
CA MET A 410 -81.55 41.96 -8.33
C MET A 410 -82.04 43.36 -8.71
N ASP A 411 -81.19 44.18 -9.32
CA ASP A 411 -81.57 45.50 -9.80
C ASP A 411 -81.82 45.39 -11.29
N GLY A 412 -83.09 45.40 -11.69
CA GLY A 412 -83.44 45.16 -13.08
C GLY A 412 -82.84 46.16 -14.05
N ARG A 413 -82.35 47.29 -13.56
CA ARG A 413 -81.78 48.31 -14.43
C ARG A 413 -80.37 47.96 -14.89
N PHE A 414 -79.72 46.98 -14.27
CA PHE A 414 -78.36 46.59 -14.64
C PHE A 414 -78.38 45.24 -15.34
N GLU A 415 -77.23 44.91 -15.93
CA GLU A 415 -77.08 43.68 -16.70
C GLU A 415 -75.64 43.21 -16.62
N ILE A 416 -75.46 41.91 -16.39
CA ILE A 416 -74.14 41.30 -16.43
C ILE A 416 -73.77 41.02 -17.88
N THR A 417 -72.64 41.56 -18.33
CA THR A 417 -72.29 41.51 -19.75
C THR A 417 -71.55 40.24 -20.13
N VAL A 418 -70.71 39.70 -19.24
CA VAL A 418 -69.97 38.49 -19.52
C VAL A 418 -69.93 37.62 -18.27
N PRO A 419 -69.66 36.34 -18.43
CA PRO A 419 -69.54 35.45 -17.26
C PRO A 419 -68.38 35.87 -16.38
N ARG A 420 -68.65 35.95 -15.07
CA ARG A 420 -67.61 36.25 -14.09
C ARG A 420 -66.82 34.98 -13.80
N THR A 421 -65.49 35.10 -13.78
CA THR A 421 -64.61 33.95 -13.59
C THR A 421 -63.72 34.07 -12.37
N PHE A 422 -63.03 35.20 -12.19
CA PHE A 422 -62.14 35.42 -11.04
C PHE A 422 -62.40 36.78 -10.42
N ALA A 423 -63.37 36.85 -9.52
CA ALA A 423 -63.51 37.97 -8.60
C ALA A 423 -63.61 39.33 -9.29
N MET A 424 -63.83 39.35 -10.60
CA MET A 424 -64.10 40.59 -11.32
C MET A 424 -65.45 40.46 -12.03
N VAL A 425 -66.29 41.48 -11.87
CA VAL A 425 -67.62 41.50 -12.44
C VAL A 425 -67.68 42.57 -13.52
N CYS A 426 -68.27 42.23 -14.66
CA CYS A 426 -68.50 43.16 -15.75
C CYS A 426 -69.99 43.41 -15.88
N PHE A 427 -70.37 44.69 -15.96
CA PHE A 427 -71.77 45.06 -15.98
C PHE A 427 -71.92 46.39 -16.72
N ARG A 428 -73.17 46.78 -16.93
CA ARG A 428 -73.47 48.05 -17.58
C ARG A 428 -74.87 48.49 -17.18
N LEU A 429 -75.09 49.80 -17.18
CA LEU A 429 -76.41 50.35 -16.94
C LEU A 429 -77.23 50.31 -18.21
N LEU A 430 -78.49 49.88 -18.09
CA LEU A 430 -79.28 49.75 -19.31
C LEU A 430 -80.17 50.96 -19.51
N PRO A 431 -80.40 51.35 -20.78
CA PRO A 431 -81.33 52.44 -21.04
C PRO A 431 -82.76 52.01 -20.74
N PRO A 432 -83.64 52.94 -20.36
CA PRO A 432 -85.04 52.64 -20.05
C PRO A 432 -85.76 51.94 -21.19
N GLU A 457 -78.29 52.67 -33.43
CA GLU A 457 -78.46 51.47 -32.62
C GLU A 457 -78.62 51.82 -31.15
N ASN A 458 -79.25 50.93 -30.38
CA ASN A 458 -79.32 51.11 -28.94
C ASN A 458 -77.93 51.03 -28.31
N LEU A 459 -77.01 50.32 -28.95
CA LEU A 459 -75.69 50.11 -28.36
C LEU A 459 -74.91 51.41 -28.25
N VAL A 460 -74.93 52.24 -29.29
CA VAL A 460 -74.24 53.53 -29.24
C VAL A 460 -74.78 54.37 -28.09
N LEU A 461 -76.10 54.33 -27.89
CA LEU A 461 -76.70 55.06 -26.78
C LEU A 461 -76.30 54.46 -25.44
N ALA A 462 -76.48 53.14 -25.29
CA ALA A 462 -76.11 52.49 -24.04
C ALA A 462 -74.62 52.66 -23.74
N ASN A 463 -73.77 52.66 -24.77
CA ASN A 463 -72.35 52.88 -24.54
C ASN A 463 -72.10 54.29 -24.03
N LYS A 464 -72.77 55.29 -24.61
CA LYS A 464 -72.60 56.66 -24.14
C LYS A 464 -73.20 56.86 -22.76
N LEU A 465 -74.29 56.16 -22.43
CA LEU A 465 -74.85 56.24 -21.10
C LEU A 465 -73.86 55.75 -20.05
N ASN A 466 -73.34 54.53 -20.25
CA ASN A 466 -72.41 53.97 -19.27
C ASN A 466 -71.12 54.78 -19.18
N GLN A 467 -70.71 55.42 -20.27
CA GLN A 467 -69.55 56.29 -20.21
C GLN A 467 -69.80 57.48 -19.30
N VAL A 468 -70.96 58.13 -19.48
CA VAL A 468 -71.32 59.26 -18.62
C VAL A 468 -71.59 58.76 -17.21
N TYR A 469 -72.31 57.64 -17.08
CA TYR A 469 -72.60 57.07 -15.76
C TYR A 469 -71.31 56.75 -15.01
N LEU A 470 -70.39 56.04 -15.66
CA LEU A 470 -69.15 55.65 -14.99
C LEU A 470 -68.36 56.87 -14.54
N GLU A 471 -68.08 57.80 -15.46
CA GLU A 471 -67.21 58.93 -15.13
C GLU A 471 -67.81 59.81 -14.05
N THR A 472 -69.15 59.85 -13.94
CA THR A 472 -69.77 60.60 -12.85
C THR A 472 -69.52 59.93 -11.51
N VAL A 473 -69.48 58.59 -11.50
CA VAL A 473 -69.23 57.86 -10.26
C VAL A 473 -67.77 58.02 -9.85
N ASN A 474 -66.84 57.86 -10.81
CA ASN A 474 -65.43 57.96 -10.49
C ASN A 474 -65.06 59.35 -9.99
N ALA A 475 -65.70 60.38 -10.55
CA ALA A 475 -65.36 61.75 -10.18
C ALA A 475 -65.68 62.06 -8.72
N THR A 476 -66.58 61.30 -8.10
CA THR A 476 -66.90 61.53 -6.70
C THR A 476 -65.72 61.25 -5.78
N GLY A 477 -64.76 60.43 -6.21
CA GLY A 477 -63.67 60.02 -5.37
C GLY A 477 -64.01 58.96 -4.35
N SER A 478 -65.27 58.54 -4.27
CA SER A 478 -65.67 57.52 -3.31
C SER A 478 -65.17 56.15 -3.73
N VAL A 479 -65.21 55.85 -5.03
CA VAL A 479 -64.75 54.58 -5.57
C VAL A 479 -64.06 54.85 -6.91
N TYR A 480 -63.46 53.80 -7.46
CA TYR A 480 -62.79 53.90 -8.75
C TYR A 480 -62.93 52.59 -9.49
N MET A 481 -63.55 52.63 -10.67
CA MET A 481 -63.70 51.46 -11.53
C MET A 481 -63.44 51.88 -12.97
N THR A 482 -62.70 51.05 -13.69
CA THR A 482 -62.41 51.29 -15.10
C THR A 482 -63.39 50.49 -15.97
N HIS A 483 -63.30 50.69 -17.27
CA HIS A 483 -64.22 50.11 -18.23
C HIS A 483 -63.48 49.29 -19.28
N ALA A 484 -64.25 48.71 -20.19
CA ALA A 484 -63.72 47.98 -21.33
C ALA A 484 -64.81 47.85 -22.38
N VAL A 485 -64.40 47.90 -23.64
CA VAL A 485 -65.32 47.79 -24.77
C VAL A 485 -65.07 46.42 -25.40
N VAL A 486 -65.92 45.45 -25.07
CA VAL A 486 -65.77 44.07 -25.54
C VAL A 486 -66.98 43.72 -26.38
N GLY A 487 -66.74 43.26 -27.60
CA GLY A 487 -67.83 42.97 -28.51
C GLY A 487 -68.64 44.18 -28.91
N GLY A 488 -68.03 45.35 -28.89
CA GLY A 488 -68.73 46.59 -29.18
C GLY A 488 -69.54 47.16 -28.02
N VAL A 489 -69.53 46.51 -26.86
CA VAL A 489 -70.33 46.92 -25.72
C VAL A 489 -69.44 47.60 -24.69
N TYR A 490 -69.83 48.79 -24.28
CA TYR A 490 -69.16 49.49 -23.19
C TYR A 490 -69.68 48.94 -21.86
N MET A 491 -68.80 48.35 -21.07
CA MET A 491 -69.18 47.71 -19.82
C MET A 491 -68.23 48.13 -18.71
N ILE A 492 -68.79 48.24 -17.50
CA ILE A 492 -68.03 48.69 -16.33
C ILE A 492 -67.43 47.48 -15.63
N ARG A 493 -66.17 47.62 -15.22
CA ARG A 493 -65.42 46.55 -14.58
C ARG A 493 -65.37 46.76 -13.08
N PHE A 494 -65.80 45.75 -12.33
CA PHE A 494 -65.72 45.75 -10.87
C PHE A 494 -64.79 44.62 -10.45
N ALA A 495 -63.52 44.93 -10.29
CA ALA A 495 -62.50 43.95 -9.91
C ALA A 495 -62.19 44.12 -8.43
N VAL A 496 -62.65 43.16 -7.63
CA VAL A 496 -62.42 43.16 -6.19
C VAL A 496 -61.06 42.51 -5.92
N GLY A 497 -60.14 43.28 -5.35
CA GLY A 497 -58.80 42.75 -5.14
C GLY A 497 -57.95 43.49 -4.12
N SER A 498 -58.26 44.76 -3.85
CA SER A 498 -57.48 45.51 -2.89
C SER A 498 -57.47 44.80 -1.54
N THR A 499 -56.28 44.64 -0.95
CA THR A 499 -56.15 43.86 0.26
C THR A 499 -57.05 44.38 1.37
N LEU A 500 -57.17 45.70 1.49
CA LEU A 500 -57.96 46.31 2.56
C LEU A 500 -59.46 46.30 2.27
N THR A 501 -59.89 45.72 1.17
CA THR A 501 -61.30 45.72 0.80
C THR A 501 -62.05 44.64 1.57
N GLU A 502 -63.03 45.06 2.36
CA GLU A 502 -63.94 44.15 3.05
C GLU A 502 -65.33 44.25 2.43
N GLU A 503 -66.26 43.45 2.94
CA GLU A 503 -67.60 43.38 2.36
C GLU A 503 -68.32 44.71 2.47
N ARG A 504 -68.03 45.50 3.52
CA ARG A 504 -68.73 46.77 3.69
C ARG A 504 -68.36 47.76 2.58
N HIS A 505 -67.13 47.67 2.06
CA HIS A 505 -66.74 48.55 0.96
C HIS A 505 -67.45 48.17 -0.33
N VAL A 506 -67.58 46.87 -0.60
CA VAL A 506 -68.31 46.42 -1.79
C VAL A 506 -69.75 46.89 -1.73
N ILE A 507 -70.43 46.66 -0.60
CA ILE A 507 -71.78 47.16 -0.44
C ILE A 507 -71.81 48.67 -0.56
N TYR A 508 -70.79 49.35 -0.04
CA TYR A 508 -70.72 50.80 -0.16
C TYR A 508 -70.62 51.23 -1.62
N ALA A 509 -69.84 50.49 -2.42
CA ALA A 509 -69.72 50.81 -3.84
C ALA A 509 -71.02 50.54 -4.58
N TRP A 510 -71.76 49.50 -4.18
CA TRP A 510 -73.05 49.22 -4.80
C TRP A 510 -74.04 50.35 -4.51
N LYS A 511 -74.06 50.83 -3.26
CA LYS A 511 -74.92 51.95 -2.90
C LYS A 511 -74.61 53.18 -3.74
N ILE A 512 -73.33 53.48 -3.94
CA ILE A 512 -72.95 54.62 -4.76
C ILE A 512 -73.41 54.40 -6.21
N LEU A 513 -73.31 53.17 -6.71
CA LEU A 513 -73.74 52.88 -8.06
C LEU A 513 -75.26 52.99 -8.19
N GLN A 514 -76.00 52.52 -7.18
CA GLN A 514 -77.45 52.61 -7.23
C GLN A 514 -77.92 54.05 -7.15
N GLU A 515 -77.30 54.85 -6.28
CA GLU A 515 -77.72 56.25 -6.13
C GLU A 515 -77.52 57.03 -7.42
N HIS A 516 -76.37 56.82 -8.07
CA HIS A 516 -76.13 57.49 -9.35
C HIS A 516 -77.05 56.95 -10.44
N ALA A 517 -77.32 55.64 -10.41
CA ALA A 517 -78.26 55.06 -11.36
C ALA A 517 -79.64 55.72 -11.21
N ASP A 518 -80.09 55.92 -9.97
CA ASP A 518 -81.33 56.66 -9.75
C ASP A 518 -81.23 58.07 -10.31
N LEU A 519 -80.06 58.69 -10.21
CA LEU A 519 -79.90 60.08 -10.62
C LEU A 519 -79.89 60.20 -12.14
N ILE A 520 -79.13 59.34 -12.82
CA ILE A 520 -79.02 59.44 -14.27
C ILE A 520 -80.33 59.06 -14.93
N LEU A 521 -80.93 57.94 -14.53
CA LEU A 521 -82.15 57.47 -15.18
C LEU A 521 -83.35 58.32 -14.78
N GLY A 522 -83.32 58.94 -13.61
CA GLY A 522 -84.44 59.76 -13.18
C GLY A 522 -84.67 60.97 -14.06
N LYS A 523 -83.60 61.50 -14.65
CA LYS A 523 -83.67 62.64 -15.55
C LYS A 523 -83.19 62.24 -16.95
N PHE A 524 -83.51 61.02 -17.36
CA PHE A 524 -83.01 60.49 -18.62
C PHE A 524 -83.77 61.07 -19.80
N SER A 525 -83.03 61.35 -20.87
CA SER A 525 -83.61 61.75 -22.15
C SER A 525 -82.68 61.25 -23.25
N GLU A 526 -83.26 60.63 -24.28
CA GLU A 526 -82.45 60.08 -25.37
C GLU A 526 -81.53 61.14 -25.95
N ALA A 527 -82.00 62.38 -26.06
CA ALA A 527 -81.20 63.43 -26.68
C ALA A 527 -79.95 63.78 -25.89
N ASP A 528 -79.93 63.49 -24.59
CA ASP A 528 -78.77 63.81 -23.77
C ASP A 528 -77.61 62.86 -24.00
N PHE A 529 -77.84 61.71 -24.63
CA PHE A 529 -76.79 60.74 -24.89
C PHE A 529 -76.63 60.40 -26.37
N SER A 530 -77.49 60.90 -27.25
CA SER A 530 -77.40 60.62 -28.68
C SER A 530 -76.49 61.64 -29.38
N SER A 531 -75.25 61.71 -28.88
CA SER A 531 -74.25 62.60 -29.44
C SER A 531 -72.85 62.20 -28.97
N GLY B 17 -61.17 37.10 14.55
CA GLY B 17 -61.26 35.99 13.62
C GLY B 17 -60.12 35.93 12.63
N VAL B 18 -60.35 36.49 11.44
CA VAL B 18 -59.36 36.51 10.37
C VAL B 18 -58.79 37.92 10.29
N THR B 19 -57.49 38.05 10.51
CA THR B 19 -56.82 39.34 10.47
C THR B 19 -56.44 39.71 9.05
N ASN B 20 -56.69 40.96 8.68
CA ASN B 20 -56.39 41.41 7.33
C ASN B 20 -54.89 41.40 7.09
N PRO B 21 -54.42 40.87 5.96
CA PRO B 21 -52.97 40.83 5.70
C PRO B 21 -52.32 42.21 5.66
N LEU B 22 -53.10 43.28 5.56
CA LEU B 22 -52.57 44.64 5.53
C LEU B 22 -53.09 45.46 6.71
N ASP B 23 -53.28 44.81 7.84
CA ASP B 23 -53.81 45.50 9.02
C ASP B 23 -52.86 46.59 9.46
N PRO B 24 -53.31 47.84 9.61
CA PRO B 24 -52.38 48.92 9.95
C PRO B 24 -51.59 48.67 11.23
N GLU B 25 -52.24 48.17 12.29
CA GLU B 25 -51.53 47.98 13.55
C GLU B 25 -50.53 46.84 13.46
N GLU B 26 -50.93 45.71 12.87
CA GLU B 26 -49.98 44.63 12.65
C GLU B 26 -48.87 45.05 11.69
N PHE B 27 -49.19 45.91 10.73
CA PHE B 27 -48.15 46.47 9.87
C PHE B 27 -47.16 47.30 10.68
N ARG B 28 -47.68 48.12 11.60
CA ARG B 28 -46.80 48.95 12.42
C ARG B 28 -45.93 48.09 13.33
N ARG B 29 -46.50 47.04 13.92
CA ARG B 29 -45.74 46.22 14.86
C ARG B 29 -44.59 45.50 14.15
N GLN B 30 -44.92 44.69 13.15
CA GLN B 30 -43.88 43.96 12.42
C GLN B 30 -42.96 44.92 11.66
N GLY B 31 -43.48 46.07 11.23
CA GLY B 31 -42.63 47.04 10.55
C GLY B 31 -41.49 47.52 11.42
N HIS B 32 -41.83 48.01 12.62
CA HIS B 32 -40.78 48.41 13.56
C HIS B 32 -39.85 47.24 13.89
N MET B 33 -40.39 46.02 13.87
CA MET B 33 -39.57 44.85 14.19
C MET B 33 -38.47 44.66 13.16
N ILE B 34 -38.82 44.75 11.87
CA ILE B 34 -37.82 44.54 10.83
C ILE B 34 -36.85 45.70 10.74
N ILE B 35 -37.31 46.92 11.06
CA ILE B 35 -36.41 48.07 11.05
C ILE B 35 -35.28 47.87 12.05
N ASP B 36 -35.62 47.44 13.26
CA ASP B 36 -34.59 47.14 14.25
C ASP B 36 -33.72 45.98 13.79
N PHE B 37 -34.33 44.96 13.18
CA PHE B 37 -33.55 43.84 12.66
C PHE B 37 -32.51 44.31 11.64
N LEU B 38 -32.88 45.26 10.79
CA LEU B 38 -31.96 45.74 9.77
C LEU B 38 -30.93 46.70 10.36
N ALA B 39 -31.36 47.57 11.28
CA ALA B 39 -30.40 48.45 11.95
C ALA B 39 -29.35 47.64 12.71
N ASP B 40 -29.76 46.52 13.30
CA ASP B 40 -28.78 45.63 13.93
C ASP B 40 -27.84 45.03 12.89
N TYR B 41 -28.37 44.74 11.70
CA TYR B 41 -27.53 44.18 10.64
C TYR B 41 -26.44 45.16 10.22
N TYR B 42 -26.83 46.39 9.87
CA TYR B 42 -25.85 47.40 9.51
C TYR B 42 -24.82 47.61 10.62
N ARG B 43 -25.23 47.41 11.88
CA ARG B 43 -24.32 47.58 13.00
C ARG B 43 -23.36 46.41 13.16
N ASP B 44 -23.79 45.20 12.80
CA ASP B 44 -23.01 43.99 13.03
C ASP B 44 -22.46 43.37 11.76
N VAL B 45 -22.62 44.04 10.61
CA VAL B 45 -22.28 43.43 9.33
C VAL B 45 -20.81 43.06 9.24
N GLU B 46 -19.94 43.73 9.99
CA GLU B 46 -18.51 43.44 9.92
C GLU B 46 -18.17 42.05 10.43
N LYS B 47 -18.98 41.48 11.32
CA LYS B 47 -18.68 40.17 11.87
C LYS B 47 -18.88 39.04 10.86
N TYR B 48 -19.60 39.30 9.76
CA TYR B 48 -19.82 38.22 8.82
C TYR B 48 -18.67 38.12 7.83
N PRO B 49 -18.35 36.91 7.35
CA PRO B 49 -17.46 36.79 6.20
C PRO B 49 -18.10 37.41 4.97
N VAL B 50 -17.34 38.28 4.29
CA VAL B 50 -17.89 39.06 3.19
C VAL B 50 -18.45 38.13 2.12
N ARG B 51 -17.61 37.25 1.57
CA ARG B 51 -18.07 36.28 0.59
C ARG B 51 -18.67 35.08 1.31
N SER B 52 -19.92 34.76 0.98
CA SER B 52 -20.61 33.68 1.65
C SER B 52 -19.81 32.39 1.55
N GLN B 53 -19.86 31.58 2.62
CA GLN B 53 -19.08 30.35 2.71
C GLN B 53 -19.95 29.10 2.71
N VAL B 54 -21.21 29.22 2.31
CA VAL B 54 -22.08 28.05 2.25
C VAL B 54 -21.74 27.22 1.01
N GLU B 55 -22.17 25.97 1.03
CA GLU B 55 -21.97 25.16 -0.16
C GLU B 55 -23.23 25.18 -1.03
N PRO B 56 -23.07 25.02 -2.34
CA PRO B 56 -24.25 24.98 -3.22
C PRO B 56 -25.20 23.87 -2.80
N GLY B 57 -26.48 24.21 -2.70
CA GLY B 57 -27.49 23.27 -2.24
C GLY B 57 -27.74 23.28 -0.75
N TYR B 58 -27.16 24.24 -0.01
CA TYR B 58 -27.32 24.24 1.44
C TYR B 58 -28.73 24.60 1.87
N LEU B 59 -29.40 25.47 1.12
CA LEU B 59 -30.68 26.01 1.59
C LEU B 59 -31.84 25.07 1.33
N ARG B 60 -31.79 24.29 0.24
CA ARG B 60 -32.85 23.31 0.00
C ARG B 60 -32.82 22.21 1.04
N LYS B 61 -31.65 21.90 1.60
CA LYS B 61 -31.57 20.91 2.66
C LYS B 61 -32.24 21.40 3.94
N ARG B 62 -32.04 22.67 4.28
CA ARG B 62 -32.50 23.21 5.56
C ARG B 62 -33.97 23.63 5.53
N LEU B 63 -34.56 23.78 4.34
CA LEU B 63 -35.93 24.25 4.25
C LEU B 63 -36.88 23.11 3.89
N PRO B 64 -38.15 23.20 4.28
CA PRO B 64 -39.12 22.17 3.89
C PRO B 64 -39.29 22.11 2.38
N GLU B 65 -39.88 21.01 1.92
CA GLU B 65 -40.11 20.80 0.50
C GLU B 65 -41.41 21.44 0.00
N THR B 66 -42.31 21.79 0.90
CA THR B 66 -43.59 22.38 0.53
C THR B 66 -43.87 23.59 1.41
N ALA B 67 -44.81 24.43 0.94
CA ALA B 67 -45.22 25.57 1.73
C ALA B 67 -46.05 25.14 2.92
N PRO B 68 -45.93 25.83 4.06
CA PRO B 68 -46.73 25.46 5.23
C PRO B 68 -48.21 25.71 4.99
N TYR B 69 -49.04 24.80 5.52
CA TYR B 69 -50.49 24.96 5.43
C TYR B 69 -51.03 25.93 6.46
N ASN B 70 -50.31 26.14 7.57
CA ASN B 70 -50.74 27.05 8.62
C ASN B 70 -49.72 28.17 8.79
N PRO B 71 -50.17 29.36 9.20
CA PRO B 71 -49.25 30.51 9.27
C PRO B 71 -48.14 30.28 10.29
N GLU B 72 -47.00 30.91 10.03
CA GLU B 72 -45.87 30.94 10.94
C GLU B 72 -45.68 32.35 11.46
N SER B 73 -45.11 32.46 12.66
CA SER B 73 -44.92 33.76 13.30
C SER B 73 -43.76 34.51 12.67
N ILE B 74 -43.89 35.84 12.61
CA ILE B 74 -42.81 36.67 12.10
C ILE B 74 -41.56 36.49 12.94
N GLU B 75 -41.72 36.22 14.25
CA GLU B 75 -40.57 35.94 15.09
C GLU B 75 -39.84 34.68 14.63
N THR B 76 -40.60 33.62 14.34
CA THR B 76 -39.98 32.40 13.81
C THR B 76 -39.32 32.66 12.46
N ILE B 77 -39.98 33.43 11.60
CA ILE B 77 -39.43 33.72 10.28
C ILE B 77 -38.10 34.46 10.41
N LEU B 78 -38.10 35.55 11.18
CA LEU B 78 -36.88 36.34 11.33
C LEU B 78 -35.73 35.50 11.87
N GLN B 79 -36.01 34.55 12.74
CA GLN B 79 -34.95 33.67 13.24
C GLN B 79 -34.35 32.84 12.11
N ASP B 80 -35.20 32.35 11.20
CA ASP B 80 -34.70 31.61 10.05
C ASP B 80 -33.93 32.53 9.10
N VAL B 81 -34.27 33.81 9.06
CA VAL B 81 -33.48 34.76 8.28
C VAL B 81 -32.09 34.90 8.87
N THR B 82 -31.97 34.79 10.20
CA THR B 82 -30.66 34.91 10.84
C THR B 82 -29.83 33.63 10.63
N THR B 83 -30.46 32.47 10.79
CA THR B 83 -29.73 31.21 10.79
C THR B 83 -29.61 30.58 9.40
N GLU B 84 -30.56 30.85 8.50
CA GLU B 84 -30.59 30.19 7.20
C GLU B 84 -30.27 31.13 6.04
N ILE B 85 -30.75 32.36 6.07
CA ILE B 85 -30.58 33.27 4.94
C ILE B 85 -29.26 34.03 5.02
N ILE B 86 -28.96 34.62 6.17
CA ILE B 86 -27.78 35.48 6.32
C ILE B 86 -26.51 34.70 5.99
N PRO B 87 -26.38 33.44 6.42
CA PRO B 87 -25.22 32.65 5.99
C PRO B 87 -25.09 32.56 4.48
N GLY B 88 -26.20 32.60 3.75
CA GLY B 88 -26.16 32.50 2.30
C GLY B 88 -26.08 33.85 1.62
N LEU B 89 -25.65 34.87 2.34
CA LEU B 89 -25.51 36.22 1.81
C LEU B 89 -24.05 36.56 1.62
N THR B 90 -23.72 37.13 0.46
CA THR B 90 -22.45 37.82 0.25
C THR B 90 -22.72 39.30 0.48
N HIS B 91 -22.14 39.85 1.54
CA HIS B 91 -22.58 41.12 2.10
C HIS B 91 -22.05 42.27 1.24
N TRP B 92 -22.85 42.66 0.25
CA TRP B 92 -22.54 43.82 -0.56
C TRP B 92 -22.45 45.08 0.29
N GLN B 93 -23.20 45.15 1.39
CA GLN B 93 -23.23 46.32 2.25
C GLN B 93 -22.12 46.32 3.30
N SER B 94 -21.38 45.22 3.43
CA SER B 94 -20.29 45.19 4.39
C SER B 94 -19.25 46.25 4.03
N PRO B 95 -18.68 46.94 5.02
CA PRO B 95 -17.67 47.96 4.71
C PRO B 95 -16.39 47.39 4.12
N ASN B 96 -16.16 46.08 4.23
CA ASN B 96 -15.00 45.43 3.63
C ASN B 96 -15.37 44.66 2.37
N TYR B 97 -16.35 45.16 1.61
CA TYR B 97 -16.72 44.60 0.32
C TYR B 97 -16.19 45.53 -0.77
N TYR B 98 -15.24 45.04 -1.54
CA TYR B 98 -14.64 45.81 -2.63
C TYR B 98 -14.76 45.09 -3.97
N ALA B 99 -15.65 44.11 -4.06
CA ALA B 99 -15.77 43.29 -5.26
C ALA B 99 -16.66 43.98 -6.30
N TYR B 100 -16.61 43.43 -7.52
CA TYR B 100 -17.38 43.93 -8.66
C TYR B 100 -17.51 45.45 -8.63
N PHE B 101 -18.73 45.96 -8.49
CA PHE B 101 -18.97 47.39 -8.38
C PHE B 101 -19.90 47.64 -7.21
N PRO B 102 -19.91 48.85 -6.67
CA PRO B 102 -20.63 49.10 -5.41
C PRO B 102 -22.14 48.95 -5.56
N SER B 103 -22.74 48.28 -4.58
CA SER B 103 -24.18 48.29 -4.40
C SER B 103 -24.49 49.43 -3.45
N SER B 104 -24.39 50.65 -3.98
CA SER B 104 -24.43 51.85 -3.15
C SER B 104 -25.82 52.07 -2.57
N GLY B 105 -25.93 52.00 -1.24
CA GLY B 105 -27.17 52.25 -0.54
C GLY B 105 -27.05 53.42 0.41
N SER B 106 -28.16 53.74 1.05
CA SER B 106 -28.23 54.84 2.00
C SER B 106 -29.55 54.74 2.76
N VAL B 107 -29.64 55.53 3.84
CA VAL B 107 -30.90 55.60 4.58
C VAL B 107 -31.98 56.24 3.73
N ALA B 108 -31.66 57.33 3.04
CA ALA B 108 -32.65 58.02 2.22
C ALA B 108 -33.19 57.10 1.12
N GLY B 109 -32.28 56.42 0.40
CA GLY B 109 -32.74 55.52 -0.65
C GLY B 109 -33.63 54.41 -0.13
N PHE B 110 -33.31 53.89 1.06
CA PHE B 110 -34.13 52.84 1.65
C PHE B 110 -35.54 53.34 1.95
N LEU B 111 -35.65 54.51 2.58
CA LEU B 111 -36.97 55.04 2.93
C LEU B 111 -37.81 55.31 1.70
N GLY B 112 -37.19 55.85 0.65
CA GLY B 112 -37.94 56.12 -0.58
C GLY B 112 -38.49 54.87 -1.22
N GLU B 113 -37.78 53.74 -1.09
CA GLU B 113 -38.27 52.48 -1.63
C GLU B 113 -39.35 51.88 -0.74
N MET B 114 -39.30 52.12 0.57
CA MET B 114 -40.35 51.65 1.46
C MET B 114 -41.62 52.49 1.33
N LEU B 115 -41.46 53.81 1.15
CA LEU B 115 -42.62 54.63 0.79
C LEU B 115 -43.18 54.21 -0.56
N SER B 116 -42.30 53.83 -1.49
CA SER B 116 -42.77 53.30 -2.76
C SER B 116 -43.48 51.97 -2.57
N THR B 117 -42.94 51.11 -1.71
CA THR B 117 -43.57 49.82 -1.44
C THR B 117 -44.80 49.95 -0.55
N GLY B 118 -44.83 50.96 0.32
CA GLY B 118 -46.00 51.17 1.15
C GLY B 118 -47.18 51.67 0.35
N PHE B 119 -46.97 52.69 -0.49
CA PHE B 119 -48.02 53.16 -1.36
C PHE B 119 -48.45 52.08 -2.34
N ASN B 120 -47.48 51.38 -2.93
CA ASN B 120 -47.74 50.22 -3.78
C ASN B 120 -48.68 50.57 -4.93
N VAL B 121 -48.38 51.66 -5.61
CA VAL B 121 -49.14 52.06 -6.78
C VAL B 121 -48.44 51.54 -8.03
N VAL B 122 -49.23 51.38 -9.10
CA VAL B 122 -48.72 50.88 -10.38
C VAL B 122 -48.75 52.04 -11.37
N GLY B 123 -47.56 52.48 -11.80
CA GLY B 123 -47.46 53.60 -12.71
C GLY B 123 -47.71 53.23 -14.16
N PHE B 124 -48.82 52.52 -14.41
CA PHE B 124 -49.15 52.13 -15.78
C PHE B 124 -49.31 53.36 -16.67
N ASN B 125 -49.90 54.43 -16.13
CA ASN B 125 -50.05 55.69 -16.85
C ASN B 125 -50.05 56.83 -15.84
N TRP B 126 -50.26 58.05 -16.35
CA TRP B 126 -50.24 59.22 -15.48
C TRP B 126 -51.40 59.21 -14.50
N MET B 127 -52.57 58.71 -14.94
CA MET B 127 -53.75 58.74 -14.08
C MET B 127 -53.65 57.73 -12.94
N SER B 128 -52.94 56.62 -13.14
CA SER B 128 -52.78 55.62 -12.09
C SER B 128 -52.03 56.16 -10.87
N SER B 129 -51.37 57.31 -10.99
CA SER B 129 -50.72 58.01 -9.89
C SER B 129 -49.91 59.17 -10.46
N PRO B 130 -50.53 60.34 -10.63
CA PRO B 130 -49.80 61.47 -11.26
C PRO B 130 -48.46 61.77 -10.62
N ALA B 131 -48.33 61.62 -9.30
CA ALA B 131 -47.06 61.90 -8.65
C ALA B 131 -45.99 60.89 -9.04
N ALA B 132 -46.37 59.63 -9.29
CA ALA B 132 -45.42 58.62 -9.70
C ALA B 132 -44.81 58.91 -11.06
N THR B 133 -45.39 59.83 -11.83
CA THR B 133 -44.85 60.23 -13.13
C THR B 133 -44.15 61.58 -13.07
N GLU B 134 -44.82 62.60 -12.55
CA GLU B 134 -44.26 63.95 -12.56
C GLU B 134 -43.01 64.04 -11.70
N LEU B 135 -43.04 63.44 -10.50
CA LEU B 135 -41.87 63.46 -9.64
C LEU B 135 -40.65 62.86 -10.35
N GLU B 136 -40.86 61.84 -11.18
CA GLU B 136 -39.75 61.25 -11.91
C GLU B 136 -39.16 62.22 -12.92
N SER B 137 -40.02 62.96 -13.63
CA SER B 137 -39.54 63.93 -14.61
C SER B 137 -38.80 65.08 -13.93
N VAL B 138 -39.21 65.45 -12.71
CA VAL B 138 -38.55 66.54 -12.00
C VAL B 138 -37.16 66.12 -11.55
N VAL B 139 -37.07 64.96 -10.88
CA VAL B 139 -35.79 64.52 -10.33
C VAL B 139 -34.81 64.17 -11.46
N MET B 140 -35.31 63.70 -12.60
CA MET B 140 -34.42 63.43 -13.72
C MET B 140 -33.84 64.71 -14.29
N ASP B 141 -34.58 65.82 -14.23
CA ASP B 141 -34.02 67.11 -14.60
C ASP B 141 -33.07 67.64 -13.53
N TRP B 142 -33.42 67.43 -12.26
CA TRP B 142 -32.48 67.71 -11.18
C TRP B 142 -31.16 66.98 -11.42
N PHE B 143 -31.22 65.66 -11.50
CA PHE B 143 -30.01 64.85 -11.67
C PHE B 143 -29.27 65.22 -12.95
N GLY B 144 -30.02 65.52 -14.02
CA GLY B 144 -29.39 65.88 -15.27
C GLY B 144 -28.64 67.20 -15.20
N LYS B 145 -29.22 68.19 -14.51
CA LYS B 145 -28.54 69.47 -14.35
C LYS B 145 -27.31 69.33 -13.45
N MET B 146 -27.41 68.48 -12.42
CA MET B 146 -26.23 68.20 -11.59
C MET B 146 -25.10 67.61 -12.44
N LEU B 147 -25.45 66.74 -13.39
CA LEU B 147 -24.48 66.19 -14.33
C LEU B 147 -24.05 67.21 -15.37
N ASN B 148 -24.67 68.39 -15.39
CA ASN B 148 -24.43 69.39 -16.43
C ASN B 148 -24.63 68.78 -17.82
N LEU B 149 -25.75 68.07 -17.97
CA LEU B 149 -26.15 67.59 -19.27
C LEU B 149 -26.75 68.74 -20.09
N PRO B 150 -26.63 68.70 -21.41
CA PRO B 150 -27.24 69.75 -22.22
C PRO B 150 -28.75 69.76 -22.07
N GLU B 151 -29.37 70.88 -22.45
CA GLU B 151 -30.82 70.98 -22.41
C GLU B 151 -31.47 69.98 -23.36
N SER B 152 -30.73 69.49 -24.36
CA SER B 152 -31.26 68.50 -25.30
C SER B 152 -31.56 67.17 -24.64
N PHE B 153 -31.17 66.97 -23.38
CA PHE B 153 -31.45 65.75 -22.64
C PHE B 153 -32.47 65.94 -21.54
N LEU B 154 -33.02 67.15 -21.38
CA LEU B 154 -33.86 67.48 -20.23
C LEU B 154 -35.26 67.86 -20.70
N PHE B 155 -36.24 67.66 -19.80
CA PHE B 155 -37.58 68.16 -20.06
C PHE B 155 -37.59 69.69 -20.15
N SER B 156 -36.65 70.34 -19.46
CA SER B 156 -36.51 71.79 -19.60
C SER B 156 -36.26 72.18 -21.04
N GLY B 157 -35.48 71.36 -21.77
CA GLY B 157 -35.19 71.63 -23.17
C GLY B 157 -36.03 70.80 -24.11
N SER B 158 -35.36 70.00 -24.95
CA SER B 158 -36.03 69.19 -25.96
C SER B 158 -35.89 67.69 -25.72
N GLY B 159 -35.26 67.28 -24.63
CA GLY B 159 -35.02 65.88 -24.34
C GLY B 159 -36.00 65.31 -23.34
N GLY B 160 -35.53 64.34 -22.56
CA GLY B 160 -36.36 63.70 -21.56
C GLY B 160 -35.64 62.56 -20.87
N GLY B 161 -35.94 62.37 -19.57
CA GLY B 161 -35.30 61.33 -18.79
C GLY B 161 -36.32 60.38 -18.22
N VAL B 162 -35.93 59.10 -18.10
CA VAL B 162 -36.79 58.05 -17.58
C VAL B 162 -36.00 57.19 -16.62
N LEU B 163 -36.68 56.70 -15.59
CA LEU B 163 -36.09 55.79 -14.62
C LEU B 163 -36.43 54.35 -15.00
N GLN B 164 -35.39 53.50 -15.02
CA GLN B 164 -35.54 52.10 -15.35
C GLN B 164 -34.86 51.26 -14.28
N GLY B 165 -35.07 49.95 -14.36
CA GLY B 165 -34.50 49.04 -13.38
C GLY B 165 -32.99 48.90 -13.51
N THR B 166 -32.53 48.44 -14.66
CA THR B 166 -31.11 48.16 -14.88
C THR B 166 -30.63 48.86 -16.15
N SER B 167 -29.31 48.81 -16.36
CA SER B 167 -28.75 49.39 -17.56
C SER B 167 -29.08 48.55 -18.80
N CYS B 168 -29.05 47.22 -18.65
CA CYS B 168 -29.29 46.35 -19.81
C CYS B 168 -30.67 46.58 -20.39
N GLU B 169 -31.67 46.78 -19.54
CA GLU B 169 -33.01 47.12 -20.06
C GLU B 169 -32.98 48.49 -20.74
N ALA B 170 -32.25 49.44 -20.16
CA ALA B 170 -32.14 50.76 -20.77
C ALA B 170 -31.45 50.69 -22.13
N ILE B 171 -30.31 49.99 -22.20
CA ILE B 171 -29.62 49.83 -23.48
C ILE B 171 -30.51 49.09 -24.47
N LEU B 172 -31.27 48.11 -23.99
CA LEU B 172 -32.19 47.39 -24.87
C LEU B 172 -33.24 48.33 -25.44
N CYS B 173 -33.67 49.31 -24.65
CA CYS B 173 -34.68 50.26 -25.14
C CYS B 173 -34.10 51.18 -26.21
N THR B 174 -32.96 51.82 -25.92
CA THR B 174 -32.33 52.68 -26.91
C THR B 174 -31.95 51.89 -28.16
N LEU B 175 -31.57 50.63 -28.01
CA LEU B 175 -31.21 49.82 -29.17
C LEU B 175 -32.41 49.60 -30.08
N THR B 176 -33.52 49.10 -29.53
CA THR B 176 -34.71 48.89 -30.34
C THR B 176 -35.22 50.21 -30.92
N ALA B 177 -35.10 51.29 -30.16
CA ALA B 177 -35.48 52.59 -30.69
C ALA B 177 -34.60 53.00 -31.86
N ALA B 178 -33.29 52.72 -31.76
CA ALA B 178 -32.40 52.97 -32.89
C ALA B 178 -32.69 52.01 -34.03
N ARG B 179 -32.97 50.74 -33.72
CA ARG B 179 -33.30 49.77 -34.75
C ARG B 179 -34.56 50.16 -35.51
N ASP B 180 -35.63 50.50 -34.78
CA ASP B 180 -36.86 50.92 -35.44
C ASP B 180 -36.67 52.22 -36.22
N ARG B 181 -35.80 53.11 -35.74
CA ARG B 181 -35.57 54.36 -36.44
C ARG B 181 -34.97 54.13 -37.82
N LYS B 182 -34.08 53.13 -37.93
CA LYS B 182 -33.44 52.85 -39.21
C LYS B 182 -34.32 51.96 -40.09
N LEU B 183 -34.88 50.90 -39.51
CA LEU B 183 -35.68 49.97 -40.30
C LEU B 183 -36.95 50.63 -40.83
N ASN B 184 -37.51 51.58 -40.09
CA ASN B 184 -38.68 52.29 -40.60
C ASN B 184 -38.36 53.17 -41.80
N LYS B 185 -37.08 53.46 -42.03
CA LYS B 185 -36.68 54.22 -43.22
C LYS B 185 -36.25 53.32 -44.37
N ILE B 186 -35.68 52.15 -44.07
CA ILE B 186 -35.10 51.29 -45.10
C ILE B 186 -35.85 49.97 -45.25
N GLY B 187 -36.75 49.63 -44.36
CA GLY B 187 -37.50 48.39 -44.47
C GLY B 187 -37.08 47.40 -43.40
N ARG B 188 -38.07 46.69 -42.85
CA ARG B 188 -37.81 45.76 -41.76
C ARG B 188 -36.92 44.60 -42.20
N GLU B 189 -36.89 44.27 -43.49
CA GLU B 189 -36.16 43.10 -43.95
C GLU B 189 -34.64 43.23 -43.76
N HIS B 190 -34.14 44.42 -43.47
CA HIS B 190 -32.71 44.63 -43.31
C HIS B 190 -32.24 44.50 -41.87
N ILE B 191 -33.07 43.92 -40.98
CA ILE B 191 -32.65 43.72 -39.61
C ILE B 191 -31.40 42.84 -39.55
N GLY B 192 -31.25 41.92 -40.49
CA GLY B 192 -30.10 41.05 -40.54
C GLY B 192 -28.81 41.70 -41.00
N ARG B 193 -28.84 43.00 -41.30
CA ARG B 193 -27.64 43.73 -41.69
C ARG B 193 -27.22 44.78 -40.66
N LEU B 194 -28.05 45.04 -39.66
CA LEU B 194 -27.70 46.03 -38.64
C LEU B 194 -26.57 45.51 -37.77
N VAL B 195 -25.58 46.36 -37.51
CA VAL B 195 -24.38 46.00 -36.76
C VAL B 195 -24.33 46.84 -35.49
N VAL B 196 -24.18 46.17 -34.35
CA VAL B 196 -24.03 46.82 -33.06
C VAL B 196 -22.54 46.82 -32.71
N TYR B 197 -22.04 47.97 -32.26
CA TYR B 197 -20.62 48.17 -32.03
C TYR B 197 -20.33 48.39 -30.54
N GLY B 198 -19.20 47.85 -30.10
CA GLY B 198 -18.71 48.05 -28.75
C GLY B 198 -17.27 47.62 -28.67
N SER B 199 -16.65 47.92 -27.54
CA SER B 199 -15.29 47.48 -27.29
C SER B 199 -15.28 46.13 -26.59
N ASP B 200 -14.12 45.47 -26.63
CA ASP B 200 -13.99 44.19 -25.93
C ASP B 200 -14.00 44.35 -24.42
N GLN B 201 -14.06 45.57 -23.91
CA GLN B 201 -14.26 45.84 -22.49
C GLN B 201 -15.72 46.07 -22.14
N THR B 202 -16.61 46.10 -23.13
CA THR B 202 -18.04 46.19 -22.86
C THR B 202 -18.55 44.85 -22.34
N PHE B 203 -19.55 44.92 -21.47
CA PHE B 203 -20.04 43.72 -20.80
C PHE B 203 -21.25 43.17 -21.54
N CYS B 204 -21.97 42.23 -20.90
CA CYS B 204 -23.08 41.56 -21.55
C CYS B 204 -24.17 42.55 -21.97
N ALA B 205 -24.38 43.59 -21.18
CA ALA B 205 -25.50 44.52 -21.35
C ALA B 205 -25.73 44.90 -22.82
N LEU B 206 -24.66 45.07 -23.59
CA LEU B 206 -24.82 45.42 -24.99
C LEU B 206 -25.08 44.19 -25.84
N GLN B 207 -24.22 43.17 -25.73
CA GLN B 207 -24.43 41.94 -26.48
C GLN B 207 -25.78 41.32 -26.14
N LYS B 208 -26.15 41.33 -24.86
CA LYS B 208 -27.44 40.76 -24.45
C LYS B 208 -28.59 41.55 -25.06
N ALA B 209 -28.51 42.88 -25.04
CA ALA B 209 -29.57 43.69 -25.64
C ALA B 209 -29.68 43.41 -27.14
N ALA B 210 -28.54 43.33 -27.83
CA ALA B 210 -28.57 43.03 -29.26
C ALA B 210 -29.23 41.68 -29.52
N GLN B 211 -28.92 40.67 -28.71
CA GLN B 211 -29.53 39.37 -28.88
C GLN B 211 -31.05 39.46 -28.75
N VAL B 212 -31.54 40.06 -27.67
CA VAL B 212 -32.98 40.15 -27.44
C VAL B 212 -33.63 40.97 -28.55
N ALA B 213 -32.95 42.01 -29.03
CA ALA B 213 -33.53 42.93 -30.00
C ALA B 213 -33.55 42.39 -31.42
N GLY B 214 -33.05 41.17 -31.65
CA GLY B 214 -33.09 40.58 -32.96
C GLY B 214 -31.87 40.79 -33.82
N ILE B 215 -30.86 41.51 -33.33
CA ILE B 215 -29.63 41.67 -34.10
C ILE B 215 -28.98 40.31 -34.30
N ASN B 216 -28.40 40.12 -35.47
CA ASN B 216 -27.77 38.84 -35.78
C ASN B 216 -26.52 38.64 -34.92
N PRO B 217 -26.37 37.49 -34.26
CA PRO B 217 -25.19 37.30 -33.40
C PRO B 217 -23.87 37.52 -34.09
N LYS B 218 -23.77 37.24 -35.39
CA LYS B 218 -22.53 37.49 -36.12
C LYS B 218 -22.32 38.96 -36.43
N ASN B 219 -23.20 39.85 -35.98
CA ASN B 219 -23.08 41.27 -36.26
C ASN B 219 -22.90 42.10 -34.98
N PHE B 220 -22.53 41.45 -33.88
CA PHE B 220 -22.06 42.16 -32.69
C PHE B 220 -20.56 42.33 -32.79
N ARG B 221 -20.07 43.53 -32.51
CA ARG B 221 -18.67 43.88 -32.68
C ARG B 221 -18.08 44.28 -31.33
N ALA B 222 -17.10 43.51 -30.87
CA ALA B 222 -16.32 43.83 -29.68
C ALA B 222 -14.95 44.30 -30.18
N ILE B 223 -14.84 45.60 -30.43
CA ILE B 223 -13.65 46.14 -31.09
C ILE B 223 -12.46 46.05 -30.16
N LYS B 224 -11.33 45.57 -30.69
CA LYS B 224 -10.12 45.40 -29.90
C LYS B 224 -9.65 46.73 -29.32
N THR B 225 -9.19 46.68 -28.07
CA THR B 225 -8.60 47.82 -27.40
C THR B 225 -7.18 47.50 -26.97
N PHE B 226 -6.37 48.54 -26.81
CA PHE B 226 -4.94 48.39 -26.61
C PHE B 226 -4.49 49.05 -25.33
N LYS B 227 -3.40 48.53 -24.76
CA LYS B 227 -2.83 49.09 -23.55
C LYS B 227 -2.34 50.52 -23.77
N GLU B 228 -1.95 50.85 -25.00
CA GLU B 228 -1.46 52.19 -25.29
C GLU B 228 -2.53 53.25 -25.05
N ASN B 229 -3.80 52.87 -25.04
CA ASN B 229 -4.91 53.79 -24.79
C ASN B 229 -5.64 53.44 -23.49
N SER B 230 -4.97 52.75 -22.57
CA SER B 230 -5.61 52.28 -21.34
C SER B 230 -6.90 51.52 -21.65
N PHE B 231 -6.94 50.88 -22.81
CA PHE B 231 -8.04 50.02 -23.24
C PHE B 231 -9.32 50.79 -23.49
N GLY B 232 -9.23 52.10 -23.73
CA GLY B 232 -10.36 52.84 -24.23
C GLY B 232 -10.50 52.67 -25.73
N LEU B 233 -11.76 52.65 -26.20
CA LEU B 233 -12.02 52.39 -27.61
C LEU B 233 -11.52 53.56 -28.47
N SER B 234 -10.67 53.26 -29.44
CA SER B 234 -10.19 54.26 -30.37
C SER B 234 -11.17 54.44 -31.52
N ALA B 235 -11.57 55.68 -31.77
CA ALA B 235 -12.47 55.95 -32.89
C ALA B 235 -11.84 55.53 -34.22
N ALA B 236 -10.51 55.61 -34.32
CA ALA B 236 -9.83 55.14 -35.53
C ALA B 236 -10.04 53.65 -35.73
N THR B 237 -9.91 52.86 -34.66
CA THR B 237 -10.22 51.44 -34.74
C THR B 237 -11.69 51.21 -35.04
N LEU B 238 -12.56 52.12 -34.59
CA LEU B 238 -13.99 52.00 -34.88
C LEU B 238 -14.27 52.22 -36.36
N ARG B 239 -13.63 53.23 -36.97
CA ARG B 239 -13.89 53.52 -38.37
C ARG B 239 -13.36 52.41 -39.28
N GLU B 240 -12.23 51.80 -38.93
CA GLU B 240 -11.73 50.68 -39.72
C GLU B 240 -12.74 49.55 -39.77
N VAL B 241 -13.28 49.17 -38.61
CA VAL B 241 -14.23 48.06 -38.55
C VAL B 241 -15.49 48.40 -39.33
N ILE B 242 -15.98 49.62 -39.20
CA ILE B 242 -17.22 50.01 -39.89
C ILE B 242 -17.02 49.92 -41.40
N LEU B 243 -15.87 50.36 -41.90
CA LEU B 243 -15.60 50.24 -43.32
C LEU B 243 -15.54 48.77 -43.74
N GLU B 244 -15.01 47.92 -42.87
CA GLU B 244 -15.02 46.48 -43.16
C GLU B 244 -16.43 45.95 -43.20
N ASP B 245 -17.32 46.46 -42.34
CA ASP B 245 -18.69 45.98 -42.32
C ASP B 245 -19.47 46.53 -43.52
N ILE B 246 -19.22 47.77 -43.91
CA ILE B 246 -19.89 48.32 -45.08
C ILE B 246 -19.43 47.61 -46.34
N GLU B 247 -18.17 47.18 -46.41
CA GLU B 247 -17.71 46.41 -47.55
C GLU B 247 -18.35 45.04 -47.59
N ALA B 248 -18.68 44.47 -46.42
CA ALA B 248 -19.38 43.20 -46.36
C ALA B 248 -20.87 43.33 -46.61
N GLY B 249 -21.35 44.52 -46.96
CA GLY B 249 -22.77 44.75 -47.17
C GLY B 249 -23.58 44.97 -45.93
N LEU B 250 -22.93 45.24 -44.80
CA LEU B 250 -23.64 45.42 -43.53
C LEU B 250 -24.00 46.88 -43.31
N ILE B 251 -24.87 47.10 -42.33
CA ILE B 251 -25.39 48.44 -42.01
C ILE B 251 -24.99 48.81 -40.59
N PRO B 252 -24.11 49.80 -40.40
CA PRO B 252 -23.79 50.23 -39.04
C PRO B 252 -24.99 50.90 -38.39
N LEU B 253 -25.21 50.57 -37.11
CA LEU B 253 -26.41 51.00 -36.42
C LEU B 253 -26.13 51.70 -35.09
N PHE B 254 -25.36 51.06 -34.22
CA PHE B 254 -25.39 51.40 -32.80
C PHE B 254 -23.99 51.23 -32.21
N VAL B 255 -23.50 52.29 -31.56
CA VAL B 255 -22.21 52.26 -30.88
C VAL B 255 -22.43 52.68 -29.43
N CYS B 256 -21.77 51.99 -28.51
CA CYS B 256 -21.98 52.16 -27.07
C CYS B 256 -20.66 52.46 -26.39
N PRO B 257 -20.16 53.69 -26.49
CA PRO B 257 -18.95 54.06 -25.75
C PRO B 257 -19.20 53.99 -24.25
N THR B 258 -18.21 53.51 -23.52
CA THR B 258 -18.34 53.23 -22.09
C THR B 258 -17.39 54.11 -21.30
N VAL B 259 -17.93 54.83 -20.32
CA VAL B 259 -17.15 55.63 -19.39
C VAL B 259 -17.09 54.87 -18.07
N GLY B 260 -15.93 54.27 -17.79
CA GLY B 260 -15.77 53.46 -16.59
C GLY B 260 -16.13 52.01 -16.83
N THR B 261 -15.38 51.35 -17.71
CA THR B 261 -15.64 49.95 -18.00
C THR B 261 -15.57 49.10 -16.74
N THR B 262 -16.21 47.94 -16.79
CA THR B 262 -16.30 47.08 -15.60
C THR B 262 -14.95 46.50 -15.22
N SER B 263 -14.14 46.12 -16.22
CA SER B 263 -12.91 45.40 -15.93
C SER B 263 -11.86 46.30 -15.29
N SER B 264 -11.51 47.41 -15.95
CA SER B 264 -10.42 48.25 -15.50
C SER B 264 -10.83 49.72 -15.36
N THR B 265 -12.13 50.00 -15.35
CA THR B 265 -12.64 51.37 -15.36
C THR B 265 -11.99 52.17 -16.50
N ALA B 266 -12.06 51.60 -17.70
CA ALA B 266 -11.58 52.30 -18.88
C ALA B 266 -12.62 53.31 -19.35
N VAL B 267 -12.15 54.34 -20.06
CA VAL B 267 -13.00 55.44 -20.51
C VAL B 267 -12.85 55.57 -22.02
N ASP B 268 -13.96 55.41 -22.75
CA ASP B 268 -13.93 55.59 -24.19
C ASP B 268 -14.14 57.07 -24.53
N PRO B 269 -13.29 57.65 -25.38
CA PRO B 269 -13.50 59.05 -25.77
C PRO B 269 -14.80 59.25 -26.54
N ILE B 270 -15.77 59.92 -25.93
CA ILE B 270 -17.10 60.02 -26.52
C ILE B 270 -17.09 60.89 -27.76
N SER B 271 -16.46 62.06 -27.68
CA SER B 271 -16.52 63.01 -28.79
C SER B 271 -15.96 62.44 -30.08
N PRO B 272 -14.76 61.85 -30.12
CA PRO B 272 -14.28 61.25 -31.37
C PRO B 272 -15.18 60.13 -31.87
N ILE B 273 -15.82 59.38 -30.97
CA ILE B 273 -16.69 58.29 -31.39
C ILE B 273 -17.97 58.85 -32.01
N CYS B 274 -18.51 59.93 -31.43
CA CYS B 274 -19.69 60.57 -32.01
C CYS B 274 -19.38 61.10 -33.41
N GLU B 275 -18.21 61.70 -33.59
CA GLU B 275 -17.82 62.19 -34.90
C GLU B 275 -17.86 61.08 -35.94
N VAL B 276 -17.38 59.89 -35.58
CA VAL B 276 -17.44 58.76 -36.50
C VAL B 276 -18.88 58.30 -36.70
N ALA B 277 -19.69 58.34 -35.63
CA ALA B 277 -21.05 57.83 -35.72
C ALA B 277 -21.94 58.69 -36.61
N LYS B 278 -21.78 60.01 -36.53
CA LYS B 278 -22.62 60.89 -37.33
C LYS B 278 -22.33 60.74 -38.82
N GLU B 279 -21.06 60.51 -39.18
CA GLU B 279 -20.72 60.29 -40.59
C GLU B 279 -21.47 59.09 -41.15
N TYR B 280 -21.75 58.09 -40.33
CA TYR B 280 -22.47 56.90 -40.76
C TYR B 280 -23.86 56.81 -40.14
N GLU B 281 -24.41 57.93 -39.68
CA GLU B 281 -25.77 58.01 -39.17
C GLU B 281 -26.06 56.90 -38.17
N MET B 282 -25.25 56.85 -37.12
CA MET B 282 -25.33 55.81 -36.10
C MET B 282 -25.83 56.39 -34.79
N TRP B 283 -26.61 55.59 -34.07
CA TRP B 283 -27.03 55.95 -32.72
C TRP B 283 -25.89 55.76 -31.75
N VAL B 284 -25.70 56.74 -30.87
CA VAL B 284 -24.66 56.70 -29.85
C VAL B 284 -25.33 56.65 -28.48
N HIS B 285 -25.03 55.61 -27.71
CA HIS B 285 -25.45 55.52 -26.32
C HIS B 285 -24.22 55.50 -25.44
N VAL B 286 -24.16 56.43 -24.48
CA VAL B 286 -23.07 56.49 -23.53
C VAL B 286 -23.43 55.61 -22.34
N ASP B 287 -22.61 54.59 -22.08
CA ASP B 287 -22.81 53.68 -20.97
C ASP B 287 -21.94 54.14 -19.81
N ALA B 288 -22.55 54.73 -18.80
CA ALA B 288 -21.87 55.19 -17.59
C ALA B 288 -22.52 54.60 -16.36
N ALA B 289 -22.83 53.31 -16.41
CA ALA B 289 -23.57 52.66 -15.33
C ALA B 289 -22.96 52.97 -13.97
N TYR B 290 -21.65 52.77 -13.82
CA TYR B 290 -20.99 52.98 -12.54
C TYR B 290 -20.48 54.41 -12.38
N ALA B 291 -19.56 54.83 -13.25
CA ALA B 291 -18.82 56.07 -13.06
C ALA B 291 -19.65 57.33 -13.31
N GLY B 292 -20.78 57.22 -14.00
CA GLY B 292 -21.52 58.41 -14.38
C GLY B 292 -21.83 59.33 -13.21
N SER B 293 -22.16 58.75 -12.05
CA SER B 293 -22.57 59.56 -10.90
C SER B 293 -21.46 60.53 -10.48
N ALA B 294 -20.20 60.17 -10.71
CA ALA B 294 -19.10 61.04 -10.31
C ALA B 294 -19.05 62.34 -11.09
N CYS B 295 -19.68 62.38 -12.28
CA CYS B 295 -19.71 63.60 -13.07
C CYS B 295 -20.53 64.70 -12.42
N ILE B 296 -21.18 64.43 -11.29
CA ILE B 296 -21.78 65.51 -10.51
C ILE B 296 -20.72 66.47 -10.02
N CYS B 297 -19.52 65.95 -9.74
CA CYS B 297 -18.42 66.79 -9.31
C CYS B 297 -17.78 67.46 -10.52
N PRO B 298 -17.58 68.78 -10.51
CA PRO B 298 -17.04 69.46 -11.69
C PRO B 298 -15.70 68.91 -12.16
N GLU B 299 -14.84 68.46 -11.23
CA GLU B 299 -13.53 67.95 -11.65
C GLU B 299 -13.61 66.59 -12.33
N PHE B 300 -14.76 65.91 -12.27
CA PHE B 300 -14.97 64.66 -12.98
C PHE B 300 -15.88 64.80 -14.20
N ARG B 301 -16.52 65.97 -14.37
CA ARG B 301 -17.45 66.14 -15.47
C ARG B 301 -16.80 65.96 -16.84
N HIS B 302 -15.48 66.13 -16.93
CA HIS B 302 -14.80 65.99 -18.22
C HIS B 302 -14.86 64.59 -18.78
N PHE B 303 -15.26 63.59 -17.99
CA PHE B 303 -15.25 62.21 -18.47
C PHE B 303 -16.38 61.95 -19.46
N ILE B 304 -17.48 62.67 -19.36
CA ILE B 304 -18.59 62.54 -20.29
C ILE B 304 -18.61 63.67 -21.31
N ASP B 305 -17.49 64.37 -21.48
CA ASP B 305 -17.39 65.38 -22.53
C ASP B 305 -17.66 64.74 -23.89
N GLY B 306 -18.52 65.39 -24.68
CA GLY B 306 -18.98 64.83 -25.92
C GLY B 306 -20.37 64.20 -25.84
N VAL B 307 -20.90 64.03 -24.62
CA VAL B 307 -22.25 63.49 -24.47
C VAL B 307 -23.27 64.39 -25.15
N GLU B 308 -22.94 65.65 -25.39
CA GLU B 308 -23.84 66.55 -26.11
C GLU B 308 -24.07 66.08 -27.55
N GLU B 309 -23.18 65.25 -28.09
CA GLU B 309 -23.30 64.75 -29.45
C GLU B 309 -23.86 63.33 -29.52
N ALA B 310 -24.23 62.75 -28.39
CA ALA B 310 -24.78 61.40 -28.34
C ALA B 310 -26.30 61.44 -28.32
N ASP B 311 -26.91 60.27 -28.50
CA ASP B 311 -28.36 60.15 -28.55
C ASP B 311 -28.98 59.83 -27.20
N SER B 312 -28.29 59.05 -26.36
CA SER B 312 -28.80 58.68 -25.05
C SER B 312 -27.64 58.57 -24.08
N PHE B 313 -27.96 58.56 -22.79
CA PHE B 313 -26.97 58.50 -21.73
C PHE B 313 -27.59 57.83 -20.52
N SER B 314 -26.87 56.87 -19.94
CA SER B 314 -27.43 56.06 -18.86
C SER B 314 -26.40 55.83 -17.76
N LEU B 315 -26.87 55.81 -16.52
CA LEU B 315 -26.05 55.47 -15.37
C LEU B 315 -26.92 54.76 -14.35
N ASN B 316 -26.32 53.85 -13.60
CA ASN B 316 -27.02 53.14 -12.53
C ASN B 316 -26.82 53.89 -11.23
N ALA B 317 -27.87 54.56 -10.76
CA ALA B 317 -27.80 55.26 -9.48
C ALA B 317 -27.60 54.30 -8.31
N HIS B 318 -27.86 53.02 -8.50
CA HIS B 318 -27.71 52.03 -7.44
C HIS B 318 -26.27 51.52 -7.38
N TRP B 320 -23.45 53.81 -7.77
CA TRP B 320 -22.63 54.84 -7.14
C TRP B 320 -23.42 56.11 -6.83
N PHE B 321 -24.70 55.95 -6.46
CA PHE B 321 -25.46 57.13 -6.06
C PHE B 321 -26.48 56.85 -4.95
N PHE B 322 -26.30 55.78 -4.17
CA PHE B 322 -26.90 55.60 -2.85
C PHE B 322 -28.38 55.23 -2.86
N THR B 323 -28.99 54.98 -4.02
CA THR B 323 -30.42 54.74 -4.08
C THR B 323 -30.82 53.33 -3.66
N THR B 324 -29.85 52.40 -3.60
CA THR B 324 -30.14 50.98 -3.41
C THR B 324 -30.75 50.38 -4.67
N LEU B 325 -30.55 49.08 -4.86
CA LEU B 325 -31.03 48.40 -6.05
C LEU B 325 -32.55 48.38 -6.06
N ASP B 326 -33.15 48.79 -7.19
CA ASP B 326 -32.40 49.24 -8.36
C ASP B 326 -32.95 50.57 -8.87
N CYS B 327 -32.12 51.31 -9.61
CA CYS B 327 -32.54 52.60 -10.16
C CYS B 327 -31.61 53.07 -11.27
N CYS B 328 -32.00 52.85 -12.53
CA CYS B 328 -31.20 53.23 -13.68
C CYS B 328 -31.76 54.53 -14.26
N CYS B 329 -30.86 55.50 -14.49
CA CYS B 329 -31.24 56.81 -15.02
C CYS B 329 -30.90 56.85 -16.51
N LEU B 330 -31.92 56.94 -17.34
CA LEU B 330 -31.75 57.01 -18.79
C LEU B 330 -32.20 58.38 -19.28
N TRP B 331 -31.28 59.09 -19.93
CA TRP B 331 -31.57 60.36 -20.59
C TRP B 331 -31.48 60.18 -22.09
N VAL B 332 -32.50 60.63 -22.81
CA VAL B 332 -32.53 60.52 -24.27
C VAL B 332 -32.80 61.90 -24.86
N LYS B 333 -32.32 62.10 -26.08
CA LYS B 333 -32.56 63.35 -26.80
C LYS B 333 -33.91 63.37 -27.49
N ASP B 334 -34.40 62.20 -27.92
CA ASP B 334 -35.62 62.10 -28.71
C ASP B 334 -36.52 61.02 -28.11
N PRO B 335 -37.26 61.34 -27.06
CA PRO B 335 -38.17 60.35 -26.48
C PRO B 335 -39.16 59.77 -27.47
N SER B 336 -39.44 60.48 -28.57
CA SER B 336 -40.33 59.92 -29.58
C SER B 336 -39.76 58.66 -30.18
N ALA B 337 -38.42 58.55 -30.26
CA ALA B 337 -37.80 57.33 -30.77
C ALA B 337 -38.14 56.13 -29.90
N LEU B 338 -38.14 56.32 -28.58
CA LEU B 338 -38.56 55.24 -27.69
C LEU B 338 -40.03 54.90 -27.89
N VAL B 339 -40.88 55.92 -27.90
CA VAL B 339 -42.32 55.70 -28.03
C VAL B 339 -42.63 55.02 -29.35
N LYS B 340 -41.95 55.44 -30.43
CA LYS B 340 -42.21 54.84 -31.74
C LYS B 340 -41.90 53.35 -31.76
N ALA B 341 -40.99 52.90 -30.89
CA ALA B 341 -40.57 51.50 -30.87
C ALA B 341 -41.22 50.67 -29.78
N LEU B 342 -41.49 51.27 -28.61
CA LEU B 342 -41.94 50.49 -27.46
C LEU B 342 -43.43 50.58 -27.20
N SER B 343 -44.11 51.57 -27.73
CA SER B 343 -45.56 51.66 -27.56
C SER B 343 -46.27 50.60 -28.41
N THR B 344 -47.42 50.16 -27.94
CA THR B 344 -48.24 49.18 -28.65
C THR B 344 -49.45 49.79 -29.35
N ASN B 345 -49.74 51.06 -29.12
CA ASN B 345 -50.81 51.70 -29.86
C ASN B 345 -50.42 51.84 -31.33
N PRO B 346 -51.39 51.76 -32.25
CA PRO B 346 -51.08 51.77 -33.68
C PRO B 346 -50.02 52.78 -34.10
N GLU B 347 -49.35 52.51 -35.22
CA GLU B 347 -48.15 53.25 -35.58
C GLU B 347 -48.43 54.71 -35.92
N TYR B 348 -49.62 55.01 -36.46
CA TYR B 348 -49.89 56.38 -36.88
C TYR B 348 -50.00 57.32 -35.68
N LEU B 349 -50.68 56.89 -34.62
CA LEU B 349 -50.74 57.70 -33.41
C LEU B 349 -49.42 57.72 -32.65
N ARG B 350 -48.59 56.70 -32.84
CA ARG B 350 -47.28 56.63 -32.20
C ARG B 350 -46.43 57.85 -32.52
N VAL B 359 -49.11 65.05 -21.54
CA VAL B 359 -48.73 64.27 -20.37
C VAL B 359 -47.77 63.16 -20.77
N VAL B 360 -46.91 62.77 -19.85
CA VAL B 360 -45.87 61.79 -20.12
C VAL B 360 -46.42 60.38 -19.87
N ASP B 361 -46.23 59.50 -20.84
CA ASP B 361 -46.61 58.10 -20.75
C ASP B 361 -45.34 57.28 -20.67
N TYR B 362 -44.79 57.17 -19.46
CA TYR B 362 -43.47 56.57 -19.28
C TYR B 362 -43.44 55.11 -19.70
N LYS B 363 -44.58 54.41 -19.66
CA LYS B 363 -44.60 53.01 -20.04
C LYS B 363 -44.19 52.79 -21.50
N ASP B 364 -44.24 53.84 -22.31
CA ASP B 364 -43.79 53.77 -23.70
C ASP B 364 -42.30 54.05 -23.83
N TRP B 365 -41.61 54.35 -22.74
CA TRP B 365 -40.17 54.62 -22.76
C TRP B 365 -39.33 53.40 -22.40
N GLN B 366 -39.93 52.34 -21.87
CA GLN B 366 -39.19 51.21 -21.33
C GLN B 366 -39.96 49.92 -21.61
N ILE B 367 -39.42 48.82 -21.10
CA ILE B 367 -40.08 47.52 -21.26
C ILE B 367 -41.23 47.38 -20.28
N ALA B 368 -41.01 47.78 -19.03
CA ALA B 368 -41.99 47.52 -17.97
C ALA B 368 -43.24 48.35 -18.18
N LEU B 369 -44.40 47.67 -18.15
CA LEU B 369 -45.68 48.36 -18.10
C LEU B 369 -46.11 48.65 -16.67
N SER B 370 -45.87 47.71 -15.76
CA SER B 370 -46.16 47.88 -14.34
C SER B 370 -44.96 48.56 -13.70
N ARG B 371 -44.83 49.87 -13.95
CA ARG B 371 -43.72 50.62 -13.41
C ARG B 371 -43.87 50.81 -11.90
N ARG B 372 -42.74 50.86 -11.22
CA ARG B 372 -42.69 51.12 -9.78
C ARG B 372 -42.39 52.59 -9.53
N PHE B 373 -42.83 53.07 -8.36
CA PHE B 373 -42.60 54.45 -7.96
C PHE B 373 -41.13 54.65 -7.62
N ARG B 374 -40.26 54.52 -8.62
CA ARG B 374 -38.82 54.56 -8.38
C ARG B 374 -38.30 55.97 -8.10
N SER B 375 -39.07 57.01 -8.45
CA SER B 375 -38.58 58.38 -8.27
C SER B 375 -38.44 58.77 -6.81
N LEU B 376 -39.18 58.14 -5.90
CA LEU B 376 -39.03 58.45 -4.48
C LEU B 376 -37.62 58.17 -4.00
N LYS B 377 -37.04 57.05 -4.43
CA LYS B 377 -35.65 56.74 -4.09
C LYS B 377 -34.73 57.91 -4.44
N LEU B 378 -34.72 58.28 -5.72
CA LEU B 378 -33.83 59.35 -6.17
C LEU B 378 -34.23 60.70 -5.57
N TRP B 379 -35.51 60.90 -5.28
CA TRP B 379 -35.94 62.15 -4.67
C TRP B 379 -35.47 62.26 -3.23
N MET B 380 -35.51 61.15 -2.48
CA MET B 380 -35.06 61.17 -1.10
C MET B 380 -33.55 61.41 -1.01
N VAL B 381 -32.78 60.75 -1.86
CA VAL B 381 -31.32 60.89 -1.80
C VAL B 381 -30.91 62.32 -2.11
N LEU B 382 -31.51 62.93 -3.13
CA LEU B 382 -31.14 64.29 -3.51
C LEU B 382 -31.51 65.29 -2.43
N ARG B 383 -32.64 65.08 -1.75
CA ARG B 383 -33.06 66.02 -0.71
C ARG B 383 -32.37 65.76 0.62
N SER B 384 -32.28 64.49 1.02
CA SER B 384 -31.72 64.17 2.33
C SER B 384 -30.26 64.58 2.44
N TYR B 385 -29.50 64.48 1.34
CA TYR B 385 -28.06 64.75 1.38
C TYR B 385 -27.64 66.01 0.63
N GLY B 386 -28.42 66.46 -0.35
CA GLY B 386 -28.08 67.67 -1.09
C GLY B 386 -26.88 67.50 -2.00
N VAL B 387 -26.68 68.48 -2.88
CA VAL B 387 -25.62 68.36 -3.88
C VAL B 387 -24.24 68.40 -3.22
N THR B 388 -24.04 69.31 -2.27
CA THR B 388 -22.72 69.47 -1.67
C THR B 388 -22.25 68.19 -1.01
N ASN B 389 -23.10 67.58 -0.19
CA ASN B 389 -22.71 66.34 0.50
C ASN B 389 -22.57 65.17 -0.46
N LEU B 390 -23.40 65.13 -1.50
CA LEU B 390 -23.32 64.03 -2.45
C LEU B 390 -22.01 64.04 -3.22
N ARG B 391 -21.54 65.23 -3.61
CA ARG B 391 -20.25 65.33 -4.27
C ARG B 391 -19.13 64.81 -3.37
N ASN B 392 -19.14 65.22 -2.10
CA ASN B 392 -18.09 64.80 -1.18
C ASN B 392 -18.18 63.32 -0.86
N PHE B 393 -19.40 62.77 -0.83
CA PHE B 393 -19.54 61.32 -0.67
C PHE B 393 -18.76 60.58 -1.74
N LEU B 394 -18.98 60.96 -3.00
CA LEU B 394 -18.27 60.31 -4.10
C LEU B 394 -16.78 60.62 -4.05
N ARG B 395 -16.42 61.83 -3.66
CA ARG B 395 -15.01 62.20 -3.56
C ARG B 395 -14.30 61.40 -2.47
N SER B 396 -15.01 61.07 -1.39
CA SER B 396 -14.40 60.30 -0.31
C SER B 396 -14.03 58.89 -0.78
N HIS B 397 -14.87 58.28 -1.63
CA HIS B 397 -14.55 56.97 -2.16
C HIS B 397 -13.31 57.04 -3.06
N VAL B 398 -13.31 57.98 -4.00
CA VAL B 398 -12.15 58.15 -4.88
C VAL B 398 -10.89 58.39 -4.05
N LYS B 399 -10.99 59.23 -3.02
CA LYS B 399 -9.82 59.53 -2.20
C LYS B 399 -9.34 58.29 -1.45
N MET B 400 -10.28 57.47 -0.96
CA MET B 400 -9.87 56.23 -0.32
C MET B 400 -9.20 55.28 -1.31
N ALA B 401 -9.67 55.26 -2.55
CA ALA B 401 -8.99 54.48 -3.58
C ALA B 401 -7.63 55.09 -3.91
N LYS B 402 -7.56 56.42 -3.98
CA LYS B 402 -6.28 57.08 -4.23
C LYS B 402 -5.29 56.82 -3.11
N THR B 403 -5.78 56.65 -1.87
CA THR B 403 -4.90 56.26 -0.78
C THR B 403 -4.47 54.81 -0.93
N PHE B 404 -5.40 53.92 -1.28
CA PHE B 404 -5.04 52.53 -1.54
C PHE B 404 -4.07 52.43 -2.71
N GLU B 405 -4.22 53.30 -3.71
CA GLU B 405 -3.25 53.35 -4.80
C GLU B 405 -1.89 53.81 -4.30
N GLY B 406 -1.87 54.76 -3.36
CA GLY B 406 -0.60 55.22 -2.81
C GLY B 406 0.10 54.18 -1.97
N LEU B 407 -0.66 53.34 -1.27
CA LEU B 407 -0.05 52.27 -0.48
C LEU B 407 0.56 51.21 -1.39
N ILE B 408 -0.11 50.88 -2.49
CA ILE B 408 0.43 49.90 -3.44
C ILE B 408 1.73 50.39 -4.03
N CYS B 409 1.79 51.67 -4.43
CA CYS B 409 2.99 52.20 -5.05
C CYS B 409 4.19 52.14 -4.12
N MET B 410 3.94 52.21 -2.81
CA MET B 410 5.03 52.21 -1.83
C MET B 410 5.54 50.81 -1.50
N ASP B 411 4.85 49.77 -1.97
CA ASP B 411 5.28 48.38 -1.79
C ASP B 411 5.77 47.86 -3.13
N GLY B 412 7.09 47.74 -3.28
CA GLY B 412 7.69 47.37 -4.55
C GLY B 412 7.27 46.02 -5.09
N ARG B 413 6.59 45.20 -4.29
CA ARG B 413 6.16 43.89 -4.74
C ARG B 413 4.86 43.93 -5.54
N PHE B 414 4.20 45.08 -5.61
CA PHE B 414 2.92 45.22 -6.30
C PHE B 414 3.09 46.11 -7.52
N GLU B 415 2.01 46.25 -8.28
CA GLU B 415 2.05 46.99 -9.54
C GLU B 415 0.65 47.47 -9.88
N ILE B 416 0.51 48.78 -10.13
CA ILE B 416 -0.73 49.32 -10.67
C ILE B 416 -0.75 49.00 -12.17
N THR B 417 -1.77 48.26 -12.59
CA THR B 417 -1.82 47.74 -13.96
C THR B 417 -2.41 48.72 -14.96
N VAL B 418 -3.32 49.59 -14.52
CA VAL B 418 -3.95 50.56 -15.42
C VAL B 418 -4.23 51.84 -14.66
N PRO B 419 -4.43 52.97 -15.34
CA PRO B 419 -4.68 54.22 -14.63
C PRO B 419 -6.00 54.18 -13.86
N ARG B 420 -5.95 54.57 -12.60
CA ARG B 420 -7.17 54.71 -11.81
C ARG B 420 -7.94 55.94 -12.28
N THR B 421 -9.26 55.78 -12.45
CA THR B 421 -10.12 56.86 -12.93
C THR B 421 -11.24 57.19 -11.97
N PHE B 422 -11.99 56.19 -11.49
CA PHE B 422 -13.08 56.40 -10.55
C PHE B 422 -12.99 55.37 -9.41
N ALA B 423 -12.36 55.77 -8.31
CA ALA B 423 -12.48 55.06 -7.03
C ALA B 423 -12.23 53.56 -7.11
N MET B 424 -11.63 53.08 -8.19
CA MET B 424 -11.27 51.66 -8.30
C MET B 424 -9.83 51.56 -8.76
N VAL B 425 -9.05 50.72 -8.07
CA VAL B 425 -7.64 50.52 -8.36
C VAL B 425 -7.45 49.07 -8.81
N CYS B 426 -6.85 48.91 -9.98
CA CYS B 426 -6.47 47.59 -10.48
C CYS B 426 -4.99 47.38 -10.23
N PHE B 427 -4.63 46.24 -9.64
CA PHE B 427 -3.25 45.96 -9.30
C PHE B 427 -3.02 44.45 -9.37
N ARG B 428 -1.76 44.06 -9.23
CA ARG B 428 -1.41 42.65 -9.20
C ARG B 428 -0.10 42.48 -8.45
N LEU B 429 0.03 41.35 -7.77
CA LEU B 429 1.30 40.98 -7.14
C LEU B 429 2.28 40.51 -8.20
N LEU B 430 3.55 40.85 -8.02
CA LEU B 430 4.53 40.47 -9.03
C LEU B 430 5.39 39.30 -8.53
N PRO B 431 5.73 38.36 -9.42
CA PRO B 431 6.62 37.27 -9.01
C PRO B 431 8.03 37.78 -8.81
N PRO B 432 8.77 37.19 -7.86
CA PRO B 432 10.15 37.63 -7.57
C PRO B 432 11.15 37.16 -8.61
N GLU B 457 5.02 33.33 -20.99
CA GLU B 457 5.24 32.32 -19.97
C GLU B 457 5.36 32.96 -18.59
N ASN B 458 6.19 34.00 -18.50
CA ASN B 458 6.26 34.79 -17.28
C ASN B 458 4.89 35.38 -16.94
N LEU B 459 4.17 35.85 -17.94
CA LEU B 459 2.82 36.35 -17.73
C LEU B 459 1.89 35.23 -17.26
N VAL B 460 2.03 34.04 -17.83
CA VAL B 460 1.23 32.90 -17.38
C VAL B 460 1.50 32.60 -15.91
N LEU B 461 2.77 32.61 -15.52
CA LEU B 461 3.11 32.39 -14.12
C LEU B 461 2.55 33.51 -13.24
N ALA B 462 2.68 34.75 -13.68
CA ALA B 462 2.18 35.88 -12.89
C ALA B 462 0.67 35.78 -12.71
N ASN B 463 -0.06 35.41 -13.77
CA ASN B 463 -1.51 35.29 -13.65
C ASN B 463 -1.89 34.24 -12.63
N LYS B 464 -1.25 33.07 -12.68
CA LYS B 464 -1.52 32.04 -11.68
C LYS B 464 -1.19 32.53 -10.27
N LEU B 465 -0.08 33.26 -10.12
CA LEU B 465 0.29 33.79 -8.81
C LEU B 465 -0.83 34.66 -8.24
N ASN B 466 -1.34 35.59 -9.04
CA ASN B 466 -2.37 36.50 -8.54
C ASN B 466 -3.70 35.81 -8.35
N GLN B 467 -3.99 34.78 -9.15
CA GLN B 467 -5.22 34.02 -8.95
C GLN B 467 -5.18 33.29 -7.60
N VAL B 468 -4.09 32.56 -7.34
CA VAL B 468 -3.95 31.89 -6.06
C VAL B 468 -3.89 32.90 -4.92
N TYR B 469 -3.12 33.97 -5.11
CA TYR B 469 -3.02 35.00 -4.09
C TYR B 469 -4.38 35.60 -3.74
N LEU B 470 -5.11 36.06 -4.76
CA LEU B 470 -6.41 36.67 -4.51
C LEU B 470 -7.36 35.70 -3.82
N GLU B 471 -7.38 34.44 -4.26
CA GLU B 471 -8.34 33.50 -3.71
C GLU B 471 -8.08 33.23 -2.23
N THR B 472 -6.82 33.16 -1.82
CA THR B 472 -6.52 32.97 -0.41
C THR B 472 -6.97 34.18 0.41
N VAL B 473 -6.92 35.38 -0.17
CA VAL B 473 -7.39 36.57 0.53
C VAL B 473 -8.90 36.51 0.68
N ASN B 474 -9.61 36.17 -0.39
CA ASN B 474 -11.08 36.10 -0.32
C ASN B 474 -11.55 34.98 0.60
N ALA B 475 -10.82 33.87 0.66
CA ALA B 475 -11.25 32.73 1.45
C ALA B 475 -11.24 33.00 2.94
N THR B 476 -10.56 34.07 3.39
CA THR B 476 -10.55 34.40 4.81
C THR B 476 -11.88 34.95 5.28
N GLY B 477 -12.69 35.50 4.37
CA GLY B 477 -13.91 36.18 4.75
C GLY B 477 -13.73 37.56 5.33
N SER B 478 -12.48 38.03 5.45
CA SER B 478 -12.23 39.36 5.99
C SER B 478 -12.56 40.45 4.98
N VAL B 479 -12.17 40.25 3.71
CA VAL B 479 -12.45 41.18 2.64
C VAL B 479 -12.87 40.38 1.41
N TYR B 480 -13.30 41.10 0.38
CA TYR B 480 -13.72 40.46 -0.87
C TYR B 480 -13.32 41.34 -2.04
N MET B 481 -12.53 40.79 -2.94
CA MET B 481 -12.14 41.45 -4.18
C MET B 481 -12.29 40.48 -5.34
N THR B 482 -12.81 40.97 -6.46
CA THR B 482 -12.83 40.20 -7.69
C THR B 482 -11.71 40.70 -8.61
N HIS B 483 -11.53 40.00 -9.72
CA HIS B 483 -10.41 40.24 -10.62
C HIS B 483 -10.91 40.60 -12.01
N ALA B 484 -10.00 40.58 -12.97
CA ALA B 484 -10.29 40.75 -14.38
C ALA B 484 -9.04 40.37 -15.16
N VAL B 485 -9.24 40.08 -16.44
CA VAL B 485 -8.15 39.73 -17.35
C VAL B 485 -8.21 40.71 -18.51
N VAL B 486 -7.36 41.74 -18.46
CA VAL B 486 -7.34 42.80 -19.47
C VAL B 486 -5.97 42.75 -20.15
N GLY B 487 -5.99 42.64 -21.48
CA GLY B 487 -4.75 42.50 -22.22
C GLY B 487 -3.93 41.28 -21.82
N GLY B 488 -4.61 40.19 -21.47
CA GLY B 488 -3.94 38.98 -21.06
C GLY B 488 -3.40 38.97 -19.65
N VAL B 489 -3.49 40.10 -18.93
CA VAL B 489 -2.91 40.23 -17.60
C VAL B 489 -4.00 40.01 -16.56
N TYR B 490 -3.77 39.05 -15.66
CA TYR B 490 -4.65 38.84 -14.52
C TYR B 490 -4.38 39.91 -13.48
N MET B 491 -5.41 40.68 -13.12
CA MET B 491 -5.25 41.82 -12.23
C MET B 491 -6.39 41.85 -11.23
N ILE B 492 -6.09 42.38 -10.04
CA ILE B 492 -7.04 42.44 -8.93
C ILE B 492 -7.71 43.80 -8.92
N ARG B 493 -9.03 43.80 -8.76
CA ARG B 493 -9.82 45.03 -8.73
C ARG B 493 -10.14 45.40 -7.29
N PHE B 494 -9.85 46.64 -6.93
CA PHE B 494 -10.21 47.20 -5.62
C PHE B 494 -11.15 48.37 -5.86
N ALA B 495 -12.45 48.11 -5.78
CA ALA B 495 -13.47 49.12 -6.03
C ALA B 495 -14.03 49.59 -4.69
N VAL B 496 -13.60 50.76 -4.24
CA VAL B 496 -14.11 51.37 -3.01
C VAL B 496 -15.43 52.04 -3.33
N GLY B 497 -16.49 51.63 -2.63
CA GLY B 497 -17.81 52.18 -2.92
C GLY B 497 -18.87 51.91 -1.87
N SER B 498 -18.73 50.83 -1.11
CA SER B 498 -19.73 50.50 -0.11
C SER B 498 -19.94 51.68 0.84
N THR B 499 -21.21 51.97 1.13
CA THR B 499 -21.54 53.18 1.89
C THR B 499 -20.92 53.14 3.28
N LEU B 500 -20.86 51.98 3.90
CA LEU B 500 -20.30 51.86 5.25
C LEU B 500 -18.79 51.89 5.28
N THR B 501 -18.12 51.90 4.13
CA THR B 501 -16.67 51.82 4.09
C THR B 501 -16.05 53.13 4.55
N GLU B 502 -15.12 53.03 5.50
CA GLU B 502 -14.32 54.15 5.97
C GLU B 502 -12.85 53.88 5.71
N GLU B 503 -12.01 54.87 6.02
CA GLU B 503 -10.59 54.74 5.72
C GLU B 503 -9.94 53.59 6.49
N ARG B 504 -10.46 53.27 7.68
CA ARG B 504 -9.88 52.19 8.46
C ARG B 504 -10.09 50.84 7.79
N HIS B 505 -11.19 50.68 7.04
CA HIS B 505 -11.44 49.44 6.34
C HIS B 505 -10.49 49.27 5.16
N VAL B 506 -10.21 50.36 4.44
CA VAL B 506 -9.27 50.30 3.33
C VAL B 506 -7.86 50.00 3.82
N ILE B 507 -7.46 50.63 4.92
CA ILE B 507 -6.16 50.32 5.51
C ILE B 507 -6.14 48.89 6.02
N TYR B 508 -7.24 48.45 6.64
CA TYR B 508 -7.34 47.06 7.08
C TYR B 508 -7.21 46.10 5.90
N ALA B 509 -7.85 46.44 4.77
CA ALA B 509 -7.72 45.61 3.58
C ALA B 509 -6.27 45.59 3.08
N TRP B 510 -5.58 46.73 3.19
CA TRP B 510 -4.19 46.78 2.74
C TRP B 510 -3.30 45.91 3.61
N LYS B 511 -3.54 45.88 4.92
CA LYS B 511 -2.73 45.06 5.82
C LYS B 511 -2.86 43.58 5.47
N ILE B 512 -4.09 43.12 5.25
CA ILE B 512 -4.30 41.72 4.87
C ILE B 512 -3.62 41.42 3.54
N LEU B 513 -3.77 42.32 2.57
CA LEU B 513 -3.12 42.11 1.27
C LEU B 513 -1.61 41.99 1.43
N GLN B 514 -1.02 42.74 2.36
CA GLN B 514 0.41 42.66 2.59
C GLN B 514 0.78 41.37 3.31
N GLU B 515 0.00 40.99 4.32
CA GLU B 515 0.33 39.80 5.10
C GLU B 515 0.28 38.54 4.25
N HIS B 516 -0.74 38.43 3.38
CA HIS B 516 -0.77 37.30 2.46
C HIS B 516 0.31 37.42 1.39
N ALA B 517 0.69 38.64 1.03
CA ALA B 517 1.83 38.82 0.14
C ALA B 517 3.11 38.30 0.78
N ASP B 518 3.31 38.62 2.06
CA ASP B 518 4.45 38.05 2.79
C ASP B 518 4.37 36.54 2.85
N LEU B 519 3.15 35.99 2.85
CA LEU B 519 3.00 34.55 2.99
C LEU B 519 3.39 33.81 1.71
N ILE B 520 2.84 34.24 0.58
CA ILE B 520 3.05 33.49 -0.66
C ILE B 520 4.44 33.74 -1.24
N LEU B 521 4.93 34.98 -1.15
CA LEU B 521 6.25 35.28 -1.68
C LEU B 521 7.37 34.78 -0.76
N GLY B 522 7.12 34.70 0.54
CA GLY B 522 8.14 34.20 1.45
C GLY B 522 8.48 32.75 1.20
N LYS B 523 7.50 31.95 0.79
CA LYS B 523 7.69 30.54 0.45
C LYS B 523 7.44 30.30 -1.04
N PHE B 524 7.91 31.21 -1.87
CA PHE B 524 7.59 31.17 -3.31
C PHE B 524 8.53 30.22 -4.03
N SER B 525 7.95 29.37 -4.88
CA SER B 525 8.69 28.55 -5.83
C SER B 525 7.92 28.55 -7.13
N GLU B 526 8.57 28.96 -8.22
CA GLU B 526 7.86 29.08 -9.48
C GLU B 526 7.30 27.75 -9.98
N ALA B 527 7.76 26.63 -9.42
CA ALA B 527 7.17 25.34 -9.76
C ALA B 527 5.80 25.15 -9.12
N ASP B 528 5.49 25.91 -8.07
CA ASP B 528 4.18 25.84 -7.45
C ASP B 528 3.11 26.56 -8.27
N PHE B 529 3.52 27.42 -9.21
CA PHE B 529 2.58 28.11 -10.08
C PHE B 529 2.84 27.85 -11.56
N SER B 530 3.78 26.96 -11.89
CA SER B 530 4.05 26.57 -13.26
C SER B 530 3.18 25.41 -13.72
N SER B 531 1.98 25.27 -13.17
CA SER B 531 1.08 24.18 -13.53
C SER B 531 -0.32 24.72 -13.84
N GLY C 17 -3.99 -11.49 -34.42
CA GLY C 17 -5.04 -12.39 -33.97
C GLY C 17 -5.00 -12.64 -32.47
N VAL C 18 -4.44 -11.71 -31.72
CA VAL C 18 -4.35 -11.83 -30.28
C VAL C 18 -5.69 -11.46 -29.66
N THR C 19 -6.07 -12.17 -28.61
CA THR C 19 -7.31 -11.89 -27.90
C THR C 19 -7.05 -10.92 -26.75
N ASN C 20 -7.93 -9.94 -26.60
CA ASN C 20 -7.70 -8.84 -25.66
C ASN C 20 -7.44 -9.38 -24.26
N PRO C 21 -6.42 -8.89 -23.55
CA PRO C 21 -6.13 -9.40 -22.21
C PRO C 21 -7.26 -9.16 -21.21
N LEU C 22 -8.25 -8.35 -21.54
CA LEU C 22 -9.39 -8.09 -20.68
C LEU C 22 -10.69 -8.45 -21.39
N ASP C 23 -10.65 -9.50 -22.20
CA ASP C 23 -11.84 -9.94 -22.92
C ASP C 23 -12.89 -10.41 -21.92
N PRO C 24 -14.13 -9.90 -21.99
CA PRO C 24 -15.13 -10.28 -20.99
C PRO C 24 -15.38 -11.77 -20.91
N GLU C 25 -15.39 -12.47 -22.05
CA GLU C 25 -15.74 -13.88 -22.02
C GLU C 25 -14.61 -14.73 -21.44
N GLU C 26 -13.35 -14.40 -21.77
CA GLU C 26 -12.24 -15.09 -21.13
C GLU C 26 -12.17 -14.75 -19.65
N PHE C 27 -12.50 -13.52 -19.28
CA PHE C 27 -12.56 -13.16 -17.87
C PHE C 27 -13.61 -13.98 -17.14
N ARG C 28 -14.78 -14.16 -17.77
CA ARG C 28 -15.82 -14.96 -17.14
C ARG C 28 -15.42 -16.43 -17.07
N ARG C 29 -14.74 -16.93 -18.11
CA ARG C 29 -14.35 -18.33 -18.12
C ARG C 29 -13.33 -18.64 -17.04
N GLN C 30 -12.20 -17.93 -17.05
CA GLN C 30 -11.14 -18.18 -16.07
C GLN C 30 -11.51 -17.67 -14.69
N GLY C 31 -12.38 -16.67 -14.60
CA GLY C 31 -12.83 -16.21 -13.29
C GLY C 31 -13.55 -17.30 -12.52
N HIS C 32 -14.45 -18.02 -13.18
CA HIS C 32 -15.15 -19.12 -12.53
C HIS C 32 -14.21 -20.26 -12.18
N MET C 33 -13.13 -20.43 -12.95
CA MET C 33 -12.13 -21.45 -12.63
C MET C 33 -11.45 -21.14 -11.30
N ILE C 34 -11.00 -19.90 -11.13
CA ILE C 34 -10.29 -19.53 -9.91
C ILE C 34 -11.22 -19.62 -8.71
N ILE C 35 -12.48 -19.21 -8.87
CA ILE C 35 -13.43 -19.30 -7.77
C ILE C 35 -13.61 -20.75 -7.34
N ASP C 36 -13.74 -21.66 -8.30
CA ASP C 36 -13.83 -23.08 -7.96
C ASP C 36 -12.51 -23.59 -7.40
N PHE C 37 -11.39 -23.11 -7.93
CA PHE C 37 -10.08 -23.47 -7.38
C PHE C 37 -9.96 -23.01 -5.93
N LEU C 38 -10.39 -21.79 -5.64
CA LEU C 38 -10.29 -21.28 -4.28
C LEU C 38 -11.30 -21.96 -3.37
N ALA C 39 -12.53 -22.18 -3.86
CA ALA C 39 -13.54 -22.83 -3.04
C ALA C 39 -13.08 -24.20 -2.57
N ASP C 40 -12.53 -25.00 -3.48
CA ASP C 40 -11.97 -26.29 -3.09
C ASP C 40 -10.84 -26.13 -2.09
N TYR C 41 -10.06 -25.05 -2.20
CA TYR C 41 -8.98 -24.81 -1.25
C TYR C 41 -9.54 -24.65 0.17
N TYR C 42 -10.56 -23.82 0.32
CA TYR C 42 -11.19 -23.65 1.64
C TYR C 42 -11.77 -24.96 2.15
N ARG C 43 -12.21 -25.82 1.23
CA ARG C 43 -12.82 -27.10 1.62
C ARG C 43 -11.77 -28.11 2.05
N ASP C 44 -10.61 -28.11 1.40
CA ASP C 44 -9.56 -29.10 1.66
C ASP C 44 -8.37 -28.52 2.40
N VAL C 45 -8.49 -27.32 2.97
CA VAL C 45 -7.34 -26.67 3.58
C VAL C 45 -6.84 -27.43 4.80
N GLU C 46 -7.67 -28.27 5.41
CA GLU C 46 -7.24 -28.99 6.61
C GLU C 46 -6.17 -30.04 6.30
N LYS C 47 -6.15 -30.56 5.08
CA LYS C 47 -5.20 -31.61 4.74
C LYS C 47 -3.76 -31.11 4.64
N TYR C 48 -3.55 -29.80 4.56
CA TYR C 48 -2.18 -29.32 4.45
C TYR C 48 -1.57 -29.11 5.84
N PRO C 49 -0.26 -29.27 5.96
CA PRO C 49 0.42 -28.83 7.19
C PRO C 49 0.33 -27.31 7.31
N VAL C 50 -0.08 -26.84 8.49
CA VAL C 50 -0.31 -25.42 8.72
C VAL C 50 0.94 -24.63 8.35
N ARG C 51 2.01 -24.83 9.11
CA ARG C 51 3.29 -24.21 8.79
C ARG C 51 3.93 -24.94 7.61
N SER C 52 4.23 -24.20 6.55
CA SER C 52 4.86 -24.81 5.39
C SER C 52 6.11 -25.59 5.79
N GLN C 53 6.33 -26.71 5.12
CA GLN C 53 7.46 -27.59 5.42
C GLN C 53 8.49 -27.62 4.31
N VAL C 54 8.43 -26.69 3.37
CA VAL C 54 9.46 -26.61 2.34
C VAL C 54 10.73 -26.01 2.93
N GLU C 55 11.85 -26.19 2.21
CA GLU C 55 13.12 -25.65 2.64
C GLU C 55 13.46 -24.39 1.84
N PRO C 56 14.21 -23.47 2.43
CA PRO C 56 14.56 -22.22 1.74
C PRO C 56 15.16 -22.48 0.36
N GLY C 57 14.69 -21.73 -0.63
CA GLY C 57 15.17 -21.87 -1.99
C GLY C 57 14.50 -22.94 -2.82
N TYR C 58 13.42 -23.55 -2.31
CA TYR C 58 12.79 -24.65 -3.02
C TYR C 58 12.16 -24.18 -4.33
N LEU C 59 11.60 -22.97 -4.34
CA LEU C 59 10.79 -22.54 -5.49
C LEU C 59 11.67 -22.16 -6.68
N ARG C 60 12.84 -21.56 -6.42
CA ARG C 60 13.71 -21.18 -7.53
C ARG C 60 14.25 -22.40 -8.26
N LYS C 61 14.38 -23.53 -7.57
CA LYS C 61 14.85 -24.74 -8.24
C LYS C 61 13.77 -25.31 -9.16
N ARG C 62 12.50 -25.15 -8.80
CA ARG C 62 11.41 -25.79 -9.51
C ARG C 62 10.77 -24.90 -10.57
N LEU C 63 11.25 -23.66 -10.73
CA LEU C 63 10.71 -22.75 -11.72
C LEU C 63 11.78 -22.36 -12.73
N PRO C 64 11.39 -21.98 -13.95
CA PRO C 64 12.37 -21.54 -14.94
C PRO C 64 13.12 -20.30 -14.45
N GLU C 65 14.26 -20.03 -15.10
CA GLU C 65 15.09 -18.89 -14.74
C GLU C 65 14.73 -17.62 -15.48
N THR C 66 14.03 -17.72 -16.61
CA THR C 66 13.57 -16.56 -17.36
C THR C 66 12.07 -16.69 -17.62
N ALA C 67 11.47 -15.58 -18.01
CA ALA C 67 10.05 -15.60 -18.32
C ALA C 67 9.81 -16.31 -19.66
N PRO C 68 8.66 -16.96 -19.81
CA PRO C 68 8.37 -17.62 -21.10
C PRO C 68 8.13 -16.59 -22.19
N TYR C 69 8.58 -16.93 -23.40
CA TYR C 69 8.34 -16.08 -24.55
C TYR C 69 6.93 -16.26 -25.10
N ASN C 70 6.34 -17.44 -24.92
CA ASN C 70 5.01 -17.74 -25.42
C ASN C 70 4.03 -17.92 -24.26
N PRO C 71 2.74 -17.69 -24.50
CA PRO C 71 1.77 -17.75 -23.40
C PRO C 71 1.51 -19.18 -22.94
N GLU C 72 1.32 -19.34 -21.64
CA GLU C 72 0.94 -20.61 -21.04
C GLU C 72 -0.52 -20.57 -20.63
N SER C 73 -1.16 -21.73 -20.69
CA SER C 73 -2.60 -21.80 -20.40
C SER C 73 -2.86 -21.64 -18.92
N ILE C 74 -4.08 -21.19 -18.60
CA ILE C 74 -4.49 -21.06 -17.21
C ILE C 74 -4.61 -22.42 -16.54
N GLU C 75 -4.82 -23.49 -17.31
CA GLU C 75 -4.93 -24.82 -16.72
C GLU C 75 -3.59 -25.30 -16.18
N THR C 76 -2.51 -25.08 -16.93
CA THR C 76 -1.19 -25.49 -16.46
C THR C 76 -0.65 -24.55 -15.39
N ILE C 77 -1.05 -23.28 -15.42
CA ILE C 77 -0.65 -22.36 -14.36
C ILE C 77 -1.26 -22.79 -13.02
N LEU C 78 -2.56 -23.10 -13.03
CA LEU C 78 -3.20 -23.55 -11.79
C LEU C 78 -2.61 -24.86 -11.29
N GLN C 79 -2.16 -25.72 -12.21
CA GLN C 79 -1.49 -26.94 -11.80
C GLN C 79 -0.20 -26.63 -11.04
N ASP C 80 0.54 -25.61 -11.49
CA ASP C 80 1.74 -25.21 -10.77
C ASP C 80 1.42 -24.53 -9.46
N VAL C 81 0.28 -23.85 -9.37
CA VAL C 81 -0.16 -23.29 -8.10
C VAL C 81 -0.34 -24.38 -7.07
N THR C 82 -0.80 -25.56 -7.50
CA THR C 82 -1.06 -26.66 -6.58
C THR C 82 0.22 -27.36 -6.16
N THR C 83 1.14 -27.58 -7.10
CA THR C 83 2.32 -28.40 -6.83
C THR C 83 3.54 -27.58 -6.42
N GLU C 84 3.58 -26.29 -6.74
CA GLU C 84 4.72 -25.44 -6.42
C GLU C 84 4.42 -24.38 -5.37
N ILE C 85 3.26 -23.73 -5.44
CA ILE C 85 2.95 -22.60 -4.56
C ILE C 85 2.32 -23.07 -3.25
N ILE C 86 1.31 -23.94 -3.34
CA ILE C 86 0.59 -24.35 -2.13
C ILE C 86 1.52 -25.04 -1.13
N PRO C 87 2.44 -25.91 -1.54
CA PRO C 87 3.39 -26.47 -0.56
C PRO C 87 4.19 -25.40 0.15
N GLY C 88 4.41 -24.25 -0.49
CA GLY C 88 5.18 -23.18 0.12
C GLY C 88 4.31 -22.12 0.79
N LEU C 89 3.13 -22.52 1.25
CA LEU C 89 2.21 -21.63 1.93
C LEU C 89 2.07 -22.05 3.38
N THR C 90 2.06 -21.06 4.28
CA THR C 90 1.63 -21.25 5.65
C THR C 90 0.17 -20.81 5.72
N HIS C 91 -0.72 -21.76 6.02
CA HIS C 91 -2.15 -21.58 5.78
C HIS C 91 -2.76 -20.76 6.90
N TRP C 92 -2.70 -19.43 6.74
CA TRP C 92 -3.36 -18.53 7.68
C TRP C 92 -4.85 -18.80 7.75
N GLN C 93 -5.45 -19.22 6.63
CA GLN C 93 -6.89 -19.49 6.57
C GLN C 93 -7.25 -20.87 7.07
N SER C 94 -6.27 -21.70 7.44
CA SER C 94 -6.58 -23.01 7.99
C SER C 94 -7.23 -22.86 9.36
N PRO C 95 -8.26 -23.66 9.67
CA PRO C 95 -8.89 -23.58 11.00
C PRO C 95 -7.96 -24.00 12.13
N ASN C 96 -6.83 -24.63 11.82
CA ASN C 96 -5.85 -25.02 12.82
C ASN C 96 -4.69 -24.03 12.93
N TYR C 97 -4.89 -22.80 12.45
CA TYR C 97 -3.90 -21.74 12.53
C TYR C 97 -4.22 -20.88 13.75
N TYR C 98 -3.29 -20.82 14.71
CA TYR C 98 -3.46 -20.09 15.95
C TYR C 98 -2.23 -19.26 16.27
N ALA C 99 -1.64 -18.67 15.24
CA ALA C 99 -0.26 -18.21 15.29
C ALA C 99 -0.25 -16.69 15.55
N TYR C 100 0.55 -15.88 14.83
CA TYR C 100 0.82 -14.50 15.22
C TYR C 100 -0.46 -13.75 15.58
N PHE C 101 -1.32 -13.50 14.59
CA PHE C 101 -2.57 -12.79 14.79
C PHE C 101 -3.46 -13.04 13.57
N PRO C 102 -4.76 -13.26 13.78
CA PRO C 102 -5.60 -13.77 12.69
C PRO C 102 -5.46 -12.97 11.40
N SER C 103 -5.51 -13.70 10.28
CA SER C 103 -5.77 -13.10 8.97
C SER C 103 -7.27 -13.23 8.72
N SER C 104 -8.03 -12.35 9.37
CA SER C 104 -9.49 -12.45 9.41
C SER C 104 -10.07 -12.18 8.03
N GLY C 105 -10.57 -13.23 7.39
CA GLY C 105 -11.19 -13.10 6.10
C GLY C 105 -12.61 -13.63 6.07
N SER C 106 -13.37 -13.25 5.05
CA SER C 106 -14.74 -13.71 4.90
C SER C 106 -15.11 -13.65 3.42
N VAL C 107 -16.25 -14.28 3.09
CA VAL C 107 -16.72 -14.24 1.71
C VAL C 107 -17.05 -12.80 1.32
N ALA C 108 -17.80 -12.09 2.17
CA ALA C 108 -18.18 -10.72 1.86
C ALA C 108 -16.95 -9.84 1.66
N GLY C 109 -15.93 -10.02 2.49
CA GLY C 109 -14.71 -9.25 2.32
C GLY C 109 -13.97 -9.60 1.04
N PHE C 110 -13.88 -10.90 0.74
CA PHE C 110 -13.22 -11.33 -0.50
C PHE C 110 -13.95 -10.79 -1.72
N LEU C 111 -15.28 -10.77 -1.67
CA LEU C 111 -16.05 -10.22 -2.79
C LEU C 111 -15.79 -8.74 -2.95
N GLY C 112 -15.62 -8.01 -1.85
CA GLY C 112 -15.31 -6.60 -1.94
C GLY C 112 -14.00 -6.34 -2.67
N GLU C 113 -12.99 -7.17 -2.40
CA GLU C 113 -11.71 -7.01 -3.09
C GLU C 113 -11.79 -7.43 -4.55
N MET C 114 -12.72 -8.34 -4.87
CA MET C 114 -12.99 -8.65 -6.27
C MET C 114 -13.51 -7.43 -7.01
N LEU C 115 -14.61 -6.86 -6.51
CA LEU C 115 -15.19 -5.69 -7.16
C LEU C 115 -14.22 -4.52 -7.22
N SER C 116 -13.39 -4.35 -6.18
CA SER C 116 -12.39 -3.29 -6.20
C SER C 116 -11.32 -3.58 -7.25
N THR C 117 -10.86 -4.82 -7.34
CA THR C 117 -9.88 -5.18 -8.36
C THR C 117 -10.50 -5.19 -9.75
N GLY C 118 -11.79 -5.57 -9.86
CA GLY C 118 -12.43 -5.56 -11.15
C GLY C 118 -12.63 -4.16 -11.70
N PHE C 119 -13.22 -3.28 -10.89
CA PHE C 119 -13.39 -1.89 -11.31
C PHE C 119 -12.04 -1.25 -11.61
N ASN C 120 -11.02 -1.57 -10.81
CA ASN C 120 -9.64 -1.13 -11.04
C ASN C 120 -9.57 0.37 -11.29
N VAL C 121 -10.27 1.13 -10.46
CA VAL C 121 -10.17 2.59 -10.50
C VAL C 121 -9.08 3.03 -9.53
N VAL C 122 -8.52 4.21 -9.78
CA VAL C 122 -7.49 4.79 -8.93
C VAL C 122 -8.10 5.97 -8.19
N GLY C 123 -8.15 5.87 -6.86
CA GLY C 123 -8.70 6.93 -6.05
C GLY C 123 -7.71 8.05 -5.79
N PHE C 124 -7.05 8.51 -6.85
CA PHE C 124 -6.08 9.59 -6.70
C PHE C 124 -6.73 10.84 -6.13
N ASN C 125 -7.97 11.13 -6.54
CA ASN C 125 -8.74 12.23 -6.00
C ASN C 125 -10.22 11.86 -6.07
N TRP C 126 -11.08 12.81 -5.70
CA TRP C 126 -12.52 12.54 -5.69
C TRP C 126 -13.05 12.34 -7.11
N MET C 127 -12.53 13.12 -8.08
CA MET C 127 -13.04 13.03 -9.44
C MET C 127 -12.66 11.72 -10.11
N SER C 128 -11.51 11.15 -9.78
CA SER C 128 -11.09 9.89 -10.39
C SER C 128 -12.04 8.75 -10.08
N SER C 129 -12.93 8.92 -9.09
CA SER C 129 -13.96 7.95 -8.74
C SER C 129 -14.65 8.41 -7.47
N PRO C 130 -15.70 9.24 -7.57
CA PRO C 130 -16.35 9.76 -6.37
C PRO C 130 -16.74 8.69 -5.35
N ALA C 131 -17.30 7.57 -5.82
CA ALA C 131 -17.74 6.54 -4.89
C ALA C 131 -16.55 5.87 -4.20
N ALA C 132 -15.38 5.88 -4.83
CA ALA C 132 -14.19 5.33 -4.21
C ALA C 132 -13.77 6.14 -2.99
N THR C 133 -14.21 7.40 -2.89
CA THR C 133 -13.92 8.27 -1.75
C THR C 133 -15.10 8.41 -0.81
N GLU C 134 -16.28 8.74 -1.34
CA GLU C 134 -17.43 9.00 -0.49
C GLU C 134 -17.80 7.76 0.32
N LEU C 135 -17.80 6.59 -0.31
CA LEU C 135 -18.12 5.36 0.42
C LEU C 135 -17.15 5.15 1.59
N GLU C 136 -15.89 5.52 1.42
CA GLU C 136 -14.92 5.33 2.50
C GLU C 136 -15.28 6.16 3.71
N SER C 137 -15.70 7.42 3.50
CA SER C 137 -16.12 8.25 4.62
C SER C 137 -17.35 7.67 5.31
N VAL C 138 -18.31 7.17 4.52
CA VAL C 138 -19.55 6.66 5.10
C VAL C 138 -19.25 5.43 5.95
N VAL C 139 -18.49 4.47 5.41
CA VAL C 139 -18.21 3.25 6.14
C VAL C 139 -17.35 3.54 7.37
N MET C 140 -16.44 4.50 7.29
CA MET C 140 -15.65 4.86 8.47
C MET C 140 -16.52 5.47 9.55
N ASP C 141 -17.58 6.19 9.17
CA ASP C 141 -18.54 6.67 10.17
C ASP C 141 -19.37 5.51 10.71
N TRP C 142 -19.71 4.53 9.86
CA TRP C 142 -20.38 3.33 10.34
C TRP C 142 -19.54 2.61 11.37
N PHE C 143 -18.28 2.29 11.02
CA PHE C 143 -17.42 1.55 11.94
C PHE C 143 -17.11 2.36 13.19
N GLY C 144 -16.97 3.68 13.05
CA GLY C 144 -16.71 4.52 14.21
C GLY C 144 -17.88 4.52 15.19
N LYS C 145 -19.10 4.63 14.66
CA LYS C 145 -20.27 4.58 15.53
C LYS C 145 -20.45 3.20 16.15
N MET C 146 -20.13 2.15 15.40
CA MET C 146 -20.19 0.80 15.98
C MET C 146 -19.20 0.66 17.13
N LEU C 147 -18.04 1.29 17.02
CA LEU C 147 -17.07 1.33 18.10
C LEU C 147 -17.42 2.37 19.17
N ASN C 148 -18.53 3.07 19.01
CA ASN C 148 -18.92 4.16 19.90
C ASN C 148 -17.77 5.13 20.13
N LEU C 149 -17.10 5.49 19.05
CA LEU C 149 -16.11 6.56 19.12
C LEU C 149 -16.81 7.89 19.31
N PRO C 150 -16.22 8.81 20.06
CA PRO C 150 -16.82 10.15 20.19
C PRO C 150 -16.98 10.80 18.81
N GLU C 151 -17.90 11.76 18.75
CA GLU C 151 -18.18 12.42 17.48
C GLU C 151 -17.01 13.22 16.95
N SER C 152 -15.99 13.49 17.76
CA SER C 152 -14.81 14.22 17.30
C SER C 152 -13.95 13.40 16.34
N PHE C 153 -14.20 12.10 16.23
CA PHE C 153 -13.49 11.23 15.30
C PHE C 153 -14.29 10.95 14.03
N LEU C 154 -15.50 11.51 13.92
CA LEU C 154 -16.41 11.17 12.84
C LEU C 154 -16.58 12.35 11.88
N PHE C 155 -16.95 12.03 10.63
CA PHE C 155 -17.23 13.08 9.65
C PHE C 155 -18.49 13.86 10.03
N SER C 156 -19.47 13.20 10.63
CA SER C 156 -20.64 13.90 11.14
C SER C 156 -20.30 14.81 12.32
N GLY C 157 -19.05 14.79 12.78
CA GLY C 157 -18.61 15.68 13.83
C GLY C 157 -17.46 16.58 13.39
N SER C 158 -16.36 16.55 14.13
CA SER C 158 -15.22 17.41 13.86
C SER C 158 -14.06 16.68 13.17
N GLY C 159 -14.01 15.35 13.25
CA GLY C 159 -12.90 14.61 12.69
C GLY C 159 -13.22 13.84 11.43
N GLY C 160 -12.55 12.71 11.22
CA GLY C 160 -12.76 11.91 10.03
C GLY C 160 -11.93 10.65 10.11
N GLY C 161 -12.23 9.74 9.18
CA GLY C 161 -11.54 8.47 9.12
C GLY C 161 -11.05 8.18 7.72
N VAL C 162 -9.97 7.40 7.64
CA VAL C 162 -9.32 7.06 6.38
C VAL C 162 -8.89 5.60 6.43
N LEU C 163 -9.06 4.90 5.32
CA LEU C 163 -8.63 3.51 5.19
C LEU C 163 -7.22 3.48 4.61
N GLN C 164 -6.30 2.85 5.33
CA GLN C 164 -4.94 2.65 4.86
C GLN C 164 -4.62 1.16 4.85
N GLY C 165 -3.49 0.82 4.22
CA GLY C 165 -3.08 -0.56 4.10
C GLY C 165 -2.82 -1.23 5.44
N THR C 166 -1.80 -0.76 6.15
CA THR C 166 -1.37 -1.36 7.40
C THR C 166 -1.37 -0.31 8.51
N SER C 167 -1.20 -0.78 9.74
CA SER C 167 -1.17 0.13 10.89
C SER C 167 0.14 0.88 11.00
N CYS C 168 1.26 0.26 10.61
CA CYS C 168 2.53 0.98 10.63
C CYS C 168 2.50 2.17 9.70
N GLU C 169 1.82 2.04 8.56
CA GLU C 169 1.62 3.19 7.68
C GLU C 169 0.77 4.26 8.36
N ALA C 170 -0.33 3.85 8.98
CA ALA C 170 -1.18 4.80 9.69
C ALA C 170 -0.43 5.46 10.84
N ILE C 171 0.35 4.68 11.59
CA ILE C 171 1.13 5.25 12.68
C ILE C 171 2.16 6.23 12.15
N LEU C 172 2.80 5.88 11.03
CA LEU C 172 3.75 6.79 10.41
C LEU C 172 3.07 8.08 9.98
N CYS C 173 1.92 7.96 9.30
CA CYS C 173 1.17 9.15 8.91
C CYS C 173 0.81 10.00 10.11
N THR C 174 0.35 9.35 11.19
CA THR C 174 -0.01 10.09 12.40
C THR C 174 1.22 10.70 13.05
N LEU C 175 2.36 9.99 13.02
CA LEU C 175 3.56 10.50 13.66
C LEU C 175 4.09 11.73 12.94
N THR C 176 4.22 11.66 11.61
CA THR C 176 4.70 12.82 10.86
C THR C 176 3.75 14.00 11.01
N ALA C 177 2.45 13.73 11.16
CA ALA C 177 1.51 14.82 11.44
C ALA C 177 1.83 15.48 12.77
N ALA C 178 2.09 14.68 13.80
CA ALA C 178 2.48 15.23 15.10
C ALA C 178 3.83 15.93 15.01
N ARG C 179 4.77 15.36 14.25
CA ARG C 179 6.09 15.96 14.13
C ARG C 179 6.01 17.35 13.49
N ASP C 180 5.26 17.47 12.39
CA ASP C 180 5.14 18.76 11.73
C ASP C 180 4.39 19.76 12.61
N ARG C 181 3.34 19.31 13.30
CA ARG C 181 2.63 20.21 14.20
C ARG C 181 3.56 20.83 15.22
N LYS C 182 4.53 20.06 15.71
CA LYS C 182 5.52 20.60 16.64
C LYS C 182 6.58 21.42 15.93
N LEU C 183 7.15 20.86 14.85
CA LEU C 183 8.24 21.54 14.15
C LEU C 183 7.77 22.78 13.40
N ASN C 184 6.48 22.90 13.12
CA ASN C 184 5.96 24.10 12.47
C ASN C 184 5.83 25.27 13.44
N LYS C 185 5.91 25.04 14.75
CA LYS C 185 5.85 26.09 15.75
C LYS C 185 7.23 26.45 16.30
N ILE C 186 8.05 25.45 16.63
CA ILE C 186 9.34 25.70 17.25
C ILE C 186 10.49 25.77 16.25
N GLY C 187 10.29 25.28 15.03
CA GLY C 187 11.34 25.34 14.03
C GLY C 187 11.77 23.95 13.62
N ARG C 188 11.97 23.77 12.31
CA ARG C 188 12.31 22.46 11.79
C ARG C 188 13.66 21.95 12.30
N GLU C 189 14.54 22.84 12.75
CA GLU C 189 15.87 22.43 13.19
C GLU C 189 15.84 21.63 14.48
N HIS C 190 14.68 21.47 15.12
CA HIS C 190 14.56 20.75 16.38
C HIS C 190 14.13 19.31 16.19
N ILE C 191 14.13 18.79 14.96
CA ILE C 191 13.74 17.41 14.72
C ILE C 191 14.62 16.45 15.52
N GLY C 192 15.87 16.83 15.77
CA GLY C 192 16.79 15.96 16.48
C GLY C 192 16.51 15.80 17.96
N ARG C 193 15.56 16.57 18.51
CA ARG C 193 15.24 16.50 19.93
C ARG C 193 13.89 15.85 20.22
N LEU C 194 13.11 15.52 19.19
CA LEU C 194 11.79 14.96 19.41
C LEU C 194 11.89 13.52 19.88
N VAL C 195 11.11 13.17 20.90
CA VAL C 195 11.10 11.84 21.47
C VAL C 195 9.78 11.16 21.11
N VAL C 196 9.83 9.85 20.93
CA VAL C 196 8.67 9.03 20.65
C VAL C 196 8.57 7.95 21.71
N TYR C 197 7.44 7.88 22.40
CA TYR C 197 7.29 7.04 23.57
C TYR C 197 6.38 5.84 23.30
N GLY C 198 6.80 4.68 23.76
CA GLY C 198 6.00 3.47 23.75
C GLY C 198 6.38 2.61 24.93
N SER C 199 5.86 1.40 25.00
CA SER C 199 6.25 0.44 26.03
C SER C 199 7.17 -0.62 25.44
N ASP C 200 7.73 -1.44 26.32
CA ASP C 200 8.55 -2.54 25.84
C ASP C 200 7.73 -3.67 25.23
N GLN C 201 6.43 -3.41 25.01
CA GLN C 201 5.56 -4.34 24.32
C GLN C 201 5.05 -3.84 22.97
N THR C 202 5.11 -2.54 22.71
CA THR C 202 4.82 -2.03 21.37
C THR C 202 5.89 -2.53 20.40
N PHE C 203 5.50 -2.69 19.14
CA PHE C 203 6.29 -3.47 18.21
C PHE C 203 6.97 -2.58 17.17
N CYS C 204 7.27 -3.17 16.01
CA CYS C 204 8.08 -2.49 15.01
C CYS C 204 7.39 -1.22 14.49
N ALA C 205 6.06 -1.19 14.51
CA ALA C 205 5.34 -0.06 13.91
C ALA C 205 5.81 1.27 14.47
N LEU C 206 5.81 1.41 15.80
CA LEU C 206 6.23 2.67 16.40
C LEU C 206 7.71 2.95 16.13
N GLN C 207 8.55 1.92 16.29
CA GLN C 207 9.96 2.08 15.99
C GLN C 207 10.17 2.38 14.51
N LYS C 208 9.66 1.51 13.64
CA LYS C 208 9.88 1.68 12.21
C LYS C 208 9.35 3.02 11.72
N ALA C 209 8.19 3.45 12.25
CA ALA C 209 7.66 4.75 11.86
C ALA C 209 8.58 5.88 12.32
N ALA C 210 9.11 5.78 13.54
CA ALA C 210 9.99 6.83 14.04
C ALA C 210 11.27 6.91 13.22
N GLN C 211 11.78 5.77 12.75
CA GLN C 211 12.98 5.78 11.94
C GLN C 211 12.74 6.45 10.58
N VAL C 212 11.61 6.15 9.94
CA VAL C 212 11.31 6.74 8.65
C VAL C 212 11.04 8.23 8.78
N ALA C 213 10.26 8.62 9.80
CA ALA C 213 9.85 10.01 9.97
C ALA C 213 10.97 10.95 10.37
N GLY C 214 12.20 10.47 10.51
CA GLY C 214 13.31 11.34 10.87
C GLY C 214 13.55 11.49 12.35
N ILE C 215 12.89 10.68 13.19
CA ILE C 215 13.15 10.72 14.62
C ILE C 215 14.51 10.09 14.90
N ASN C 216 15.28 10.71 15.78
CA ASN C 216 16.60 10.20 16.09
C ASN C 216 16.48 8.85 16.80
N PRO C 217 17.20 7.82 16.36
CA PRO C 217 17.09 6.51 17.02
C PRO C 217 17.41 6.55 18.51
N LYS C 218 18.17 7.55 18.96
CA LYS C 218 18.45 7.68 20.39
C LYS C 218 17.25 8.17 21.18
N ASN C 219 16.21 8.69 20.50
CA ASN C 219 15.06 9.28 21.17
C ASN C 219 13.79 8.43 20.99
N PHE C 220 13.94 7.11 20.92
CA PHE C 220 12.81 6.19 20.95
C PHE C 220 12.79 5.50 22.30
N ARG C 221 11.67 5.61 23.01
CA ARG C 221 11.54 5.09 24.36
C ARG C 221 10.64 3.87 24.35
N ALA C 222 11.18 2.74 24.83
CA ALA C 222 10.42 1.51 25.05
C ALA C 222 10.35 1.33 26.57
N ILE C 223 9.34 1.92 27.18
CA ILE C 223 9.26 1.97 28.64
C ILE C 223 8.99 0.57 29.19
N LYS C 224 9.71 0.22 30.24
CA LYS C 224 9.57 -1.10 30.85
C LYS C 224 8.20 -1.26 31.49
N THR C 225 7.59 -2.42 31.27
CA THR C 225 6.34 -2.80 31.91
C THR C 225 6.58 -3.97 32.85
N PHE C 226 5.67 -4.15 33.80
CA PHE C 226 5.87 -5.11 34.88
C PHE C 226 4.71 -6.11 34.93
N LYS C 227 5.03 -7.32 35.40
CA LYS C 227 4.01 -8.34 35.57
C LYS C 227 2.91 -7.88 36.51
N GLU C 228 3.21 -6.95 37.42
CA GLU C 228 2.22 -6.46 38.36
C GLU C 228 1.10 -5.69 37.68
N ASN C 229 1.33 -5.18 36.47
CA ASN C 229 0.30 -4.52 35.69
C ASN C 229 -0.10 -5.35 34.47
N SER C 230 0.23 -6.64 34.46
CA SER C 230 0.03 -7.49 33.29
C SER C 230 0.75 -6.90 32.08
N PHE C 231 1.84 -6.18 32.33
CA PHE C 231 2.68 -5.59 31.29
C PHE C 231 1.94 -4.50 30.53
N GLY C 232 1.01 -3.82 31.19
CA GLY C 232 0.41 -2.61 30.65
C GLY C 232 1.22 -1.40 31.10
N LEU C 233 1.43 -0.48 30.16
CA LEU C 233 2.29 0.66 30.43
C LEU C 233 1.72 1.50 31.58
N SER C 234 2.55 1.73 32.59
CA SER C 234 2.16 2.57 33.72
C SER C 234 2.30 4.04 33.35
N ALA C 235 1.23 4.81 33.60
CA ALA C 235 1.29 6.24 33.33
C ALA C 235 2.28 6.94 34.23
N ALA C 236 2.47 6.44 35.47
CA ALA C 236 3.45 7.03 36.36
C ALA C 236 4.87 6.82 35.84
N THR C 237 5.19 5.61 35.39
CA THR C 237 6.50 5.36 34.82
C THR C 237 6.71 6.16 33.54
N LEU C 238 5.65 6.37 32.76
CA LEU C 238 5.75 7.20 31.57
C LEU C 238 6.15 8.63 31.93
N ARG C 239 5.47 9.22 32.91
CA ARG C 239 5.79 10.58 33.31
C ARG C 239 7.22 10.70 33.80
N GLU C 240 7.72 9.67 34.50
CA GLU C 240 9.10 9.71 34.97
C GLU C 240 10.07 9.76 33.80
N VAL C 241 9.81 8.96 32.76
CA VAL C 241 10.69 8.97 31.58
C VAL C 241 10.65 10.33 30.90
N ILE C 242 9.47 10.95 30.84
CA ILE C 242 9.34 12.25 30.19
C ILE C 242 10.17 13.30 30.91
N LEU C 243 10.07 13.32 32.25
CA LEU C 243 10.78 14.34 33.02
C LEU C 243 12.29 14.20 32.87
N GLU C 244 12.80 12.97 32.74
CA GLU C 244 14.21 12.80 32.42
C GLU C 244 14.53 13.41 31.07
N ASP C 245 13.68 13.16 30.07
CA ASP C 245 13.93 13.69 28.73
C ASP C 245 13.86 15.21 28.72
N ILE C 246 12.87 15.78 29.42
CA ILE C 246 12.75 17.24 29.48
C ILE C 246 13.95 17.84 30.20
N GLU C 247 14.44 17.15 31.24
CA GLU C 247 15.64 17.63 31.94
C GLU C 247 16.87 17.58 31.03
N ALA C 248 16.92 16.61 30.13
CA ALA C 248 18.02 16.49 29.18
C ALA C 248 17.89 17.42 27.99
N GLY C 249 16.91 18.33 28.01
CA GLY C 249 16.71 19.23 26.90
C GLY C 249 16.01 18.62 25.70
N LEU C 250 15.27 17.54 25.89
CA LEU C 250 14.55 16.87 24.82
C LEU C 250 13.09 17.32 24.79
N ILE C 251 12.42 17.00 23.70
CA ILE C 251 11.03 17.41 23.49
C ILE C 251 10.15 16.17 23.35
N PRO C 252 9.37 15.81 24.37
CA PRO C 252 8.38 14.75 24.18
C PRO C 252 7.37 15.14 23.11
N LEU C 253 7.10 14.21 22.21
CA LEU C 253 6.30 14.48 21.01
C LEU C 253 5.11 13.55 20.86
N PHE C 254 5.29 12.25 21.08
CA PHE C 254 4.34 11.25 20.61
C PHE C 254 4.33 10.08 21.57
N VAL C 255 3.13 9.67 21.99
CA VAL C 255 2.95 8.49 22.83
C VAL C 255 1.90 7.61 22.17
N CYS C 256 2.15 6.29 22.19
CA CYS C 256 1.33 5.32 21.46
C CYS C 256 0.93 4.18 22.38
N PRO C 257 -0.12 4.34 23.17
CA PRO C 257 -0.62 3.23 23.98
C PRO C 257 -1.28 2.17 23.11
N THR C 258 -1.16 0.92 23.53
CA THR C 258 -1.61 -0.23 22.75
C THR C 258 -2.68 -0.99 23.51
N VAL C 259 -3.80 -1.25 22.85
CA VAL C 259 -4.86 -2.10 23.38
C VAL C 259 -4.73 -3.44 22.67
N GLY C 260 -4.19 -4.43 23.37
CA GLY C 260 -3.99 -5.74 22.79
C GLY C 260 -2.62 -5.88 22.16
N THR C 261 -1.58 -5.88 22.98
CA THR C 261 -0.22 -6.02 22.47
C THR C 261 -0.05 -7.36 21.77
N THR C 262 1.02 -7.46 20.99
CA THR C 262 1.24 -8.64 20.15
C THR C 262 1.67 -9.84 21.00
N SER C 263 2.49 -9.63 22.01
CA SER C 263 3.09 -10.73 22.76
C SER C 263 2.09 -11.39 23.70
N SER C 264 1.54 -10.61 24.64
CA SER C 264 0.64 -11.15 25.66
C SER C 264 -0.71 -10.44 25.67
N THR C 265 -1.11 -9.85 24.55
CA THR C 265 -2.35 -9.08 24.43
C THR C 265 -2.60 -8.24 25.68
N ALA C 266 -1.55 -7.54 26.11
CA ALA C 266 -1.67 -6.61 27.21
C ALA C 266 -2.48 -5.39 26.79
N VAL C 267 -2.89 -4.59 27.77
CA VAL C 267 -3.73 -3.42 27.54
C VAL C 267 -3.16 -2.25 28.32
N ASP C 268 -2.98 -1.11 27.64
CA ASP C 268 -2.47 0.10 28.26
C ASP C 268 -3.62 1.01 28.65
N PRO C 269 -3.64 1.55 29.86
CA PRO C 269 -4.73 2.46 30.26
C PRO C 269 -4.62 3.78 29.52
N ILE C 270 -5.65 4.08 28.73
CA ILE C 270 -5.60 5.23 27.83
C ILE C 270 -5.80 6.53 28.60
N SER C 271 -6.77 6.56 29.52
CA SER C 271 -7.07 7.81 30.22
C SER C 271 -5.87 8.33 31.02
N PRO C 272 -5.19 7.53 31.83
CA PRO C 272 -4.02 8.05 32.56
C PRO C 272 -2.91 8.49 31.64
N ILE C 273 -2.73 7.84 30.49
CA ILE C 273 -1.65 8.21 29.58
C ILE C 273 -1.97 9.53 28.90
N CYS C 274 -3.25 9.76 28.56
CA CYS C 274 -3.63 11.04 27.98
C CYS C 274 -3.45 12.17 28.98
N GLU C 275 -3.72 11.92 30.26
CA GLU C 275 -3.47 12.93 31.27
C GLU C 275 -2.02 13.38 31.26
N VAL C 276 -1.09 12.41 31.29
CA VAL C 276 0.32 12.75 31.22
C VAL C 276 0.66 13.44 29.91
N ALA C 277 0.04 12.99 28.81
CA ALA C 277 0.37 13.54 27.50
C ALA C 277 -0.14 14.96 27.34
N LYS C 278 -1.37 15.23 27.76
CA LYS C 278 -1.93 16.57 27.57
C LYS C 278 -1.18 17.62 28.37
N GLU C 279 -0.54 17.23 29.47
CA GLU C 279 0.25 18.18 30.24
C GLU C 279 1.48 18.64 29.45
N TYR C 280 2.18 17.70 28.82
CA TYR C 280 3.38 18.00 28.06
C TYR C 280 3.11 18.13 26.56
N GLU C 281 1.87 18.41 26.18
CA GLU C 281 1.50 18.68 24.79
C GLU C 281 2.00 17.57 23.86
N MET C 282 1.52 16.36 24.11
CA MET C 282 1.93 15.18 23.37
C MET C 282 0.77 14.61 22.57
N TRP C 283 1.06 14.21 21.34
CA TRP C 283 0.09 13.49 20.53
C TRP C 283 -0.07 12.08 21.05
N VAL C 284 -1.31 11.62 21.14
CA VAL C 284 -1.63 10.28 21.61
C VAL C 284 -2.29 9.51 20.49
N HIS C 285 -1.70 8.39 20.09
CA HIS C 285 -2.26 7.49 19.10
C HIS C 285 -2.57 6.16 19.77
N VAL C 286 -3.84 5.76 19.74
CA VAL C 286 -4.26 4.49 20.31
C VAL C 286 -4.13 3.42 19.22
N ASP C 287 -3.22 2.47 19.46
CA ASP C 287 -2.95 1.38 18.52
C ASP C 287 -3.72 0.15 18.98
N ALA C 288 -4.88 -0.08 18.38
CA ALA C 288 -5.68 -1.27 18.67
C ALA C 288 -5.79 -2.13 17.41
N ALA C 289 -4.64 -2.46 16.82
CA ALA C 289 -4.62 -3.17 15.54
C ALA C 289 -5.52 -4.40 15.58
N TYR C 290 -5.28 -5.30 16.54
CA TYR C 290 -6.04 -6.55 16.62
C TYR C 290 -7.31 -6.39 17.47
N ALA C 291 -7.15 -6.00 18.74
CA ALA C 291 -8.28 -6.02 19.67
C ALA C 291 -9.31 -4.93 19.40
N GLY C 292 -8.96 -3.93 18.60
CA GLY C 292 -9.89 -2.81 18.40
C GLY C 292 -11.25 -3.26 17.92
N SER C 293 -11.30 -4.24 17.02
CA SER C 293 -12.57 -4.67 16.44
C SER C 293 -13.53 -5.18 17.51
N ALA C 294 -13.01 -5.79 18.58
CA ALA C 294 -13.86 -6.33 19.63
C ALA C 294 -14.63 -5.25 20.39
N CYS C 295 -14.25 -3.99 20.24
CA CYS C 295 -14.90 -2.91 20.97
C CYS C 295 -16.25 -2.50 20.39
N ILE C 296 -16.71 -3.17 19.33
CA ILE C 296 -18.09 -2.96 18.90
C ILE C 296 -19.06 -3.73 19.78
N CYS C 297 -18.57 -4.70 20.55
CA CYS C 297 -19.39 -5.38 21.54
C CYS C 297 -19.44 -4.56 22.82
N PRO C 298 -20.62 -4.18 23.31
CA PRO C 298 -20.68 -3.32 24.50
C PRO C 298 -19.87 -3.84 25.68
N GLU C 299 -19.71 -5.15 25.81
CA GLU C 299 -18.95 -5.70 26.94
C GLU C 299 -17.44 -5.53 26.79
N PHE C 300 -16.96 -5.19 25.59
CA PHE C 300 -15.53 -5.00 25.36
C PHE C 300 -15.16 -3.54 25.13
N ARG C 301 -16.14 -2.64 25.03
CA ARG C 301 -15.85 -1.24 24.69
C ARG C 301 -15.02 -0.54 25.75
N HIS C 302 -15.10 -0.99 27.01
CA HIS C 302 -14.33 -0.35 28.08
C HIS C 302 -12.84 -0.40 27.82
N PHE C 303 -12.37 -1.29 26.95
CA PHE C 303 -10.94 -1.45 26.73
C PHE C 303 -10.34 -0.25 26.04
N ILE C 304 -11.12 0.47 25.22
CA ILE C 304 -10.65 1.69 24.58
C ILE C 304 -11.21 2.93 25.27
N ASP C 305 -11.67 2.80 26.52
CA ASP C 305 -12.09 3.97 27.28
C ASP C 305 -10.94 4.95 27.40
N GLY C 306 -11.26 6.24 27.36
CA GLY C 306 -10.26 7.28 27.34
C GLY C 306 -9.80 7.68 25.95
N VAL C 307 -10.25 6.97 24.90
CA VAL C 307 -9.91 7.36 23.53
C VAL C 307 -10.44 8.75 23.21
N GLU C 308 -11.41 9.24 23.98
CA GLU C 308 -11.94 10.58 23.75
C GLU C 308 -10.87 11.66 23.94
N GLU C 309 -9.77 11.34 24.61
CA GLU C 309 -8.71 12.29 24.89
C GLU C 309 -7.49 12.13 23.99
N ALA C 310 -7.44 11.06 23.19
CA ALA C 310 -6.32 10.86 22.28
C ALA C 310 -6.52 11.67 21.00
N ASP C 311 -5.51 11.64 20.13
CA ASP C 311 -5.55 12.36 18.87
C ASP C 311 -5.80 11.48 17.66
N SER C 312 -5.48 10.19 17.74
CA SER C 312 -5.73 9.26 16.65
C SER C 312 -5.98 7.88 17.22
N PHE C 313 -6.63 7.04 16.42
CA PHE C 313 -6.99 5.69 16.82
C PHE C 313 -7.05 4.81 15.58
N SER C 314 -6.44 3.63 15.67
CA SER C 314 -6.33 2.74 14.51
C SER C 314 -6.62 1.30 14.93
N LEU C 315 -7.12 0.53 13.98
CA LEU C 315 -7.31 -0.91 14.15
C LEU C 315 -7.19 -1.57 12.79
N ASN C 316 -6.67 -2.80 12.80
CA ASN C 316 -6.47 -3.55 11.56
C ASN C 316 -7.71 -4.40 11.30
N ALA C 317 -8.56 -3.94 10.38
CA ALA C 317 -9.77 -4.68 10.06
C ALA C 317 -9.47 -6.02 9.40
N HIS C 318 -8.24 -6.21 8.93
CA HIS C 318 -7.84 -7.47 8.31
C HIS C 318 -7.35 -8.45 9.37
N TRP C 320 -8.98 -8.74 12.54
CA TRP C 320 -10.11 -9.29 13.28
C TRP C 320 -11.44 -8.66 12.88
N PHE C 321 -11.67 -8.43 11.58
CA PHE C 321 -12.97 -7.95 11.14
C PHE C 321 -13.31 -8.39 9.72
N PHE C 322 -12.76 -9.51 9.25
CA PHE C 322 -13.28 -10.28 8.14
C PHE C 322 -13.19 -9.56 6.80
N THR C 323 -12.31 -8.57 6.65
CA THR C 323 -12.20 -7.88 5.36
C THR C 323 -11.31 -8.65 4.40
N THR C 324 -10.05 -8.86 4.79
CA THR C 324 -8.98 -9.51 4.02
C THR C 324 -7.78 -8.57 4.01
N LEU C 325 -6.58 -9.13 3.91
CA LEU C 325 -5.38 -8.31 3.81
C LEU C 325 -5.42 -7.52 2.51
N ASP C 326 -5.40 -6.19 2.62
CA ASP C 326 -5.30 -5.52 3.92
C ASP C 326 -6.33 -4.41 4.04
N CYS C 327 -6.57 -3.96 5.28
CA CYS C 327 -7.49 -2.86 5.53
C CYS C 327 -7.31 -2.30 6.93
N CYS C 328 -6.67 -1.15 7.05
CA CYS C 328 -6.45 -0.48 8.32
C CYS C 328 -7.35 0.74 8.43
N CYS C 329 -8.10 0.83 9.52
CA CYS C 329 -9.00 1.94 9.76
C CYS C 329 -8.31 2.94 10.69
N LEU C 330 -8.19 4.18 10.24
CA LEU C 330 -7.54 5.23 11.02
C LEU C 330 -8.53 6.36 11.26
N TRP C 331 -8.82 6.62 12.52
CA TRP C 331 -9.64 7.76 12.92
C TRP C 331 -8.75 8.80 13.60
N VAL C 332 -8.94 10.06 13.24
CA VAL C 332 -8.17 11.16 13.81
C VAL C 332 -9.13 12.29 14.18
N LYS C 333 -8.76 13.04 15.21
CA LYS C 333 -9.55 14.21 15.60
C LYS C 333 -9.35 15.36 14.63
N ASP C 334 -8.15 15.52 14.08
CA ASP C 334 -7.78 16.66 13.25
C ASP C 334 -7.21 16.16 11.93
N PRO C 335 -8.07 15.92 10.94
CA PRO C 335 -7.57 15.53 9.61
C PRO C 335 -6.61 16.55 9.01
N SER C 336 -6.75 17.82 9.36
CA SER C 336 -5.86 18.84 8.82
C SER C 336 -4.41 18.60 9.24
N ALA C 337 -4.21 18.01 10.42
CA ALA C 337 -2.86 17.71 10.87
C ALA C 337 -2.17 16.75 9.90
N LEU C 338 -2.91 15.78 9.36
CA LEU C 338 -2.36 14.90 8.33
C LEU C 338 -2.09 15.67 7.05
N VAL C 339 -3.09 16.45 6.59
CA VAL C 339 -2.95 17.17 5.33
C VAL C 339 -1.77 18.13 5.38
N LYS C 340 -1.59 18.82 6.51
CA LYS C 340 -0.48 19.76 6.64
C LYS C 340 0.87 19.07 6.43
N ALA C 341 0.97 17.79 6.76
CA ALA C 341 2.23 17.08 6.69
C ALA C 341 2.37 16.19 5.46
N LEU C 342 1.26 15.74 4.88
CA LEU C 342 1.31 14.78 3.79
C LEU C 342 0.94 15.36 2.43
N SER C 343 0.42 16.59 2.39
CA SER C 343 0.12 17.23 1.12
C SER C 343 1.39 17.79 0.49
N THR C 344 1.47 17.71 -0.84
CA THR C 344 2.56 18.31 -1.58
C THR C 344 2.22 19.72 -2.07
N ASN C 345 1.01 20.21 -1.78
CA ASN C 345 0.65 21.56 -2.14
C ASN C 345 1.47 22.56 -1.32
N PRO C 346 1.57 23.81 -1.78
CA PRO C 346 2.28 24.82 -1.00
C PRO C 346 1.78 24.88 0.43
N GLU C 347 2.70 25.12 1.36
CA GLU C 347 2.37 25.04 2.78
C GLU C 347 1.27 26.04 3.16
N TYR C 348 1.14 27.13 2.42
CA TYR C 348 0.08 28.10 2.69
C TYR C 348 -1.26 27.66 2.11
N LEU C 349 -1.26 26.70 1.19
CA LEU C 349 -2.50 26.20 0.61
C LEU C 349 -3.04 24.97 1.30
N ARG C 350 -2.26 24.36 2.21
CA ARG C 350 -2.73 23.18 2.93
C ARG C 350 -3.76 23.54 4.01
N ASN C 351 -3.96 24.82 4.28
CA ASN C 351 -4.99 25.23 5.24
C ASN C 351 -6.35 25.23 4.56
N LYS C 352 -7.36 24.77 5.30
CA LYS C 352 -8.72 24.76 4.79
C LYS C 352 -9.72 24.45 5.90
N VAL C 359 -15.15 18.46 -0.35
CA VAL C 359 -14.70 17.23 -1.00
C VAL C 359 -13.40 16.74 -0.36
N VAL C 360 -13.41 15.49 0.07
CA VAL C 360 -12.25 14.91 0.74
C VAL C 360 -11.21 14.51 -0.29
N ASP C 361 -9.95 14.80 0.01
CA ASP C 361 -8.81 14.41 -0.82
C ASP C 361 -7.99 13.41 0.00
N TYR C 362 -8.37 12.14 -0.09
CA TYR C 362 -7.84 11.14 0.83
C TYR C 362 -6.34 10.90 0.65
N LYS C 363 -5.81 11.15 -0.55
CA LYS C 363 -4.38 10.93 -0.77
C LYS C 363 -3.54 11.78 0.19
N ASP C 364 -4.08 12.92 0.65
CA ASP C 364 -3.38 13.77 1.60
C ASP C 364 -3.47 13.26 3.03
N TRP C 365 -4.26 12.23 3.29
CA TRP C 365 -4.36 11.64 4.62
C TRP C 365 -3.37 10.50 4.85
N GLN C 366 -2.66 10.06 3.83
CA GLN C 366 -1.87 8.84 3.92
C GLN C 366 -0.61 9.00 3.07
N ILE C 367 0.15 7.91 2.94
CA ILE C 367 1.33 7.90 2.10
C ILE C 367 0.96 7.63 0.65
N ALA C 368 0.15 6.59 0.41
CA ALA C 368 -0.17 6.18 -0.94
C ALA C 368 -0.96 7.28 -1.66
N LEU C 369 -0.57 7.55 -2.91
CA LEU C 369 -1.31 8.48 -3.76
C LEU C 369 -2.32 7.74 -4.63
N SER C 370 -1.89 6.65 -5.27
CA SER C 370 -2.77 5.82 -6.08
C SER C 370 -3.55 4.88 -5.16
N ARG C 371 -4.60 5.42 -4.56
CA ARG C 371 -5.38 4.69 -3.59
C ARG C 371 -6.23 3.61 -4.25
N ARG C 372 -6.47 2.53 -3.52
CA ARG C 372 -7.35 1.46 -3.96
C ARG C 372 -8.74 1.64 -3.35
N PHE C 373 -9.74 1.09 -4.03
CA PHE C 373 -11.12 1.14 -3.56
C PHE C 373 -11.29 0.21 -2.37
N ARG C 374 -10.62 0.51 -1.26
CA ARG C 374 -10.61 -0.40 -0.12
C ARG C 374 -11.94 -0.41 0.64
N SER C 375 -12.73 0.65 0.54
CA SER C 375 -13.97 0.72 1.32
C SER C 375 -14.99 -0.33 0.89
N LEU C 376 -14.82 -0.93 -0.30
CA LEU C 376 -15.79 -1.93 -0.75
C LEU C 376 -15.81 -3.13 0.18
N LYS C 377 -14.63 -3.64 0.56
CA LYS C 377 -14.57 -4.78 1.47
C LYS C 377 -15.30 -4.48 2.78
N LEU C 378 -14.94 -3.38 3.43
CA LEU C 378 -15.57 -3.03 4.70
C LEU C 378 -17.07 -2.81 4.53
N TRP C 379 -17.47 -2.14 3.44
CA TRP C 379 -18.89 -1.98 3.14
C TRP C 379 -19.58 -3.34 3.02
N MET C 380 -18.97 -4.24 2.26
CA MET C 380 -19.56 -5.57 2.08
C MET C 380 -19.64 -6.33 3.39
N VAL C 381 -18.58 -6.27 4.20
CA VAL C 381 -18.58 -7.02 5.46
C VAL C 381 -19.68 -6.51 6.38
N LEU C 382 -19.83 -5.20 6.49
CA LEU C 382 -20.84 -4.64 7.38
C LEU C 382 -22.25 -4.97 6.91
N ARG C 383 -22.47 -4.94 5.60
CA ARG C 383 -23.81 -5.21 5.06
C ARG C 383 -24.12 -6.70 5.04
N SER C 384 -23.17 -7.52 4.60
CA SER C 384 -23.45 -8.94 4.42
C SER C 384 -23.76 -9.64 5.73
N TYR C 385 -23.19 -9.18 6.84
CA TYR C 385 -23.34 -9.85 8.13
C TYR C 385 -24.11 -9.04 9.17
N GLY C 386 -23.95 -7.72 9.17
CA GLY C 386 -24.67 -6.89 10.10
C GLY C 386 -24.00 -6.79 11.46
N VAL C 387 -24.42 -5.80 12.23
CA VAL C 387 -23.82 -5.56 13.54
C VAL C 387 -24.04 -6.75 14.46
N THR C 388 -25.25 -7.32 14.45
CA THR C 388 -25.57 -8.40 15.37
C THR C 388 -24.68 -9.62 15.11
N ASN C 389 -24.56 -10.02 13.84
CA ASN C 389 -23.78 -11.21 13.53
C ASN C 389 -22.28 -10.95 13.69
N LEU C 390 -21.83 -9.74 13.35
CA LEU C 390 -20.41 -9.42 13.49
C LEU C 390 -19.99 -9.42 14.96
N ARG C 391 -20.83 -8.84 15.83
CA ARG C 391 -20.55 -8.92 17.26
C ARG C 391 -20.44 -10.37 17.72
N ASN C 392 -21.39 -11.20 17.32
CA ASN C 392 -21.38 -12.60 17.73
C ASN C 392 -20.23 -13.38 17.09
N PHE C 393 -19.78 -12.96 15.91
CA PHE C 393 -18.57 -13.53 15.33
C PHE C 393 -17.39 -13.35 16.28
N LEU C 394 -17.21 -12.13 16.79
CA LEU C 394 -16.08 -11.86 17.67
C LEU C 394 -16.23 -12.57 19.01
N ARG C 395 -17.46 -12.65 19.52
CA ARG C 395 -17.69 -13.33 20.79
C ARG C 395 -17.44 -14.83 20.67
N SER C 396 -17.72 -15.41 19.51
CA SER C 396 -17.46 -16.83 19.30
C SER C 396 -15.98 -17.14 19.44
N HIS C 397 -15.12 -16.27 18.89
CA HIS C 397 -13.68 -16.45 19.07
C HIS C 397 -13.29 -16.33 20.54
N VAL C 398 -13.87 -15.36 21.25
CA VAL C 398 -13.61 -15.22 22.68
C VAL C 398 -14.13 -16.44 23.44
N LYS C 399 -15.35 -16.88 23.11
CA LYS C 399 -15.91 -18.05 23.78
C LYS C 399 -15.02 -19.27 23.62
N MET C 400 -14.43 -19.43 22.42
CA MET C 400 -13.53 -20.56 22.20
C MET C 400 -12.21 -20.38 22.96
N ALA C 401 -11.74 -19.14 23.11
CA ALA C 401 -10.55 -18.91 23.92
C ALA C 401 -10.83 -19.20 25.39
N LYS C 402 -12.00 -18.79 25.89
CA LYS C 402 -12.37 -19.14 27.25
C LYS C 402 -12.54 -20.64 27.42
N THR C 403 -12.96 -21.33 26.36
CA THR C 403 -13.00 -22.79 26.40
C THR C 403 -11.60 -23.36 26.48
N PHE C 404 -10.68 -22.87 25.64
CA PHE C 404 -9.31 -23.32 25.69
C PHE C 404 -8.62 -22.91 26.98
N GLU C 405 -9.05 -21.79 27.58
CA GLU C 405 -8.49 -21.39 28.87
C GLU C 405 -8.93 -22.32 29.99
N GLY C 406 -10.15 -22.85 29.91
CA GLY C 406 -10.62 -23.77 30.94
C GLY C 406 -9.94 -25.12 30.86
N LEU C 407 -9.68 -25.59 29.64
CA LEU C 407 -8.98 -26.87 29.49
C LEU C 407 -7.59 -26.82 30.09
N ILE C 408 -6.95 -25.65 30.07
CA ILE C 408 -5.61 -25.52 30.64
C ILE C 408 -5.67 -25.59 32.16
N CYS C 409 -6.61 -24.89 32.77
CA CYS C 409 -6.72 -24.90 34.23
C CYS C 409 -6.97 -26.30 34.77
N MET C 410 -7.60 -27.16 33.96
CA MET C 410 -7.89 -28.51 34.41
C MET C 410 -6.66 -29.41 34.41
N ASP C 411 -5.64 -29.07 33.61
CA ASP C 411 -4.43 -29.87 33.51
C ASP C 411 -3.35 -29.24 34.38
N GLY C 412 -2.89 -29.97 35.40
CA GLY C 412 -1.91 -29.45 36.33
C GLY C 412 -0.54 -29.23 35.74
N ARG C 413 -0.27 -29.76 34.55
CA ARG C 413 1.02 -29.57 33.90
C ARG C 413 1.14 -28.25 33.16
N PHE C 414 0.03 -27.55 32.95
CA PHE C 414 0.02 -26.27 32.26
C PHE C 414 -0.41 -25.17 33.22
N GLU C 415 -0.02 -23.94 32.88
CA GLU C 415 -0.40 -22.78 33.66
C GLU C 415 -0.70 -21.61 32.72
N ILE C 416 -1.67 -20.79 33.10
CA ILE C 416 -1.93 -19.55 32.40
C ILE C 416 -0.90 -18.51 32.85
N THR C 417 -0.29 -17.84 31.88
CA THR C 417 0.83 -16.94 32.17
C THR C 417 0.42 -15.48 32.29
N VAL C 418 -0.62 -15.05 31.57
CA VAL C 418 -1.11 -13.67 31.67
C VAL C 418 -2.62 -13.67 31.51
N PRO C 419 -3.27 -12.61 32.00
CA PRO C 419 -4.73 -12.54 31.87
C PRO C 419 -5.17 -12.49 30.42
N ARG C 420 -6.10 -13.36 30.08
CA ARG C 420 -6.69 -13.34 28.74
C ARG C 420 -7.61 -12.13 28.60
N THR C 421 -7.56 -11.49 27.43
CA THR C 421 -8.33 -10.26 27.23
C THR C 421 -9.13 -10.28 25.93
N PHE C 422 -8.51 -10.68 24.82
CA PHE C 422 -9.23 -10.77 23.53
C PHE C 422 -8.84 -12.08 22.85
N ALA C 423 -9.65 -13.11 23.04
CA ALA C 423 -9.60 -14.35 22.27
C ALA C 423 -8.18 -14.87 22.03
N MET C 424 -7.24 -14.55 22.91
CA MET C 424 -5.92 -15.16 22.87
C MET C 424 -5.53 -15.55 24.28
N VAL C 425 -5.03 -16.78 24.44
CA VAL C 425 -4.64 -17.33 25.72
C VAL C 425 -3.15 -17.62 25.69
N CYS C 426 -2.43 -17.16 26.72
CA CYS C 426 -1.01 -17.39 26.86
C CYS C 426 -0.78 -18.41 27.96
N PHE C 427 -0.04 -19.47 27.64
CA PHE C 427 0.18 -20.57 28.56
C PHE C 427 1.58 -21.14 28.34
N ARG C 428 1.98 -22.03 29.25
CA ARG C 428 3.25 -22.72 29.11
C ARG C 428 3.16 -24.08 29.79
N LEU C 429 4.02 -24.99 29.36
CA LEU C 429 4.12 -26.30 29.99
C LEU C 429 5.06 -26.22 31.19
N LEU C 430 4.68 -26.89 32.28
CA LEU C 430 5.54 -26.72 33.43
C LEU C 430 6.45 -27.95 33.61
N PRO C 431 7.72 -27.73 33.92
CA PRO C 431 8.61 -28.85 34.20
C PRO C 431 8.36 -29.39 35.60
N PRO C 432 8.45 -30.73 35.78
CA PRO C 432 8.20 -31.36 37.08
C PRO C 432 9.47 -31.54 37.90
N GLU C 457 17.47 -19.95 36.48
CA GLU C 457 17.26 -21.02 37.45
C GLU C 457 16.25 -22.02 36.91
N ASN C 458 15.15 -22.19 37.64
CA ASN C 458 14.05 -23.03 37.14
C ASN C 458 13.43 -22.43 35.89
N LEU C 459 13.56 -21.12 35.70
CA LEU C 459 12.94 -20.47 34.54
C LEU C 459 13.71 -20.78 33.26
N VAL C 460 15.04 -20.84 33.33
CA VAL C 460 15.84 -21.09 32.13
C VAL C 460 15.51 -22.45 31.54
N LEU C 461 15.29 -23.45 32.40
CA LEU C 461 14.92 -24.77 31.90
C LEU C 461 13.49 -24.80 31.42
N ALA C 462 12.59 -24.09 32.11
CA ALA C 462 11.20 -24.03 31.68
C ALA C 462 11.09 -23.40 30.29
N ASN C 463 11.83 -22.32 30.04
CA ASN C 463 11.79 -21.69 28.72
C ASN C 463 12.30 -22.64 27.65
N LYS C 464 13.41 -23.33 27.91
CA LYS C 464 13.92 -24.28 26.92
C LYS C 464 12.99 -25.47 26.74
N LEU C 465 12.32 -25.90 27.82
CA LEU C 465 11.33 -26.95 27.69
C LEU C 465 10.19 -26.51 26.78
N ASN C 466 9.62 -25.33 27.05
CA ASN C 466 8.52 -24.83 26.24
C ASN C 466 8.96 -24.59 24.80
N GLN C 467 10.21 -24.13 24.60
CA GLN C 467 10.69 -23.90 23.24
C GLN C 467 10.77 -25.21 22.45
N VAL C 468 11.34 -26.25 23.06
CA VAL C 468 11.37 -27.55 22.41
C VAL C 468 9.97 -28.12 22.28
N TYR C 469 9.14 -27.93 23.30
CA TYR C 469 7.77 -28.46 23.27
C TYR C 469 6.96 -27.83 22.16
N LEU C 470 7.00 -26.49 22.05
CA LEU C 470 6.22 -25.81 21.02
C LEU C 470 6.73 -26.14 19.63
N GLU C 471 8.05 -26.24 19.47
CA GLU C 471 8.60 -26.60 18.16
C GLU C 471 8.24 -28.01 17.76
N THR C 472 8.13 -28.93 18.73
CA THR C 472 7.69 -30.29 18.41
C THR C 472 6.26 -30.30 17.91
N VAL C 473 5.38 -29.53 18.56
CA VAL C 473 3.99 -29.48 18.13
C VAL C 473 3.87 -28.85 16.75
N ASN C 474 4.62 -27.75 16.51
CA ASN C 474 4.58 -27.10 15.21
C ASN C 474 5.12 -28.02 14.12
N ALA C 475 6.16 -28.79 14.43
CA ALA C 475 6.80 -29.64 13.42
C ALA C 475 5.87 -30.74 12.91
N THR C 476 4.81 -31.05 13.64
CA THR C 476 3.88 -32.08 13.16
C THR C 476 3.06 -31.59 11.97
N GLY C 477 2.73 -30.31 11.94
CA GLY C 477 1.86 -29.76 10.93
C GLY C 477 0.38 -29.82 11.27
N SER C 478 0.02 -30.37 12.43
CA SER C 478 -1.39 -30.47 12.80
C SER C 478 -1.94 -29.11 13.20
N VAL C 479 -1.15 -28.30 13.91
CA VAL C 479 -1.52 -26.96 14.32
C VAL C 479 -0.31 -26.05 14.17
N TYR C 480 -0.50 -24.77 14.45
CA TYR C 480 0.59 -23.81 14.43
C TYR C 480 0.34 -22.76 15.49
N MET C 481 1.30 -22.59 16.39
CA MET C 481 1.25 -21.55 17.41
C MET C 481 2.62 -20.88 17.49
N THR C 482 2.60 -19.56 17.67
CA THR C 482 3.83 -18.81 17.90
C THR C 482 4.00 -18.54 19.39
N HIS C 483 5.19 -18.09 19.76
CA HIS C 483 5.55 -17.91 21.15
C HIS C 483 5.73 -16.42 21.46
N ALA C 484 6.18 -16.14 22.68
CA ALA C 484 6.51 -14.79 23.14
C ALA C 484 7.21 -14.92 24.49
N VAL C 485 8.16 -14.02 24.73
CA VAL C 485 8.92 -13.99 25.96
C VAL C 485 8.59 -12.67 26.65
N VAL C 486 7.72 -12.71 27.66
CA VAL C 486 7.28 -11.52 28.39
C VAL C 486 7.74 -11.68 29.84
N GLY C 487 8.33 -10.62 30.38
CA GLY C 487 8.92 -10.70 31.71
C GLY C 487 9.91 -11.82 31.89
N GLY C 488 10.64 -12.19 30.83
CA GLY C 488 11.60 -13.27 30.92
C GLY C 488 11.01 -14.65 30.87
N VAL C 489 9.70 -14.78 30.67
CA VAL C 489 9.02 -16.08 30.68
C VAL C 489 8.65 -16.44 29.24
N TYR C 490 9.19 -17.54 28.75
CA TYR C 490 8.83 -18.05 27.43
C TYR C 490 7.41 -18.56 27.46
N MET C 491 6.54 -17.98 26.61
CA MET C 491 5.13 -18.29 26.62
C MET C 491 4.68 -18.83 25.27
N ILE C 492 3.61 -19.62 25.29
CA ILE C 492 2.96 -20.12 24.08
C ILE C 492 1.68 -19.32 23.86
N ARG C 493 1.51 -18.79 22.66
CA ARG C 493 0.36 -17.96 22.32
C ARG C 493 -0.64 -18.78 21.52
N PHE C 494 -1.89 -18.79 21.97
CA PHE C 494 -2.99 -19.48 21.29
C PHE C 494 -4.01 -18.42 20.90
N ALA C 495 -3.89 -17.92 19.67
CA ALA C 495 -4.74 -16.84 19.16
C ALA C 495 -5.84 -17.45 18.30
N VAL C 496 -7.04 -17.53 18.86
CA VAL C 496 -8.20 -18.04 18.13
C VAL C 496 -8.84 -16.86 17.39
N GLY C 497 -8.87 -16.95 16.06
CA GLY C 497 -9.42 -15.87 15.26
C GLY C 497 -9.61 -16.24 13.80
N SER C 498 -8.99 -17.34 13.37
CA SER C 498 -9.18 -17.81 12.00
C SER C 498 -10.66 -18.03 11.73
N THR C 499 -11.14 -17.47 10.62
CA THR C 499 -12.58 -17.49 10.35
C THR C 499 -13.13 -18.90 10.31
N LEU C 500 -12.39 -19.84 9.71
CA LEU C 500 -12.84 -21.22 9.61
C LEU C 500 -12.69 -22.00 10.91
N THR C 501 -11.97 -21.47 11.89
CA THR C 501 -11.78 -22.19 13.14
C THR C 501 -13.10 -22.32 13.89
N GLU C 502 -13.43 -23.55 14.28
CA GLU C 502 -14.62 -23.83 15.07
C GLU C 502 -14.23 -24.64 16.31
N GLU C 503 -15.19 -24.82 17.21
CA GLU C 503 -14.89 -25.40 18.51
C GLU C 503 -14.19 -26.75 18.39
N ARG C 504 -14.59 -27.57 17.42
CA ARG C 504 -13.96 -28.87 17.26
C ARG C 504 -12.49 -28.75 16.87
N HIS C 505 -12.09 -27.61 16.28
CA HIS C 505 -10.68 -27.40 15.97
C HIS C 505 -9.88 -27.04 17.21
N VAL C 506 -10.47 -26.30 18.14
CA VAL C 506 -9.79 -25.98 19.39
C VAL C 506 -9.58 -27.24 20.23
N ILE C 507 -10.61 -28.08 20.33
CA ILE C 507 -10.47 -29.35 21.06
C ILE C 507 -9.36 -30.19 20.43
N TYR C 508 -9.28 -30.20 19.10
CA TYR C 508 -8.21 -30.92 18.43
C TYR C 508 -6.85 -30.37 18.82
N ALA C 509 -6.73 -29.03 18.86
CA ALA C 509 -5.44 -28.43 19.21
C ALA C 509 -5.03 -28.80 20.63
N TRP C 510 -6.00 -28.87 21.55
CA TRP C 510 -5.67 -29.25 22.91
C TRP C 510 -5.28 -30.73 23.00
N LYS C 511 -5.92 -31.58 22.19
CA LYS C 511 -5.53 -32.98 22.16
C LYS C 511 -4.10 -33.15 21.68
N ILE C 512 -3.73 -32.44 20.62
CA ILE C 512 -2.34 -32.48 20.15
C ILE C 512 -1.41 -31.92 21.21
N LEU C 513 -1.83 -30.85 21.88
CA LEU C 513 -1.00 -30.26 22.93
C LEU C 513 -0.79 -31.23 24.09
N GLN C 514 -1.84 -31.95 24.48
CA GLN C 514 -1.72 -32.87 25.60
C GLN C 514 -0.92 -34.11 25.23
N GLU C 515 -1.11 -34.62 24.01
CA GLU C 515 -0.34 -35.78 23.57
C GLU C 515 1.15 -35.47 23.59
N HIS C 516 1.55 -34.30 23.11
CA HIS C 516 2.96 -33.93 23.13
C HIS C 516 3.43 -33.61 24.54
N ALA C 517 2.52 -33.18 25.42
CA ALA C 517 2.87 -33.03 26.82
C ALA C 517 3.17 -34.37 27.46
N ASP C 518 2.43 -35.41 27.08
CA ASP C 518 2.72 -36.76 27.56
C ASP C 518 4.07 -37.24 27.03
N LEU C 519 4.39 -36.89 25.79
CA LEU C 519 5.61 -37.40 25.16
C LEU C 519 6.85 -36.79 25.79
N ILE C 520 6.92 -35.47 25.87
CA ILE C 520 8.11 -34.81 26.40
C ILE C 520 8.29 -35.13 27.87
N LEU C 521 7.22 -35.03 28.66
CA LEU C 521 7.34 -35.24 30.10
C LEU C 521 7.51 -36.71 30.46
N GLY C 522 7.12 -37.63 29.57
CA GLY C 522 7.37 -39.04 29.84
C GLY C 522 8.85 -39.38 29.83
N LYS C 523 9.57 -38.88 28.83
CA LYS C 523 11.01 -39.04 28.76
C LYS C 523 11.76 -37.98 29.55
N PHE C 524 11.09 -36.88 29.92
CA PHE C 524 11.70 -35.70 30.53
C PHE C 524 12.95 -36.00 31.35
N SER C 525 14.08 -35.47 30.92
CA SER C 525 15.32 -35.49 31.68
C SER C 525 15.80 -34.06 31.84
N GLU C 526 16.11 -33.68 33.08
CA GLU C 526 16.58 -32.32 33.34
C GLU C 526 17.86 -32.00 32.58
N ALA C 527 18.63 -33.01 32.19
CA ALA C 527 19.86 -32.78 31.46
C ALA C 527 19.64 -32.50 29.98
N ASP C 528 18.46 -32.85 29.45
CA ASP C 528 18.18 -32.58 28.05
C ASP C 528 17.94 -31.09 27.81
N PHE C 529 17.27 -30.43 28.73
CA PHE C 529 16.87 -29.04 28.57
C PHE C 529 17.80 -28.04 29.25
N SER C 530 18.91 -28.51 29.83
CA SER C 530 19.86 -27.65 30.51
C SER C 530 21.04 -27.26 29.63
N SER C 531 20.81 -27.14 28.32
CA SER C 531 21.86 -26.75 27.39
C SER C 531 21.26 -26.14 26.13
N GLY D 17 -28.85 -17.70 9.53
CA GLY D 17 -28.31 -19.05 9.52
C GLY D 17 -27.09 -19.21 10.41
N VAL D 18 -26.60 -20.45 10.52
CA VAL D 18 -25.44 -20.75 11.35
C VAL D 18 -24.25 -21.06 10.45
N THR D 19 -24.25 -20.48 9.24
CA THR D 19 -23.19 -20.76 8.27
C THR D 19 -21.94 -19.94 8.61
N ASN D 20 -20.78 -20.57 8.42
CA ASN D 20 -19.52 -19.89 8.68
C ASN D 20 -19.32 -18.78 7.63
N PRO D 21 -18.78 -17.63 8.03
CA PRO D 21 -18.60 -16.54 7.06
C PRO D 21 -17.63 -16.87 5.94
N LEU D 22 -16.88 -17.96 6.02
CA LEU D 22 -15.97 -18.40 4.97
C LEU D 22 -16.32 -19.80 4.51
N ASP D 23 -17.61 -20.11 4.50
CA ASP D 23 -18.07 -21.42 4.05
C ASP D 23 -17.63 -21.65 2.61
N PRO D 24 -17.00 -22.81 2.31
CA PRO D 24 -16.53 -23.03 0.93
C PRO D 24 -17.64 -22.92 -0.12
N GLU D 25 -18.83 -23.46 0.17
CA GLU D 25 -19.87 -23.48 -0.85
C GLU D 25 -20.53 -22.12 -1.01
N GLU D 26 -20.74 -21.39 0.09
CA GLU D 26 -21.23 -20.02 -0.03
C GLU D 26 -20.20 -19.14 -0.72
N PHE D 27 -18.91 -19.39 -0.48
CA PHE D 27 -17.86 -18.71 -1.25
C PHE D 27 -17.99 -19.03 -2.73
N ARG D 28 -18.24 -20.29 -3.06
CA ARG D 28 -18.35 -20.69 -4.46
C ARG D 28 -19.54 -20.02 -5.14
N ARG D 29 -20.69 -20.02 -4.47
CA ARG D 29 -21.90 -19.47 -5.08
C ARG D 29 -21.76 -17.96 -5.28
N GLN D 30 -21.52 -17.22 -4.20
CA GLN D 30 -21.37 -15.77 -4.31
C GLN D 30 -20.16 -15.41 -5.16
N GLY D 31 -19.12 -16.24 -5.14
CA GLY D 31 -17.96 -15.97 -5.99
C GLY D 31 -18.31 -15.94 -7.46
N HIS D 32 -19.05 -16.96 -7.92
CA HIS D 32 -19.46 -16.99 -9.32
C HIS D 32 -20.40 -15.85 -9.67
N MET D 33 -21.11 -15.29 -8.67
CA MET D 33 -22.01 -14.17 -8.95
C MET D 33 -21.23 -12.90 -9.30
N ILE D 34 -20.15 -12.64 -8.55
CA ILE D 34 -19.36 -11.43 -8.81
C ILE D 34 -18.58 -11.57 -10.11
N ILE D 35 -18.09 -12.79 -10.41
CA ILE D 35 -17.39 -13.01 -11.67
C ILE D 35 -18.28 -12.64 -12.85
N ASP D 36 -19.53 -13.10 -12.82
CA ASP D 36 -20.47 -12.74 -13.88
C ASP D 36 -20.84 -11.26 -13.82
N PHE D 37 -20.90 -10.69 -12.62
CA PHE D 37 -21.19 -9.26 -12.51
C PHE D 37 -20.10 -8.42 -13.15
N LEU D 38 -18.83 -8.78 -12.91
CA LEU D 38 -17.73 -7.99 -13.47
C LEU D 38 -17.57 -8.26 -14.97
N ALA D 39 -17.74 -9.52 -15.39
CA ALA D 39 -17.68 -9.82 -16.81
C ALA D 39 -18.69 -9.01 -17.60
N ASP D 40 -19.91 -8.85 -17.05
CA ASP D 40 -20.88 -7.97 -17.67
C ASP D 40 -20.38 -6.54 -17.70
N TYR D 41 -19.72 -6.09 -16.63
CA TYR D 41 -19.21 -4.74 -16.57
C TYR D 41 -18.22 -4.47 -17.70
N TYR D 42 -17.22 -5.35 -17.85
CA TYR D 42 -16.26 -5.20 -18.95
C TYR D 42 -16.97 -5.21 -20.29
N ARG D 43 -18.07 -5.95 -20.41
CA ARG D 43 -18.82 -5.99 -21.66
C ARG D 43 -19.61 -4.70 -21.89
N ASP D 44 -20.11 -4.09 -20.82
CA ASP D 44 -21.02 -2.96 -20.91
C ASP D 44 -20.37 -1.63 -20.57
N VAL D 45 -19.07 -1.63 -20.22
CA VAL D 45 -18.46 -0.43 -19.66
C VAL D 45 -18.56 0.76 -20.60
N GLU D 46 -18.68 0.51 -21.90
CA GLU D 46 -18.68 1.61 -22.86
C GLU D 46 -19.95 2.45 -22.80
N LYS D 47 -21.03 1.93 -22.22
CA LYS D 47 -22.28 2.69 -22.13
C LYS D 47 -22.23 3.77 -21.07
N TYR D 48 -21.34 3.65 -20.07
CA TYR D 48 -21.25 4.65 -19.02
C TYR D 48 -20.43 5.85 -19.48
N PRO D 49 -20.77 7.05 -18.99
CA PRO D 49 -19.88 8.19 -19.21
C PRO D 49 -18.56 7.98 -18.50
N VAL D 50 -17.45 8.22 -19.23
CA VAL D 50 -16.13 7.90 -18.71
C VAL D 50 -15.88 8.59 -17.37
N ARG D 51 -15.88 9.92 -17.37
CA ARG D 51 -15.73 10.66 -16.13
C ARG D 51 -17.07 10.74 -15.40
N SER D 52 -17.05 10.43 -14.11
CA SER D 52 -18.29 10.41 -13.34
C SER D 52 -19.00 11.75 -13.44
N GLN D 53 -20.33 11.70 -13.31
CA GLN D 53 -21.17 12.90 -13.45
C GLN D 53 -22.03 13.16 -12.22
N VAL D 54 -21.84 12.41 -11.13
CA VAL D 54 -22.60 12.67 -9.92
C VAL D 54 -22.13 13.98 -9.28
N GLU D 55 -22.96 14.50 -8.37
CA GLU D 55 -22.53 15.67 -7.64
C GLU D 55 -21.84 15.27 -6.34
N PRO D 56 -20.91 16.09 -5.85
CA PRO D 56 -20.27 15.77 -4.56
C PRO D 56 -21.31 15.61 -3.45
N GLY D 57 -21.11 14.58 -2.64
CA GLY D 57 -22.04 14.27 -1.56
C GLY D 57 -23.24 13.47 -1.97
N TYR D 58 -23.25 12.91 -3.18
CA TYR D 58 -24.43 12.18 -3.64
C TYR D 58 -24.62 10.88 -2.87
N LEU D 59 -23.52 10.20 -2.52
CA LEU D 59 -23.64 8.86 -1.95
C LEU D 59 -24.07 8.90 -0.49
N ARG D 60 -23.63 9.91 0.27
CA ARG D 60 -24.06 10.01 1.66
C ARG D 60 -25.56 10.22 1.77
N LYS D 61 -26.17 10.85 0.77
CA LYS D 61 -27.61 11.08 0.79
C LYS D 61 -28.38 9.79 0.50
N ARG D 62 -27.79 8.86 -0.25
CA ARG D 62 -28.48 7.66 -0.68
C ARG D 62 -28.11 6.43 0.12
N LEU D 63 -27.26 6.57 1.14
CA LEU D 63 -26.91 5.46 2.02
C LEU D 63 -27.32 5.76 3.45
N PRO D 64 -27.67 4.74 4.22
CA PRO D 64 -28.02 4.98 5.63
C PRO D 64 -26.82 5.52 6.40
N GLU D 65 -27.13 6.21 7.51
CA GLU D 65 -26.10 6.82 8.34
C GLU D 65 -25.49 5.84 9.34
N THR D 66 -26.04 4.63 9.48
CA THR D 66 -25.52 3.64 10.39
C THR D 66 -25.51 2.28 9.70
N ALA D 67 -24.65 1.39 10.19
CA ALA D 67 -24.58 0.05 9.63
C ALA D 67 -25.84 -0.74 9.99
N PRO D 68 -26.25 -1.66 9.12
CA PRO D 68 -27.45 -2.46 9.41
C PRO D 68 -27.19 -3.44 10.54
N TYR D 69 -28.22 -3.65 11.36
CA TYR D 69 -28.09 -4.59 12.47
C TYR D 69 -28.27 -6.03 12.03
N ASN D 70 -29.00 -6.26 10.95
CA ASN D 70 -29.21 -7.59 10.40
C ASN D 70 -28.56 -7.72 9.03
N PRO D 71 -28.25 -8.93 8.59
CA PRO D 71 -27.57 -9.11 7.32
C PRO D 71 -28.47 -8.81 6.13
N GLU D 72 -27.83 -8.46 5.02
CA GLU D 72 -28.50 -8.21 3.75
C GLU D 72 -28.00 -9.18 2.70
N SER D 73 -28.85 -9.49 1.73
CA SER D 73 -28.51 -10.45 0.70
C SER D 73 -27.44 -9.91 -0.23
N ILE D 74 -26.60 -10.82 -0.74
CA ILE D 74 -25.61 -10.42 -1.74
C ILE D 74 -26.29 -9.93 -3.00
N GLU D 75 -27.49 -10.43 -3.29
CA GLU D 75 -28.25 -9.92 -4.43
C GLU D 75 -28.64 -8.47 -4.21
N THR D 76 -29.09 -8.14 -3.00
CA THR D 76 -29.45 -6.75 -2.69
C THR D 76 -28.23 -5.83 -2.79
N ILE D 77 -27.08 -6.29 -2.26
CA ILE D 77 -25.88 -5.45 -2.27
C ILE D 77 -25.45 -5.19 -3.70
N LEU D 78 -25.39 -6.24 -4.53
CA LEU D 78 -24.96 -6.07 -5.91
C LEU D 78 -25.84 -5.07 -6.64
N GLN D 79 -27.14 -5.06 -6.35
CA GLN D 79 -28.02 -4.09 -6.99
C GLN D 79 -27.73 -2.68 -6.49
N ASP D 80 -27.25 -2.54 -5.25
CA ASP D 80 -26.82 -1.23 -4.77
C ASP D 80 -25.51 -0.81 -5.42
N VAL D 81 -24.65 -1.77 -5.76
CA VAL D 81 -23.42 -1.46 -6.48
C VAL D 81 -23.74 -0.88 -7.85
N THR D 82 -24.80 -1.39 -8.49
CA THR D 82 -25.14 -0.95 -9.84
C THR D 82 -25.75 0.44 -9.84
N THR D 83 -26.63 0.73 -8.89
CA THR D 83 -27.38 1.97 -8.89
C THR D 83 -26.73 3.08 -8.07
N GLU D 84 -25.89 2.73 -7.10
CA GLU D 84 -25.26 3.73 -6.23
C GLU D 84 -23.76 3.86 -6.45
N ILE D 85 -23.05 2.76 -6.61
CA ILE D 85 -21.60 2.83 -6.74
C ILE D 85 -21.19 3.14 -8.17
N ILE D 86 -21.73 2.41 -9.14
CA ILE D 86 -21.24 2.51 -10.52
C ILE D 86 -21.44 3.92 -11.08
N PRO D 87 -22.58 4.58 -10.89
CA PRO D 87 -22.69 5.97 -11.35
C PRO D 87 -21.65 6.90 -10.74
N GLY D 88 -21.12 6.56 -9.57
CA GLY D 88 -20.09 7.36 -8.94
C GLY D 88 -18.69 6.88 -9.26
N LEU D 89 -18.54 6.22 -10.40
CA LEU D 89 -17.25 5.71 -10.85
C LEU D 89 -16.76 6.49 -12.06
N THR D 90 -15.47 6.81 -12.07
CA THR D 90 -14.78 7.24 -13.28
C THR D 90 -14.11 6.01 -13.88
N HIS D 91 -14.56 5.63 -15.08
CA HIS D 91 -14.26 4.30 -15.62
C HIS D 91 -12.86 4.28 -16.22
N TRP D 92 -11.88 4.05 -15.34
CA TRP D 92 -10.50 3.87 -15.80
C TRP D 92 -10.40 2.74 -16.80
N GLN D 93 -11.14 1.66 -16.58
CA GLN D 93 -11.10 0.49 -17.45
C GLN D 93 -11.86 0.70 -18.75
N SER D 94 -12.52 1.85 -18.94
CA SER D 94 -13.27 2.10 -20.15
C SER D 94 -12.32 2.24 -21.34
N PRO D 95 -12.68 1.69 -22.51
CA PRO D 95 -11.81 1.85 -23.68
C PRO D 95 -11.65 3.30 -24.13
N ASN D 96 -12.47 4.21 -23.64
CA ASN D 96 -12.39 5.62 -23.97
C ASN D 96 -11.79 6.45 -22.84
N TYR D 97 -11.01 5.82 -21.95
CA TYR D 97 -10.30 6.51 -20.89
C TYR D 97 -8.88 6.80 -21.37
N TYR D 98 -8.61 8.07 -21.68
CA TYR D 98 -7.29 8.52 -22.11
C TYR D 98 -6.75 9.62 -21.18
N ALA D 99 -7.11 9.56 -19.90
CA ALA D 99 -6.77 10.60 -18.95
C ALA D 99 -5.35 10.45 -18.42
N TYR D 100 -5.18 10.43 -17.10
CA TYR D 100 -3.87 10.17 -16.52
C TYR D 100 -3.36 8.82 -17.01
N PHE D 101 -2.10 8.52 -16.67
CA PHE D 101 -1.47 7.30 -17.15
C PHE D 101 -2.33 6.09 -16.82
N PRO D 102 -2.40 5.11 -17.71
CA PRO D 102 -3.41 4.04 -17.60
C PRO D 102 -3.51 3.35 -16.26
N SER D 103 -4.66 2.71 -16.03
CA SER D 103 -4.83 1.72 -14.98
C SER D 103 -4.84 0.36 -15.67
N SER D 104 -3.64 -0.16 -15.91
CA SER D 104 -3.44 -1.33 -16.77
C SER D 104 -3.82 -2.60 -16.01
N GLY D 105 -4.88 -3.27 -16.46
CA GLY D 105 -5.30 -4.53 -15.87
C GLY D 105 -5.47 -5.59 -16.94
N SER D 106 -5.60 -6.82 -16.48
CA SER D 106 -5.77 -7.96 -17.37
C SER D 106 -6.44 -9.08 -16.60
N VAL D 107 -6.92 -10.08 -17.35
CA VAL D 107 -7.51 -11.26 -16.72
C VAL D 107 -6.47 -11.95 -15.84
N ALA D 108 -5.26 -12.13 -16.36
CA ALA D 108 -4.21 -12.78 -15.58
C ALA D 108 -3.90 -12.01 -14.31
N GLY D 109 -3.74 -10.68 -14.43
CA GLY D 109 -3.50 -9.88 -13.25
C GLY D 109 -4.63 -9.93 -12.24
N PHE D 110 -5.87 -10.05 -12.73
CA PHE D 110 -7.01 -10.14 -11.82
C PHE D 110 -7.05 -11.49 -11.11
N LEU D 111 -6.77 -12.58 -11.83
CA LEU D 111 -6.76 -13.89 -11.21
C LEU D 111 -5.66 -14.02 -10.16
N GLY D 112 -4.51 -13.39 -10.39
CA GLY D 112 -3.43 -13.45 -9.42
C GLY D 112 -3.77 -12.75 -8.12
N GLU D 113 -4.41 -11.58 -8.21
CA GLU D 113 -4.83 -10.88 -7.00
C GLU D 113 -5.96 -11.61 -6.28
N MET D 114 -6.77 -12.36 -7.02
CA MET D 114 -7.83 -13.16 -6.40
C MET D 114 -7.25 -14.40 -5.73
N LEU D 115 -6.26 -15.04 -6.35
CA LEU D 115 -5.52 -16.10 -5.67
C LEU D 115 -4.82 -15.56 -4.44
N SER D 116 -4.22 -14.36 -4.55
CA SER D 116 -3.60 -13.73 -3.39
C SER D 116 -4.63 -13.47 -2.30
N THR D 117 -5.82 -13.02 -2.67
CA THR D 117 -6.87 -12.75 -1.70
C THR D 117 -7.58 -14.02 -1.24
N GLY D 118 -7.56 -15.09 -2.04
CA GLY D 118 -8.14 -16.34 -1.61
C GLY D 118 -7.30 -17.05 -0.56
N PHE D 119 -5.98 -17.08 -0.77
CA PHE D 119 -5.09 -17.63 0.24
C PHE D 119 -5.05 -16.75 1.48
N ASN D 120 -5.13 -15.43 1.29
CA ASN D 120 -5.13 -14.44 2.37
C ASN D 120 -4.04 -14.75 3.40
N VAL D 121 -2.81 -14.81 2.90
CA VAL D 121 -1.65 -15.02 3.75
C VAL D 121 -0.97 -13.68 3.99
N VAL D 122 -0.19 -13.61 5.07
CA VAL D 122 0.52 -12.40 5.45
C VAL D 122 2.01 -12.72 5.39
N GLY D 123 2.67 -12.22 4.34
CA GLY D 123 4.10 -12.45 4.18
C GLY D 123 4.93 -11.64 5.14
N PHE D 124 4.61 -11.70 6.43
CA PHE D 124 5.38 -10.96 7.43
C PHE D 124 6.85 -11.34 7.38
N ASN D 125 7.15 -12.60 7.08
CA ASN D 125 8.52 -13.06 6.87
C ASN D 125 8.48 -14.27 5.94
N TRP D 126 9.63 -14.93 5.79
CA TRP D 126 9.69 -16.10 4.91
C TRP D 126 8.83 -17.23 5.45
N MET D 127 8.87 -17.48 6.75
CA MET D 127 8.13 -18.59 7.33
C MET D 127 6.62 -18.40 7.23
N SER D 128 6.15 -17.14 7.26
CA SER D 128 4.73 -16.88 7.16
C SER D 128 4.12 -17.36 5.85
N SER D 129 4.95 -17.69 4.86
CA SER D 129 4.53 -18.24 3.57
C SER D 129 5.72 -18.21 2.62
N PRO D 130 6.57 -19.24 2.63
CA PRO D 130 7.78 -19.19 1.79
C PRO D 130 7.52 -18.85 0.34
N ALA D 131 6.43 -19.36 -0.25
CA ALA D 131 6.14 -19.05 -1.64
C ALA D 131 5.84 -17.57 -1.84
N ALA D 132 5.28 -16.90 -0.83
CA ALA D 132 4.97 -15.49 -0.96
C ALA D 132 6.23 -14.62 -1.04
N THR D 133 7.38 -15.16 -0.66
CA THR D 133 8.65 -14.45 -0.74
C THR D 133 9.51 -14.92 -1.92
N GLU D 134 9.64 -16.24 -2.08
CA GLU D 134 10.52 -16.75 -3.12
C GLU D 134 9.98 -16.44 -4.52
N LEU D 135 8.65 -16.54 -4.70
CA LEU D 135 8.08 -16.22 -6.00
C LEU D 135 8.35 -14.76 -6.37
N GLU D 136 8.29 -13.86 -5.40
CA GLU D 136 8.52 -12.44 -5.68
C GLU D 136 9.96 -12.20 -6.12
N SER D 137 10.92 -12.92 -5.54
CA SER D 137 12.31 -12.80 -5.96
C SER D 137 12.52 -13.39 -7.35
N VAL D 138 11.79 -14.45 -7.69
CA VAL D 138 11.93 -15.07 -9.01
C VAL D 138 11.36 -14.14 -10.08
N VAL D 139 10.13 -13.67 -9.88
CA VAL D 139 9.46 -12.88 -10.91
C VAL D 139 10.17 -11.55 -11.13
N MET D 140 10.68 -10.95 -10.05
CA MET D 140 11.42 -9.70 -10.21
C MET D 140 12.71 -9.92 -11.00
N ASP D 141 13.32 -11.09 -10.87
CA ASP D 141 14.47 -11.41 -11.72
C ASP D 141 14.03 -11.73 -13.15
N TRP D 142 12.87 -12.36 -13.32
CA TRP D 142 12.26 -12.47 -14.64
C TRP D 142 12.11 -11.10 -15.28
N PHE D 143 11.35 -10.22 -14.62
CA PHE D 143 11.04 -8.92 -15.18
C PHE D 143 12.30 -8.10 -15.43
N GLY D 144 13.26 -8.17 -14.50
CA GLY D 144 14.50 -7.44 -14.69
C GLY D 144 15.25 -7.87 -15.94
N LYS D 145 15.31 -9.18 -16.19
CA LYS D 145 15.97 -9.67 -17.40
C LYS D 145 15.22 -9.25 -18.64
N MET D 146 13.88 -9.25 -18.58
CA MET D 146 13.10 -8.74 -19.71
C MET D 146 13.43 -7.28 -19.98
N LEU D 147 13.62 -6.49 -18.93
CA LEU D 147 14.02 -5.10 -19.05
C LEU D 147 15.50 -4.94 -19.37
N ASN D 148 16.26 -6.04 -19.40
CA ASN D 148 17.69 -5.99 -19.67
C ASN D 148 18.42 -5.14 -18.63
N LEU D 149 17.99 -5.24 -17.38
CA LEU D 149 18.73 -4.61 -16.29
C LEU D 149 20.04 -5.34 -16.07
N PRO D 150 21.09 -4.63 -15.67
CA PRO D 150 22.37 -5.29 -15.38
C PRO D 150 22.22 -6.25 -14.21
N GLU D 151 23.19 -7.18 -14.11
CA GLU D 151 23.17 -8.15 -13.02
C GLU D 151 23.18 -7.48 -11.65
N SER D 152 23.66 -6.23 -11.56
CA SER D 152 23.76 -5.55 -10.28
C SER D 152 22.40 -5.31 -9.63
N PHE D 153 21.31 -5.44 -10.38
CA PHE D 153 19.97 -5.26 -9.84
C PHE D 153 19.21 -6.57 -9.65
N LEU D 154 19.81 -7.70 -10.00
CA LEU D 154 19.16 -9.00 -9.94
C LEU D 154 19.70 -9.83 -8.80
N PHE D 155 18.88 -10.76 -8.31
CA PHE D 155 19.35 -11.69 -7.29
C PHE D 155 20.44 -12.61 -7.84
N SER D 156 20.42 -12.86 -9.15
CA SER D 156 21.52 -13.60 -9.77
C SER D 156 22.85 -12.89 -9.56
N GLY D 157 22.84 -11.56 -9.48
CA GLY D 157 24.05 -10.79 -9.31
C GLY D 157 24.15 -10.10 -7.97
N SER D 158 24.35 -8.79 -7.99
CA SER D 158 24.67 -8.06 -6.78
C SER D 158 23.43 -7.70 -5.96
N GLY D 159 22.37 -7.24 -6.62
CA GLY D 159 21.24 -6.64 -5.94
C GLY D 159 20.03 -7.54 -5.89
N GLY D 160 18.85 -6.92 -5.98
CA GLY D 160 17.61 -7.65 -5.92
C GLY D 160 16.44 -6.70 -6.09
N GLY D 161 15.28 -7.28 -6.32
CA GLY D 161 14.06 -6.52 -6.54
C GLY D 161 13.03 -6.79 -5.48
N VAL D 162 12.14 -5.82 -5.26
CA VAL D 162 11.06 -5.93 -4.28
C VAL D 162 9.80 -5.36 -4.87
N LEU D 163 8.66 -5.97 -4.54
CA LEU D 163 7.35 -5.48 -4.96
C LEU D 163 6.75 -4.63 -3.86
N GLN D 164 6.31 -3.42 -4.22
CA GLN D 164 5.65 -2.52 -3.28
C GLN D 164 4.34 -2.06 -3.91
N GLY D 165 3.59 -1.27 -3.14
CA GLY D 165 2.30 -0.78 -3.59
C GLY D 165 2.39 0.29 -4.66
N THR D 166 3.05 1.41 -4.34
CA THR D 166 3.11 2.57 -5.21
C THR D 166 4.54 3.05 -5.35
N SER D 167 4.75 3.94 -6.32
CA SER D 167 6.09 4.47 -6.56
C SER D 167 6.54 5.39 -5.42
N CYS D 168 5.60 6.10 -4.80
CA CYS D 168 5.98 7.04 -3.74
C CYS D 168 6.65 6.32 -2.57
N GLU D 169 6.07 5.20 -2.14
CA GLU D 169 6.66 4.48 -1.02
C GLU D 169 7.98 3.83 -1.41
N ALA D 170 8.07 3.33 -2.65
CA ALA D 170 9.36 2.83 -3.13
C ALA D 170 10.40 3.94 -3.19
N ILE D 171 9.97 5.15 -3.55
CA ILE D 171 10.88 6.29 -3.56
C ILE D 171 11.17 6.75 -2.14
N LEU D 172 10.19 6.66 -1.24
CA LEU D 172 10.44 6.94 0.16
C LEU D 172 11.44 5.96 0.75
N CYS D 173 11.35 4.69 0.37
CA CYS D 173 12.30 3.69 0.85
C CYS D 173 13.72 4.03 0.42
N THR D 174 13.94 4.22 -0.88
CA THR D 174 15.28 4.51 -1.37
C THR D 174 15.80 5.81 -0.79
N LEU D 175 14.94 6.83 -0.69
CA LEU D 175 15.36 8.10 -0.08
C LEU D 175 15.74 7.89 1.38
N THR D 176 14.94 7.11 2.10
CA THR D 176 15.30 6.78 3.48
C THR D 176 16.58 5.96 3.55
N ALA D 177 16.80 5.08 2.57
CA ALA D 177 18.03 4.30 2.54
C ALA D 177 19.23 5.18 2.25
N ALA D 178 19.09 6.10 1.27
CA ALA D 178 20.18 7.03 0.99
C ALA D 178 20.42 7.97 2.16
N ARG D 179 19.35 8.41 2.82
CA ARG D 179 19.50 9.30 3.96
C ARG D 179 20.31 8.64 5.07
N ASP D 180 19.89 7.43 5.48
CA ASP D 180 20.61 6.74 6.55
C ASP D 180 22.04 6.39 6.12
N ARG D 181 22.25 6.12 4.83
CA ARG D 181 23.60 5.85 4.36
C ARG D 181 24.51 7.05 4.55
N LYS D 182 23.99 8.25 4.29
CA LYS D 182 24.78 9.47 4.49
C LYS D 182 24.90 9.83 5.97
N LEU D 183 23.77 9.86 6.67
CA LEU D 183 23.79 10.34 8.06
C LEU D 183 24.52 9.37 8.98
N ASN D 184 24.60 8.10 8.62
CA ASN D 184 25.28 7.14 9.48
C ASN D 184 26.79 7.37 9.54
N LYS D 185 27.35 8.12 8.59
CA LYS D 185 28.77 8.40 8.60
C LYS D 185 29.11 9.86 8.90
N ILE D 186 28.21 10.79 8.63
CA ILE D 186 28.45 12.20 8.92
C ILE D 186 27.73 12.68 10.17
N GLY D 187 26.68 11.98 10.61
CA GLY D 187 25.99 12.40 11.84
C GLY D 187 24.52 12.66 11.57
N ARG D 188 23.68 12.11 12.46
CA ARG D 188 22.24 12.25 12.30
C ARG D 188 21.80 13.71 12.35
N GLU D 189 22.57 14.57 13.03
CA GLU D 189 22.18 15.96 13.19
C GLU D 189 22.25 16.75 11.89
N HIS D 190 22.83 16.20 10.83
CA HIS D 190 22.98 16.89 9.56
C HIS D 190 21.80 16.64 8.63
N ILE D 191 20.68 16.12 9.15
CA ILE D 191 19.53 15.83 8.29
C ILE D 191 18.96 17.12 7.70
N GLY D 192 19.04 18.22 8.43
CA GLY D 192 18.55 19.50 7.94
C GLY D 192 19.35 20.11 6.81
N ARG D 193 20.45 19.47 6.41
CA ARG D 193 21.28 19.95 5.31
C ARG D 193 21.16 19.12 4.05
N LEU D 194 20.45 17.99 4.10
CA LEU D 194 20.32 17.12 2.94
C LEU D 194 19.37 17.72 1.92
N VAL D 195 19.72 17.61 0.64
CA VAL D 195 18.96 18.20 -0.46
C VAL D 195 18.51 17.09 -1.38
N VAL D 196 17.24 17.10 -1.75
CA VAL D 196 16.66 16.15 -2.70
C VAL D 196 16.44 16.87 -4.02
N TYR D 197 16.90 16.26 -5.11
CA TYR D 197 16.91 16.90 -6.42
C TYR D 197 15.96 16.20 -7.37
N GLY D 198 15.06 16.97 -7.97
CA GLY D 198 14.24 16.51 -9.08
C GLY D 198 14.11 17.62 -10.10
N SER D 199 13.31 17.35 -11.12
CA SER D 199 12.99 18.35 -12.13
C SER D 199 11.68 19.02 -11.81
N ASP D 200 11.44 20.17 -12.45
CA ASP D 200 10.16 20.84 -12.27
C ASP D 200 9.00 20.06 -12.90
N GLN D 201 9.30 18.92 -13.52
CA GLN D 201 8.27 17.97 -13.94
C GLN D 201 8.18 16.76 -13.02
N THR D 202 9.24 16.45 -12.28
CA THR D 202 9.17 15.48 -11.20
C THR D 202 8.17 15.95 -10.16
N PHE D 203 7.06 15.24 -10.01
CA PHE D 203 5.92 15.75 -9.27
C PHE D 203 5.56 14.85 -8.09
N CYS D 204 5.10 15.48 -7.01
CA CYS D 204 4.45 14.81 -5.89
C CYS D 204 5.32 13.75 -5.22
N ALA D 205 5.37 12.55 -5.80
CA ALA D 205 5.94 11.40 -5.12
C ALA D 205 7.30 11.71 -4.50
N LEU D 206 8.17 12.43 -5.23
CA LEU D 206 9.47 12.78 -4.69
C LEU D 206 9.32 13.74 -3.51
N GLN D 207 8.67 14.88 -3.74
CA GLN D 207 8.51 15.87 -2.67
C GLN D 207 7.77 15.28 -1.48
N LYS D 208 6.78 14.43 -1.72
CA LYS D 208 6.04 13.80 -0.62
C LYS D 208 6.97 12.92 0.21
N ALA D 209 7.73 12.04 -0.46
CA ALA D 209 8.68 11.20 0.26
C ALA D 209 9.68 12.04 1.03
N ALA D 210 10.15 13.14 0.43
CA ALA D 210 11.08 14.02 1.12
C ALA D 210 10.47 14.57 2.40
N GLN D 211 9.21 15.02 2.33
CA GLN D 211 8.54 15.52 3.53
C GLN D 211 8.45 14.43 4.60
N VAL D 212 8.05 13.23 4.19
CA VAL D 212 7.90 12.14 5.15
C VAL D 212 9.24 11.76 5.76
N ALA D 213 10.29 11.70 4.95
CA ALA D 213 11.60 11.24 5.38
C ALA D 213 12.37 12.30 6.17
N GLY D 214 11.72 13.38 6.59
CA GLY D 214 12.38 14.37 7.42
C GLY D 214 13.24 15.37 6.68
N ILE D 215 13.18 15.41 5.35
CA ILE D 215 13.93 16.40 4.59
C ILE D 215 13.29 17.77 4.78
N ASN D 216 14.13 18.77 5.01
CA ASN D 216 13.62 20.12 5.25
C ASN D 216 12.90 20.63 4.00
N PRO D 217 11.69 21.17 4.14
CA PRO D 217 10.96 21.65 2.95
C PRO D 217 11.72 22.68 2.13
N LYS D 218 12.74 23.32 2.71
CA LYS D 218 13.54 24.30 1.97
C LYS D 218 14.63 23.64 1.11
N ASN D 219 14.95 22.38 1.37
CA ASN D 219 16.01 21.68 0.65
C ASN D 219 15.44 20.70 -0.39
N PHE D 220 14.25 20.97 -0.90
CA PHE D 220 13.72 20.25 -2.06
C PHE D 220 13.91 21.11 -3.30
N ARG D 221 14.44 20.51 -4.35
CA ARG D 221 14.74 21.22 -5.59
C ARG D 221 13.86 20.67 -6.72
N ALA D 222 13.27 21.58 -7.48
CA ALA D 222 12.53 21.25 -8.71
C ALA D 222 13.22 22.01 -9.83
N ILE D 223 14.32 21.44 -10.34
CA ILE D 223 15.18 22.15 -11.26
C ILE D 223 14.42 22.52 -12.53
N LYS D 224 14.63 23.76 -12.98
CA LYS D 224 13.95 24.24 -14.18
C LYS D 224 14.36 23.43 -15.40
N THR D 225 13.38 23.10 -16.24
CA THR D 225 13.61 22.42 -17.51
C THR D 225 13.14 23.32 -18.64
N PHE D 226 13.69 23.07 -19.83
CA PHE D 226 13.51 23.98 -20.96
C PHE D 226 12.92 23.24 -22.16
N LYS D 227 12.20 23.99 -22.99
CA LYS D 227 11.63 23.43 -24.20
C LYS D 227 12.71 22.94 -25.15
N GLU D 228 13.91 23.53 -25.07
CA GLU D 228 15.00 23.08 -25.95
C GLU D 228 15.34 21.62 -25.72
N ASN D 229 15.15 21.12 -24.49
CA ASN D 229 15.44 19.74 -24.16
C ASN D 229 14.15 18.94 -23.91
N SER D 230 13.05 19.37 -24.52
CA SER D 230 11.75 18.73 -24.31
C SER D 230 11.43 18.58 -22.83
N PHE D 231 11.92 19.54 -22.03
CA PHE D 231 11.65 19.58 -20.59
C PHE D 231 12.24 18.38 -19.85
N GLY D 232 13.30 17.81 -20.42
CA GLY D 232 14.08 16.81 -19.71
C GLY D 232 15.19 17.49 -18.92
N LEU D 233 15.40 17.00 -17.70
CA LEU D 233 16.39 17.61 -16.82
C LEU D 233 17.78 17.50 -17.42
N SER D 234 18.43 18.65 -17.62
CA SER D 234 19.79 18.68 -18.12
C SER D 234 20.78 18.54 -16.98
N ALA D 235 21.82 17.74 -17.19
CA ALA D 235 22.83 17.54 -16.16
C ALA D 235 23.58 18.83 -15.86
N ALA D 236 23.77 19.69 -16.87
CA ALA D 236 24.43 20.96 -16.65
C ALA D 236 23.64 21.83 -15.68
N THR D 237 22.31 21.84 -15.82
CA THR D 237 21.47 22.56 -14.87
C THR D 237 21.53 21.92 -13.49
N LEU D 238 21.59 20.59 -13.45
CA LEU D 238 21.70 19.90 -12.16
C LEU D 238 22.99 20.27 -11.44
N ARG D 239 24.10 20.34 -12.18
CA ARG D 239 25.37 20.71 -11.56
C ARG D 239 25.37 22.15 -11.08
N GLU D 240 24.65 23.05 -11.77
CA GLU D 240 24.58 24.43 -11.34
C GLU D 240 23.89 24.55 -9.98
N VAL D 241 22.78 23.85 -9.80
CA VAL D 241 22.03 23.95 -8.55
C VAL D 241 22.78 23.27 -7.41
N ILE D 242 23.59 22.25 -7.71
CA ILE D 242 24.35 21.57 -6.67
C ILE D 242 25.42 22.50 -6.11
N LEU D 243 26.17 23.17 -6.98
CA LEU D 243 27.17 24.12 -6.53
C LEU D 243 26.52 25.28 -5.77
N GLU D 244 25.30 25.66 -6.15
CA GLU D 244 24.60 26.70 -5.42
C GLU D 244 24.24 26.25 -4.00
N ASP D 245 23.84 24.99 -3.86
CA ASP D 245 23.50 24.47 -2.53
C ASP D 245 24.74 24.21 -1.70
N ILE D 246 25.82 23.71 -2.33
CA ILE D 246 27.06 23.49 -1.59
C ILE D 246 27.61 24.81 -1.07
N GLU D 247 27.52 25.87 -1.88
CA GLU D 247 27.89 27.20 -1.41
C GLU D 247 27.07 27.60 -0.19
N ALA D 248 25.82 27.15 -0.11
CA ALA D 248 24.95 27.46 1.01
C ALA D 248 25.16 26.54 2.20
N GLY D 249 26.21 25.73 2.19
CA GLY D 249 26.46 24.81 3.28
C GLY D 249 25.54 23.62 3.33
N LEU D 250 24.91 23.28 2.22
CA LEU D 250 23.99 22.15 2.14
C LEU D 250 24.71 20.90 1.65
N ILE D 251 24.02 19.77 1.74
CA ILE D 251 24.59 18.48 1.38
C ILE D 251 23.70 17.80 0.33
N PRO D 252 24.13 17.72 -0.92
CA PRO D 252 23.32 17.01 -1.92
C PRO D 252 23.29 15.51 -1.60
N LEU D 253 22.08 14.95 -1.59
CA LEU D 253 21.87 13.57 -1.19
C LEU D 253 21.23 12.72 -2.27
N PHE D 254 20.17 13.21 -2.92
CA PHE D 254 19.28 12.36 -3.68
C PHE D 254 18.86 13.07 -4.96
N VAL D 255 18.98 12.38 -6.09
CA VAL D 255 18.51 12.87 -7.38
C VAL D 255 17.67 11.78 -8.02
N CYS D 256 16.50 12.15 -8.54
CA CYS D 256 15.52 11.21 -9.06
C CYS D 256 15.19 11.56 -10.51
N PRO D 257 16.04 11.19 -11.45
CA PRO D 257 15.70 11.38 -12.87
C PRO D 257 14.49 10.54 -13.23
N THR D 258 13.67 11.07 -14.14
CA THR D 258 12.41 10.44 -14.51
C THR D 258 12.41 10.10 -16.00
N VAL D 259 11.94 8.89 -16.31
CA VAL D 259 11.70 8.46 -17.68
C VAL D 259 10.19 8.43 -17.89
N GLY D 260 9.70 9.27 -18.80
CA GLY D 260 8.27 9.40 -19.00
C GLY D 260 7.60 10.15 -17.86
N THR D 261 7.86 11.45 -17.78
CA THR D 261 7.26 12.27 -16.74
C THR D 261 5.74 12.29 -16.91
N THR D 262 5.06 12.77 -15.86
CA THR D 262 3.61 12.67 -15.81
C THR D 262 2.91 13.68 -16.71
N SER D 263 3.52 14.84 -16.96
CA SER D 263 2.87 15.90 -17.72
C SER D 263 3.00 15.72 -19.22
N SER D 264 4.23 15.63 -19.72
CA SER D 264 4.47 15.61 -21.16
C SER D 264 5.32 14.41 -21.61
N THR D 265 5.42 13.38 -20.77
CA THR D 265 6.24 12.20 -21.07
C THR D 265 7.64 12.61 -21.53
N ALA D 266 8.27 13.51 -20.77
CA ALA D 266 9.66 13.83 -20.99
C ALA D 266 10.55 12.70 -20.48
N VAL D 267 11.81 12.74 -20.86
CA VAL D 267 12.78 11.71 -20.48
C VAL D 267 14.06 12.41 -20.04
N ASP D 268 14.43 12.20 -18.78
CA ASP D 268 15.66 12.80 -18.26
C ASP D 268 16.85 11.94 -18.64
N PRO D 269 17.90 12.51 -19.24
CA PRO D 269 19.08 11.71 -19.58
C PRO D 269 19.72 11.12 -18.33
N ILE D 270 19.67 9.79 -18.22
CA ILE D 270 20.10 9.13 -16.99
C ILE D 270 21.62 9.18 -16.85
N SER D 271 22.33 8.80 -17.91
CA SER D 271 23.79 8.68 -17.80
C SER D 271 24.45 9.97 -17.38
N PRO D 272 24.20 11.12 -18.02
CA PRO D 272 24.84 12.36 -17.56
C PRO D 272 24.43 12.77 -16.16
N ILE D 273 23.22 12.42 -15.73
CA ILE D 273 22.78 12.76 -14.38
C ILE D 273 23.57 11.96 -13.35
N CYS D 274 23.80 10.68 -13.63
CA CYS D 274 24.60 9.86 -12.71
C CYS D 274 26.04 10.37 -12.62
N GLU D 275 26.60 10.81 -13.75
CA GLU D 275 27.95 11.33 -13.75
C GLU D 275 28.09 12.49 -12.77
N VAL D 276 27.12 13.41 -12.77
CA VAL D 276 27.13 14.50 -11.80
C VAL D 276 26.90 13.97 -10.40
N ALA D 277 26.05 12.94 -10.26
CA ALA D 277 25.72 12.42 -8.94
C ALA D 277 26.91 11.70 -8.32
N LYS D 278 27.66 10.93 -9.12
CA LYS D 278 28.84 10.25 -8.59
C LYS D 278 29.91 11.24 -8.15
N GLU D 279 29.98 12.40 -8.80
CA GLU D 279 30.95 13.41 -8.40
C GLU D 279 30.68 13.91 -6.99
N TYR D 280 29.40 13.98 -6.58
CA TYR D 280 29.01 14.47 -5.27
C TYR D 280 28.44 13.38 -4.38
N GLU D 281 28.72 12.11 -4.71
CA GLU D 281 28.32 10.97 -3.89
C GLU D 281 26.84 11.00 -3.55
N MET D 282 26.03 11.02 -4.61
CA MET D 282 24.59 11.09 -4.48
C MET D 282 23.93 9.78 -4.89
N TRP D 283 22.79 9.49 -4.27
CA TRP D 283 21.97 8.34 -4.65
C TRP D 283 21.15 8.70 -5.88
N VAL D 284 21.12 7.80 -6.86
CA VAL D 284 20.35 8.00 -8.09
C VAL D 284 19.22 6.98 -8.12
N HIS D 285 17.99 7.46 -8.13
CA HIS D 285 16.80 6.62 -8.26
C HIS D 285 16.12 6.97 -9.58
N VAL D 286 16.05 6.00 -10.49
CA VAL D 286 15.41 6.19 -11.78
C VAL D 286 13.92 5.91 -11.61
N ASP D 287 13.10 6.95 -11.77
CA ASP D 287 11.66 6.85 -11.61
C ASP D 287 11.04 6.69 -13.00
N ALA D 288 10.62 5.47 -13.31
CA ALA D 288 9.95 5.14 -14.57
C ALA D 288 8.62 4.46 -14.29
N ALA D 289 7.79 5.14 -13.49
CA ALA D 289 6.53 4.53 -13.03
C ALA D 289 5.69 4.06 -14.21
N TYR D 290 5.43 4.94 -15.17
CA TYR D 290 4.55 4.61 -16.29
C TYR D 290 5.31 3.95 -17.45
N ALA D 291 6.28 4.65 -18.03
CA ALA D 291 6.94 4.22 -19.25
C ALA D 291 7.92 3.06 -19.05
N GLY D 292 8.30 2.75 -17.81
CA GLY D 292 9.32 1.73 -17.61
C GLY D 292 9.00 0.40 -18.25
N SER D 293 7.72 0.03 -18.30
CA SER D 293 7.36 -1.30 -18.80
C SER D 293 7.64 -1.45 -20.28
N ALA D 294 7.61 -0.36 -21.05
CA ALA D 294 7.91 -0.43 -22.47
C ALA D 294 9.36 -0.78 -22.75
N CYS D 295 10.22 -0.79 -21.73
CA CYS D 295 11.63 -1.10 -21.93
C CYS D 295 11.92 -2.59 -22.02
N ILE D 296 10.88 -3.44 -22.00
CA ILE D 296 11.10 -4.84 -22.36
C ILE D 296 11.16 -5.00 -23.87
N CYS D 297 10.69 -4.01 -24.62
CA CYS D 297 10.84 -4.01 -26.06
C CYS D 297 12.20 -3.43 -26.44
N PRO D 298 12.98 -4.13 -27.26
CA PRO D 298 14.35 -3.65 -27.54
C PRO D 298 14.41 -2.25 -28.12
N GLU D 299 13.42 -1.86 -28.94
CA GLU D 299 13.45 -0.53 -29.55
C GLU D 299 13.22 0.58 -28.52
N PHE D 300 12.69 0.26 -27.35
CA PHE D 300 12.44 1.24 -26.30
C PHE D 300 13.45 1.16 -25.16
N ARG D 301 14.29 0.13 -25.13
CA ARG D 301 15.21 -0.07 -24.02
C ARG D 301 16.24 1.06 -23.90
N HIS D 302 16.51 1.79 -24.99
CA HIS D 302 17.48 2.87 -24.92
C HIS D 302 17.04 3.98 -23.96
N PHE D 303 15.75 4.06 -23.65
CA PHE D 303 15.26 5.15 -22.82
C PHE D 303 15.84 5.09 -21.40
N ILE D 304 16.21 3.91 -20.94
CA ILE D 304 16.79 3.75 -19.61
C ILE D 304 18.29 3.46 -19.69
N ASP D 305 18.93 3.79 -20.82
CA ASP D 305 20.37 3.68 -20.90
C ASP D 305 21.02 4.56 -19.84
N GLY D 306 21.98 3.99 -19.11
CA GLY D 306 22.58 4.66 -17.98
C GLY D 306 22.05 4.20 -16.64
N VAL D 307 20.96 3.43 -16.62
CA VAL D 307 20.44 2.89 -15.38
C VAL D 307 21.46 2.00 -14.69
N GLU D 308 22.43 1.47 -15.45
CA GLU D 308 23.48 0.67 -14.85
C GLU D 308 24.34 1.46 -13.88
N GLU D 309 24.28 2.79 -13.92
CA GLU D 309 25.05 3.65 -13.03
C GLU D 309 24.22 4.19 -11.88
N ALA D 310 22.92 3.90 -11.84
CA ALA D 310 22.05 4.38 -10.78
C ALA D 310 22.10 3.44 -9.58
N ASP D 311 21.43 3.86 -8.50
CA ASP D 311 21.36 3.07 -7.28
C ASP D 311 20.07 2.27 -7.16
N SER D 312 18.97 2.77 -7.73
CA SER D 312 17.70 2.07 -7.69
C SER D 312 16.87 2.45 -8.92
N PHE D 313 15.98 1.55 -9.30
CA PHE D 313 15.14 1.74 -10.47
C PHE D 313 13.75 1.20 -10.16
N SER D 314 12.72 2.01 -10.44
CA SER D 314 11.35 1.67 -10.07
C SER D 314 10.42 1.91 -11.25
N LEU D 315 9.40 1.05 -11.35
CA LEU D 315 8.32 1.23 -12.31
C LEU D 315 7.05 0.66 -11.69
N ASN D 316 5.91 1.23 -12.09
CA ASN D 316 4.60 0.75 -11.66
C ASN D 316 4.09 -0.25 -12.67
N ALA D 317 4.00 -1.52 -12.27
CA ALA D 317 3.45 -2.55 -13.15
C ALA D 317 1.95 -2.41 -13.35
N HIS D 318 1.28 -1.60 -12.52
CA HIS D 318 -0.16 -1.43 -12.63
C HIS D 318 -0.51 -0.25 -13.54
N TRP D 320 1.28 0.24 -16.61
CA TRP D 320 1.48 -0.20 -17.99
C TRP D 320 2.04 -1.61 -18.09
N PHE D 321 1.57 -2.51 -17.21
CA PHE D 321 1.95 -3.91 -17.36
C PHE D 321 0.84 -4.89 -16.93
N PHE D 322 -0.42 -4.45 -16.90
CA PHE D 322 -1.58 -5.33 -16.83
C PHE D 322 -1.71 -6.05 -15.49
N THR D 323 -1.03 -5.58 -14.45
CA THR D 323 -1.00 -6.29 -13.18
C THR D 323 -2.12 -5.90 -12.22
N THR D 324 -3.03 -5.03 -12.65
CA THR D 324 -4.13 -4.54 -11.83
C THR D 324 -3.64 -3.93 -10.52
N LEU D 325 -3.98 -2.66 -10.30
CA LEU D 325 -3.51 -1.93 -9.13
C LEU D 325 -3.75 -2.70 -7.85
N ASP D 326 -2.73 -2.76 -6.99
CA ASP D 326 -1.47 -2.07 -7.24
C ASP D 326 -0.28 -3.03 -7.27
N CYS D 327 0.80 -2.62 -7.94
CA CYS D 327 2.02 -3.40 -8.02
C CYS D 327 3.17 -2.57 -8.56
N CYS D 328 4.07 -2.14 -7.68
CA CYS D 328 5.22 -1.34 -8.05
C CYS D 328 6.49 -2.19 -7.94
N CYS D 329 7.29 -2.21 -9.00
CA CYS D 329 8.51 -2.99 -9.06
C CYS D 329 9.69 -2.08 -8.74
N LEU D 330 10.42 -2.41 -7.66
CA LEU D 330 11.59 -1.64 -7.24
C LEU D 330 12.82 -2.54 -7.30
N TRP D 331 13.79 -2.15 -8.12
CA TRP D 331 15.09 -2.80 -8.17
C TRP D 331 16.13 -1.90 -7.53
N VAL D 332 17.05 -2.49 -6.77
CA VAL D 332 18.11 -1.76 -6.10
C VAL D 332 19.42 -2.54 -6.22
N LYS D 333 20.53 -1.81 -6.15
CA LYS D 333 21.83 -2.45 -6.23
C LYS D 333 22.31 -2.96 -4.88
N ASP D 334 21.89 -2.31 -3.80
CA ASP D 334 22.33 -2.65 -2.44
C ASP D 334 21.11 -2.79 -1.55
N PRO D 335 20.50 -3.98 -1.50
CA PRO D 335 19.36 -4.18 -0.60
C PRO D 335 19.68 -3.89 0.85
N SER D 336 20.92 -4.14 1.30
CA SER D 336 21.26 -3.87 2.69
C SER D 336 21.08 -2.39 3.03
N ALA D 337 21.23 -1.50 2.05
CA ALA D 337 20.95 -0.09 2.29
C ALA D 337 19.50 0.11 2.73
N LEU D 338 18.58 -0.65 2.13
CA LEU D 338 17.19 -0.61 2.57
C LEU D 338 17.04 -1.18 3.97
N VAL D 339 17.63 -2.36 4.20
CA VAL D 339 17.47 -3.05 5.48
C VAL D 339 18.11 -2.24 6.60
N LYS D 340 19.25 -1.61 6.34
CA LYS D 340 19.93 -0.82 7.36
C LYS D 340 19.06 0.33 7.85
N ALA D 341 18.13 0.81 7.02
CA ALA D 341 17.31 1.97 7.35
C ALA D 341 15.88 1.62 7.72
N LEU D 342 15.37 0.45 7.32
CA LEU D 342 13.97 0.12 7.52
C LEU D 342 13.73 -1.01 8.52
N SER D 343 14.74 -1.82 8.81
CA SER D 343 14.58 -2.86 9.81
C SER D 343 14.46 -2.24 11.20
N THR D 344 13.81 -2.96 12.11
CA THR D 344 13.65 -2.54 13.49
C THR D 344 14.60 -3.25 14.44
N ASN D 345 15.38 -4.22 13.95
CA ASN D 345 16.40 -4.83 14.77
C ASN D 345 17.45 -3.77 15.14
N PRO D 346 18.05 -3.88 16.31
CA PRO D 346 19.12 -2.94 16.68
C PRO D 346 20.15 -2.80 15.56
N GLU D 347 20.77 -1.63 15.50
CA GLU D 347 21.56 -1.25 14.32
C GLU D 347 22.76 -2.15 14.08
N TYR D 348 23.27 -2.82 15.11
CA TYR D 348 24.41 -3.70 14.90
C TYR D 348 24.00 -5.05 14.31
N LEU D 349 22.71 -5.36 14.28
CA LEU D 349 22.20 -6.57 13.64
C LEU D 349 21.69 -6.32 12.23
N ARG D 350 22.01 -5.16 11.65
CA ARG D 350 21.52 -4.81 10.32
C ARG D 350 22.62 -4.98 9.28
N VAL D 359 17.93 -16.41 3.25
CA VAL D 359 16.49 -16.16 3.25
C VAL D 359 16.20 -14.66 3.22
N VAL D 360 15.34 -14.24 2.30
CA VAL D 360 15.00 -12.84 2.15
C VAL D 360 13.92 -12.47 3.16
N ASP D 361 14.09 -11.31 3.80
CA ASP D 361 13.09 -10.74 4.69
C ASP D 361 12.61 -9.45 4.04
N TYR D 362 11.56 -9.56 3.22
CA TYR D 362 11.13 -8.44 2.39
C TYR D 362 10.54 -7.30 3.20
N LYS D 363 10.05 -7.56 4.42
CA LYS D 363 9.49 -6.47 5.22
C LYS D 363 10.55 -5.44 5.57
N ASP D 364 11.83 -5.79 5.49
CA ASP D 364 12.93 -4.86 5.69
C ASP D 364 13.32 -4.12 4.41
N TRP D 365 12.64 -4.40 3.31
CA TRP D 365 12.87 -3.69 2.05
C TRP D 365 11.85 -2.58 1.81
N GLN D 366 10.84 -2.44 2.66
CA GLN D 366 9.74 -1.53 2.38
C GLN D 366 9.16 -1.04 3.71
N ILE D 367 8.01 -0.37 3.63
CA ILE D 367 7.34 0.17 4.81
C ILE D 367 6.37 -0.83 5.40
N ALA D 368 5.68 -1.60 4.56
CA ALA D 368 4.62 -2.48 5.02
C ALA D 368 5.22 -3.71 5.72
N LEU D 369 4.80 -3.95 6.95
CA LEU D 369 5.16 -5.19 7.64
C LEU D 369 4.24 -6.33 7.22
N SER D 370 2.96 -6.04 7.06
CA SER D 370 1.98 -7.03 6.60
C SER D 370 1.89 -6.93 5.07
N ARG D 371 2.86 -7.55 4.41
CA ARG D 371 2.92 -7.53 2.96
C ARG D 371 1.89 -8.47 2.37
N ARG D 372 1.41 -8.12 1.17
CA ARG D 372 0.47 -8.96 0.43
C ARG D 372 1.23 -9.83 -0.58
N PHE D 373 0.60 -10.93 -0.95
CA PHE D 373 1.17 -11.88 -1.92
C PHE D 373 1.02 -11.30 -3.32
N ARG D 374 1.85 -10.29 -3.60
CA ARG D 374 1.72 -9.52 -4.83
C ARG D 374 2.37 -10.19 -6.04
N SER D 375 3.34 -11.08 -5.83
CA SER D 375 4.04 -11.67 -6.96
C SER D 375 3.11 -12.50 -7.85
N LEU D 376 1.99 -12.99 -7.30
CA LEU D 376 1.08 -13.80 -8.11
C LEU D 376 0.54 -13.02 -9.30
N LYS D 377 0.18 -11.76 -9.09
CA LYS D 377 -0.28 -10.92 -10.20
C LYS D 377 0.78 -10.85 -11.28
N LEU D 378 2.00 -10.45 -10.91
CA LEU D 378 3.09 -10.36 -11.88
C LEU D 378 3.40 -11.72 -12.49
N TRP D 379 3.36 -12.77 -11.68
CA TRP D 379 3.63 -14.12 -12.18
C TRP D 379 2.59 -14.53 -13.22
N MET D 380 1.31 -14.33 -12.91
CA MET D 380 0.25 -14.68 -13.85
C MET D 380 0.41 -13.94 -15.17
N VAL D 381 0.61 -12.62 -15.10
CA VAL D 381 0.71 -11.82 -16.32
C VAL D 381 1.88 -12.29 -17.18
N LEU D 382 2.99 -12.65 -16.54
CA LEU D 382 4.16 -13.07 -17.31
C LEU D 382 3.97 -14.44 -17.94
N ARG D 383 3.20 -15.31 -17.29
CA ARG D 383 2.98 -16.66 -17.82
C ARG D 383 1.80 -16.73 -18.78
N SER D 384 0.69 -16.06 -18.45
CA SER D 384 -0.51 -16.14 -19.28
C SER D 384 -0.32 -15.48 -20.65
N TYR D 385 0.67 -14.61 -20.80
CA TYR D 385 0.86 -13.88 -22.04
C TYR D 385 2.22 -14.06 -22.67
N GLY D 386 3.27 -14.21 -21.86
CA GLY D 386 4.61 -14.38 -22.38
C GLY D 386 5.23 -13.07 -22.86
N VAL D 387 6.55 -13.10 -23.00
CA VAL D 387 7.30 -11.90 -23.37
C VAL D 387 6.85 -11.39 -24.73
N THR D 388 6.67 -12.30 -25.69
CA THR D 388 6.37 -11.88 -27.06
C THR D 388 5.04 -11.12 -27.12
N ASN D 389 4.00 -11.67 -26.48
CA ASN D 389 2.70 -11.01 -26.50
C ASN D 389 2.71 -9.75 -25.66
N LEU D 390 3.47 -9.72 -24.56
CA LEU D 390 3.53 -8.53 -23.72
C LEU D 390 4.18 -7.37 -24.47
N ARG D 391 5.23 -7.65 -25.24
CA ARG D 391 5.83 -6.60 -26.07
C ARG D 391 4.82 -6.05 -27.07
N ASN D 392 4.09 -6.94 -27.75
CA ASN D 392 3.15 -6.50 -28.77
C ASN D 392 1.96 -5.77 -28.16
N PHE D 393 1.55 -6.15 -26.95
CA PHE D 393 0.57 -5.35 -26.22
C PHE D 393 1.02 -3.91 -26.09
N LEU D 394 2.24 -3.72 -25.58
CA LEU D 394 2.75 -2.37 -25.38
C LEU D 394 2.95 -1.64 -26.70
N ARG D 395 3.46 -2.35 -27.71
CA ARG D 395 3.59 -1.74 -29.04
C ARG D 395 2.23 -1.33 -29.58
N SER D 396 1.21 -2.17 -29.36
CA SER D 396 -0.14 -1.84 -29.80
C SER D 396 -0.58 -0.48 -29.24
N HIS D 397 -0.25 -0.20 -27.99
CA HIS D 397 -0.61 1.08 -27.39
C HIS D 397 0.15 2.22 -28.04
N VAL D 398 1.45 2.04 -28.27
CA VAL D 398 2.25 3.07 -28.92
C VAL D 398 1.77 3.28 -30.35
N LYS D 399 1.44 2.19 -31.04
CA LYS D 399 0.97 2.30 -32.42
C LYS D 399 -0.28 3.16 -32.51
N MET D 400 -1.25 2.92 -31.62
CA MET D 400 -2.48 3.70 -31.65
C MET D 400 -2.20 5.17 -31.34
N ALA D 401 -1.35 5.44 -30.35
CA ALA D 401 -1.01 6.83 -30.04
C ALA D 401 -0.28 7.48 -31.21
N LYS D 402 0.58 6.74 -31.90
CA LYS D 402 1.24 7.29 -33.07
C LYS D 402 0.24 7.59 -34.17
N THR D 403 -0.80 6.77 -34.30
CA THR D 403 -1.85 7.06 -35.26
C THR D 403 -2.61 8.32 -34.88
N PHE D 404 -2.98 8.45 -33.60
CA PHE D 404 -3.62 9.67 -33.13
C PHE D 404 -2.74 10.89 -33.43
N GLU D 405 -1.43 10.73 -33.28
CA GLU D 405 -0.51 11.81 -33.62
C GLU D 405 -0.58 12.16 -35.10
N GLY D 406 -0.63 11.14 -35.96
CA GLY D 406 -0.71 11.39 -37.38
C GLY D 406 -1.99 12.08 -37.79
N LEU D 407 -3.11 11.69 -37.17
CA LEU D 407 -4.38 12.35 -37.46
C LEU D 407 -4.35 13.81 -37.05
N ILE D 408 -3.76 14.10 -35.88
CA ILE D 408 -3.71 15.47 -35.39
C ILE D 408 -2.85 16.33 -36.30
N CYS D 409 -1.76 15.77 -36.84
CA CYS D 409 -0.90 16.53 -37.74
C CYS D 409 -1.65 16.91 -39.01
N MET D 410 -2.38 15.96 -39.60
CA MET D 410 -3.07 16.20 -40.85
C MET D 410 -4.19 17.24 -40.72
N ASP D 411 -4.59 17.58 -39.50
CA ASP D 411 -5.57 18.63 -39.27
C ASP D 411 -4.81 19.89 -38.84
N GLY D 412 -4.77 20.88 -39.74
CA GLY D 412 -3.96 22.07 -39.52
C GLY D 412 -4.34 22.87 -38.29
N ARG D 413 -5.56 22.68 -37.76
CA ARG D 413 -6.00 23.48 -36.62
C ARG D 413 -5.31 23.08 -35.32
N PHE D 414 -4.68 21.92 -35.27
CA PHE D 414 -4.07 21.41 -34.05
C PHE D 414 -2.54 21.49 -34.15
N GLU D 415 -1.89 21.20 -33.02
CA GLU D 415 -0.45 21.34 -32.91
C GLU D 415 0.08 20.35 -31.88
N ILE D 416 1.08 19.56 -32.28
CA ILE D 416 1.79 18.70 -31.34
C ILE D 416 2.75 19.57 -30.53
N THR D 417 2.59 19.57 -29.21
CA THR D 417 3.33 20.48 -28.35
C THR D 417 4.71 19.94 -27.97
N VAL D 418 4.83 18.64 -27.72
CA VAL D 418 6.10 18.03 -27.36
C VAL D 418 6.23 16.69 -28.08
N PRO D 419 7.45 16.24 -28.32
CA PRO D 419 7.65 14.98 -29.03
C PRO D 419 7.04 13.80 -28.28
N ARG D 420 6.31 12.96 -29.01
CA ARG D 420 5.73 11.76 -28.43
C ARG D 420 6.83 10.74 -28.17
N THR D 421 7.01 10.35 -26.91
CA THR D 421 8.04 9.38 -26.55
C THR D 421 7.48 7.99 -26.27
N PHE D 422 6.21 7.88 -25.90
CA PHE D 422 5.61 6.59 -25.61
C PHE D 422 4.18 6.52 -26.16
N ALA D 423 3.23 6.12 -25.32
CA ALA D 423 1.84 5.92 -25.76
C ALA D 423 0.95 7.11 -25.43
N MET D 424 1.52 8.30 -25.25
CA MET D 424 0.75 9.49 -24.93
C MET D 424 1.12 10.61 -25.90
N VAL D 425 0.11 11.36 -26.32
CA VAL D 425 0.27 12.46 -27.27
C VAL D 425 -0.18 13.74 -26.59
N CYS D 426 0.70 14.74 -26.58
CA CYS D 426 0.38 16.07 -26.04
C CYS D 426 0.14 17.02 -27.20
N PHE D 427 -1.07 17.59 -27.27
CA PHE D 427 -1.44 18.47 -28.36
C PHE D 427 -2.31 19.61 -27.79
N ARG D 428 -2.65 20.55 -28.66
CA ARG D 428 -3.53 21.65 -28.28
C ARG D 428 -4.20 22.19 -29.54
N LEU D 429 -5.39 22.75 -29.34
CA LEU D 429 -6.08 23.46 -30.41
C LEU D 429 -5.51 24.87 -30.54
N LEU D 430 -5.41 25.34 -31.79
CA LEU D 430 -4.83 26.65 -32.01
C LEU D 430 -5.91 27.68 -32.32
N PRO D 431 -5.74 28.92 -31.86
CA PRO D 431 -6.69 29.97 -32.22
C PRO D 431 -6.51 30.36 -33.68
N PRO D 432 -7.61 30.70 -34.37
CA PRO D 432 -7.53 31.11 -35.77
C PRO D 432 -6.98 32.52 -35.94
N GLU D 457 0.33 36.97 -24.37
CA GLU D 457 -1.06 37.39 -24.51
C GLU D 457 -1.79 36.47 -25.48
N ASN D 458 -1.14 36.14 -26.60
CA ASN D 458 -1.70 35.11 -27.48
C ASN D 458 -1.68 33.75 -26.81
N LEU D 459 -0.64 33.48 -26.01
CA LEU D 459 -0.58 32.22 -25.28
C LEU D 459 -1.68 32.15 -24.22
N VAL D 460 -1.91 33.26 -23.50
CA VAL D 460 -2.98 33.30 -22.51
C VAL D 460 -4.32 32.99 -23.19
N LEU D 461 -4.54 33.54 -24.39
CA LEU D 461 -5.77 33.26 -25.12
C LEU D 461 -5.86 31.79 -25.48
N ALA D 462 -4.80 31.25 -26.09
CA ALA D 462 -4.83 29.85 -26.52
C ALA D 462 -5.05 28.91 -25.34
N ASN D 463 -4.44 29.21 -24.20
CA ASN D 463 -4.61 28.34 -23.02
C ASN D 463 -6.07 28.32 -22.58
N LYS D 464 -6.73 29.48 -22.56
CA LYS D 464 -8.15 29.51 -22.24
C LYS D 464 -8.95 28.74 -23.28
N LEU D 465 -8.62 28.90 -24.56
CA LEU D 465 -9.32 28.18 -25.62
C LEU D 465 -9.25 26.68 -25.40
N ASN D 466 -8.06 26.16 -25.09
CA ASN D 466 -7.90 24.72 -24.89
C ASN D 466 -8.57 24.26 -23.61
N GLN D 467 -8.53 25.08 -22.55
CA GLN D 467 -9.21 24.72 -21.31
C GLN D 467 -10.71 24.58 -21.53
N VAL D 468 -11.31 25.56 -22.21
CA VAL D 468 -12.73 25.49 -22.51
C VAL D 468 -13.03 24.36 -23.49
N TYR D 469 -12.18 24.22 -24.51
CA TYR D 469 -12.35 23.16 -25.50
C TYR D 469 -12.31 21.78 -24.84
N LEU D 470 -11.25 21.51 -24.07
CA LEU D 470 -11.09 20.20 -23.46
C LEU D 470 -12.25 19.88 -22.52
N GLU D 471 -12.64 20.84 -21.67
CA GLU D 471 -13.70 20.56 -20.70
C GLU D 471 -15.04 20.30 -21.38
N THR D 472 -15.30 20.94 -22.52
CA THR D 472 -16.53 20.66 -23.26
C THR D 472 -16.52 19.22 -23.78
N VAL D 473 -15.36 18.73 -24.21
CA VAL D 473 -15.27 17.36 -24.69
C VAL D 473 -15.50 16.38 -23.55
N ASN D 474 -14.84 16.60 -22.41
CA ASN D 474 -14.99 15.71 -21.27
C ASN D 474 -16.42 15.71 -20.75
N ALA D 475 -17.08 16.87 -20.75
CA ALA D 475 -18.43 16.97 -20.23
C ALA D 475 -19.41 16.07 -20.99
N THR D 476 -19.07 15.68 -22.22
CA THR D 476 -19.95 14.80 -22.98
C THR D 476 -20.04 13.42 -22.38
N GLY D 477 -18.99 12.96 -21.70
CA GLY D 477 -18.90 11.60 -21.22
C GLY D 477 -18.49 10.60 -22.27
N SER D 478 -18.34 11.00 -23.52
CA SER D 478 -17.92 10.07 -24.56
C SER D 478 -16.49 9.60 -24.33
N VAL D 479 -15.61 10.51 -23.93
CA VAL D 479 -14.20 10.21 -23.69
C VAL D 479 -13.77 10.96 -22.42
N TYR D 480 -12.49 10.80 -22.06
CA TYR D 480 -11.95 11.51 -20.92
C TYR D 480 -10.46 11.75 -21.15
N MET D 481 -10.05 13.01 -21.05
CA MET D 481 -8.66 13.39 -21.15
C MET D 481 -8.36 14.47 -20.12
N THR D 482 -7.18 14.39 -19.52
CA THR D 482 -6.70 15.45 -18.64
C THR D 482 -5.72 16.33 -19.41
N HIS D 483 -5.22 17.37 -18.73
CA HIS D 483 -4.37 18.36 -19.35
C HIS D 483 -3.10 18.52 -18.55
N ALA D 484 -2.25 19.43 -19.01
CA ALA D 484 -1.03 19.81 -18.29
C ALA D 484 -0.57 21.14 -18.83
N VAL D 485 0.19 21.86 -18.01
CA VAL D 485 0.77 23.15 -18.37
C VAL D 485 2.28 23.01 -18.27
N VAL D 486 2.94 22.93 -19.42
CA VAL D 486 4.39 22.76 -19.51
C VAL D 486 4.95 23.94 -20.29
N GLY D 487 5.94 24.61 -19.71
CA GLY D 487 6.48 25.81 -20.33
C GLY D 487 5.48 26.91 -20.49
N GLY D 488 4.42 26.91 -19.68
CA GLY D 488 3.36 27.90 -19.79
C GLY D 488 2.30 27.59 -20.81
N VAL D 489 2.43 26.49 -21.55
CA VAL D 489 1.49 26.13 -22.61
C VAL D 489 0.50 25.11 -22.08
N TYR D 490 -0.79 25.41 -22.23
CA TYR D 490 -1.85 24.50 -21.86
C TYR D 490 -1.97 23.41 -22.92
N MET D 491 -1.73 22.16 -22.52
CA MET D 491 -1.74 21.03 -23.45
C MET D 491 -2.76 19.99 -23.02
N ILE D 492 -3.34 19.33 -24.02
CA ILE D 492 -4.24 18.20 -23.81
C ILE D 492 -3.44 16.91 -23.94
N ARG D 493 -3.53 16.06 -22.93
CA ARG D 493 -2.81 14.79 -22.92
C ARG D 493 -3.74 13.67 -23.41
N PHE D 494 -3.24 12.87 -24.34
CA PHE D 494 -3.95 11.71 -24.87
C PHE D 494 -3.11 10.48 -24.57
N ALA D 495 -3.41 9.83 -23.45
CA ALA D 495 -2.65 8.68 -22.97
C ALA D 495 -3.40 7.41 -23.33
N VAL D 496 -2.95 6.73 -24.37
CA VAL D 496 -3.55 5.46 -24.81
C VAL D 496 -2.92 4.34 -23.99
N GLY D 497 -3.76 3.58 -23.28
CA GLY D 497 -3.24 2.52 -22.45
C GLY D 497 -4.26 1.57 -21.87
N SER D 498 -5.52 1.99 -21.77
CA SER D 498 -6.55 1.11 -21.22
C SER D 498 -6.60 -0.19 -22.02
N THR D 499 -6.54 -1.31 -21.30
CA THR D 499 -6.41 -2.61 -21.96
C THR D 499 -7.50 -2.83 -23.01
N LEU D 500 -8.73 -2.38 -22.71
CA LEU D 500 -9.84 -2.58 -23.63
C LEU D 500 -9.82 -1.63 -24.82
N THR D 501 -8.94 -0.64 -24.83
CA THR D 501 -8.92 0.33 -25.91
C THR D 501 -8.45 -0.31 -27.21
N GLU D 502 -9.26 -0.16 -28.26
CA GLU D 502 -8.90 -0.60 -29.60
C GLU D 502 -8.82 0.61 -30.53
N GLU D 503 -8.37 0.36 -31.76
CA GLU D 503 -8.16 1.46 -32.69
C GLU D 503 -9.46 2.20 -33.00
N ARG D 504 -10.60 1.49 -32.98
CA ARG D 504 -11.87 2.14 -33.26
C ARG D 504 -12.19 3.19 -32.20
N HIS D 505 -11.79 2.97 -30.95
CA HIS D 505 -12.03 3.96 -29.90
C HIS D 505 -11.16 5.19 -30.11
N VAL D 506 -9.87 4.99 -30.39
CA VAL D 506 -8.98 6.12 -30.65
C VAL D 506 -9.49 6.94 -31.83
N ILE D 507 -9.87 6.26 -32.92
CA ILE D 507 -10.45 6.96 -34.06
C ILE D 507 -11.74 7.65 -33.66
N TYR D 508 -12.55 6.99 -32.83
CA TYR D 508 -13.77 7.62 -32.34
C TYR D 508 -13.45 8.82 -31.45
N ALA D 509 -12.44 8.70 -30.59
CA ALA D 509 -12.02 9.83 -29.78
C ALA D 509 -11.58 11.00 -30.65
N TRP D 510 -10.77 10.72 -31.67
CA TRP D 510 -10.35 11.77 -32.59
C TRP D 510 -11.54 12.39 -33.30
N LYS D 511 -12.57 11.60 -33.59
CA LYS D 511 -13.77 12.14 -34.21
C LYS D 511 -14.45 13.16 -33.31
N ILE D 512 -14.56 12.86 -32.01
CA ILE D 512 -15.19 13.78 -31.07
C ILE D 512 -14.40 15.08 -30.99
N LEU D 513 -13.07 14.98 -30.94
CA LEU D 513 -12.26 16.19 -30.85
C LEU D 513 -12.43 17.07 -32.07
N GLN D 514 -12.58 16.46 -33.25
CA GLN D 514 -12.74 17.24 -34.48
C GLN D 514 -14.09 17.94 -34.51
N GLU D 515 -15.17 17.21 -34.20
CA GLU D 515 -16.49 17.82 -34.20
C GLU D 515 -16.56 18.98 -33.21
N HIS D 516 -15.92 18.83 -32.05
CA HIS D 516 -15.90 19.93 -31.08
C HIS D 516 -14.99 21.05 -31.54
N ALA D 517 -13.90 20.73 -32.25
CA ALA D 517 -13.07 21.76 -32.85
C ALA D 517 -13.87 22.56 -33.88
N ASP D 518 -14.77 21.89 -34.60
CA ASP D 518 -15.62 22.60 -35.55
C ASP D 518 -16.60 23.53 -34.84
N LEU D 519 -17.06 23.14 -33.64
CA LEU D 519 -18.04 23.95 -32.93
C LEU D 519 -17.38 25.19 -32.31
N ILE D 520 -16.27 25.00 -31.60
CA ILE D 520 -15.64 26.11 -30.89
C ILE D 520 -15.07 27.12 -31.88
N LEU D 521 -14.42 26.66 -32.94
CA LEU D 521 -13.80 27.55 -33.90
C LEU D 521 -14.79 28.14 -34.90
N GLY D 522 -15.92 27.45 -35.15
CA GLY D 522 -16.88 27.98 -36.10
C GLY D 522 -17.44 29.32 -35.69
N LYS D 523 -17.68 29.51 -34.41
CA LYS D 523 -18.15 30.78 -33.86
C LYS D 523 -17.08 31.43 -32.98
N PHE D 524 -15.82 31.29 -33.38
CA PHE D 524 -14.73 31.79 -32.55
C PHE D 524 -14.71 33.32 -32.54
N SER D 525 -14.62 33.89 -31.34
CA SER D 525 -14.39 35.32 -31.15
C SER D 525 -13.35 35.47 -30.06
N GLU D 526 -12.19 36.03 -30.40
CA GLU D 526 -11.12 36.15 -29.40
C GLU D 526 -11.54 36.96 -28.19
N ALA D 527 -12.68 37.66 -28.25
CA ALA D 527 -13.22 38.32 -27.07
C ALA D 527 -13.87 37.33 -26.11
N ASP D 528 -14.38 36.21 -26.63
CA ASP D 528 -15.01 35.20 -25.78
C ASP D 528 -14.00 34.48 -24.89
N PHE D 529 -12.71 34.57 -25.21
CA PHE D 529 -11.67 33.89 -24.44
C PHE D 529 -10.68 34.86 -23.81
N SER D 530 -10.97 36.16 -23.83
CA SER D 530 -10.12 37.18 -23.22
C SER D 530 -10.53 37.49 -21.79
N SER D 531 -11.00 36.49 -21.04
CA SER D 531 -11.46 36.70 -19.67
C SER D 531 -10.82 35.70 -18.72
N THR E 19 50.67 -43.74 -16.45
CA THR E 19 51.68 -44.00 -15.42
C THR E 19 51.07 -44.76 -14.24
N ASN E 20 51.91 -45.54 -13.56
CA ASN E 20 51.41 -46.39 -12.49
C ASN E 20 50.88 -45.55 -11.33
N PRO E 21 49.75 -45.95 -10.73
CA PRO E 21 49.23 -45.18 -9.59
C PRO E 21 50.20 -45.08 -8.43
N LEU E 22 51.03 -46.11 -8.21
CA LEU E 22 52.03 -46.10 -7.16
C LEU E 22 53.42 -45.76 -7.68
N ASP E 23 53.50 -45.15 -8.86
CA ASP E 23 54.79 -44.83 -9.45
C ASP E 23 55.56 -43.88 -8.53
N PRO E 24 56.80 -44.21 -8.15
CA PRO E 24 57.53 -43.34 -7.22
C PRO E 24 57.91 -41.99 -7.81
N GLU E 25 57.99 -41.87 -9.13
CA GLU E 25 58.38 -40.60 -9.73
C GLU E 25 57.24 -39.58 -9.66
N GLU E 26 56.02 -40.00 -9.98
CA GLU E 26 54.87 -39.12 -9.82
C GLU E 26 54.52 -38.93 -8.35
N PHE E 27 54.78 -39.94 -7.52
CA PHE E 27 54.58 -39.80 -6.09
C PHE E 27 55.47 -38.69 -5.53
N ARG E 28 56.76 -38.72 -5.90
CA ARG E 28 57.65 -37.62 -5.54
C ARG E 28 57.21 -36.32 -6.21
N ARG E 29 56.88 -36.39 -7.49
CA ARG E 29 56.43 -35.21 -8.22
C ARG E 29 55.26 -34.54 -7.51
N GLN E 30 54.15 -35.26 -7.37
CA GLN E 30 52.98 -34.71 -6.69
C GLN E 30 53.25 -34.50 -5.21
N GLY E 31 53.94 -35.45 -4.57
CA GLY E 31 54.18 -35.35 -3.14
C GLY E 31 54.87 -34.06 -2.74
N HIS E 32 55.78 -33.58 -3.59
CA HIS E 32 56.52 -32.36 -3.26
C HIS E 32 55.66 -31.10 -3.46
N MET E 33 54.68 -31.14 -4.36
CA MET E 33 53.85 -29.98 -4.62
C MET E 33 52.54 -29.99 -3.83
N ILE E 34 52.27 -31.03 -3.06
CA ILE E 34 51.21 -30.98 -2.05
C ILE E 34 51.77 -30.42 -0.74
N ILE E 35 52.99 -30.81 -0.37
CA ILE E 35 53.68 -30.15 0.72
C ILE E 35 53.91 -28.68 0.39
N ASP E 36 53.94 -28.34 -0.90
CA ASP E 36 53.98 -26.94 -1.30
C ASP E 36 52.73 -26.20 -0.84
N PHE E 37 51.56 -26.77 -1.10
CA PHE E 37 50.31 -26.15 -0.67
C PHE E 37 50.19 -26.14 0.84
N LEU E 38 50.37 -27.30 1.47
CA LEU E 38 50.15 -27.41 2.91
C LEU E 38 51.04 -26.45 3.69
N ALA E 39 52.31 -26.35 3.31
CA ALA E 39 53.19 -25.38 3.94
C ALA E 39 52.67 -23.96 3.71
N ASP E 40 52.17 -23.68 2.50
CA ASP E 40 51.55 -22.39 2.23
C ASP E 40 50.24 -22.22 3.00
N TYR E 41 49.60 -23.31 3.39
CA TYR E 41 48.31 -23.22 4.09
C TYR E 41 48.50 -22.64 5.50
N TYR E 42 49.43 -23.21 6.27
CA TYR E 42 49.67 -22.70 7.62
C TYR E 42 50.22 -21.28 7.61
N ARG E 43 50.81 -20.85 6.50
CA ARG E 43 51.35 -19.50 6.43
C ARG E 43 50.25 -18.46 6.32
N ASP E 44 49.11 -18.81 5.73
CA ASP E 44 48.07 -17.84 5.42
C ASP E 44 46.69 -18.40 5.76
N VAL E 45 46.54 -18.94 6.96
CA VAL E 45 45.23 -19.31 7.45
C VAL E 45 44.54 -18.16 8.17
N GLU E 46 45.29 -17.16 8.62
CA GLU E 46 44.69 -15.99 9.23
C GLU E 46 43.92 -15.14 8.22
N LYS E 47 44.26 -15.27 6.93
CA LYS E 47 43.55 -14.50 5.90
C LYS E 47 42.17 -15.05 5.61
N TYR E 48 41.82 -16.23 6.13
CA TYR E 48 40.48 -16.76 5.97
C TYR E 48 39.67 -16.58 7.25
N PRO E 49 38.35 -16.47 7.13
CA PRO E 49 37.51 -16.46 8.33
C PRO E 49 37.66 -17.77 9.10
N VAL E 50 37.95 -17.66 10.40
CA VAL E 50 38.18 -18.85 11.22
C VAL E 50 37.02 -19.83 11.09
N ARG E 51 35.81 -19.35 11.36
CA ARG E 51 34.61 -20.14 11.13
C ARG E 51 34.11 -19.88 9.72
N SER E 52 33.83 -20.96 8.98
CA SER E 52 33.40 -20.83 7.60
C SER E 52 32.16 -19.94 7.51
N GLN E 53 32.15 -19.08 6.49
CA GLN E 53 31.01 -18.22 6.21
C GLN E 53 30.22 -18.67 4.99
N VAL E 54 30.44 -19.90 4.53
CA VAL E 54 29.78 -20.44 3.35
C VAL E 54 28.49 -21.12 3.77
N GLU E 55 27.47 -21.00 2.92
CA GLU E 55 26.12 -21.49 3.20
C GLU E 55 25.98 -22.95 2.80
N PRO E 56 24.96 -23.62 3.32
CA PRO E 56 24.71 -25.02 2.93
C PRO E 56 24.29 -25.13 1.47
N GLY E 57 24.61 -26.27 0.87
CA GLY E 57 24.26 -26.54 -0.51
C GLY E 57 25.24 -26.02 -1.55
N TYR E 58 26.28 -25.31 -1.12
CA TYR E 58 27.25 -24.70 -2.03
C TYR E 58 28.12 -25.73 -2.75
N LEU E 59 27.74 -27.00 -2.72
CA LEU E 59 28.65 -28.09 -3.08
C LEU E 59 28.24 -28.81 -4.35
N ARG E 60 27.15 -29.59 -4.33
CA ARG E 60 26.90 -30.56 -5.40
C ARG E 60 26.37 -29.93 -6.68
N LYS E 61 25.97 -28.66 -6.66
CA LYS E 61 25.62 -27.97 -7.89
C LYS E 61 26.82 -27.30 -8.54
N ARG E 62 27.80 -26.87 -7.73
CA ARG E 62 29.06 -26.38 -8.29
C ARG E 62 29.85 -27.53 -8.90
N LEU E 63 29.86 -28.69 -8.23
CA LEU E 63 30.51 -29.90 -8.72
C LEU E 63 29.57 -30.69 -9.63
N PRO E 64 30.12 -31.45 -10.57
CA PRO E 64 29.27 -32.23 -11.48
C PRO E 64 28.45 -33.28 -10.73
N GLU E 65 27.37 -33.71 -11.36
CA GLU E 65 26.50 -34.73 -10.78
C GLU E 65 27.03 -36.14 -10.97
N THR E 66 27.97 -36.34 -11.89
CA THR E 66 28.51 -37.65 -12.20
C THR E 66 30.03 -37.59 -12.20
N ALA E 67 30.64 -38.69 -11.77
CA ALA E 67 32.09 -38.76 -11.72
C ALA E 67 32.67 -38.60 -13.13
N PRO E 68 33.84 -37.97 -13.25
CA PRO E 68 34.46 -37.83 -14.58
C PRO E 68 34.88 -39.19 -15.12
N TYR E 69 34.47 -39.47 -16.35
CA TYR E 69 34.74 -40.75 -16.99
C TYR E 69 36.07 -40.76 -17.75
N ASN E 70 36.98 -39.84 -17.42
CA ASN E 70 38.31 -39.83 -18.01
C ASN E 70 39.21 -38.96 -17.15
N PRO E 71 40.52 -39.19 -17.17
CA PRO E 71 41.38 -38.60 -16.15
C PRO E 71 41.41 -37.07 -16.20
N GLU E 72 41.71 -36.48 -15.05
CA GLU E 72 41.96 -35.05 -14.92
C GLU E 72 43.35 -34.86 -14.31
N SER E 73 43.98 -33.73 -14.64
CA SER E 73 45.31 -33.45 -14.13
C SER E 73 45.26 -33.21 -12.62
N ILE E 74 46.43 -32.96 -12.04
CA ILE E 74 46.53 -32.69 -10.61
C ILE E 74 46.47 -31.20 -10.29
N GLU E 75 46.84 -30.33 -11.25
CA GLU E 75 46.74 -28.90 -11.01
C GLU E 75 45.30 -28.40 -11.10
N THR E 76 44.47 -29.05 -11.92
CA THR E 76 43.05 -28.73 -11.93
C THR E 76 42.38 -29.15 -10.62
N ILE E 77 42.84 -30.25 -10.03
CA ILE E 77 42.26 -30.74 -8.79
C ILE E 77 42.80 -29.97 -7.59
N LEU E 78 44.10 -29.65 -7.61
CA LEU E 78 44.69 -28.91 -6.49
C LEU E 78 44.07 -27.52 -6.37
N GLN E 79 43.81 -26.86 -7.49
CA GLN E 79 43.13 -25.57 -7.47
C GLN E 79 41.64 -25.73 -7.25
N ASP E 80 41.08 -26.91 -7.50
CA ASP E 80 39.70 -27.17 -7.14
C ASP E 80 39.53 -27.23 -5.62
N VAL E 81 40.60 -27.59 -4.90
CA VAL E 81 40.55 -27.54 -3.44
C VAL E 81 40.48 -26.11 -2.96
N THR E 82 41.16 -25.20 -3.66
CA THR E 82 41.18 -23.80 -3.23
C THR E 82 39.83 -23.13 -3.46
N THR E 83 39.19 -23.41 -4.60
CA THR E 83 37.94 -22.74 -4.95
C THR E 83 36.78 -23.18 -4.08
N GLU E 84 36.86 -24.35 -3.44
CA GLU E 84 35.71 -24.91 -2.74
C GLU E 84 36.04 -25.32 -1.31
N ILE E 85 37.08 -26.14 -1.14
CA ILE E 85 37.32 -26.79 0.14
C ILE E 85 37.61 -25.76 1.23
N ILE E 86 38.60 -24.90 1.00
CA ILE E 86 39.06 -23.96 2.02
C ILE E 86 37.96 -22.94 2.32
N PRO E 87 37.22 -22.44 1.32
CA PRO E 87 36.07 -21.58 1.64
C PRO E 87 35.11 -22.22 2.62
N GLY E 88 34.67 -23.45 2.34
CA GLY E 88 33.78 -24.15 3.24
C GLY E 88 34.52 -24.92 4.30
N LEU E 89 35.56 -24.31 4.85
CA LEU E 89 36.40 -24.93 5.88
C LEU E 89 36.43 -24.04 7.11
N THR E 90 36.17 -24.63 8.27
CA THR E 90 36.40 -23.98 9.55
C THR E 90 37.74 -24.48 10.08
N HIS E 91 38.75 -23.61 10.06
CA HIS E 91 40.14 -24.01 10.29
C HIS E 91 40.40 -24.16 11.78
N TRP E 92 40.28 -25.39 12.28
CA TRP E 92 40.66 -25.69 13.65
C TRP E 92 42.12 -25.34 13.92
N GLN E 93 42.95 -25.32 12.89
CA GLN E 93 44.37 -24.99 13.01
C GLN E 93 44.64 -23.50 12.92
N SER E 94 43.60 -22.67 12.84
CA SER E 94 43.82 -21.24 12.82
C SER E 94 44.50 -20.81 14.12
N PRO E 95 45.44 -19.86 14.07
CA PRO E 95 46.01 -19.33 15.32
C PRO E 95 44.96 -18.89 16.33
N ASN E 96 43.75 -18.61 15.86
CA ASN E 96 42.62 -18.37 16.74
C ASN E 96 41.92 -19.69 17.02
N TYR E 97 40.73 -19.91 16.41
CA TYR E 97 39.88 -21.05 16.75
C TYR E 97 39.99 -21.41 18.22
N TYR E 98 39.47 -20.54 19.07
CA TYR E 98 39.37 -20.80 20.50
C TYR E 98 38.01 -21.40 20.85
N ALA E 99 37.64 -22.44 20.09
CA ALA E 99 36.27 -22.95 20.10
C ALA E 99 36.08 -24.12 21.05
N TYR E 100 35.71 -25.27 20.50
CA TYR E 100 35.32 -26.45 21.28
C TYR E 100 36.45 -26.91 22.19
N PHE E 101 37.06 -28.04 21.85
CA PHE E 101 38.25 -28.52 22.52
C PHE E 101 39.32 -28.75 21.46
N PRO E 102 40.53 -28.22 21.65
CA PRO E 102 41.43 -27.98 20.51
C PRO E 102 41.60 -29.19 19.60
N SER E 103 41.88 -28.90 18.34
CA SER E 103 42.31 -29.89 17.35
C SER E 103 43.83 -29.77 17.23
N SER E 104 44.52 -30.51 18.08
CA SER E 104 45.97 -30.41 18.15
C SER E 104 46.63 -31.19 17.01
N GLY E 105 47.72 -30.63 16.49
CA GLY E 105 48.47 -31.28 15.43
C GLY E 105 49.91 -30.79 15.42
N SER E 106 50.78 -31.61 14.85
CA SER E 106 52.20 -31.30 14.77
C SER E 106 52.76 -31.84 13.47
N VAL E 107 53.84 -31.20 13.01
CA VAL E 107 54.54 -31.72 11.84
C VAL E 107 55.18 -33.06 12.16
N ALA E 108 55.54 -33.29 13.43
CA ALA E 108 56.04 -34.59 13.84
C ALA E 108 54.96 -35.66 13.69
N GLY E 109 53.74 -35.37 14.15
CA GLY E 109 52.62 -36.23 13.84
C GLY E 109 52.19 -36.16 12.40
N PHE E 110 52.51 -35.06 11.71
CA PHE E 110 52.21 -34.94 10.29
C PHE E 110 53.06 -35.91 9.47
N LEU E 111 54.38 -35.89 9.69
CA LEU E 111 55.25 -36.88 9.06
C LEU E 111 55.11 -38.26 9.67
N GLY E 112 54.69 -38.34 10.93
CA GLY E 112 54.54 -39.64 11.57
C GLY E 112 53.54 -40.53 10.86
N GLU E 113 52.34 -39.99 10.62
CA GLU E 113 51.31 -40.76 9.93
C GLU E 113 51.43 -40.68 8.41
N MET E 114 52.21 -39.73 7.89
CA MET E 114 52.51 -39.74 6.45
C MET E 114 53.30 -40.99 6.09
N LEU E 115 54.23 -41.40 6.95
CA LEU E 115 54.89 -42.69 6.77
C LEU E 115 53.91 -43.83 6.93
N SER E 116 52.98 -43.71 7.88
CA SER E 116 51.97 -44.75 8.09
C SER E 116 51.15 -44.97 6.82
N THR E 117 50.46 -43.94 6.36
CA THR E 117 49.73 -44.04 5.10
C THR E 117 50.68 -44.26 3.93
N GLY E 118 51.91 -43.78 4.05
CA GLY E 118 52.93 -44.13 3.07
C GLY E 118 53.27 -45.61 3.11
N PHE E 119 53.37 -46.17 4.33
CA PHE E 119 53.50 -47.62 4.45
C PHE E 119 52.25 -48.32 3.95
N ASN E 120 51.08 -47.79 4.28
CA ASN E 120 49.78 -48.33 3.84
C ASN E 120 49.74 -49.84 4.08
N VAL E 121 49.67 -50.20 5.37
CA VAL E 121 49.78 -51.59 5.80
C VAL E 121 48.60 -51.95 6.69
N VAL E 122 48.00 -53.11 6.41
CA VAL E 122 46.94 -53.65 7.25
C VAL E 122 47.55 -54.25 8.50
N GLY E 123 47.02 -53.89 9.66
CA GLY E 123 47.49 -54.44 10.91
C GLY E 123 46.61 -55.56 11.44
N PHE E 124 46.21 -56.48 10.56
CA PHE E 124 45.30 -57.55 10.95
C PHE E 124 45.88 -58.39 12.07
N ASN E 125 47.04 -59.02 11.84
CA ASN E 125 47.70 -59.87 12.81
C ASN E 125 49.15 -59.41 12.96
N TRP E 126 49.87 -60.07 13.87
CA TRP E 126 51.28 -59.74 14.08
C TRP E 126 52.12 -60.04 12.85
N MET E 127 51.77 -61.08 12.10
CA MET E 127 52.54 -61.49 10.94
C MET E 127 52.56 -60.40 9.87
N SER E 128 51.82 -59.31 10.11
CA SER E 128 51.71 -58.20 9.17
C SER E 128 52.19 -56.94 9.88
N SER E 129 53.39 -56.48 9.54
CA SER E 129 53.99 -55.29 10.14
C SER E 129 54.08 -55.45 11.66
N PRO E 130 54.97 -56.32 12.15
CA PRO E 130 55.13 -56.45 13.60
C PRO E 130 55.50 -55.15 14.29
N ALA E 131 56.16 -54.23 13.58
CA ALA E 131 56.55 -52.96 14.17
C ALA E 131 55.36 -52.07 14.52
N ALA E 132 54.17 -52.36 14.00
CA ALA E 132 53.00 -51.54 14.30
C ALA E 132 52.45 -51.82 15.68
N THR E 133 52.41 -53.09 16.09
CA THR E 133 51.85 -53.44 17.38
C THR E 133 52.87 -53.31 18.51
N GLU E 134 54.13 -53.65 18.24
CA GLU E 134 55.15 -53.56 19.27
C GLU E 134 55.47 -52.12 19.63
N LEU E 135 55.46 -51.23 18.64
CA LEU E 135 55.67 -49.81 18.93
C LEU E 135 54.46 -49.21 19.63
N GLU E 136 53.26 -49.71 19.35
CA GLU E 136 52.07 -49.21 20.04
C GLU E 136 52.11 -49.57 21.53
N SER E 137 52.62 -50.77 21.85
CA SER E 137 52.68 -51.19 23.25
C SER E 137 53.73 -50.42 24.03
N VAL E 138 54.81 -49.99 23.37
CA VAL E 138 55.88 -49.30 24.06
C VAL E 138 55.62 -47.79 24.17
N VAL E 139 55.01 -47.18 23.15
CA VAL E 139 54.66 -45.77 23.24
C VAL E 139 53.63 -45.57 24.35
N MET E 140 52.71 -46.53 24.53
CA MET E 140 51.74 -46.42 25.61
C MET E 140 52.40 -46.53 26.97
N ASP E 141 53.51 -47.28 27.07
CA ASP E 141 54.28 -47.29 28.30
C ASP E 141 55.05 -46.00 28.47
N TRP E 142 55.56 -45.44 27.37
CA TRP E 142 56.15 -44.10 27.41
C TRP E 142 55.16 -43.10 27.97
N PHE E 143 54.01 -42.95 27.31
CA PHE E 143 53.01 -41.99 27.76
C PHE E 143 52.49 -42.37 29.15
N GLY E 144 52.36 -43.67 29.42
CA GLY E 144 51.91 -44.10 30.74
C GLY E 144 52.88 -43.71 31.83
N LYS E 145 54.18 -43.97 31.61
CA LYS E 145 55.19 -43.54 32.56
C LYS E 145 55.25 -42.02 32.64
N MET E 146 55.10 -41.34 31.50
CA MET E 146 55.13 -39.88 31.48
C MET E 146 54.04 -39.30 32.37
N LEU E 147 52.84 -39.91 32.35
CA LEU E 147 51.74 -39.49 33.20
C LEU E 147 51.90 -39.95 34.64
N ASN E 148 52.96 -40.69 34.95
CA ASN E 148 53.13 -41.33 36.26
C ASN E 148 51.89 -42.13 36.63
N LEU E 149 51.46 -42.98 35.70
CA LEU E 149 50.35 -43.87 35.96
C LEU E 149 50.86 -45.19 36.52
N PRO E 150 50.26 -45.72 37.58
CA PRO E 150 50.78 -46.95 38.19
C PRO E 150 50.94 -48.06 37.16
N GLU E 151 52.02 -48.83 37.31
CA GLU E 151 52.31 -49.88 36.34
C GLU E 151 51.27 -50.99 36.33
N SER E 152 50.23 -50.92 37.17
CA SER E 152 49.06 -51.76 36.98
C SER E 152 48.36 -51.45 35.67
N PHE E 153 48.70 -50.33 35.02
CA PHE E 153 48.18 -49.98 33.71
C PHE E 153 49.17 -50.21 32.58
N LEU E 154 50.44 -50.41 32.89
CA LEU E 154 51.49 -50.53 31.89
C LEU E 154 51.73 -51.99 31.52
N PHE E 155 52.38 -52.19 30.37
CA PHE E 155 52.68 -53.54 29.92
C PHE E 155 53.78 -54.19 30.76
N SER E 156 54.74 -53.37 31.24
CA SER E 156 55.73 -53.90 32.18
C SER E 156 55.10 -54.44 33.44
N GLY E 157 53.82 -54.15 33.68
CA GLY E 157 53.10 -54.69 34.81
C GLY E 157 51.93 -55.56 34.39
N SER E 158 50.78 -55.38 35.04
CA SER E 158 49.63 -56.23 34.78
C SER E 158 48.80 -55.75 33.59
N GLY E 159 48.70 -54.44 33.39
CA GLY E 159 47.82 -53.87 32.39
C GLY E 159 48.50 -53.65 31.04
N GLY E 160 47.86 -52.80 30.24
CA GLY E 160 48.37 -52.47 28.92
C GLY E 160 47.63 -51.30 28.34
N GLY E 161 48.10 -50.86 27.17
CA GLY E 161 47.50 -49.73 26.48
C GLY E 161 47.30 -50.04 25.01
N VAL E 162 46.34 -49.32 24.42
CA VAL E 162 45.94 -49.53 23.04
C VAL E 162 45.62 -48.20 22.38
N LEU E 163 45.64 -48.20 21.05
CA LEU E 163 45.41 -46.99 20.25
C LEU E 163 44.23 -47.21 19.33
N GLN E 164 43.32 -46.23 19.29
CA GLN E 164 42.23 -46.23 18.33
C GLN E 164 41.81 -44.79 18.06
N GLY E 165 40.78 -44.63 17.26
CA GLY E 165 40.37 -43.32 16.77
C GLY E 165 39.79 -42.38 17.81
N THR E 166 38.54 -42.62 18.18
CA THR E 166 37.81 -41.72 19.07
C THR E 166 37.74 -42.30 20.49
N SER E 167 37.41 -41.41 21.44
CA SER E 167 37.19 -41.87 22.81
C SER E 167 35.93 -42.71 22.91
N CYS E 168 34.86 -42.30 22.23
CA CYS E 168 33.65 -43.10 22.20
C CYS E 168 33.96 -44.53 21.77
N GLU E 169 34.89 -44.69 20.83
CA GLU E 169 35.38 -46.02 20.48
C GLU E 169 35.90 -46.74 21.71
N ALA E 170 36.84 -46.12 22.43
CA ALA E 170 37.42 -46.76 23.61
C ALA E 170 36.37 -46.95 24.70
N ILE E 171 35.49 -45.97 24.89
CA ILE E 171 34.45 -46.09 25.91
C ILE E 171 33.44 -47.16 25.52
N LEU E 172 33.26 -47.40 24.23
CA LEU E 172 32.45 -48.53 23.78
C LEU E 172 33.15 -49.85 24.10
N CYS E 173 34.45 -49.93 23.79
CA CYS E 173 35.21 -51.15 24.09
C CYS E 173 35.29 -51.38 25.59
N THR E 174 35.56 -50.33 26.37
CA THR E 174 35.66 -50.48 27.81
C THR E 174 34.31 -50.79 28.45
N LEU E 175 33.20 -50.39 27.82
CA LEU E 175 31.89 -50.75 28.34
C LEU E 175 31.52 -52.18 28.00
N THR E 176 31.79 -52.60 26.76
CA THR E 176 31.58 -54.00 26.39
C THR E 176 32.41 -54.92 27.28
N ALA E 177 33.61 -54.48 27.67
CA ALA E 177 34.43 -55.27 28.58
C ALA E 177 33.76 -55.41 29.95
N ALA E 178 33.21 -54.31 30.47
CA ALA E 178 32.56 -54.36 31.77
C ALA E 178 31.21 -55.09 31.69
N ARG E 179 30.48 -54.90 30.59
CA ARG E 179 29.17 -55.54 30.45
C ARG E 179 29.30 -57.05 30.36
N ASP E 180 30.24 -57.54 29.53
CA ASP E 180 30.42 -58.98 29.39
C ASP E 180 30.92 -59.60 30.69
N ARG E 181 31.77 -58.89 31.42
CA ARG E 181 32.28 -59.41 32.68
C ARG E 181 31.14 -59.68 33.66
N LYS E 182 30.20 -58.74 33.77
CA LYS E 182 29.07 -58.93 34.66
C LYS E 182 28.12 -60.00 34.14
N LEU E 183 27.78 -59.94 32.85
CA LEU E 183 26.83 -60.89 32.28
C LEU E 183 27.40 -62.29 32.15
N ASN E 184 28.73 -62.42 32.05
CA ASN E 184 29.33 -63.75 32.11
C ASN E 184 29.18 -64.42 33.46
N LYS E 185 28.82 -63.66 34.50
CA LYS E 185 28.63 -64.17 35.85
C LYS E 185 27.16 -64.44 36.17
N ILE E 186 26.29 -63.43 35.99
CA ILE E 186 24.89 -63.54 36.38
C ILE E 186 23.99 -63.96 35.23
N GLY E 187 24.53 -64.15 34.03
CA GLY E 187 23.72 -64.53 32.89
C GLY E 187 23.39 -63.36 31.99
N ARG E 188 23.56 -63.55 30.68
CA ARG E 188 23.37 -62.46 29.73
C ARG E 188 21.91 -62.04 29.57
N GLU E 189 20.97 -62.75 30.19
CA GLU E 189 19.58 -62.33 30.13
C GLU E 189 19.32 -61.04 30.91
N HIS E 190 20.27 -60.60 31.74
CA HIS E 190 20.11 -59.42 32.58
C HIS E 190 20.78 -58.20 31.95
N ILE E 191 20.82 -58.12 30.62
CA ILE E 191 21.36 -56.93 29.96
C ILE E 191 20.40 -55.76 30.11
N GLY E 192 19.10 -56.01 30.12
CA GLY E 192 18.06 -55.03 30.32
C GLY E 192 17.96 -54.44 31.72
N ARG E 193 18.85 -54.83 32.63
CA ARG E 193 18.88 -54.26 33.98
C ARG E 193 20.19 -53.57 34.32
N LEU E 194 21.18 -53.64 33.44
CA LEU E 194 22.46 -52.98 33.66
C LEU E 194 22.30 -51.48 33.42
N VAL E 195 22.81 -50.68 34.35
CA VAL E 195 22.72 -49.23 34.28
C VAL E 195 24.13 -48.66 34.18
N VAL E 196 24.27 -47.60 33.39
CA VAL E 196 25.52 -46.86 33.26
C VAL E 196 25.33 -45.48 33.88
N TYR E 197 26.35 -44.98 34.55
CA TYR E 197 26.27 -43.72 35.26
C TYR E 197 27.23 -42.69 34.68
N GLY E 198 26.80 -41.44 34.76
CA GLY E 198 27.63 -40.32 34.35
C GLY E 198 27.04 -39.03 34.86
N SER E 199 27.88 -38.00 34.88
CA SER E 199 27.40 -36.70 35.32
C SER E 199 26.65 -35.99 34.20
N ASP E 200 25.88 -34.97 34.58
CA ASP E 200 25.19 -34.17 33.59
C ASP E 200 26.15 -33.37 32.72
N GLN E 201 27.42 -33.28 33.12
CA GLN E 201 28.46 -32.66 32.30
C GLN E 201 29.21 -33.66 31.44
N THR E 202 29.09 -34.95 31.75
CA THR E 202 29.81 -35.97 30.99
C THR E 202 29.43 -35.90 29.51
N PHE E 203 30.44 -35.90 28.65
CA PHE E 203 30.22 -35.78 27.22
C PHE E 203 29.33 -36.91 26.71
N CYS E 204 28.69 -36.67 25.57
CA CYS E 204 27.71 -37.60 25.03
C CYS E 204 28.32 -38.93 24.57
N ALA E 205 29.65 -39.04 24.51
CA ALA E 205 30.26 -40.30 24.10
C ALA E 205 29.89 -41.43 25.06
N LEU E 206 29.61 -41.11 26.33
CA LEU E 206 29.19 -42.12 27.27
C LEU E 206 27.80 -42.65 26.93
N GLN E 207 26.85 -41.75 26.68
CA GLN E 207 25.49 -42.17 26.36
C GLN E 207 25.44 -42.88 25.01
N LYS E 208 26.33 -42.53 24.07
CA LYS E 208 26.34 -43.18 22.78
C LYS E 208 26.80 -44.63 22.89
N ALA E 209 27.90 -44.86 23.60
CA ALA E 209 28.43 -46.22 23.73
C ALA E 209 27.42 -47.14 24.40
N ALA E 210 26.72 -46.64 25.42
CA ALA E 210 25.69 -47.45 26.07
C ALA E 210 24.59 -47.83 25.09
N GLN E 211 24.19 -46.90 24.22
CA GLN E 211 23.20 -47.21 23.20
C GLN E 211 23.69 -48.34 22.30
N VAL E 212 24.95 -48.28 21.88
CA VAL E 212 25.50 -49.30 21.00
C VAL E 212 25.70 -50.60 21.75
N ALA E 213 26.28 -50.53 22.96
CA ALA E 213 26.63 -51.72 23.72
C ALA E 213 25.42 -52.52 24.17
N GLY E 214 24.21 -51.98 24.07
CA GLY E 214 23.01 -52.69 24.46
C GLY E 214 22.40 -52.27 25.77
N ILE E 215 22.87 -51.20 26.39
CA ILE E 215 22.26 -50.70 27.62
C ILE E 215 20.89 -50.14 27.30
N ASN E 216 19.91 -50.47 28.14
CA ASN E 216 18.57 -49.94 27.94
C ASN E 216 18.60 -48.41 28.06
N PRO E 217 17.92 -47.69 27.18
CA PRO E 217 17.94 -46.22 27.27
C PRO E 217 17.50 -45.70 28.62
N LYS E 218 16.50 -46.34 29.24
CA LYS E 218 16.04 -45.94 30.56
C LYS E 218 17.04 -46.24 31.66
N ASN E 219 18.13 -46.95 31.35
CA ASN E 219 19.14 -47.33 32.33
C ASN E 219 20.39 -46.46 32.24
N PHE E 220 20.31 -45.29 31.60
CA PHE E 220 21.40 -44.32 31.59
C PHE E 220 21.11 -43.24 32.61
N ARG E 221 22.13 -42.88 33.39
CA ARG E 221 22.00 -41.89 34.45
C ARG E 221 22.87 -40.68 34.12
N ALA E 222 22.29 -39.50 34.28
CA ALA E 222 22.99 -38.23 34.15
C ALA E 222 22.89 -37.53 35.51
N ILE E 223 23.70 -37.98 36.47
CA ILE E 223 23.60 -37.47 37.82
C ILE E 223 23.87 -35.98 37.83
N LYS E 224 22.98 -35.22 38.47
CA LYS E 224 23.06 -33.77 38.46
C LYS E 224 24.25 -33.28 39.29
N THR E 225 25.00 -32.34 38.75
CA THR E 225 26.08 -31.67 39.45
C THR E 225 25.64 -30.29 39.91
N PHE E 226 26.34 -29.76 40.90
CA PHE E 226 25.97 -28.50 41.52
C PHE E 226 27.11 -27.49 41.36
N LYS E 227 26.76 -26.21 41.57
CA LYS E 227 27.74 -25.14 41.45
C LYS E 227 28.64 -25.03 42.67
N GLU E 228 28.25 -25.62 43.80
CA GLU E 228 29.09 -25.56 44.99
C GLU E 228 30.32 -26.45 44.86
N ASN E 229 30.21 -27.53 44.09
CA ASN E 229 31.35 -28.39 43.78
C ASN E 229 31.96 -28.08 42.42
N SER E 230 31.69 -26.89 41.88
CA SER E 230 32.17 -26.49 40.56
C SER E 230 31.71 -27.47 39.49
N PHE E 231 30.56 -28.11 39.71
CA PHE E 231 29.95 -29.02 38.75
C PHE E 231 30.72 -30.33 38.59
N GLY E 232 31.51 -30.69 39.59
CA GLY E 232 32.09 -32.02 39.63
C GLY E 232 31.13 -33.00 40.31
N LEU E 233 31.21 -34.26 39.89
CA LEU E 233 30.31 -35.26 40.43
C LEU E 233 30.64 -35.54 41.89
N SER E 234 29.62 -35.51 42.73
CA SER E 234 29.77 -35.84 44.14
C SER E 234 29.61 -37.33 44.36
N ALA E 235 30.50 -37.90 45.16
CA ALA E 235 30.39 -39.33 45.49
C ALA E 235 29.12 -39.61 46.26
N ALA E 236 28.72 -38.70 47.16
CA ALA E 236 27.50 -38.89 47.91
C ALA E 236 26.26 -38.84 47.02
N THR E 237 26.29 -38.01 45.97
CA THR E 237 25.16 -37.96 45.05
C THR E 237 25.11 -39.20 44.18
N LEU E 238 26.28 -39.72 43.78
CA LEU E 238 26.32 -40.94 42.99
C LEU E 238 25.79 -42.13 43.79
N ARG E 239 26.24 -42.26 45.04
CA ARG E 239 25.81 -43.40 45.86
C ARG E 239 24.31 -43.38 46.09
N GLU E 240 23.73 -42.19 46.24
CA GLU E 240 22.29 -42.10 46.49
C GLU E 240 21.48 -42.59 45.29
N VAL E 241 21.94 -42.29 44.09
CA VAL E 241 21.22 -42.73 42.89
C VAL E 241 21.42 -44.23 42.68
N ILE E 242 22.62 -44.74 43.01
CA ILE E 242 22.87 -46.17 42.90
C ILE E 242 21.90 -46.95 43.78
N LEU E 243 21.69 -46.47 45.02
CA LEU E 243 20.82 -47.19 45.94
C LEU E 243 19.38 -47.21 45.44
N GLU E 244 18.92 -46.11 44.83
CA GLU E 244 17.59 -46.11 44.24
C GLU E 244 17.49 -47.11 43.08
N ASP E 245 18.61 -47.37 42.40
CA ASP E 245 18.60 -48.34 41.31
C ASP E 245 18.53 -49.77 41.84
N ILE E 246 19.28 -50.06 42.91
CA ILE E 246 19.20 -51.37 43.53
C ILE E 246 17.82 -51.59 44.14
N GLU E 247 17.22 -50.52 44.69
CA GLU E 247 15.88 -50.63 45.26
C GLU E 247 14.85 -51.06 44.21
N ALA E 248 15.06 -50.67 42.96
CA ALA E 248 14.14 -51.01 41.88
C ALA E 248 14.57 -52.24 41.10
N GLY E 249 15.59 -52.95 41.57
CA GLY E 249 16.04 -54.15 40.89
C GLY E 249 16.91 -53.89 39.67
N LEU E 250 17.85 -52.95 39.78
CA LEU E 250 18.77 -52.64 38.70
C LEU E 250 20.20 -52.90 39.15
N ILE E 251 21.07 -53.18 38.18
CA ILE E 251 22.45 -53.57 38.45
C ILE E 251 23.36 -52.41 38.06
N PRO E 252 23.93 -51.69 39.02
CA PRO E 252 24.97 -50.71 38.68
C PRO E 252 26.16 -51.40 38.05
N LEU E 253 26.66 -50.82 36.97
CA LEU E 253 27.64 -51.51 36.14
C LEU E 253 28.87 -50.69 35.81
N PHE E 254 28.72 -49.39 35.62
CA PHE E 254 29.77 -48.61 34.96
C PHE E 254 29.61 -47.14 35.29
N VAL E 255 30.67 -46.52 35.81
CA VAL E 255 30.71 -45.09 36.06
C VAL E 255 31.83 -44.49 35.23
N CYS E 256 31.61 -43.26 34.75
CA CYS E 256 32.55 -42.56 33.89
C CYS E 256 32.89 -41.20 34.48
N PRO E 257 33.83 -41.14 35.42
CA PRO E 257 34.28 -39.84 35.92
C PRO E 257 35.11 -39.12 34.86
N THR E 258 34.97 -37.79 34.84
CA THR E 258 35.58 -36.96 33.81
C THR E 258 36.48 -35.91 34.44
N VAL E 259 37.72 -35.83 33.96
CA VAL E 259 38.65 -34.76 34.32
C VAL E 259 38.74 -33.84 33.12
N GLY E 260 38.21 -32.63 33.26
CA GLY E 260 38.16 -31.70 32.14
C GLY E 260 36.96 -31.95 31.26
N THR E 261 35.76 -31.76 31.81
CA THR E 261 34.54 -31.98 31.05
C THR E 261 34.45 -31.00 29.88
N THR E 262 33.44 -31.20 29.04
CA THR E 262 33.31 -30.40 27.82
C THR E 262 32.80 -28.99 28.11
N SER E 263 31.83 -28.86 29.01
CA SER E 263 31.16 -27.58 29.22
C SER E 263 31.94 -26.65 30.14
N SER E 264 32.10 -27.04 31.39
CA SER E 264 32.78 -26.22 32.39
C SER E 264 34.21 -26.69 32.65
N THR E 265 34.75 -27.58 31.82
CA THR E 265 36.03 -28.23 32.06
C THR E 265 36.20 -28.55 33.54
N ALA E 266 35.12 -29.03 34.16
CA ALA E 266 35.15 -29.41 35.57
C ALA E 266 35.77 -30.79 35.73
N VAL E 267 35.99 -31.17 36.99
CA VAL E 267 36.66 -32.42 37.32
C VAL E 267 35.81 -33.18 38.33
N ASP E 268 35.79 -34.50 38.19
CA ASP E 268 35.08 -35.38 39.11
C ASP E 268 36.10 -36.12 39.97
N PRO E 269 35.96 -36.09 41.29
CA PRO E 269 36.93 -36.80 42.16
C PRO E 269 36.91 -38.30 41.89
N ILE E 270 38.08 -38.83 41.53
CA ILE E 270 38.18 -40.22 41.12
C ILE E 270 38.18 -41.15 42.33
N SER E 271 39.00 -40.83 43.33
CA SER E 271 39.10 -41.72 44.50
C SER E 271 37.77 -41.93 45.18
N PRO E 272 37.03 -40.89 45.59
CA PRO E 272 35.74 -41.12 46.26
C PRO E 272 34.74 -41.85 45.39
N ILE E 273 34.83 -41.72 44.07
CA ILE E 273 33.91 -42.44 43.19
C ILE E 273 34.35 -43.89 43.01
N CYS E 274 35.66 -44.15 43.04
CA CYS E 274 36.12 -45.52 43.03
C CYS E 274 35.75 -46.24 44.31
N GLU E 275 35.69 -45.51 45.43
CA GLU E 275 35.25 -46.10 46.69
C GLU E 275 33.81 -46.60 46.59
N VAL E 276 32.92 -45.76 46.05
CA VAL E 276 31.52 -46.16 45.90
C VAL E 276 31.39 -47.25 44.83
N ALA E 277 32.12 -47.12 43.73
CA ALA E 277 32.05 -48.12 42.66
C ALA E 277 32.59 -49.47 43.12
N LYS E 278 33.52 -49.48 44.07
CA LYS E 278 34.01 -50.73 44.62
C LYS E 278 32.94 -51.42 45.45
N GLU E 279 32.19 -50.66 46.24
CA GLU E 279 31.18 -51.24 47.12
C GLU E 279 30.07 -51.95 46.35
N TYR E 280 29.84 -51.58 45.09
CA TYR E 280 28.75 -52.13 44.30
C TYR E 280 29.27 -52.84 43.05
N GLU E 281 30.55 -53.19 43.01
CA GLU E 281 31.14 -53.98 41.93
C GLU E 281 30.86 -53.33 40.57
N MET E 282 31.51 -52.18 40.36
CA MET E 282 31.31 -51.38 39.16
C MET E 282 32.64 -51.05 38.51
N TRP E 283 32.69 -51.19 37.18
CA TRP E 283 33.83 -50.72 36.41
C TRP E 283 33.93 -49.21 36.49
N VAL E 284 35.17 -48.71 36.55
CA VAL E 284 35.44 -47.28 36.55
C VAL E 284 36.34 -46.97 35.37
N HIS E 285 35.82 -46.22 34.40
CA HIS E 285 36.62 -45.70 33.29
C HIS E 285 36.73 -44.19 33.45
N VAL E 286 37.96 -43.72 33.62
CA VAL E 286 38.21 -42.29 33.76
C VAL E 286 38.32 -41.68 32.37
N ASP E 287 37.53 -40.63 32.13
CA ASP E 287 37.51 -39.95 30.85
C ASP E 287 38.27 -38.63 30.97
N ALA E 288 39.45 -38.57 30.34
CA ALA E 288 40.27 -37.37 30.28
C ALA E 288 40.76 -37.15 28.86
N ALA E 289 39.82 -37.20 27.90
CA ALA E 289 40.19 -37.09 26.49
C ALA E 289 40.98 -35.81 26.22
N TYR E 290 40.55 -34.70 26.80
CA TYR E 290 41.20 -33.42 26.55
C TYR E 290 42.24 -33.08 27.61
N ALA E 291 41.88 -33.21 28.89
CA ALA E 291 42.69 -32.71 29.98
C ALA E 291 43.74 -33.70 30.47
N GLY E 292 43.68 -34.96 30.05
CA GLY E 292 44.62 -35.95 30.56
C GLY E 292 46.04 -35.74 30.10
N SER E 293 46.23 -35.14 28.92
CA SER E 293 47.57 -35.02 28.35
C SER E 293 48.47 -34.15 29.21
N ALA E 294 47.90 -33.16 29.91
CA ALA E 294 48.71 -32.24 30.70
C ALA E 294 49.15 -32.82 32.03
N CYS E 295 48.54 -33.93 32.47
CA CYS E 295 48.91 -34.52 33.74
C CYS E 295 50.33 -35.05 33.76
N ILE E 296 51.02 -35.05 32.62
CA ILE E 296 52.44 -35.36 32.62
C ILE E 296 53.27 -34.29 33.32
N CYS E 297 52.67 -33.14 33.62
CA CYS E 297 53.29 -32.09 34.41
C CYS E 297 53.01 -32.33 35.89
N PRO E 298 54.02 -32.25 36.76
CA PRO E 298 53.80 -32.62 38.17
C PRO E 298 52.75 -31.79 38.86
N GLU E 299 52.61 -30.51 38.52
CA GLU E 299 51.55 -29.69 39.13
C GLU E 299 50.18 -29.99 38.54
N PHE E 300 50.11 -30.72 37.43
CA PHE E 300 48.85 -31.18 36.87
C PHE E 300 48.52 -32.62 37.25
N ARG E 301 49.49 -33.38 37.75
CA ARG E 301 49.28 -34.81 37.97
C ARG E 301 48.23 -35.07 39.04
N HIS E 302 48.03 -34.13 39.96
CA HIS E 302 47.07 -34.34 41.04
C HIS E 302 45.63 -34.42 40.55
N PHE E 303 45.37 -33.96 39.32
CA PHE E 303 43.99 -33.94 38.82
C PHE E 303 43.48 -35.32 38.46
N ILE E 304 44.35 -36.31 38.32
CA ILE E 304 43.92 -37.68 38.04
C ILE E 304 44.26 -38.57 39.23
N ASP E 305 44.27 -37.98 40.43
CA ASP E 305 44.48 -38.77 41.63
C ASP E 305 43.28 -39.67 41.88
N GLY E 306 43.54 -40.94 42.16
CA GLY E 306 42.51 -41.94 42.27
C GLY E 306 42.42 -42.87 41.08
N VAL E 307 43.17 -42.59 40.01
CA VAL E 307 43.18 -43.47 38.85
C VAL E 307 43.77 -44.83 39.18
N GLU E 308 44.50 -44.93 40.29
CA GLU E 308 45.05 -46.22 40.71
C GLU E 308 43.97 -47.21 41.07
N GLU E 309 42.76 -46.75 41.38
CA GLU E 309 41.64 -47.60 41.74
C GLU E 309 40.65 -47.77 40.59
N ALA E 310 40.95 -47.22 39.42
CA ALA E 310 40.08 -47.33 38.26
C ALA E 310 40.55 -48.44 37.33
N ASP E 311 39.62 -48.99 36.56
CA ASP E 311 39.92 -50.10 35.66
C ASP E 311 40.46 -49.65 34.31
N SER E 312 40.02 -48.51 33.80
CA SER E 312 40.45 -48.04 32.49
C SER E 312 40.56 -46.53 32.50
N PHE E 313 41.57 -46.01 31.79
CA PHE E 313 41.78 -44.58 31.65
C PHE E 313 42.05 -44.26 30.18
N SER E 314 41.47 -43.15 29.71
CA SER E 314 41.56 -42.77 28.31
C SER E 314 41.82 -41.28 28.19
N LEU E 315 42.64 -40.90 27.20
CA LEU E 315 42.85 -39.51 26.86
C LEU E 315 43.04 -39.39 25.35
N ASN E 316 42.41 -38.37 24.76
CA ASN E 316 42.55 -38.11 23.34
C ASN E 316 43.87 -37.41 23.08
N ALA E 317 44.84 -38.13 22.50
CA ALA E 317 46.12 -37.52 22.18
C ALA E 317 46.00 -36.48 21.07
N HIS E 318 44.87 -36.47 20.37
CA HIS E 318 44.66 -35.54 19.26
C HIS E 318 43.93 -34.28 19.74
N TRP E 320 44.95 -32.71 22.82
CA TRP E 320 45.93 -31.89 23.52
C TRP E 320 47.31 -32.55 23.63
N PHE E 321 47.76 -33.23 22.57
CA PHE E 321 49.12 -33.76 22.58
C PHE E 321 49.72 -33.89 21.19
N PHE E 322 49.34 -33.00 20.27
CA PHE E 322 50.10 -32.73 19.05
C PHE E 322 50.20 -33.94 18.12
N THR E 323 49.33 -34.93 18.29
CA THR E 323 49.17 -35.96 17.29
C THR E 323 48.05 -35.55 16.33
N THR E 324 48.18 -35.96 15.07
CA THR E 324 47.15 -35.67 14.10
C THR E 324 45.92 -36.52 14.37
N LEU E 325 44.74 -35.93 14.19
CA LEU E 325 43.50 -36.70 14.25
C LEU E 325 43.57 -37.84 13.26
N ASP E 326 43.36 -39.06 13.75
CA ASP E 326 43.00 -39.31 15.14
C ASP E 326 43.97 -40.27 15.82
N CYS E 327 44.01 -40.21 17.16
CA CYS E 327 44.86 -41.11 17.94
C CYS E 327 44.41 -41.01 19.40
N CYS E 328 43.56 -41.94 19.83
CA CYS E 328 43.10 -42.02 21.20
C CYS E 328 43.90 -43.07 21.95
N CYS E 329 44.28 -42.75 23.18
CA CYS E 329 45.12 -43.61 24.01
C CYS E 329 44.31 -44.14 25.18
N LEU E 330 44.12 -45.46 25.22
CA LEU E 330 43.37 -46.13 26.28
C LEU E 330 44.30 -47.10 27.00
N TRP E 331 44.29 -47.04 28.32
CA TRP E 331 45.06 -47.96 29.16
C TRP E 331 44.11 -48.72 30.07
N VAL E 332 44.32 -50.03 30.18
CA VAL E 332 43.46 -50.90 30.96
C VAL E 332 44.29 -51.61 32.02
N LYS E 333 43.66 -51.86 33.17
CA LYS E 333 44.24 -52.78 34.14
C LYS E 333 44.09 -54.22 33.71
N ASP E 334 43.05 -54.54 32.94
CA ASP E 334 42.67 -55.90 32.61
C ASP E 334 42.46 -56.01 31.11
N PRO E 335 43.53 -56.17 30.34
CA PRO E 335 43.36 -56.43 28.89
C PRO E 335 42.62 -57.71 28.60
N SER E 336 42.51 -58.62 29.57
CA SER E 336 41.76 -59.86 29.36
C SER E 336 40.28 -59.58 29.12
N ALA E 337 39.74 -58.54 29.74
CA ALA E 337 38.32 -58.23 29.60
C ALA E 337 38.00 -57.75 28.18
N LEU E 338 38.91 -57.01 27.55
CA LEU E 338 38.66 -56.55 26.19
C LEU E 338 38.66 -57.71 25.21
N VAL E 339 39.68 -58.58 25.27
CA VAL E 339 39.75 -59.71 24.36
C VAL E 339 38.57 -60.64 24.58
N LYS E 340 38.17 -60.85 25.83
CA LYS E 340 36.99 -61.66 26.12
C LYS E 340 35.73 -61.06 25.52
N ALA E 341 35.71 -59.75 25.26
CA ALA E 341 34.53 -59.07 24.77
C ALA E 341 34.60 -58.68 23.31
N LEU E 342 35.80 -58.67 22.70
CA LEU E 342 35.97 -58.18 21.34
C LEU E 342 36.57 -59.21 20.39
N SER E 343 36.95 -60.39 20.86
CA SER E 343 37.51 -61.40 19.98
C SER E 343 36.39 -62.19 19.32
N THR E 344 36.65 -62.62 18.09
CA THR E 344 35.75 -63.53 17.39
C THR E 344 36.14 -64.99 17.55
N ASN E 345 37.28 -65.26 18.20
CA ASN E 345 37.61 -66.62 18.57
C ASN E 345 36.57 -67.18 19.53
N PRO E 346 36.46 -68.50 19.63
CA PRO E 346 35.54 -69.08 20.61
C PRO E 346 35.86 -68.58 22.02
N GLU E 347 34.80 -68.50 22.84
CA GLU E 347 34.95 -67.87 24.16
C GLU E 347 35.91 -68.64 25.05
N TYR E 348 36.05 -69.96 24.85
CA TYR E 348 36.96 -70.74 25.67
C TYR E 348 38.43 -70.53 25.27
N LEU E 349 38.68 -70.12 24.04
CA LEU E 349 40.05 -69.81 23.63
C LEU E 349 40.50 -68.44 24.13
N ARG E 350 39.58 -67.49 24.24
CA ARG E 350 39.90 -66.16 24.72
C ARG E 350 40.42 -66.21 26.15
N VAL E 359 52.32 -63.18 21.14
CA VAL E 359 52.25 -61.78 20.72
C VAL E 359 50.88 -61.21 21.00
N VAL E 360 50.77 -59.89 20.92
CA VAL E 360 49.50 -59.20 21.15
C VAL E 360 48.74 -59.08 19.84
N ASP E 361 47.46 -59.41 19.86
CA ASP E 361 46.56 -59.24 18.73
C ASP E 361 45.65 -58.07 19.06
N TYR E 362 46.10 -56.86 18.69
CA TYR E 362 45.43 -55.64 19.15
C TYR E 362 44.02 -55.51 18.61
N LYS E 363 43.68 -56.18 17.51
CA LYS E 363 42.32 -56.10 16.99
C LYS E 363 41.31 -56.66 17.98
N ASP E 364 41.74 -57.50 18.91
CA ASP E 364 40.89 -57.98 19.98
C ASP E 364 40.86 -57.04 21.18
N TRP E 365 41.53 -55.89 21.08
CA TRP E 365 41.47 -54.85 22.09
C TRP E 365 40.54 -53.71 21.73
N GLN E 366 40.08 -53.65 20.48
CA GLN E 366 39.40 -52.46 19.97
C GLN E 366 38.35 -52.90 18.95
N ILE E 367 37.95 -51.97 18.09
CA ILE E 367 36.92 -52.23 17.09
C ILE E 367 37.52 -52.68 15.77
N ALA E 368 38.50 -51.94 15.27
CA ALA E 368 38.99 -52.14 13.91
C ALA E 368 39.65 -53.51 13.76
N LEU E 369 39.48 -54.10 12.58
CA LEU E 369 40.19 -55.31 12.20
C LEU E 369 41.39 -54.98 11.31
N SER E 370 41.14 -54.29 10.19
CA SER E 370 42.20 -53.79 9.33
C SER E 370 42.74 -52.52 9.97
N ARG E 371 43.68 -52.69 10.89
CA ARG E 371 44.18 -51.57 11.69
C ARG E 371 45.10 -50.69 10.86
N ARG E 372 45.17 -49.42 11.26
CA ARG E 372 46.08 -48.45 10.63
C ARG E 372 47.33 -48.30 11.48
N PHE E 373 48.48 -48.16 10.81
CA PHE E 373 49.75 -47.97 11.50
C PHE E 373 49.70 -46.72 12.36
N ARG E 374 49.03 -46.81 13.50
CA ARG E 374 48.71 -45.66 14.33
C ARG E 374 49.82 -45.25 15.29
N SER E 375 50.83 -46.08 15.47
CA SER E 375 51.84 -45.82 16.49
C SER E 375 52.88 -44.78 16.06
N LEU E 376 53.02 -44.53 14.76
CA LEU E 376 54.11 -43.67 14.28
C LEU E 376 53.93 -42.23 14.73
N LYS E 377 52.68 -41.77 14.92
CA LYS E 377 52.47 -40.38 15.31
C LYS E 377 53.02 -40.11 16.71
N LEU E 378 52.61 -40.91 17.69
CA LEU E 378 53.04 -40.67 19.07
C LEU E 378 54.51 -40.96 19.28
N TRP E 379 55.07 -41.90 18.49
CA TRP E 379 56.51 -42.16 18.57
C TRP E 379 57.31 -40.97 18.04
N MET E 380 56.88 -40.39 16.91
CA MET E 380 57.58 -39.25 16.35
C MET E 380 57.31 -37.98 17.15
N VAL E 381 56.18 -37.92 17.86
CA VAL E 381 55.88 -36.75 18.67
C VAL E 381 56.74 -36.73 19.93
N LEU E 382 56.96 -37.90 20.54
CA LEU E 382 57.67 -37.95 21.81
C LEU E 382 59.18 -37.83 21.64
N ARG E 383 59.72 -38.23 20.47
CA ARG E 383 61.16 -38.17 20.26
C ARG E 383 61.61 -36.90 19.56
N SER E 384 60.78 -36.33 18.67
CA SER E 384 61.15 -35.11 17.99
C SER E 384 61.27 -33.94 18.96
N TYR E 385 60.26 -33.77 19.82
CA TYR E 385 60.25 -32.66 20.77
C TYR E 385 60.85 -33.06 22.12
N GLY E 386 60.46 -34.21 22.65
CA GLY E 386 60.97 -34.68 23.91
C GLY E 386 59.99 -34.44 25.06
N VAL E 387 60.28 -35.09 26.18
CA VAL E 387 59.40 -35.01 27.34
C VAL E 387 59.31 -33.58 27.86
N THR E 388 60.44 -32.88 27.91
CA THR E 388 60.45 -31.52 28.45
C THR E 388 59.86 -30.51 27.47
N ASN E 389 59.95 -30.77 26.18
CA ASN E 389 59.36 -29.86 25.20
C ASN E 389 57.84 -29.91 25.22
N LEU E 390 57.27 -31.03 25.64
CA LEU E 390 55.80 -31.14 25.69
C LEU E 390 55.23 -30.32 26.82
N ARG E 391 55.84 -30.39 28.01
CA ARG E 391 55.44 -29.52 29.11
C ARG E 391 55.86 -28.08 28.90
N ASN E 392 56.51 -27.77 27.78
CA ASN E 392 56.71 -26.40 27.34
C ASN E 392 55.54 -25.94 26.48
N PHE E 393 55.12 -26.77 25.52
CA PHE E 393 54.00 -26.41 24.66
C PHE E 393 52.69 -26.45 25.42
N LEU E 394 52.51 -27.43 26.31
CA LEU E 394 51.23 -27.65 26.94
C LEU E 394 50.95 -26.61 28.03
N ARG E 395 51.96 -26.23 28.79
CA ARG E 395 51.79 -25.10 29.70
C ARG E 395 51.80 -23.78 28.94
N SER E 396 52.35 -23.76 27.73
CA SER E 396 52.20 -22.60 26.87
C SER E 396 50.73 -22.32 26.57
N HIS E 397 49.95 -23.39 26.38
CA HIS E 397 48.51 -23.22 26.20
C HIS E 397 47.81 -22.83 27.49
N VAL E 398 48.41 -23.13 28.65
CA VAL E 398 47.79 -22.84 29.94
C VAL E 398 48.13 -21.43 30.40
N LYS E 399 49.40 -21.03 30.33
CA LYS E 399 49.79 -19.70 30.79
C LYS E 399 49.00 -18.62 30.07
N MET E 400 48.69 -18.83 28.79
CA MET E 400 47.90 -17.84 28.05
C MET E 400 46.48 -17.75 28.59
N ALA E 401 45.95 -18.85 29.15
CA ALA E 401 44.59 -18.82 29.68
C ALA E 401 44.48 -17.85 30.84
N LYS E 402 45.48 -17.83 31.73
CA LYS E 402 45.42 -16.95 32.89
C LYS E 402 45.76 -15.51 32.53
N THR E 403 46.58 -15.30 31.49
CA THR E 403 46.75 -13.95 30.97
C THR E 403 45.49 -13.47 30.26
N PHE E 404 44.78 -14.38 29.60
CA PHE E 404 43.45 -14.07 29.11
C PHE E 404 42.47 -13.89 30.27
N GLU E 405 42.63 -14.68 31.33
CA GLU E 405 41.77 -14.55 32.50
C GLU E 405 42.06 -13.28 33.28
N GLY E 406 43.32 -12.82 33.29
CA GLY E 406 43.64 -11.60 33.98
C GLY E 406 43.01 -10.38 33.34
N LEU E 407 42.92 -10.36 32.00
CA LEU E 407 42.28 -9.25 31.32
C LEU E 407 40.79 -9.19 31.66
N ILE E 408 40.14 -10.35 31.78
CA ILE E 408 38.72 -10.38 32.08
C ILE E 408 38.45 -9.84 33.47
N CYS E 409 39.26 -10.27 34.46
CA CYS E 409 38.99 -9.93 35.85
C CYS E 409 39.13 -8.44 36.12
N MET E 410 39.87 -7.69 35.29
CA MET E 410 40.04 -6.26 35.49
C MET E 410 39.05 -5.43 34.69
N ASP E 411 38.24 -6.05 33.83
CA ASP E 411 37.14 -5.37 33.15
C ASP E 411 35.86 -5.66 33.91
N GLY E 412 35.28 -4.62 34.50
CA GLY E 412 34.11 -4.77 35.36
C GLY E 412 32.85 -5.22 34.66
N ARG E 413 32.87 -5.36 33.33
CA ARG E 413 31.68 -5.77 32.59
C ARG E 413 31.69 -7.25 32.23
N PHE E 414 32.79 -7.96 32.46
CA PHE E 414 32.88 -9.39 32.22
C PHE E 414 33.03 -10.11 33.54
N GLU E 415 32.79 -11.42 33.51
CA GLU E 415 32.76 -12.22 34.73
C GLU E 415 33.29 -13.62 34.46
N ILE E 416 34.13 -14.11 35.37
CA ILE E 416 34.57 -15.49 35.35
C ILE E 416 33.51 -16.34 36.05
N THR E 417 32.89 -17.26 35.29
CA THR E 417 31.76 -18.01 35.82
C THR E 417 32.21 -19.17 36.71
N VAL E 418 33.09 -20.02 36.20
CA VAL E 418 33.54 -21.19 36.95
C VAL E 418 35.06 -21.23 36.92
N PRO E 419 35.67 -21.94 37.86
CA PRO E 419 37.14 -21.92 37.98
C PRO E 419 37.81 -22.49 36.74
N ARG E 420 38.93 -21.86 36.38
CA ARG E 420 39.75 -22.33 35.26
C ARG E 420 40.65 -23.47 35.72
N THR E 421 40.65 -24.56 34.96
CA THR E 421 41.37 -25.77 35.34
C THR E 421 42.52 -26.06 34.37
N PHE E 422 42.22 -26.40 33.12
CA PHE E 422 43.25 -26.73 32.13
C PHE E 422 43.09 -25.83 30.90
N ALA E 423 43.73 -24.66 30.94
CA ALA E 423 43.89 -23.81 29.76
C ALA E 423 42.57 -23.54 29.06
N MET E 424 41.51 -23.33 29.84
CA MET E 424 40.24 -22.87 29.28
C MET E 424 39.54 -22.00 30.31
N VAL E 425 39.18 -20.78 29.90
CA VAL E 425 38.54 -19.81 30.78
C VAL E 425 37.09 -19.66 30.35
N CYS E 426 36.17 -19.93 31.28
CA CYS E 426 34.75 -19.70 31.06
C CYS E 426 34.40 -18.29 31.51
N PHE E 427 33.69 -17.55 30.67
CA PHE E 427 33.40 -16.16 30.95
C PHE E 427 32.09 -15.77 30.28
N ARG E 428 31.64 -14.55 30.57
CA ARG E 428 30.42 -14.03 29.97
C ARG E 428 30.37 -12.53 30.19
N LEU E 429 29.77 -11.83 29.22
CA LEU E 429 29.52 -10.40 29.38
C LEU E 429 28.33 -10.18 30.30
N LEU E 430 28.38 -9.07 31.04
CA LEU E 430 27.32 -8.83 32.01
C LEU E 430 26.44 -7.66 31.60
N PRO E 431 25.14 -7.74 31.86
CA PRO E 431 24.27 -6.60 31.56
C PRO E 431 24.49 -5.49 32.55
N PRO E 432 24.29 -4.22 32.15
CA PRO E 432 24.49 -3.07 33.03
C PRO E 432 23.55 -3.07 34.24
N GLU E 457 14.84 -14.46 35.40
CA GLU E 457 14.79 -13.01 35.50
C GLU E 457 15.93 -12.37 34.73
N ASN E 458 16.93 -11.85 35.45
CA ASN E 458 18.10 -11.29 34.80
C ASN E 458 19.01 -12.37 34.22
N LEU E 459 18.85 -13.63 34.66
CA LEU E 459 19.61 -14.72 34.06
C LEU E 459 19.20 -14.94 32.62
N VAL E 460 17.89 -14.97 32.36
CA VAL E 460 17.41 -15.09 30.98
C VAL E 460 17.86 -13.89 30.17
N LEU E 461 17.89 -12.71 30.78
CA LEU E 461 18.35 -11.51 30.10
C LEU E 461 19.83 -11.60 29.79
N ALA E 462 20.65 -11.96 30.79
CA ALA E 462 22.08 -12.05 30.58
C ALA E 462 22.43 -13.17 29.62
N ASN E 463 21.63 -14.24 29.57
CA ASN E 463 21.93 -15.35 28.67
C ASN E 463 21.72 -14.96 27.22
N LYS E 464 20.63 -14.25 26.92
CA LYS E 464 20.38 -13.84 25.54
C LYS E 464 21.37 -12.77 25.10
N LEU E 465 21.76 -11.86 26.00
CA LEU E 465 22.75 -10.85 25.65
C LEU E 465 24.09 -11.48 25.32
N ASN E 466 24.46 -12.54 26.05
CA ASN E 466 25.68 -13.26 25.74
C ASN E 466 25.55 -14.02 24.42
N GLN E 467 24.37 -14.60 24.16
CA GLN E 467 24.16 -15.32 22.92
C GLN E 467 24.32 -14.41 21.70
N VAL E 468 23.70 -13.23 21.75
CA VAL E 468 23.80 -12.29 20.63
C VAL E 468 25.21 -11.71 20.56
N TYR E 469 25.83 -11.47 21.71
CA TYR E 469 27.19 -10.93 21.74
C TYR E 469 28.18 -11.90 21.12
N LEU E 470 28.14 -13.17 21.55
CA LEU E 470 29.09 -14.16 21.05
C LEU E 470 28.89 -14.42 19.55
N GLU E 471 27.64 -14.70 19.15
CA GLU E 471 27.38 -15.04 17.76
C GLU E 471 27.61 -13.88 16.81
N THR E 472 27.62 -12.64 17.31
CA THR E 472 28.06 -11.52 16.49
C THR E 472 29.57 -11.39 16.47
N VAL E 473 30.23 -11.75 17.57
CA VAL E 473 31.69 -11.77 17.60
C VAL E 473 32.24 -12.81 16.63
N ASN E 474 31.53 -13.94 16.50
CA ASN E 474 31.93 -14.98 15.56
C ASN E 474 31.49 -14.68 14.13
N ALA E 475 30.64 -13.68 13.92
CA ALA E 475 30.31 -13.27 12.56
C ALA E 475 31.57 -12.87 11.80
N THR E 476 32.45 -12.10 12.44
CA THR E 476 33.77 -11.88 11.89
C THR E 476 34.48 -13.22 11.68
N GLY E 477 35.38 -13.25 10.70
CA GLY E 477 36.30 -14.36 10.56
C GLY E 477 37.43 -14.36 11.58
N SER E 478 37.40 -13.47 12.58
CA SER E 478 38.54 -13.28 13.46
C SER E 478 38.69 -14.43 14.45
N VAL E 479 37.58 -14.92 15.01
CA VAL E 479 37.64 -15.91 16.08
C VAL E 479 36.39 -16.77 16.01
N TYR E 480 36.57 -18.05 16.36
CA TYR E 480 35.47 -18.97 16.58
C TYR E 480 35.52 -19.45 18.02
N MET E 481 34.47 -19.14 18.78
CA MET E 481 34.33 -19.59 20.16
C MET E 481 32.94 -20.17 20.34
N THR E 482 32.86 -21.33 20.97
CA THR E 482 31.58 -21.94 21.29
C THR E 482 31.18 -21.58 22.73
N HIS E 483 30.11 -22.19 23.21
CA HIS E 483 29.52 -21.81 24.48
C HIS E 483 29.05 -23.07 25.21
N ALA E 484 28.31 -22.86 26.29
CA ALA E 484 27.72 -23.94 27.07
C ALA E 484 26.76 -23.33 28.08
N VAL E 485 25.78 -24.13 28.48
CA VAL E 485 24.79 -23.72 29.48
C VAL E 485 24.98 -24.65 30.68
N VAL E 486 25.66 -24.16 31.71
CA VAL E 486 25.93 -24.93 32.92
C VAL E 486 25.34 -24.17 34.10
N GLY E 487 24.52 -24.85 34.90
CA GLY E 487 23.79 -24.18 35.95
C GLY E 487 22.80 -23.15 35.46
N GLY E 488 22.27 -23.34 34.25
CA GLY E 488 21.36 -22.37 33.67
C GLY E 488 22.01 -21.07 33.28
N VAL E 489 23.34 -21.04 33.15
CA VAL E 489 24.09 -19.82 32.88
C VAL E 489 24.76 -19.98 31.52
N TYR E 490 24.30 -19.20 30.54
CA TYR E 490 24.97 -19.16 29.24
C TYR E 490 26.36 -18.58 29.39
N MET E 491 27.38 -19.40 29.13
CA MET E 491 28.77 -18.99 29.25
C MET E 491 29.48 -19.19 27.91
N ILE E 492 30.54 -18.40 27.71
CA ILE E 492 31.38 -18.50 26.52
C ILE E 492 32.68 -19.21 26.89
N ARG E 493 33.03 -20.25 26.15
CA ARG E 493 34.22 -21.03 26.41
C ARG E 493 35.39 -20.49 25.59
N PHE E 494 36.58 -20.48 26.19
CA PHE E 494 37.81 -20.03 25.55
C PHE E 494 38.81 -21.17 25.62
N ALA E 495 38.71 -22.10 24.66
CA ALA E 495 39.60 -23.25 24.59
C ALA E 495 40.83 -22.86 23.79
N VAL E 496 41.85 -22.36 24.48
CA VAL E 496 43.06 -21.88 23.85
C VAL E 496 44.02 -23.03 23.55
N THR E 499 47.48 -24.52 17.60
CA THR E 499 48.45 -24.65 16.52
C THR E 499 49.47 -23.52 16.56
N LEU E 500 49.12 -22.39 15.94
CA LEU E 500 49.98 -21.21 15.88
C LEU E 500 49.62 -20.19 16.97
N THR E 501 49.06 -20.65 18.08
CA THR E 501 48.50 -19.75 19.09
C THR E 501 49.54 -19.45 20.15
N GLU E 502 50.14 -18.26 20.06
CA GLU E 502 50.94 -17.68 21.14
C GLU E 502 50.19 -16.49 21.72
N GLU E 503 50.80 -15.83 22.71
CA GLU E 503 50.14 -14.73 23.38
C GLU E 503 49.83 -13.57 22.44
N ARG E 504 50.38 -13.58 21.21
CA ARG E 504 50.06 -12.52 20.25
C ARG E 504 48.59 -12.55 19.88
N HIS E 505 48.00 -13.73 19.77
CA HIS E 505 46.61 -13.88 19.37
C HIS E 505 45.64 -13.91 20.55
N VAL E 506 46.15 -13.94 21.78
CA VAL E 506 45.27 -13.89 22.94
C VAL E 506 44.83 -12.46 23.22
N ILE E 507 45.77 -11.51 23.17
CA ILE E 507 45.42 -10.11 23.37
C ILE E 507 44.58 -9.59 22.21
N TYR E 508 44.93 -9.99 20.98
CA TYR E 508 44.15 -9.58 19.83
C TYR E 508 42.72 -10.09 19.91
N ALA E 509 42.53 -11.28 20.47
CA ALA E 509 41.19 -11.82 20.64
C ALA E 509 40.44 -11.18 21.80
N TRP E 510 41.17 -10.68 22.80
CA TRP E 510 40.51 -10.09 23.96
C TRP E 510 39.86 -8.76 23.61
N LYS E 511 40.62 -7.85 22.98
CA LYS E 511 40.09 -6.54 22.66
C LYS E 511 39.14 -6.56 21.47
N ILE E 512 39.10 -7.66 20.71
CA ILE E 512 38.00 -7.85 19.78
C ILE E 512 36.75 -8.30 20.53
N LEU E 513 36.92 -9.04 21.63
CA LEU E 513 35.78 -9.39 22.47
C LEU E 513 35.23 -8.16 23.18
N GLN E 514 36.12 -7.27 23.64
CA GLN E 514 35.68 -6.04 24.29
C GLN E 514 35.38 -4.93 23.30
N GLU E 515 35.73 -5.11 22.02
CA GLU E 515 35.28 -4.16 20.99
C GLU E 515 33.78 -4.31 20.75
N HIS E 516 33.30 -5.55 20.66
CA HIS E 516 31.86 -5.78 20.52
C HIS E 516 31.12 -5.48 21.80
N ALA E 517 31.75 -5.75 22.96
CA ALA E 517 31.15 -5.34 24.23
C ALA E 517 30.93 -3.84 24.29
N ASP E 518 31.73 -3.07 23.57
CA ASP E 518 31.52 -1.62 23.48
C ASP E 518 30.34 -1.30 22.57
N LEU E 519 30.29 -1.94 21.40
CA LEU E 519 29.21 -1.67 20.44
C LEU E 519 27.86 -2.04 21.03
N ILE E 520 27.73 -3.27 21.54
CA ILE E 520 26.44 -3.75 22.01
C ILE E 520 26.01 -3.02 23.27
N LEU E 521 26.91 -2.92 24.24
CA LEU E 521 26.54 -2.33 25.53
C LEU E 521 26.17 -0.86 25.38
N GLY E 522 26.85 -0.14 24.48
CA GLY E 522 26.52 1.25 24.24
C GLY E 522 25.15 1.41 23.59
N LYS E 523 24.92 0.67 22.51
CA LYS E 523 23.61 0.62 21.86
C LYS E 523 22.78 -0.51 22.45
N PHE E 524 22.53 -0.40 23.75
CA PHE E 524 21.90 -1.44 24.54
C PHE E 524 20.54 -0.98 25.05
N SER E 525 19.63 -1.94 25.17
CA SER E 525 18.31 -1.72 25.76
C SER E 525 17.76 -3.08 26.17
N GLU E 526 17.12 -3.13 27.34
CA GLU E 526 16.61 -4.40 27.85
C GLU E 526 15.51 -4.96 26.95
N ALA E 527 14.82 -4.11 26.18
CA ALA E 527 13.80 -4.61 25.27
C ALA E 527 14.39 -5.32 24.07
N ASP E 528 15.68 -5.12 23.78
CA ASP E 528 16.32 -5.79 22.66
C ASP E 528 16.59 -7.27 22.94
N PHE E 529 16.65 -7.66 24.21
CA PHE E 529 16.99 -9.04 24.57
C PHE E 529 15.94 -9.66 25.48
N SER E 530 14.76 -9.08 25.58
CA SER E 530 13.68 -9.59 26.40
C SER E 530 12.62 -10.31 25.58
N SER E 531 13.03 -11.10 24.59
CA SER E 531 12.10 -11.83 23.75
C SER E 531 12.75 -13.06 23.15
N THR F 19 60.59 -22.01 18.55
CA THR F 19 60.04 -22.32 17.23
C THR F 19 58.76 -23.14 17.37
N ASN F 20 57.73 -22.73 16.63
CA ASN F 20 56.44 -23.38 16.74
C ASN F 20 56.50 -24.82 16.24
N PRO F 21 55.87 -25.76 16.95
CA PRO F 21 55.87 -27.15 16.47
C PRO F 21 55.21 -27.36 15.13
N LEU F 22 54.44 -26.38 14.64
CA LEU F 22 53.87 -26.41 13.30
C LEU F 22 54.36 -25.23 12.48
N ASP F 23 55.65 -24.92 12.61
CA ASP F 23 56.28 -23.87 11.82
C ASP F 23 56.12 -24.18 10.34
N PRO F 24 55.46 -23.33 9.56
CA PRO F 24 55.11 -23.71 8.17
C PRO F 24 56.31 -24.13 7.33
N GLU F 25 57.48 -23.50 7.51
CA GLU F 25 58.63 -23.85 6.69
C GLU F 25 59.44 -25.00 7.29
N GLU F 26 59.64 -25.02 8.61
CA GLU F 26 60.12 -26.23 9.24
C GLU F 26 59.22 -27.41 8.91
N PHE F 27 57.91 -27.15 8.80
CA PHE F 27 56.97 -28.13 8.27
C PHE F 27 57.29 -28.48 6.81
N ARG F 28 57.85 -27.53 6.06
CA ARG F 28 58.10 -27.74 4.64
C ARG F 28 59.31 -28.64 4.42
N ARG F 29 60.46 -28.27 4.97
CA ARG F 29 61.67 -29.07 4.79
C ARG F 29 61.46 -30.49 5.31
N GLN F 30 61.02 -30.63 6.55
CA GLN F 30 60.75 -31.97 7.09
C GLN F 30 59.64 -32.67 6.29
N GLY F 31 58.70 -31.91 5.74
CA GLY F 31 57.69 -32.51 4.89
C GLY F 31 58.20 -32.93 3.54
N HIS F 32 59.33 -32.37 3.10
CA HIS F 32 59.89 -32.69 1.80
C HIS F 32 60.84 -33.89 1.85
N MET F 33 61.45 -34.16 3.00
CA MET F 33 62.31 -35.34 3.10
C MET F 33 61.49 -36.62 3.17
N ILE F 34 60.31 -36.58 3.78
CA ILE F 34 59.46 -37.76 3.85
C ILE F 34 59.00 -38.17 2.45
N ILE F 35 58.93 -37.22 1.52
CA ILE F 35 58.49 -37.55 0.16
C ILE F 35 59.50 -38.48 -0.50
N ASP F 36 60.74 -38.04 -0.62
CA ASP F 36 61.77 -38.87 -1.23
C ASP F 36 61.99 -40.16 -0.44
N PHE F 37 62.02 -40.05 0.89
CA PHE F 37 62.28 -41.22 1.72
C PHE F 37 61.25 -42.32 1.46
N LEU F 38 59.98 -41.93 1.30
CA LEU F 38 58.97 -42.91 0.90
C LEU F 38 59.07 -43.22 -0.59
N ALA F 39 59.31 -42.20 -1.42
CA ALA F 39 59.56 -42.44 -2.83
C ALA F 39 60.69 -43.43 -3.04
N ASP F 40 61.74 -43.34 -2.20
CA ASP F 40 62.79 -44.36 -2.22
C ASP F 40 62.22 -45.72 -1.83
N TYR F 41 61.32 -45.74 -0.85
CA TYR F 41 60.68 -46.98 -0.41
C TYR F 41 60.04 -47.73 -1.57
N TYR F 42 59.32 -47.01 -2.44
CA TYR F 42 58.47 -47.67 -3.42
C TYR F 42 59.31 -48.34 -4.52
N ARG F 43 60.42 -47.73 -4.92
CA ARG F 43 61.30 -48.38 -5.88
C ARG F 43 62.06 -49.54 -5.26
N ASP F 44 62.18 -49.57 -3.93
CA ASP F 44 62.88 -50.63 -3.22
C ASP F 44 61.93 -51.48 -2.38
N VAL F 45 60.76 -51.80 -2.96
CA VAL F 45 59.80 -52.63 -2.25
C VAL F 45 60.11 -54.11 -2.42
N GLU F 46 60.35 -54.54 -3.67
CA GLU F 46 60.78 -55.91 -3.91
C GLU F 46 62.10 -56.22 -3.21
N LYS F 47 62.80 -55.19 -2.73
CA LYS F 47 63.99 -55.38 -1.91
C LYS F 47 63.77 -56.43 -0.83
N TYR F 48 62.71 -56.27 -0.06
CA TYR F 48 62.43 -57.14 1.07
C TYR F 48 61.73 -58.41 0.61
N PRO F 49 61.66 -59.41 1.47
CA PRO F 49 60.76 -60.54 1.23
C PRO F 49 59.33 -60.17 1.57
N VAL F 50 58.39 -60.87 0.94
CA VAL F 50 56.98 -60.54 1.12
C VAL F 50 56.60 -60.60 2.59
N ARG F 51 57.10 -61.60 3.31
CA ARG F 51 56.78 -61.80 4.71
C ARG F 51 57.92 -61.32 5.59
N SER F 52 57.56 -60.64 6.69
CA SER F 52 58.56 -60.27 7.68
C SER F 52 59.21 -61.53 8.24
N GLN F 53 60.50 -61.40 8.57
CA GLN F 53 61.26 -62.52 9.12
C GLN F 53 61.79 -62.22 10.52
N VAL F 54 61.41 -61.10 11.12
CA VAL F 54 61.79 -60.77 12.48
C VAL F 54 61.06 -61.72 13.43
N GLU F 55 61.45 -61.71 14.70
CA GLU F 55 60.86 -62.58 15.70
C GLU F 55 60.24 -61.76 16.83
N PRO F 56 59.22 -62.30 17.50
CA PRO F 56 58.52 -61.51 18.53
C PRO F 56 59.46 -61.02 19.62
N GLY F 57 59.41 -59.73 19.89
CA GLY F 57 60.16 -59.12 20.96
C GLY F 57 61.37 -58.30 20.56
N TYR F 58 61.51 -57.97 19.28
CA TYR F 58 62.70 -57.25 18.82
C TYR F 58 62.65 -55.78 19.19
N LEU F 59 61.47 -55.16 19.12
CA LEU F 59 61.38 -53.72 19.31
C LEU F 59 61.51 -53.34 20.78
N ARG F 60 61.14 -54.25 21.69
CA ARG F 60 61.20 -53.94 23.12
C ARG F 60 62.64 -53.71 23.57
N LYS F 61 63.53 -54.64 23.21
CA LYS F 61 64.92 -54.56 23.68
C LYS F 61 65.74 -53.56 22.88
N ARG F 62 65.40 -53.35 21.60
CA ARG F 62 66.24 -52.60 20.69
C ARG F 62 65.97 -51.10 20.69
N LEU F 63 65.30 -50.58 21.71
CA LEU F 63 65.14 -49.15 21.87
C LEU F 63 64.76 -48.86 23.32
N PRO F 64 64.97 -47.64 23.78
CA PRO F 64 64.93 -47.37 25.23
C PRO F 64 63.62 -47.75 25.89
N GLU F 65 63.69 -47.92 27.21
CA GLU F 65 62.52 -48.19 28.03
C GLU F 65 61.72 -46.93 28.33
N THR F 66 62.36 -45.76 28.28
CA THR F 66 61.72 -44.50 28.63
C THR F 66 61.84 -43.52 27.46
N ALA F 67 60.81 -42.69 27.30
CA ALA F 67 60.83 -41.70 26.24
C ALA F 67 61.94 -40.68 26.49
N PRO F 68 62.56 -40.16 25.44
CA PRO F 68 63.67 -39.21 25.64
C PRO F 68 63.22 -37.97 26.38
N TYR F 69 64.02 -37.54 27.35
CA TYR F 69 63.72 -36.38 28.16
C TYR F 69 64.10 -35.06 27.48
N ASN F 70 64.75 -35.11 26.32
CA ASN F 70 65.21 -33.93 25.62
C ASN F 70 64.95 -34.10 24.14
N PRO F 71 64.92 -33.01 23.38
CA PRO F 71 64.76 -33.12 21.93
C PRO F 71 66.07 -33.54 21.26
N GLU F 72 65.94 -34.42 20.28
CA GLU F 72 67.07 -34.87 19.47
C GLU F 72 66.74 -34.70 18.00
N SER F 73 67.77 -34.85 17.16
CA SER F 73 67.63 -34.60 15.73
C SER F 73 66.46 -35.39 15.16
N ILE F 74 65.88 -34.86 14.08
CA ILE F 74 64.76 -35.52 13.43
C ILE F 74 65.22 -36.50 12.35
N GLU F 75 66.30 -36.20 11.64
CA GLU F 75 66.88 -37.22 10.77
C GLU F 75 67.44 -38.38 11.57
N THR F 76 67.69 -38.18 12.87
CA THR F 76 67.96 -39.31 13.74
C THR F 76 66.71 -40.15 13.96
N ILE F 77 65.54 -39.54 13.89
CA ILE F 77 64.27 -40.23 14.06
C ILE F 77 63.65 -40.52 12.70
N LEU F 78 64.48 -40.62 11.67
CA LEU F 78 64.01 -40.89 10.31
C LEU F 78 64.59 -42.18 9.75
N GLN F 79 65.91 -42.36 9.82
CA GLN F 79 66.52 -43.63 9.43
C GLN F 79 66.69 -44.59 10.59
N ASP F 80 66.36 -44.17 11.81
CA ASP F 80 66.14 -45.15 12.87
C ASP F 80 64.93 -46.02 12.57
N VAL F 81 63.98 -45.49 11.80
CA VAL F 81 62.95 -46.34 11.20
C VAL F 81 63.60 -47.43 10.34
N THR F 82 64.58 -47.04 9.53
CA THR F 82 65.35 -48.03 8.78
C THR F 82 66.19 -48.90 9.70
N THR F 83 66.71 -48.31 10.78
CA THR F 83 67.50 -49.04 11.76
C THR F 83 66.61 -49.99 12.57
N ILE F 85 61.99 -49.95 12.35
CA ILE F 85 60.61 -50.15 11.91
C ILE F 85 60.57 -50.94 10.61
N ILE F 86 61.30 -50.47 9.61
CA ILE F 86 61.29 -51.07 8.28
C ILE F 86 61.71 -52.53 8.35
N PRO F 87 62.65 -52.90 9.23
CA PRO F 87 62.93 -54.33 9.41
C PRO F 87 61.69 -55.14 9.79
N GLY F 88 60.82 -54.60 10.64
CA GLY F 88 59.65 -55.34 11.09
C GLY F 88 58.38 -54.97 10.34
N LEU F 89 58.39 -55.14 9.01
CA LEU F 89 57.24 -54.84 8.18
C LEU F 89 56.95 -56.01 7.26
N THR F 90 55.67 -56.18 6.94
CA THR F 90 55.20 -57.15 5.96
C THR F 90 54.44 -56.41 4.87
N HIS F 91 54.64 -56.82 3.62
CA HIS F 91 54.23 -56.03 2.47
C HIS F 91 53.30 -56.82 1.56
N TRP F 92 52.05 -56.37 1.47
CA TRP F 92 51.21 -56.57 0.31
C TRP F 92 51.39 -55.47 -0.72
N GLN F 93 51.94 -54.33 -0.30
CA GLN F 93 52.50 -53.38 -1.25
C GLN F 93 53.39 -54.08 -2.26
N SER F 94 53.94 -55.23 -1.89
CA SER F 94 54.73 -56.11 -2.72
C SER F 94 54.02 -56.38 -4.05
N PRO F 95 54.77 -56.55 -5.14
CA PRO F 95 54.15 -56.93 -6.42
C PRO F 95 53.68 -58.38 -6.40
N ASN F 96 54.55 -59.29 -5.97
CA ASN F 96 54.24 -60.71 -5.95
C ASN F 96 53.49 -61.03 -4.66
N TYR F 97 52.17 -61.20 -4.77
CA TYR F 97 51.34 -61.44 -3.60
C TYR F 97 49.98 -62.01 -4.04
N TYR F 98 49.56 -63.11 -3.41
CA TYR F 98 48.32 -63.78 -3.80
C TYR F 98 47.61 -64.34 -2.57
N ALA F 99 47.67 -63.62 -1.46
CA ALA F 99 47.20 -64.09 -0.16
C ALA F 99 45.90 -63.35 0.19
N TYR F 100 45.77 -62.75 1.37
CA TYR F 100 44.55 -62.01 1.72
C TYR F 100 44.20 -60.99 0.65
N PHE F 101 42.94 -60.54 0.66
CA PHE F 101 42.51 -59.48 -0.23
C PHE F 101 43.46 -58.29 -0.11
N PRO F 102 43.71 -57.56 -1.20
CA PRO F 102 44.81 -56.58 -1.21
C PRO F 102 44.62 -55.41 -0.28
N SER F 103 45.59 -54.48 -0.33
CA SER F 103 45.55 -53.20 0.39
C SER F 103 45.87 -52.08 -0.61
N SER F 104 44.98 -51.90 -1.59
CA SER F 104 45.26 -51.02 -2.72
C SER F 104 45.41 -49.57 -2.25
N GLY F 105 46.56 -48.97 -2.58
CA GLY F 105 46.79 -47.57 -2.30
C GLY F 105 47.05 -46.79 -3.57
N SER F 106 47.55 -45.56 -3.45
CA SER F 106 47.82 -44.72 -4.60
C SER F 106 48.53 -43.45 -4.13
N VAL F 107 48.99 -42.68 -5.11
CA VAL F 107 49.45 -41.33 -4.80
C VAL F 107 48.28 -40.37 -4.70
N ALA F 108 47.17 -40.69 -5.37
CA ALA F 108 45.97 -39.87 -5.25
C ALA F 108 45.40 -39.93 -3.84
N GLY F 109 45.15 -41.14 -3.34
CA GLY F 109 44.60 -41.28 -2.00
C GLY F 109 45.60 -40.93 -0.92
N PHE F 110 46.90 -41.09 -1.19
CA PHE F 110 47.92 -40.78 -0.19
C PHE F 110 47.85 -39.31 0.23
N LEU F 111 48.10 -38.41 -0.71
CA LEU F 111 48.14 -36.99 -0.38
C LEU F 111 46.77 -36.44 -0.03
N GLY F 112 45.71 -36.96 -0.66
CA GLY F 112 44.37 -36.60 -0.24
C GLY F 112 44.17 -36.81 1.24
N GLU F 113 44.78 -37.86 1.79
CA GLU F 113 44.81 -38.04 3.24
C GLU F 113 45.73 -37.04 3.91
N MET F 114 46.74 -36.53 3.18
CA MET F 114 47.70 -35.62 3.78
C MET F 114 47.17 -34.20 3.84
N LEU F 115 46.40 -33.78 2.82
CA LEU F 115 45.63 -32.54 2.96
C LEU F 115 44.70 -32.63 4.16
N SER F 116 43.95 -33.73 4.26
CA SER F 116 43.10 -33.96 5.41
C SER F 116 43.91 -33.92 6.70
N THR F 117 45.00 -34.69 6.75
CA THR F 117 45.86 -34.67 7.93
C THR F 117 46.51 -33.31 8.12
N GLY F 118 46.73 -32.57 7.03
CA GLY F 118 47.25 -31.22 7.12
C GLY F 118 46.17 -30.21 7.45
N PHE F 119 44.99 -30.40 6.86
CA PHE F 119 43.85 -29.57 7.22
C PHE F 119 43.34 -29.89 8.62
N ASN F 120 43.57 -31.12 9.08
CA ASN F 120 43.44 -31.51 10.49
C ASN F 120 42.29 -30.79 11.18
N VAL F 121 41.08 -31.01 10.65
CA VAL F 121 39.87 -30.43 11.22
C VAL F 121 38.89 -31.55 11.53
N VAL F 122 38.06 -31.31 12.54
CA VAL F 122 37.14 -32.32 13.06
C VAL F 122 35.78 -32.12 12.41
N GLY F 123 35.32 -33.12 11.67
CA GLY F 123 34.00 -33.11 11.09
C GLY F 123 32.94 -33.50 12.11
N PHE F 124 33.05 -32.95 13.32
CA PHE F 124 32.12 -33.27 14.38
C PHE F 124 30.68 -32.96 13.97
N ASN F 125 30.46 -31.79 13.38
CA ASN F 125 29.16 -31.41 12.84
C ASN F 125 29.39 -30.77 11.47
N TRP F 126 28.40 -30.05 10.99
CA TRP F 126 28.52 -29.41 9.67
C TRP F 126 29.38 -28.15 9.75
N MET F 127 29.18 -27.33 10.78
CA MET F 127 29.79 -26.00 10.81
C MET F 127 31.30 -26.06 11.03
N SER F 128 31.78 -27.01 11.83
CA SER F 128 33.21 -27.08 12.11
C SER F 128 34.05 -27.39 10.88
N SER F 129 33.42 -27.65 9.75
CA SER F 129 34.09 -27.87 8.47
C SER F 129 33.05 -28.29 7.44
N PRO F 130 32.27 -27.36 6.91
CA PRO F 130 31.19 -27.74 5.97
C PRO F 130 31.66 -28.61 4.82
N ALA F 131 32.88 -28.41 4.33
CA ALA F 131 33.38 -29.23 3.23
C ALA F 131 33.51 -30.69 3.64
N ALA F 132 34.00 -30.94 4.86
CA ALA F 132 34.31 -32.31 5.27
C ALA F 132 33.10 -33.22 5.12
N THR F 133 31.90 -32.68 5.35
CA THR F 133 30.70 -33.50 5.34
C THR F 133 29.94 -33.46 4.01
N GLU F 134 30.11 -32.41 3.23
CA GLU F 134 29.36 -32.27 1.99
C GLU F 134 30.03 -32.92 0.79
N LEU F 135 31.37 -32.91 0.74
CA LEU F 135 32.06 -33.64 -0.31
C LEU F 135 31.80 -35.13 -0.21
N GLU F 136 31.54 -35.63 1.00
CA GLU F 136 31.37 -37.06 1.22
C GLU F 136 30.02 -37.56 0.71
N SER F 137 29.02 -36.68 0.58
CA SER F 137 27.73 -37.10 0.07
C SER F 137 27.71 -37.12 -1.44
N VAL F 138 28.40 -36.18 -2.08
CA VAL F 138 28.43 -36.13 -3.54
C VAL F 138 29.33 -37.22 -4.14
N VAL F 139 30.30 -37.71 -3.38
CA VAL F 139 31.21 -38.73 -3.89
C VAL F 139 30.55 -40.11 -3.93
N MET F 140 29.69 -40.41 -2.95
CA MET F 140 29.10 -41.75 -2.88
C MET F 140 28.12 -42.00 -4.02
N ASP F 141 27.42 -40.95 -4.50
CA ASP F 141 26.54 -41.13 -5.64
C ASP F 141 27.34 -41.40 -6.91
N TRP F 142 28.51 -40.76 -7.05
CA TRP F 142 29.38 -41.05 -8.18
C TRP F 142 29.67 -42.54 -8.28
N PHE F 143 30.24 -43.11 -7.21
CA PHE F 143 30.49 -44.54 -7.18
C PHE F 143 29.19 -45.33 -7.28
N GLY F 144 28.16 -44.91 -6.54
CA GLY F 144 26.92 -45.66 -6.51
C GLY F 144 26.34 -45.91 -7.89
N LYS F 145 26.35 -44.90 -8.75
CA LYS F 145 25.85 -45.07 -10.11
C LYS F 145 26.77 -45.93 -10.95
N MET F 146 28.06 -46.01 -10.62
CA MET F 146 28.95 -46.93 -11.32
C MET F 146 28.57 -48.38 -11.07
N LEU F 147 28.28 -48.73 -9.81
CA LEU F 147 27.80 -50.05 -9.47
C LEU F 147 26.43 -50.36 -10.06
N ASN F 148 25.82 -49.40 -10.76
CA ASN F 148 24.44 -49.53 -11.21
C ASN F 148 23.50 -49.74 -10.02
N LEU F 149 23.83 -49.11 -8.89
CA LEU F 149 22.97 -49.19 -7.71
C LEU F 149 21.68 -48.43 -7.97
N PRO F 150 20.52 -48.99 -7.62
CA PRO F 150 19.27 -48.24 -7.78
C PRO F 150 19.28 -46.97 -6.94
N GLU F 151 18.42 -46.03 -7.33
CA GLU F 151 18.34 -44.76 -6.61
C GLU F 151 17.85 -44.93 -5.17
N SER F 152 17.41 -46.12 -4.78
CA SER F 152 17.03 -46.36 -3.40
C SER F 152 18.19 -46.18 -2.44
N PHE F 153 19.43 -46.30 -2.93
CA PHE F 153 20.62 -46.13 -2.11
C PHE F 153 21.31 -44.80 -2.32
N LEU F 154 20.90 -44.03 -3.33
CA LEU F 154 21.62 -42.83 -3.72
C LEU F 154 21.07 -41.59 -3.03
N PHE F 155 21.96 -40.66 -2.71
CA PHE F 155 21.52 -39.36 -2.20
C PHE F 155 20.57 -38.67 -3.17
N SER F 156 20.71 -38.96 -4.47
CA SER F 156 19.80 -38.40 -5.46
C SER F 156 18.34 -38.72 -5.14
N GLY F 157 18.09 -39.84 -4.47
CA GLY F 157 16.74 -40.24 -4.15
C GLY F 157 16.51 -40.53 -2.68
N SER F 158 15.89 -41.67 -2.39
CA SER F 158 15.50 -42.03 -1.03
C SER F 158 16.65 -42.63 -0.21
N GLY F 159 17.89 -42.55 -0.69
CA GLY F 159 18.98 -43.20 0.00
C GLY F 159 20.04 -42.26 0.53
N GLY F 160 21.19 -42.82 0.93
CA GLY F 160 22.29 -42.04 1.45
C GLY F 160 23.56 -42.85 1.44
N GLY F 161 24.67 -42.16 1.68
CA GLY F 161 25.97 -42.80 1.70
C GLY F 161 26.94 -42.19 2.70
N VAL F 162 27.72 -43.03 3.36
CA VAL F 162 28.66 -42.58 4.39
C VAL F 162 29.97 -43.34 4.23
N LEU F 163 31.05 -42.71 4.68
CA LEU F 163 32.38 -43.29 4.63
C LEU F 163 32.81 -43.66 6.05
N GLN F 164 33.14 -44.94 6.26
CA GLN F 164 33.61 -45.43 7.54
C GLN F 164 35.04 -45.95 7.40
N GLY F 165 35.66 -46.20 8.54
CA GLY F 165 37.02 -46.73 8.55
C GLY F 165 37.10 -48.15 8.03
N THR F 166 36.39 -49.06 8.68
CA THR F 166 36.40 -50.48 8.31
C THR F 166 34.97 -50.97 8.13
N SER F 167 34.85 -52.11 7.46
CA SER F 167 33.53 -52.69 7.22
C SER F 167 32.89 -53.18 8.52
N CYS F 168 33.69 -53.78 9.41
CA CYS F 168 33.17 -54.17 10.70
C CYS F 168 32.58 -52.97 11.44
N GLU F 169 33.25 -51.83 11.37
CA GLU F 169 32.68 -50.59 11.90
C GLU F 169 31.38 -50.25 11.19
N ALA F 170 31.35 -50.41 9.86
CA ALA F 170 30.14 -50.10 9.10
C ALA F 170 29.05 -51.13 9.37
N ILE F 171 29.40 -52.41 9.34
CA ILE F 171 28.40 -53.45 9.61
C ILE F 171 27.86 -53.32 11.03
N LEU F 172 28.68 -52.84 11.97
CA LEU F 172 28.20 -52.61 13.33
C LEU F 172 27.10 -51.55 13.32
N CYS F 173 27.23 -50.52 12.49
CA CYS F 173 26.24 -49.45 12.46
C CYS F 173 24.90 -49.95 11.93
N THR F 174 24.92 -50.59 10.75
CA THR F 174 23.68 -51.11 10.19
C THR F 174 23.05 -52.16 11.10
N LEU F 175 23.88 -52.93 11.82
CA LEU F 175 23.33 -53.90 12.76
C LEU F 175 22.71 -53.22 13.97
N THR F 176 23.34 -52.15 14.47
CA THR F 176 22.74 -51.36 15.54
C THR F 176 21.49 -50.63 15.05
N ALA F 177 21.51 -50.17 13.80
CA ALA F 177 20.33 -49.55 13.23
C ALA F 177 19.18 -50.54 13.12
N ALA F 178 19.47 -51.74 12.60
CA ALA F 178 18.44 -52.77 12.52
C ALA F 178 17.95 -53.18 13.90
N ARG F 179 18.87 -53.30 14.87
CA ARG F 179 18.50 -53.66 16.23
C ARG F 179 17.48 -52.69 16.79
N ASP F 180 17.83 -51.39 16.81
CA ASP F 180 16.94 -50.39 17.40
C ASP F 180 15.63 -50.29 16.62
N ARG F 181 15.69 -50.45 15.30
CA ARG F 181 14.46 -50.37 14.51
C ARG F 181 13.46 -51.44 14.94
N LYS F 182 13.94 -52.64 15.26
CA LYS F 182 13.04 -53.69 15.72
C LYS F 182 12.76 -53.61 17.21
N LEU F 183 13.74 -53.16 18.01
CA LEU F 183 13.51 -53.05 19.44
C LEU F 183 12.53 -51.94 19.76
N ASN F 184 12.56 -50.84 19.00
CA ASN F 184 11.63 -49.74 19.25
C ASN F 184 10.18 -50.17 18.98
N LYS F 185 9.98 -51.15 18.11
CA LYS F 185 8.62 -51.62 17.83
C LYS F 185 8.15 -52.70 18.79
N ILE F 186 9.06 -53.50 19.33
CA ILE F 186 8.69 -54.65 20.16
C ILE F 186 9.16 -54.51 21.61
N GLY F 187 10.00 -53.54 21.91
CA GLY F 187 10.46 -53.36 23.28
C GLY F 187 11.91 -53.81 23.44
N ARG F 188 12.67 -53.02 24.20
CA ARG F 188 14.09 -53.31 24.38
C ARG F 188 14.35 -54.59 25.13
N GLU F 189 13.38 -55.11 25.88
CA GLU F 189 13.59 -56.33 26.64
C GLU F 189 13.65 -57.59 25.78
N HIS F 190 13.61 -57.45 24.46
CA HIS F 190 13.71 -58.59 23.56
C HIS F 190 15.08 -58.67 22.88
N ILE F 191 16.07 -57.92 23.39
CA ILE F 191 17.41 -57.96 22.80
C ILE F 191 18.02 -59.34 22.89
N GLY F 192 17.56 -60.18 23.82
CA GLY F 192 18.09 -61.52 23.95
C GLY F 192 17.62 -62.49 22.90
N ARG F 193 16.50 -62.19 22.22
CA ARG F 193 15.96 -63.05 21.19
C ARG F 193 16.44 -62.70 19.79
N LEU F 194 17.13 -61.57 19.61
CA LEU F 194 17.60 -61.18 18.29
C LEU F 194 18.68 -62.13 17.80
N VAL F 195 18.57 -62.54 16.54
CA VAL F 195 19.49 -63.47 15.92
C VAL F 195 20.14 -62.82 14.71
N VAL F 196 21.45 -63.00 14.57
CA VAL F 196 22.21 -62.47 13.45
C VAL F 196 22.66 -63.64 12.58
N TYR F 197 22.40 -63.54 11.28
CA TYR F 197 22.59 -64.66 10.36
C TYR F 197 23.74 -64.39 9.40
N GLY F 198 24.48 -65.45 9.11
CA GLY F 198 25.55 -65.43 8.12
C GLY F 198 25.90 -66.84 7.75
N SER F 199 26.81 -66.99 6.80
CA SER F 199 27.27 -68.30 6.38
C SER F 199 28.50 -68.72 7.18
N ASP F 200 28.85 -70.00 7.06
CA ASP F 200 30.05 -70.49 7.74
C ASP F 200 31.33 -69.97 7.10
N GLN F 201 31.24 -69.34 5.94
CA GLN F 201 32.35 -68.62 5.33
C GLN F 201 32.25 -67.12 5.56
N THR F 202 31.26 -66.68 6.34
CA THR F 202 31.13 -65.27 6.66
C THR F 202 32.24 -64.85 7.63
N PHE F 203 32.78 -63.66 7.40
CA PHE F 203 33.97 -63.24 8.13
C PHE F 203 33.61 -62.84 9.57
N CYS F 204 34.66 -62.56 10.35
CA CYS F 204 34.49 -62.24 11.76
C CYS F 204 33.74 -60.93 12.00
N ALA F 205 33.67 -60.07 10.99
CA ALA F 205 33.06 -58.75 11.19
C ALA F 205 31.64 -58.88 11.71
N LEU F 206 30.84 -59.79 11.13
CA LEU F 206 29.46 -59.95 11.56
C LEU F 206 29.37 -60.36 13.03
N GLN F 207 30.17 -61.35 13.42
CA GLN F 207 30.17 -61.82 14.80
C GLN F 207 30.63 -60.72 15.76
N LYS F 208 31.78 -60.10 15.45
CA LYS F 208 32.28 -59.03 16.32
C LYS F 208 31.29 -57.87 16.38
N ALA F 209 30.66 -57.53 15.26
CA ALA F 209 29.61 -56.52 15.28
C ALA F 209 28.47 -56.95 16.19
N ALA F 210 28.04 -58.22 16.08
CA ALA F 210 26.97 -58.72 16.93
C ALA F 210 27.39 -58.70 18.40
N GLN F 211 28.63 -59.11 18.69
CA GLN F 211 29.08 -59.13 20.07
C GLN F 211 29.08 -57.74 20.70
N VAL F 212 29.58 -56.75 19.95
CA VAL F 212 29.59 -55.38 20.47
C VAL F 212 28.17 -54.85 20.60
N ALA F 213 27.30 -55.18 19.65
CA ALA F 213 25.93 -54.68 19.61
C ALA F 213 25.02 -55.31 20.65
N GLY F 214 25.54 -56.07 21.61
CA GLY F 214 24.69 -56.64 22.65
C GLY F 214 23.97 -57.92 22.26
N ILE F 215 24.19 -58.43 21.05
CA ILE F 215 23.59 -59.70 20.67
C ILE F 215 24.16 -60.81 21.54
N ASN F 216 23.30 -61.72 21.98
CA ASN F 216 23.76 -62.84 22.78
C ASN F 216 24.65 -63.75 21.95
N PRO F 217 25.87 -64.04 22.39
CA PRO F 217 26.76 -64.93 21.61
C PRO F 217 26.08 -66.20 21.16
N LYS F 218 25.14 -66.73 21.93
CA LYS F 218 24.40 -67.92 21.53
C LYS F 218 23.43 -67.65 20.39
N ASN F 219 23.23 -66.39 20.00
CA ASN F 219 22.28 -66.01 18.96
C ASN F 219 22.98 -65.58 17.67
N PHE F 220 24.15 -66.15 17.39
CA PHE F 220 24.85 -65.92 16.13
C PHE F 220 24.80 -67.20 15.31
N ARG F 221 24.35 -67.07 14.06
CA ARG F 221 24.15 -68.21 13.17
C ARG F 221 25.14 -68.15 12.02
N ALA F 222 25.93 -69.21 11.86
CA ALA F 222 26.82 -69.39 10.71
C ALA F 222 26.28 -70.61 9.96
N ILE F 223 25.36 -70.35 9.03
CA ILE F 223 24.67 -71.43 8.34
C ILE F 223 25.66 -72.24 7.51
N LYS F 224 25.35 -73.52 7.33
CA LYS F 224 26.23 -74.43 6.62
C LYS F 224 26.14 -74.20 5.11
N THR F 225 27.29 -74.20 4.46
CA THR F 225 27.38 -74.12 3.01
C THR F 225 27.84 -75.47 2.46
N PHE F 226 27.56 -75.69 1.18
CA PHE F 226 27.85 -76.96 0.54
C PHE F 226 28.63 -76.74 -0.76
N LYS F 227 29.52 -77.68 -1.06
CA LYS F 227 30.20 -77.67 -2.35
C LYS F 227 29.23 -77.93 -3.49
N GLU F 228 28.10 -78.57 -3.23
CA GLU F 228 27.06 -78.72 -4.24
C GLU F 228 26.62 -77.36 -4.75
N ASN F 229 26.55 -76.36 -3.86
CA ASN F 229 26.19 -74.99 -4.21
C ASN F 229 27.42 -74.09 -4.29
N SER F 230 28.61 -74.66 -4.43
CA SER F 230 29.86 -73.91 -4.52
C SER F 230 30.09 -73.06 -3.27
N PHE F 231 29.63 -73.54 -2.12
CA PHE F 231 29.85 -72.88 -0.83
C PHE F 231 29.20 -71.49 -0.78
N GLY F 232 28.13 -71.31 -1.54
CA GLY F 232 27.27 -70.15 -1.40
C GLY F 232 26.09 -70.49 -0.51
N LEU F 233 25.70 -69.55 0.34
CA LEU F 233 24.61 -69.79 1.29
C LEU F 233 23.31 -70.05 0.54
N SER F 234 22.81 -71.27 0.60
CA SER F 234 21.53 -71.60 -0.01
C SER F 234 20.41 -70.95 0.78
N ALA F 235 19.58 -70.16 0.10
CA ALA F 235 18.43 -69.56 0.77
C ALA F 235 17.51 -70.62 1.35
N ALA F 236 17.48 -71.81 0.73
CA ALA F 236 16.72 -72.91 1.31
C ALA F 236 17.26 -73.30 2.67
N THR F 237 18.58 -73.30 2.82
CA THR F 237 19.18 -73.56 4.13
C THR F 237 18.96 -72.40 5.09
N LEU F 238 18.90 -71.18 4.57
CA LEU F 238 18.68 -70.02 5.43
C LEU F 238 17.29 -70.05 6.05
N ARG F 239 16.26 -70.23 5.22
CA ARG F 239 14.90 -70.33 5.76
C ARG F 239 14.77 -71.52 6.70
N GLU F 240 15.48 -72.61 6.41
CA GLU F 240 15.43 -73.78 7.29
C GLU F 240 15.91 -73.43 8.69
N VAL F 241 17.05 -72.76 8.80
CA VAL F 241 17.58 -72.39 10.10
C VAL F 241 16.74 -71.29 10.73
N ILE F 242 16.26 -70.35 9.91
CA ILE F 242 15.42 -69.27 10.44
C ILE F 242 14.19 -69.85 11.12
N LEU F 243 13.64 -70.94 10.58
CA LEU F 243 12.48 -71.56 11.21
C LEU F 243 12.86 -72.20 12.53
N GLU F 244 13.98 -72.94 12.57
CA GLU F 244 14.46 -73.51 13.81
C GLU F 244 14.49 -72.46 14.92
N ASP F 245 14.92 -71.25 14.59
CA ASP F 245 15.00 -70.19 15.59
C ASP F 245 13.61 -69.71 15.98
N ILE F 246 12.70 -69.57 15.01
CA ILE F 246 11.37 -69.08 15.30
C ILE F 246 10.63 -70.03 16.23
N GLU F 247 10.76 -71.34 15.99
CA GLU F 247 10.12 -72.31 16.87
C GLU F 247 10.72 -72.27 18.27
N ALA F 248 12.02 -72.02 18.38
CA ALA F 248 12.68 -71.91 19.67
C ALA F 248 12.30 -70.63 20.41
N GLY F 249 11.45 -69.79 19.84
CA GLY F 249 11.10 -68.53 20.46
C GLY F 249 12.02 -67.38 20.16
N LEU F 250 12.86 -67.49 19.13
CA LEU F 250 13.78 -66.43 18.75
C LEU F 250 13.21 -65.63 17.58
N ILE F 251 13.71 -64.40 17.43
CA ILE F 251 13.24 -63.49 16.40
C ILE F 251 14.40 -63.20 15.45
N PRO F 252 14.26 -63.50 14.15
CA PRO F 252 15.34 -63.18 13.22
C PRO F 252 15.42 -61.67 12.97
N LEU F 253 16.65 -61.16 12.96
CA LEU F 253 16.89 -59.72 12.89
C LEU F 253 17.75 -59.31 11.71
N PHE F 254 18.90 -59.96 11.51
CA PHE F 254 19.94 -59.44 10.64
C PHE F 254 20.56 -60.58 9.84
N VAL F 255 20.55 -60.45 8.52
CA VAL F 255 21.20 -61.40 7.63
C VAL F 255 22.14 -60.63 6.72
N CYS F 256 23.33 -61.19 6.49
CA CYS F 256 24.39 -60.52 5.74
C CYS F 256 24.89 -61.44 4.63
N PRO F 257 24.22 -61.46 3.48
CA PRO F 257 24.72 -62.26 2.36
C PRO F 257 26.04 -61.72 1.85
N THR F 258 26.93 -62.62 1.45
CA THR F 258 28.29 -62.28 1.07
C THR F 258 28.51 -62.57 -0.41
N VAL F 259 29.03 -61.59 -1.14
CA VAL F 259 29.46 -61.76 -2.52
C VAL F 259 30.97 -61.62 -2.53
N GLY F 260 31.66 -62.74 -2.69
CA GLY F 260 33.11 -62.75 -2.61
C GLY F 260 33.60 -63.02 -1.20
N THR F 261 33.33 -64.23 -0.71
CA THR F 261 33.77 -64.60 0.63
C THR F 261 35.30 -64.56 0.72
N THR F 262 35.79 -64.37 1.94
CA THR F 262 37.22 -64.16 2.15
C THR F 262 38.05 -65.41 1.87
N SER F 263 37.46 -66.60 1.99
CA SER F 263 38.21 -67.85 1.83
C SER F 263 38.06 -68.46 0.44
N SER F 264 36.84 -68.54 -0.07
CA SER F 264 36.59 -69.16 -1.38
C SER F 264 36.09 -68.18 -2.43
N THR F 265 35.90 -66.92 -2.09
CA THR F 265 35.31 -65.93 -3.00
C THR F 265 34.05 -66.48 -3.66
N ALA F 266 33.27 -67.24 -2.89
CA ALA F 266 31.95 -67.64 -3.34
C ALA F 266 30.99 -66.46 -3.24
N VAL F 267 29.82 -66.62 -3.85
CA VAL F 267 28.81 -65.58 -3.87
C VAL F 267 27.54 -66.13 -3.24
N ASP F 268 26.83 -65.29 -2.50
CA ASP F 268 25.56 -65.74 -1.97
C ASP F 268 24.40 -65.16 -2.78
N PRO F 269 23.37 -65.96 -3.03
CA PRO F 269 22.23 -65.47 -3.83
C PRO F 269 21.46 -64.37 -3.10
N ILE F 270 21.57 -63.14 -3.59
CA ILE F 270 20.96 -62.01 -2.90
C ILE F 270 19.44 -62.06 -3.06
N SER F 271 18.96 -62.18 -4.29
CA SER F 271 17.51 -62.19 -4.52
C SER F 271 16.80 -63.26 -3.71
N PRO F 272 17.25 -64.52 -3.70
CA PRO F 272 16.59 -65.53 -2.85
C PRO F 272 16.74 -65.24 -1.37
N ILE F 273 17.85 -64.63 -0.96
CA ILE F 273 18.04 -64.32 0.47
C ILE F 273 17.18 -63.15 0.89
N CYS F 274 17.02 -62.16 0.00
CA CYS F 274 16.12 -61.04 0.29
C CYS F 274 14.67 -61.50 0.30
N GLU F 275 14.31 -62.45 -0.56
CA GLU F 275 12.93 -62.91 -0.63
C GLU F 275 12.52 -63.67 0.62
N VAL F 276 13.47 -64.33 1.28
CA VAL F 276 13.18 -64.97 2.57
C VAL F 276 13.30 -63.97 3.72
N ALA F 277 14.20 -62.98 3.59
CA ALA F 277 14.34 -61.98 4.64
C ALA F 277 13.13 -61.05 4.69
N LYS F 278 12.57 -60.70 3.53
CA LYS F 278 11.37 -59.90 3.52
C LYS F 278 10.22 -60.61 4.23
N GLU F 279 10.22 -61.95 4.22
CA GLU F 279 9.12 -62.69 4.80
C GLU F 279 9.13 -62.63 6.33
N TYR F 280 10.29 -62.40 6.93
CA TYR F 280 10.41 -62.28 8.38
C TYR F 280 10.87 -60.89 8.80
N GLU F 281 10.80 -59.91 7.90
CA GLU F 281 11.12 -58.52 8.21
C GLU F 281 12.54 -58.40 8.76
N MET F 282 13.50 -58.90 7.99
CA MET F 282 14.90 -58.87 8.37
C MET F 282 15.67 -57.82 7.58
N TRP F 283 16.68 -57.24 8.23
CA TRP F 283 17.58 -56.32 7.56
C TRP F 283 18.60 -57.11 6.75
N VAL F 284 18.73 -56.79 5.47
CA VAL F 284 19.68 -57.44 4.58
C VAL F 284 20.82 -56.46 4.31
N HIS F 285 22.02 -56.83 4.73
CA HIS F 285 23.24 -56.07 4.46
C HIS F 285 24.12 -56.91 3.54
N VAL F 286 24.23 -56.50 2.28
CA VAL F 286 25.04 -57.22 1.31
C VAL F 286 26.51 -56.86 1.53
N ASP F 287 27.33 -57.86 1.83
CA ASP F 287 28.75 -57.65 2.11
C ASP F 287 29.56 -58.12 0.91
N ALA F 288 29.97 -57.16 0.08
CA ALA F 288 30.92 -57.42 -0.99
C ALA F 288 32.14 -56.53 -0.81
N ALA F 289 32.78 -56.61 0.36
CA ALA F 289 33.88 -55.71 0.69
C ALA F 289 34.97 -55.74 -0.38
N TYR F 290 35.23 -56.91 -0.95
CA TYR F 290 36.25 -57.05 -1.99
C TYR F 290 35.64 -57.12 -3.39
N ALA F 291 34.75 -58.08 -3.62
CA ALA F 291 34.32 -58.40 -4.97
C ALA F 291 33.29 -57.43 -5.53
N GLY F 292 32.60 -56.67 -4.68
CA GLY F 292 31.58 -55.77 -5.17
C GLY F 292 32.11 -54.72 -6.13
N SER F 293 33.39 -54.35 -5.99
CA SER F 293 33.96 -53.32 -6.84
C SER F 293 34.06 -53.78 -8.28
N ALA F 294 34.15 -55.09 -8.52
CA ALA F 294 34.14 -55.59 -9.89
C ALA F 294 32.77 -55.46 -10.53
N CYS F 295 31.72 -55.29 -9.74
CA CYS F 295 30.37 -55.13 -10.27
C CYS F 295 30.20 -53.82 -11.02
N ILE F 296 31.25 -53.00 -11.12
CA ILE F 296 31.21 -51.87 -12.05
C ILE F 296 31.14 -52.39 -13.48
N CYS F 297 31.86 -53.45 -13.78
CA CYS F 297 31.82 -54.09 -15.09
C CYS F 297 30.53 -54.89 -15.23
N PRO F 298 29.75 -54.69 -16.29
CA PRO F 298 28.48 -55.40 -16.41
C PRO F 298 28.63 -56.90 -16.50
N GLU F 299 29.76 -57.40 -17.00
CA GLU F 299 30.00 -58.83 -17.03
C GLU F 299 30.06 -59.44 -15.62
N PHE F 300 30.13 -58.61 -14.59
CA PHE F 300 30.26 -59.07 -13.21
C PHE F 300 29.03 -58.79 -12.36
N ARG F 301 28.41 -57.61 -12.50
CA ARG F 301 27.40 -57.20 -11.54
C ARG F 301 26.14 -58.07 -11.55
N HIS F 302 26.07 -59.16 -12.32
CA HIS F 302 24.98 -60.10 -12.14
C HIS F 302 25.04 -60.82 -10.81
N PHE F 303 26.17 -60.74 -10.11
CA PHE F 303 26.31 -61.39 -8.81
C PHE F 303 25.59 -60.62 -7.71
N ILE F 304 25.41 -59.32 -7.87
CA ILE F 304 24.66 -58.51 -6.92
C ILE F 304 23.22 -58.29 -7.38
N ASP F 305 22.72 -59.15 -8.27
CA ASP F 305 21.32 -59.10 -8.67
C ASP F 305 20.43 -59.37 -7.46
N GLY F 306 19.67 -58.37 -7.03
CA GLY F 306 18.90 -58.44 -5.80
C GLY F 306 19.30 -57.41 -4.77
N VAL F 307 20.42 -56.71 -4.96
CA VAL F 307 20.81 -55.65 -4.04
C VAL F 307 19.74 -54.58 -3.94
N GLU F 308 18.90 -54.46 -4.98
CA GLU F 308 17.75 -53.55 -4.91
C GLU F 308 16.73 -53.98 -3.86
N GLU F 309 16.84 -55.20 -3.35
CA GLU F 309 15.94 -55.72 -2.32
C GLU F 309 16.58 -55.75 -0.94
N ALA F 310 17.75 -55.16 -0.78
CA ALA F 310 18.47 -55.15 0.49
C ALA F 310 18.37 -53.79 1.14
N ASP F 311 18.73 -53.75 2.44
CA ASP F 311 18.69 -52.51 3.20
C ASP F 311 20.02 -51.77 3.20
N SER F 312 21.13 -52.49 3.01
CA SER F 312 22.44 -51.87 3.03
C SER F 312 23.41 -52.68 2.20
N PHE F 313 24.32 -51.98 1.51
CA PHE F 313 25.35 -52.57 0.68
C PHE F 313 26.68 -51.94 1.05
N SER F 314 27.74 -52.76 1.12
CA SER F 314 29.00 -52.29 1.66
C SER F 314 30.18 -52.87 0.90
N LEU F 315 31.15 -52.00 0.61
CA LEU F 315 32.47 -52.39 0.14
C LEU F 315 33.48 -51.41 0.71
N ASN F 316 34.67 -51.90 1.02
CA ASN F 316 35.75 -51.06 1.53
C ASN F 316 36.67 -50.66 0.37
N ALA F 317 36.89 -49.35 0.23
CA ALA F 317 37.62 -48.83 -0.92
C ALA F 317 39.12 -49.11 -0.86
N HIS F 318 39.63 -49.64 0.24
CA HIS F 318 41.06 -49.91 0.35
C HIS F 318 41.37 -51.40 0.21
N TRP F 320 40.00 -53.03 -3.01
CA TRP F 320 40.08 -53.14 -4.47
C TRP F 320 39.80 -51.84 -5.21
N PHE F 321 39.85 -50.70 -4.52
CA PHE F 321 39.65 -49.42 -5.17
C PHE F 321 40.60 -48.36 -4.61
N PHE F 322 41.88 -48.73 -4.53
CA PHE F 322 42.96 -47.76 -4.40
C PHE F 322 42.69 -46.67 -3.37
N CYS F 327 39.24 -46.89 4.04
CA CYS F 327 38.05 -46.19 3.58
C CYS F 327 36.96 -47.17 3.17
N CYS F 328 35.88 -47.20 3.94
CA CYS F 328 34.75 -48.08 3.68
C CYS F 328 33.60 -47.27 3.07
N CYS F 329 32.93 -47.88 2.09
CA CYS F 329 31.82 -47.25 1.38
C CYS F 329 30.54 -47.99 1.75
N LEU F 330 29.68 -47.35 2.53
CA LEU F 330 28.44 -47.94 3.02
C LEU F 330 27.25 -47.21 2.41
N TRP F 331 26.36 -47.97 1.78
CA TRP F 331 25.14 -47.45 1.20
C TRP F 331 23.94 -48.01 1.97
N VAL F 332 23.04 -47.12 2.38
CA VAL F 332 21.85 -47.51 3.14
C VAL F 332 20.62 -46.97 2.43
N LYS F 333 19.54 -47.74 2.47
CA LYS F 333 18.27 -47.27 1.94
C LYS F 333 17.60 -46.25 2.85
N ASP F 334 17.88 -46.32 4.15
CA ASP F 334 17.23 -45.46 5.15
C ASP F 334 18.29 -44.90 6.08
N PRO F 335 18.88 -43.75 5.75
CA PRO F 335 19.85 -43.12 6.65
C PRO F 335 19.25 -42.71 7.99
N SER F 336 17.92 -42.57 8.07
CA SER F 336 17.29 -42.26 9.35
C SER F 336 17.41 -43.41 10.34
N ALA F 337 17.52 -44.65 9.84
CA ALA F 337 17.70 -45.79 10.72
C ALA F 337 19.00 -45.69 11.49
N LEU F 338 20.08 -45.26 10.83
CA LEU F 338 21.35 -45.08 11.51
C LEU F 338 21.24 -43.99 12.57
N VAL F 339 20.62 -42.86 12.21
CA VAL F 339 20.58 -41.71 13.12
C VAL F 339 19.79 -42.03 14.38
N LYS F 340 18.67 -42.73 14.23
CA LYS F 340 17.81 -43.00 15.39
C LYS F 340 18.51 -43.89 16.42
N ALA F 341 19.47 -44.71 15.98
CA ALA F 341 20.13 -45.65 16.87
C ALA F 341 21.47 -45.14 17.39
N LEU F 342 22.07 -44.14 16.76
CA LEU F 342 23.42 -43.70 17.11
C LEU F 342 23.47 -42.33 17.76
N SER F 343 22.53 -41.45 17.48
CA SER F 343 22.58 -40.09 18.02
C SER F 343 22.31 -40.09 19.52
N THR F 344 22.89 -39.10 20.20
CA THR F 344 22.67 -38.90 21.63
C THR F 344 21.52 -37.94 21.92
N ASN F 345 20.93 -37.34 20.89
CA ASN F 345 19.78 -36.47 21.09
C ASN F 345 18.60 -37.28 21.62
N PRO F 346 17.67 -36.63 22.30
CA PRO F 346 16.48 -37.34 22.80
C PRO F 346 15.76 -38.07 21.68
N GLU F 347 15.04 -39.12 22.06
CA GLU F 347 14.37 -39.96 21.07
C GLU F 347 13.43 -39.15 20.18
N TYR F 348 12.81 -38.09 20.71
CA TYR F 348 11.83 -37.38 19.90
C TYR F 348 12.48 -36.60 18.77
N LEU F 349 13.66 -36.03 19.01
CA LEU F 349 14.38 -35.26 18.00
C LEU F 349 15.39 -36.11 17.24
N ARG F 350 15.42 -37.42 17.45
CA ARG F 350 16.32 -38.29 16.71
C ARG F 350 15.80 -38.50 15.29
N VAL F 359 20.61 -30.79 6.12
CA VAL F 359 22.06 -30.74 6.24
C VAL F 359 22.57 -31.99 6.96
N VAL F 360 23.55 -32.64 6.37
CA VAL F 360 23.99 -33.95 6.85
C VAL F 360 24.74 -33.78 8.18
N ASP F 361 24.39 -34.63 9.15
CA ASP F 361 25.11 -34.75 10.41
C ASP F 361 25.70 -36.15 10.44
N TYR F 362 26.89 -36.30 9.85
CA TYR F 362 27.48 -37.63 9.68
C TYR F 362 27.85 -38.30 11.00
N LYS F 363 27.99 -37.51 12.09
CA LYS F 363 28.37 -38.11 13.36
C LYS F 363 27.33 -39.11 13.86
N ASP F 364 26.09 -38.99 13.41
CA ASP F 364 25.03 -39.93 13.78
C ASP F 364 24.85 -41.03 12.74
N TRP F 365 25.71 -41.09 11.72
CA TRP F 365 25.71 -42.18 10.75
C TRP F 365 26.63 -43.32 11.15
N GLN F 366 27.65 -43.05 11.97
CA GLN F 366 28.66 -44.04 12.30
C GLN F 366 29.05 -43.88 13.77
N ILE F 367 30.01 -44.71 14.19
CA ILE F 367 30.46 -44.67 15.59
C ILE F 367 31.32 -43.44 15.85
N ALA F 368 32.12 -43.05 14.86
CA ALA F 368 33.11 -41.99 15.05
C ALA F 368 32.41 -40.64 15.22
N LEU F 369 32.49 -40.08 16.43
CA LEU F 369 32.09 -38.69 16.63
C LEU F 369 33.08 -37.74 15.98
N SER F 370 34.36 -37.86 16.36
CA SER F 370 35.44 -37.10 15.73
C SER F 370 35.74 -37.72 14.38
N ARG F 371 34.92 -37.35 13.39
CA ARG F 371 35.09 -37.87 12.04
C ARG F 371 36.36 -37.30 11.41
N ARG F 372 36.84 -38.00 10.38
CA ARG F 372 38.01 -37.58 9.63
C ARG F 372 37.63 -37.30 8.18
N PHE F 373 38.41 -36.43 7.54
CA PHE F 373 38.15 -35.99 6.17
C PHE F 373 38.63 -37.07 5.19
N ARG F 374 37.90 -38.19 5.18
CA ARG F 374 38.23 -39.31 4.33
C ARG F 374 37.71 -39.16 2.91
N SER F 375 36.78 -38.23 2.67
CA SER F 375 36.31 -37.99 1.31
C SER F 375 37.35 -37.27 0.46
N LEU F 376 38.34 -36.64 1.08
CA LEU F 376 39.39 -35.98 0.33
C LEU F 376 40.37 -36.99 -0.25
N LYS F 377 40.88 -37.91 0.57
CA LYS F 377 41.66 -39.02 0.04
C LYS F 377 40.84 -39.80 -0.97
N LEU F 378 39.52 -39.83 -0.81
CA LEU F 378 38.64 -40.38 -1.83
C LEU F 378 38.49 -39.44 -3.02
N TRP F 379 38.61 -38.14 -2.79
CA TRP F 379 38.37 -37.15 -3.84
C TRP F 379 39.37 -37.21 -4.98
N MET F 380 40.48 -37.93 -4.82
CA MET F 380 41.49 -38.03 -5.86
C MET F 380 41.39 -39.29 -6.71
N VAL F 381 41.10 -40.45 -6.09
CA VAL F 381 40.84 -41.65 -6.87
C VAL F 381 39.64 -41.45 -7.79
N LEU F 382 38.81 -40.44 -7.53
CA LEU F 382 37.67 -40.11 -8.37
C LEU F 382 38.08 -39.16 -9.49
N TYR F 385 41.99 -39.97 -11.37
CA TYR F 385 42.17 -41.07 -12.31
C TYR F 385 41.01 -41.16 -13.30
N GLY F 386 39.78 -41.23 -12.76
CA GLY F 386 38.61 -41.32 -13.61
C GLY F 386 37.77 -42.55 -13.32
N VAL F 387 36.88 -42.89 -14.25
CA VAL F 387 35.98 -44.02 -14.07
C VAL F 387 36.41 -45.18 -14.96
N THR F 388 36.30 -45.00 -16.28
CA THR F 388 36.52 -46.11 -17.19
C THR F 388 37.96 -46.59 -17.16
N ASN F 389 38.91 -45.73 -16.78
CA ASN F 389 40.29 -46.19 -16.67
C ASN F 389 40.50 -47.00 -15.39
N LEU F 390 39.70 -46.75 -14.35
CA LEU F 390 39.71 -47.60 -13.18
C LEU F 390 38.93 -48.89 -13.39
N ARG F 391 38.01 -48.91 -14.36
CA ARG F 391 37.41 -50.17 -14.78
C ARG F 391 38.44 -51.09 -15.40
N ASN F 392 39.44 -50.53 -16.08
CA ASN F 392 40.47 -51.35 -16.70
C ASN F 392 41.34 -52.05 -15.67
N PHE F 393 41.50 -51.45 -14.49
CA PHE F 393 42.44 -51.97 -13.50
C PHE F 393 41.89 -53.17 -12.73
N LEU F 394 40.58 -53.40 -12.76
CA LEU F 394 40.01 -54.55 -12.05
C LEU F 394 39.88 -55.78 -12.94
N ARG F 395 39.54 -55.59 -14.22
CA ARG F 395 39.68 -56.68 -15.17
C ARG F 395 41.14 -56.93 -15.54
N SER F 396 42.04 -56.02 -15.18
CA SER F 396 43.47 -56.28 -15.28
C SER F 396 43.87 -57.49 -14.46
N HIS F 397 43.06 -57.88 -13.47
CA HIS F 397 43.39 -58.97 -12.55
C HIS F 397 42.57 -60.23 -12.79
N VAL F 398 41.31 -60.09 -13.23
CA VAL F 398 40.43 -61.26 -13.30
C VAL F 398 40.91 -62.24 -14.36
N LYS F 399 41.26 -61.74 -15.55
CA LYS F 399 41.78 -62.64 -16.58
C LYS F 399 43.09 -63.27 -16.12
N MET F 400 43.93 -62.52 -15.41
CA MET F 400 45.16 -63.09 -14.88
C MET F 400 44.85 -64.21 -13.89
N ALA F 401 43.69 -64.16 -13.24
CA ALA F 401 43.25 -65.30 -12.45
C ALA F 401 42.78 -66.44 -13.34
N LYS F 402 42.27 -66.12 -14.53
CA LYS F 402 41.93 -67.15 -15.51
C LYS F 402 43.18 -67.66 -16.23
N THR F 403 44.23 -66.83 -16.32
CA THR F 403 45.49 -67.33 -16.84
C THR F 403 46.06 -68.43 -15.95
N PHE F 404 45.95 -68.26 -14.63
CA PHE F 404 46.45 -69.27 -13.71
C PHE F 404 45.54 -70.50 -13.68
N GLU F 405 44.22 -70.29 -13.75
CA GLU F 405 43.31 -71.43 -13.73
C GLU F 405 43.61 -72.39 -14.86
N GLY F 406 43.91 -71.87 -16.06
CA GLY F 406 44.24 -72.75 -17.16
C GLY F 406 45.50 -73.55 -16.93
N LEU F 407 46.46 -72.97 -16.20
CA LEU F 407 47.72 -73.67 -15.94
C LEU F 407 47.51 -74.94 -15.13
N ILE F 408 46.66 -74.87 -14.09
CA ILE F 408 46.55 -75.99 -13.17
C ILE F 408 45.67 -77.11 -13.73
N CYS F 409 44.74 -76.79 -14.63
CA CYS F 409 43.84 -77.82 -15.15
C CYS F 409 44.60 -78.85 -15.96
N MET F 410 45.48 -78.40 -16.86
CA MET F 410 46.18 -79.31 -17.77
C MET F 410 47.32 -80.06 -17.11
N ASP F 411 47.68 -79.73 -15.87
CA ASP F 411 48.83 -80.33 -15.23
C ASP F 411 48.59 -81.79 -14.87
N GLY F 412 47.76 -82.04 -13.87
CA GLY F 412 47.55 -83.38 -13.36
C GLY F 412 47.97 -83.48 -11.91
N ARG F 413 49.07 -82.82 -11.57
CA ARG F 413 49.48 -82.70 -10.17
C ARG F 413 48.52 -81.82 -9.37
N PHE F 414 47.72 -81.01 -10.05
CA PHE F 414 46.88 -80.01 -9.41
C PHE F 414 45.41 -80.27 -9.70
N GLU F 415 44.56 -79.62 -8.93
CA GLU F 415 43.12 -79.70 -9.08
C GLU F 415 42.51 -78.38 -8.63
N ILE F 416 41.49 -77.92 -9.34
CA ILE F 416 40.79 -76.70 -8.95
C ILE F 416 39.85 -77.02 -7.80
N THR F 417 39.86 -76.15 -6.78
CA THR F 417 39.08 -76.41 -5.57
C THR F 417 37.59 -76.16 -5.83
N VAL F 418 37.24 -74.94 -6.23
CA VAL F 418 35.85 -74.55 -6.41
C VAL F 418 35.77 -73.61 -7.62
N PRO F 419 34.57 -73.31 -8.12
CA PRO F 419 34.45 -72.29 -9.16
C PRO F 419 35.13 -71.00 -8.75
N ARG F 420 35.86 -70.39 -9.68
CA ARG F 420 36.65 -69.20 -9.40
C ARG F 420 35.86 -67.94 -9.71
N THR F 421 36.07 -66.90 -8.89
CA THR F 421 35.38 -65.63 -9.09
C THR F 421 36.30 -64.49 -8.68
N PHE F 422 36.03 -63.32 -9.27
CA PHE F 422 36.63 -62.05 -8.88
C PHE F 422 38.12 -62.17 -8.54
N ALA F 423 38.88 -62.65 -9.53
CA ALA F 423 40.34 -62.59 -9.49
C ALA F 423 40.92 -63.25 -8.25
N MET F 424 40.43 -64.45 -7.92
CA MET F 424 41.12 -65.31 -6.95
C MET F 424 40.71 -66.74 -7.21
N VAL F 425 41.68 -67.58 -7.53
CA VAL F 425 41.46 -69.00 -7.73
C VAL F 425 42.11 -69.76 -6.58
N CYS F 426 41.53 -70.91 -6.23
CA CYS F 426 42.07 -71.78 -5.20
C CYS F 426 42.39 -73.14 -5.81
N PHE F 427 43.59 -73.64 -5.54
CA PHE F 427 44.02 -74.93 -6.05
C PHE F 427 44.52 -75.80 -4.89
N ARG F 428 45.15 -76.92 -5.21
CA ARG F 428 45.78 -77.73 -4.17
C ARG F 428 46.56 -78.86 -4.83
N LEU F 429 47.75 -79.13 -4.28
CA LEU F 429 48.56 -80.23 -4.78
C LEU F 429 47.92 -81.56 -4.37
N LEU F 430 47.83 -82.49 -5.32
CA LEU F 430 47.16 -83.74 -5.01
C LEU F 430 48.16 -84.84 -4.70
N PRO F 431 47.77 -85.80 -3.85
CA PRO F 431 48.66 -86.92 -3.56
C PRO F 431 48.76 -87.84 -4.76
N PRO F 432 49.90 -88.53 -4.94
CA PRO F 432 50.10 -89.45 -6.06
C PRO F 432 49.14 -90.64 -6.01
N GLU F 457 40.50 -89.54 6.18
CA GLU F 457 40.76 -90.10 4.85
C GLU F 457 42.08 -89.56 4.32
N ASN F 458 42.41 -89.92 3.07
CA ASN F 458 43.55 -89.29 2.41
C ASN F 458 43.41 -87.78 2.36
N LEU F 459 42.21 -87.24 2.63
CA LEU F 459 42.04 -85.80 2.75
C LEU F 459 43.03 -85.21 3.74
N VAL F 460 43.18 -85.85 4.91
CA VAL F 460 44.15 -85.38 5.89
C VAL F 460 45.57 -85.42 5.31
N LEU F 461 45.89 -86.49 4.58
CA LEU F 461 47.21 -86.58 3.96
C LEU F 461 47.42 -85.45 2.96
N ALA F 462 46.43 -85.20 2.11
CA ALA F 462 46.54 -84.10 1.15
C ALA F 462 46.58 -82.76 1.87
N ASN F 463 45.73 -82.58 2.88
CA ASN F 463 45.73 -81.33 3.63
C ASN F 463 47.09 -81.07 4.27
N LYS F 464 47.65 -82.10 4.91
CA LYS F 464 48.99 -81.96 5.49
C LYS F 464 50.04 -81.74 4.40
N LEU F 465 49.84 -82.36 3.24
CA LEU F 465 50.79 -82.20 2.14
C LEU F 465 50.80 -80.76 1.62
N ASN F 466 49.62 -80.16 1.47
CA ASN F 466 49.55 -78.79 0.97
C ASN F 466 49.98 -77.78 2.03
N GLN F 467 49.78 -78.09 3.31
CA GLN F 467 50.26 -77.20 4.36
C GLN F 467 51.78 -77.09 4.34
N VAL F 468 52.47 -78.23 4.21
CA VAL F 468 53.92 -78.22 4.10
C VAL F 468 54.34 -77.55 2.79
N TYR F 469 53.78 -78.02 1.68
CA TYR F 469 54.10 -77.47 0.36
C TYR F 469 53.94 -75.96 0.33
N LEU F 470 52.98 -75.41 1.09
CA LEU F 470 52.75 -73.98 1.11
C LEU F 470 53.81 -73.23 1.91
N GLU F 471 53.83 -73.44 3.23
CA GLU F 471 54.68 -72.63 4.10
C GLU F 471 56.12 -72.57 3.59
N THR F 472 56.60 -73.63 2.95
CA THR F 472 57.93 -73.60 2.36
C THR F 472 58.00 -72.55 1.26
N VAL F 473 56.98 -72.50 0.40
CA VAL F 473 57.03 -71.63 -0.78
C VAL F 473 57.12 -70.17 -0.37
N ASN F 474 56.27 -69.74 0.55
CA ASN F 474 56.28 -68.35 0.98
C ASN F 474 57.37 -68.05 2.00
N ALA F 475 57.98 -69.07 2.61
CA ALA F 475 59.13 -68.86 3.47
C ALA F 475 60.39 -68.53 2.69
N THR F 476 60.42 -68.83 1.39
CA THR F 476 61.56 -68.47 0.58
C THR F 476 61.74 -66.96 0.49
N GLY F 477 60.65 -66.20 0.62
CA GLY F 477 60.67 -64.76 0.48
C GLY F 477 60.18 -64.26 -0.86
N SER F 478 59.94 -65.16 -1.82
CA SER F 478 59.50 -64.74 -3.15
C SER F 478 58.05 -64.27 -3.13
N VAL F 479 57.15 -65.13 -2.66
CA VAL F 479 55.71 -64.89 -2.77
C VAL F 479 55.07 -65.05 -1.39
N TYR F 480 53.86 -64.49 -1.28
CA TYR F 480 53.02 -64.65 -0.09
C TYR F 480 51.65 -65.11 -0.53
N MET F 481 51.27 -66.33 -0.14
CA MET F 481 49.96 -66.88 -0.41
C MET F 481 49.44 -67.54 0.86
N THR F 482 48.22 -67.21 1.25
CA THR F 482 47.57 -67.82 2.40
C THR F 482 46.60 -68.91 1.94
N HIS F 483 46.11 -69.67 2.91
CA HIS F 483 45.31 -70.85 2.65
C HIS F 483 43.89 -70.64 3.17
N ALA F 484 43.13 -71.74 3.20
CA ALA F 484 41.77 -71.77 3.73
C ALA F 484 41.28 -73.20 3.70
N VAL F 485 40.53 -73.59 4.73
CA VAL F 485 39.97 -74.93 4.82
C VAL F 485 38.47 -74.81 4.58
N VAL F 486 38.05 -75.11 3.36
CA VAL F 486 36.65 -75.00 2.96
C VAL F 486 36.16 -76.39 2.58
N GLY F 487 35.06 -76.82 3.21
CA GLY F 487 34.57 -78.17 2.99
C GLY F 487 35.48 -79.25 3.48
N GLY F 488 36.34 -78.95 4.46
CA GLY F 488 37.30 -79.90 4.97
C GLY F 488 38.54 -80.10 4.12
N VAL F 489 38.70 -79.32 3.05
CA VAL F 489 39.81 -79.46 2.12
C VAL F 489 40.74 -78.27 2.32
N TYR F 490 41.95 -78.54 2.80
CA TYR F 490 42.99 -77.52 2.86
C TYR F 490 43.34 -77.07 1.44
N MET F 491 43.00 -75.83 1.09
CA MET F 491 43.25 -75.30 -0.24
C MET F 491 44.08 -74.03 -0.13
N ILE F 492 44.74 -73.68 -1.24
CA ILE F 492 45.65 -72.55 -1.30
C ILE F 492 45.02 -71.47 -2.16
N ARG F 493 44.93 -70.26 -1.62
CA ARG F 493 44.25 -69.15 -2.28
C ARG F 493 45.22 -68.34 -3.11
N PHE F 494 44.74 -67.86 -4.26
CA PHE F 494 45.56 -67.18 -5.28
C PHE F 494 44.83 -65.91 -5.72
N ALA F 495 44.99 -64.84 -4.94
CA ALA F 495 44.25 -63.60 -5.13
C ALA F 495 45.15 -62.58 -5.81
N VAL F 496 44.83 -62.22 -7.05
CA VAL F 496 45.56 -61.18 -7.77
C VAL F 496 45.15 -59.81 -7.23
N GLY F 497 46.14 -58.99 -6.88
CA GLY F 497 45.81 -57.68 -6.33
C GLY F 497 47.03 -56.83 -6.11
N SER F 498 46.79 -55.66 -5.48
CA SER F 498 47.84 -54.70 -5.17
C SER F 498 48.18 -53.87 -6.40
N THR F 499 47.76 -54.35 -7.57
CA THR F 499 47.81 -53.56 -8.80
C THR F 499 49.22 -53.19 -9.24
N LEU F 500 50.24 -53.62 -8.50
CA LEU F 500 51.61 -53.57 -9.01
C LEU F 500 52.01 -54.86 -9.69
N THR F 501 51.04 -55.74 -9.97
CA THR F 501 51.31 -57.11 -10.39
C THR F 501 51.11 -57.22 -11.90
N GLU F 502 52.10 -56.76 -12.65
CA GLU F 502 52.18 -57.10 -14.06
C GLU F 502 52.26 -58.61 -14.20
N GLU F 503 51.67 -59.13 -15.28
CA GLU F 503 51.57 -60.58 -15.42
C GLU F 503 52.92 -61.28 -15.27
N ARG F 504 54.02 -60.57 -15.52
CA ARG F 504 55.33 -61.17 -15.30
C ARG F 504 55.53 -61.54 -13.84
N HIS F 505 55.00 -60.72 -12.92
CA HIS F 505 55.01 -61.08 -11.51
C HIS F 505 54.17 -62.33 -11.26
N VAL F 506 53.06 -62.46 -11.98
CA VAL F 506 52.25 -63.67 -11.89
C VAL F 506 52.98 -64.84 -12.55
N ILE F 507 53.83 -64.56 -13.54
CA ILE F 507 54.67 -65.59 -14.12
C ILE F 507 55.87 -65.86 -13.22
N TYR F 508 56.40 -64.82 -12.60
CA TYR F 508 57.51 -64.97 -11.65
C TYR F 508 57.18 -65.96 -10.54
N ALA F 509 55.89 -66.11 -10.20
CA ALA F 509 55.49 -66.91 -9.06
C ALA F 509 54.86 -68.25 -9.43
N TRP F 510 54.42 -68.42 -10.69
CA TRP F 510 53.71 -69.64 -11.08
C TRP F 510 54.56 -70.88 -10.85
N LYS F 511 55.64 -71.02 -11.62
CA LYS F 511 56.46 -72.24 -11.53
C LYS F 511 57.39 -72.25 -10.33
N ILE F 512 57.47 -71.17 -9.56
CA ILE F 512 58.09 -71.26 -8.25
C ILE F 512 57.32 -72.26 -7.39
N LEU F 513 56.02 -72.38 -7.62
CA LEU F 513 55.20 -73.42 -7.00
C LEU F 513 55.21 -74.71 -7.80
N GLN F 514 55.39 -74.63 -9.12
CA GLN F 514 55.46 -75.83 -9.94
C GLN F 514 56.78 -76.56 -9.75
N GLU F 515 57.84 -75.84 -9.38
CA GLU F 515 59.13 -76.49 -9.14
C GLU F 515 59.16 -77.21 -7.80
N HIS F 516 58.46 -76.68 -6.80
CA HIS F 516 58.44 -77.32 -5.49
C HIS F 516 57.64 -78.61 -5.51
N ALA F 517 56.46 -78.59 -6.15
CA ALA F 517 55.65 -79.80 -6.22
C ALA F 517 56.39 -80.93 -6.91
N ASP F 518 56.99 -80.64 -8.07
CA ASP F 518 57.84 -81.64 -8.72
C ASP F 518 59.01 -82.03 -7.83
N LEU F 519 59.47 -81.10 -6.99
CA LEU F 519 60.58 -81.37 -6.08
C LEU F 519 60.12 -82.19 -4.87
N ILE F 520 58.99 -81.82 -4.28
CA ILE F 520 58.57 -82.45 -3.02
C ILE F 520 57.95 -83.82 -3.27
N LEU F 521 57.35 -84.04 -4.43
CA LEU F 521 56.73 -85.33 -4.74
C LEU F 521 57.72 -86.33 -5.33
N GLY F 522 58.96 -85.93 -5.55
CA GLY F 522 60.01 -86.89 -5.87
C GLY F 522 60.51 -87.52 -4.59
N LYS F 523 60.74 -86.68 -3.58
CA LYS F 523 61.09 -87.12 -2.24
C LYS F 523 59.84 -87.42 -1.40
N PHE F 524 58.67 -87.47 -2.02
CA PHE F 524 57.44 -87.76 -1.30
C PHE F 524 57.49 -89.18 -0.75
N SER F 525 57.21 -89.31 0.56
CA SER F 525 57.26 -90.59 1.24
C SER F 525 55.92 -91.08 1.72
N GLU F 526 54.90 -90.20 1.77
CA GLU F 526 53.58 -90.57 2.28
C GLU F 526 53.62 -90.73 3.80
N ALA F 527 54.82 -90.91 4.35
CA ALA F 527 55.01 -90.96 5.80
C ALA F 527 55.52 -89.64 6.36
N ASP F 528 56.14 -88.80 5.55
CA ASP F 528 56.52 -87.46 6.00
C ASP F 528 55.30 -86.65 6.39
N PHE F 529 54.13 -86.97 5.82
CA PHE F 529 52.91 -86.23 6.07
C PHE F 529 51.84 -87.08 6.75
N SER F 530 52.21 -88.25 7.27
CA SER F 530 51.28 -89.08 8.04
C SER F 530 51.25 -88.69 9.51
N SER F 531 51.70 -87.49 9.84
CA SER F 531 51.71 -87.02 11.23
C SER F 531 51.52 -85.51 11.28
#